data_6K0R
#
_entry.id   6K0R
#
_cell.length_a   110.304
_cell.length_b   186.424
_cell.length_c   235.176
_cell.angle_alpha   90.000
_cell.angle_beta   91.040
_cell.angle_gamma   90.000
#
_symmetry.space_group_name_H-M   'C 1 2 1'
#
loop_
_entity.id
_entity.type
_entity.pdbx_description
1 polymer 'RuvB-like 1,RuvB-like 1'
2 polymer 'RuvB-like 2,RuvB-like 2'
3 non-polymer "ADENOSINE-5'-DIPHOSPHATE"
4 non-polymer '[(2~{S},4~{R},5~{R})-5-(6-aminopurin-9-yl)-4-oxidanyl-oxolan-2-yl]methyl phosphono hydrogen phosphate'
5 non-polymer 'MAGNESIUM ION'
6 non-polymer "3'-DEOXYADENOSINE-5'-TRIPHOSPHATE"
7 non-polymer '[(2~{R},3~{S},4~{S})-3,4-bis(oxidanyl)oxolan-2-yl]methyl phosphono hydrogen phosphate'
8 water water
#
loop_
_entity_poly.entity_id
_entity_poly.type
_entity_poly.pdbx_seq_one_letter_code
_entity_poly.pdbx_strand_id
1 'polypeptide(L)'
;GPSKIEEVKSTTKTQRIASHSHVKGLGLDESGLAKQAASGLVGQENAREACGVIVELIKSKKMAGRAVLLAGPPGTGKTA
LALAIAQELGSKVPFCPMVGSEVYSTEIKKTEVLMENFRRAIGLRIKEGPPGIIQDVTLHDLDVANARPQGGQDILSMMG
QLMKPKKTEITDKLRGEINKVVNKYIDQGIAELVPGVLFVDEVHMLDIECFTYLHRALESSIAPIVIFASNRGNCVIRGT
EDITSPHGIPLDLLDRVMIIRTMLYTPQEMKQIIKIRAQTEGINISEEALNHLGEIGTKTTLRYSVQLLTPANLLAKING
KDSIEKEHVEEISELFYDAKSSAKILADQQDKYMK
;
A,B,C,G,H,I
2 'polypeptide(L)'
;GGSMATVTATTKVPEIRDVTRIERIGAHSHIRGLGLDDALEPRQASQGMVGQLAARRAAGVVLEMIREGKIAGRAVLIAG
QPGTGKTAIAMGMAQALGPDTPFTAIAGSEIFSLEMSKTEALTQAFRRSIGVRIKEGPPGVVHTVSLHEIDVINSRTQGF
LALFSGDTGEIKSEVREQINAKVAEWREEGKAEIIPGVLFIDEVHMLDIESFSFLNRALESDMAPVLIMATNRGITRIRG
TSYQSPHGIPIDLLDRLLIVSTTPYSEKDTKQILRIRCEEEDVEMSEDAYTVLTRIGLETSLRYAIQLITAASLVCRKRK
GTEVQVDDIKRVYSLFLDESRSTQYMKEYQDAFLFNELKGETMDTS
;
D,E,F,J,K,L
#
# COMPACT_ATOMS: atom_id res chain seq x y z
N GLU A 7 4.83 81.69 2.12
CA GLU A 7 3.40 81.74 2.41
C GLU A 7 2.56 80.92 1.41
N VAL A 8 2.25 79.68 1.81
CA VAL A 8 1.40 78.75 1.08
C VAL A 8 0.51 77.98 2.07
N LYS A 9 -0.08 76.84 1.65
CA LYS A 9 -0.98 76.04 2.50
C LYS A 9 -0.31 74.75 3.00
N SER A 10 -1.02 73.98 3.85
CA SER A 10 -0.58 72.71 4.42
C SER A 10 -1.67 71.65 4.26
N THR A 11 -1.31 70.53 3.59
CA THR A 11 -2.17 69.40 3.26
C THR A 11 -2.26 68.37 4.40
N THR A 12 -1.36 68.49 5.42
CA THR A 12 -1.23 67.61 6.59
C THR A 12 -2.56 67.08 7.12
N LYS A 13 -2.67 65.75 7.24
CA LYS A 13 -3.86 65.07 7.76
C LYS A 13 -3.86 65.25 9.29
N THR A 14 -4.63 66.25 9.75
CA THR A 14 -4.78 66.65 11.15
C THR A 14 -5.32 65.54 12.05
N GLN A 15 -6.42 64.89 11.62
CA GLN A 15 -7.14 63.82 12.32
C GLN A 15 -6.24 62.65 12.71
N ARG A 16 -5.44 62.14 11.74
CA ARG A 16 -4.52 61.00 11.88
C ARG A 16 -3.48 61.14 13.00
N ILE A 17 -3.07 62.39 13.29
CA ILE A 17 -2.06 62.70 14.30
C ILE A 17 -2.62 63.46 15.52
N ALA A 18 -3.96 63.61 15.62
CA ALA A 18 -4.65 64.28 16.72
C ALA A 18 -4.43 63.58 18.07
N SER A 19 -4.50 62.23 18.07
CA SER A 19 -4.31 61.39 19.25
C SER A 19 -2.86 61.28 19.71
N HIS A 20 -1.92 61.81 18.90
CA HIS A 20 -0.49 61.76 19.19
C HIS A 20 0.13 63.13 19.50
N SER A 21 -0.72 64.16 19.67
CA SER A 21 -0.33 65.55 19.99
C SER A 21 0.57 65.69 21.21
N HIS A 22 0.42 64.78 22.20
CA HIS A 22 1.22 64.74 23.42
C HIS A 22 2.67 64.25 23.16
N VAL A 23 2.89 63.50 22.05
CA VAL A 23 4.22 62.99 21.67
C VAL A 23 5.05 64.16 21.16
N LYS A 24 6.12 64.51 21.90
CA LYS A 24 7.02 65.62 21.60
C LYS A 24 8.42 65.15 21.16
N GLY A 25 8.64 63.83 21.17
CA GLY A 25 9.91 63.21 20.80
C GLY A 25 10.04 61.79 21.32
N LEU A 26 11.29 61.30 21.49
CA LEU A 26 11.53 59.95 22.01
C LEU A 26 11.71 59.90 23.53
N GLY A 27 12.34 60.93 24.10
CA GLY A 27 12.57 61.06 25.54
C GLY A 27 13.67 60.20 26.12
N LEU A 28 14.83 60.17 25.43
CA LEU A 28 15.99 59.38 25.84
C LEU A 28 17.13 60.25 26.33
N ASP A 29 17.81 59.83 27.41
CA ASP A 29 18.94 60.56 27.99
C ASP A 29 20.19 60.52 27.08
N GLU A 30 21.25 61.24 27.48
CA GLU A 30 22.52 61.36 26.74
C GLU A 30 23.22 60.04 26.43
N SER A 31 23.11 59.02 27.32
CA SER A 31 23.71 57.70 27.10
C SER A 31 22.99 56.91 26.01
N GLY A 32 21.77 57.35 25.68
CA GLY A 32 20.90 56.74 24.69
C GLY A 32 19.75 55.98 25.32
N LEU A 33 19.78 55.82 26.66
CA LEU A 33 18.77 55.09 27.42
C LEU A 33 17.48 55.88 27.67
N ALA A 34 16.34 55.15 27.76
CA ALA A 34 15.02 55.75 27.96
C ALA A 34 14.62 55.93 29.40
N LYS A 35 14.09 57.12 29.72
CA LYS A 35 13.53 57.47 31.03
C LYS A 35 12.07 57.01 31.00
N GLN A 36 11.52 56.57 32.16
CA GLN A 36 10.14 56.08 32.26
C GLN A 36 9.13 57.00 31.56
N ALA A 37 9.13 58.30 31.93
CA ALA A 37 8.24 59.28 31.31
C ALA A 37 8.97 60.59 31.02
N ALA A 38 9.15 60.88 29.73
CA ALA A 38 9.81 62.08 29.19
C ALA A 38 9.37 62.28 27.73
N SER A 39 9.37 63.56 27.26
CA SER A 39 8.98 64.00 25.90
C SER A 39 7.55 63.56 25.47
N GLY A 40 6.71 63.23 26.45
CA GLY A 40 5.33 62.81 26.23
C GLY A 40 5.12 61.30 26.21
N LEU A 41 6.20 60.51 26.15
CA LEU A 41 6.15 59.05 26.09
C LEU A 41 6.29 58.37 27.45
N VAL A 42 5.41 57.39 27.72
CA VAL A 42 5.35 56.59 28.96
C VAL A 42 5.83 55.16 28.70
N GLY A 43 6.70 54.67 29.59
CA GLY A 43 7.25 53.32 29.54
C GLY A 43 7.92 52.99 28.23
N GLN A 44 7.50 51.87 27.60
CA GLN A 44 7.96 51.34 26.31
C GLN A 44 9.47 51.61 26.07
N GLU A 45 10.30 51.33 27.11
CA GLU A 45 11.74 51.58 27.17
C GLU A 45 12.53 50.94 26.03
N ASN A 46 12.42 49.60 25.83
CA ASN A 46 13.20 48.91 24.79
C ASN A 46 12.87 49.38 23.37
N ALA A 47 11.58 49.67 23.08
CA ALA A 47 11.18 50.15 21.77
C ALA A 47 11.69 51.58 21.53
N ARG A 48 11.60 52.44 22.57
CA ARG A 48 12.09 53.83 22.53
C ARG A 48 13.61 53.85 22.35
N GLU A 49 14.34 52.95 23.05
CA GLU A 49 15.79 52.80 22.96
C GLU A 49 16.19 52.33 21.56
N ALA A 50 15.45 51.36 20.98
CA ALA A 50 15.70 50.84 19.63
C ALA A 50 15.43 51.89 18.56
N CYS A 51 14.47 52.79 18.84
CA CYS A 51 14.12 53.93 17.97
C CYS A 51 15.20 55.01 18.01
N GLY A 52 15.99 55.03 19.08
CA GLY A 52 17.11 55.94 19.25
C GLY A 52 18.19 55.64 18.25
N VAL A 53 18.60 54.35 18.15
CA VAL A 53 19.62 53.85 17.23
C VAL A 53 19.21 54.11 15.77
N ILE A 54 17.90 54.06 15.45
CA ILE A 54 17.38 54.34 14.11
C ILE A 54 17.62 55.83 13.77
N VAL A 55 17.26 56.76 14.70
CA VAL A 55 17.48 58.21 14.53
C VAL A 55 18.99 58.51 14.41
N GLU A 56 19.84 57.69 15.08
CA GLU A 56 21.30 57.80 14.98
C GLU A 56 21.75 57.33 13.59
N LEU A 57 21.24 56.16 13.12
CA LEU A 57 21.52 55.55 11.82
C LEU A 57 21.13 56.44 10.63
N ILE A 58 19.99 57.14 10.73
CA ILE A 58 19.51 58.07 9.70
C ILE A 58 20.55 59.20 9.57
N LYS A 59 20.87 59.84 10.71
CA LYS A 59 21.79 60.97 10.86
C LYS A 59 23.23 60.64 10.44
N SER A 60 23.75 59.47 10.86
CA SER A 60 25.12 59.05 10.50
C SER A 60 25.22 58.53 9.05
N LYS A 61 24.09 58.59 8.29
CA LYS A 61 23.93 58.16 6.89
C LYS A 61 24.32 56.68 6.70
N LYS A 62 23.65 55.79 7.47
CA LYS A 62 23.89 54.34 7.45
C LYS A 62 22.58 53.54 7.26
N MET A 63 21.52 54.20 6.73
CA MET A 63 20.21 53.58 6.46
C MET A 63 19.94 53.37 4.96
N ALA A 64 20.99 53.05 4.19
CA ALA A 64 20.91 52.82 2.75
C ALA A 64 20.19 51.49 2.46
N GLY A 65 19.09 51.58 1.71
CA GLY A 65 18.25 50.44 1.33
C GLY A 65 17.52 49.75 2.47
N ARG A 66 17.73 50.23 3.71
CA ARG A 66 17.14 49.71 4.92
C ARG A 66 15.78 50.32 5.23
N ALA A 67 14.92 49.55 5.92
CA ALA A 67 13.59 49.96 6.37
C ALA A 67 13.39 49.49 7.80
N VAL A 68 12.31 49.97 8.46
CA VAL A 68 12.01 49.63 9.86
C VAL A 68 10.65 48.90 9.92
N LEU A 69 10.46 48.10 10.99
CA LEU A 69 9.21 47.40 11.30
C LEU A 69 8.98 47.43 12.80
N LEU A 70 7.81 47.92 13.20
CA LEU A 70 7.36 47.95 14.58
C LEU A 70 6.36 46.81 14.73
N ALA A 71 6.77 45.76 15.44
CA ALA A 71 5.95 44.55 15.60
C ALA A 71 5.47 44.34 17.02
N GLY A 72 4.17 44.49 17.19
CA GLY A 72 3.54 44.32 18.49
C GLY A 72 2.02 44.30 18.48
N PRO A 73 1.41 44.06 19.65
CA PRO A 73 -0.06 44.03 19.73
C PRO A 73 -0.68 45.40 19.43
N PRO A 74 -1.94 45.46 18.91
CA PRO A 74 -2.55 46.77 18.64
C PRO A 74 -2.69 47.63 19.89
N GLY A 75 -2.33 48.90 19.76
CA GLY A 75 -2.40 49.90 20.81
C GLY A 75 -1.15 50.03 21.67
N THR A 76 -0.03 49.40 21.24
CA THR A 76 1.22 49.40 22.01
C THR A 76 2.26 50.45 21.51
N GLY A 77 1.75 51.62 21.11
CA GLY A 77 2.54 52.75 20.66
C GLY A 77 3.37 52.59 19.42
N LYS A 78 2.86 51.86 18.40
CA LYS A 78 3.59 51.71 17.13
C LYS A 78 3.55 53.03 16.37
N THR A 79 2.34 53.61 16.19
CA THR A 79 2.10 54.90 15.52
C THR A 79 2.78 56.04 16.27
N ALA A 80 2.76 56.00 17.63
CA ALA A 80 3.39 57.00 18.50
C ALA A 80 4.92 57.09 18.32
N LEU A 81 5.61 55.93 18.20
CA LEU A 81 7.07 55.83 18.01
C LEU A 81 7.54 56.32 16.65
N ALA A 82 6.75 56.07 15.59
CA ALA A 82 7.06 56.49 14.22
C ALA A 82 6.96 58.02 14.11
N LEU A 83 6.04 58.62 14.91
CA LEU A 83 5.82 60.06 15.02
C LEU A 83 6.93 60.66 15.91
N ALA A 84 7.44 59.86 16.86
CA ALA A 84 8.52 60.24 17.76
C ALA A 84 9.85 60.34 16.99
N ILE A 85 10.08 59.43 16.02
CA ILE A 85 11.27 59.44 15.16
C ILE A 85 11.29 60.72 14.31
N ALA A 86 10.11 61.16 13.83
CA ALA A 86 9.94 62.40 13.06
C ALA A 86 10.27 63.60 13.95
N GLN A 87 9.77 63.58 15.21
CA GLN A 87 10.00 64.62 16.23
C GLN A 87 11.46 64.65 16.72
N GLU A 88 12.18 63.52 16.59
CA GLU A 88 13.58 63.41 17.02
C GLU A 88 14.57 63.96 16.02
N LEU A 89 14.30 63.79 14.72
CA LEU A 89 15.14 64.31 13.64
C LEU A 89 15.07 65.84 13.56
N GLY A 90 13.98 66.40 14.10
CA GLY A 90 13.72 67.83 14.15
C GLY A 90 12.25 68.16 14.06
N SER A 91 11.86 69.37 14.49
CA SER A 91 10.47 69.80 14.41
C SER A 91 10.17 70.33 13.00
N LYS A 92 9.00 69.93 12.45
CA LYS A 92 8.47 70.20 11.12
C LYS A 92 8.97 69.18 10.08
N VAL A 93 9.80 68.17 10.53
CA VAL A 93 10.30 67.06 9.70
C VAL A 93 9.05 66.25 9.31
N PRO A 94 8.75 66.13 7.99
CA PRO A 94 7.50 65.47 7.57
C PRO A 94 7.28 64.05 8.07
N PHE A 95 6.03 63.77 8.46
CA PHE A 95 5.59 62.46 8.92
C PHE A 95 4.32 62.10 8.17
N CYS A 96 4.26 60.89 7.62
CA CYS A 96 3.09 60.45 6.89
C CYS A 96 2.48 59.14 7.44
N PRO A 97 1.34 59.22 8.17
CA PRO A 97 0.73 57.99 8.72
C PRO A 97 -0.32 57.37 7.79
N MET A 98 0.04 56.30 7.07
CA MET A 98 -0.92 55.61 6.20
C MET A 98 -1.19 54.17 6.65
N VAL A 99 -2.25 53.56 6.11
CA VAL A 99 -2.67 52.17 6.37
C VAL A 99 -2.69 51.44 5.02
N GLY A 100 -2.20 50.19 5.01
CA GLY A 100 -2.07 49.32 3.84
C GLY A 100 -3.26 49.25 2.90
N SER A 101 -4.49 49.27 3.46
CA SER A 101 -5.75 49.20 2.70
C SER A 101 -6.06 50.46 1.87
N GLU A 102 -5.39 51.60 2.17
CA GLU A 102 -5.57 52.89 1.48
C GLU A 102 -5.24 52.88 -0.02
N VAL A 103 -4.37 51.97 -0.45
CA VAL A 103 -3.96 51.84 -1.86
C VAL A 103 -5.08 51.26 -2.75
N TYR A 104 -6.01 50.50 -2.15
CA TYR A 104 -7.11 49.86 -2.87
C TYR A 104 -8.32 50.79 -2.99
N SER A 105 -8.29 51.61 -4.05
CA SER A 105 -9.33 52.57 -4.40
C SER A 105 -9.73 52.37 -5.86
N THR A 106 -11.02 52.51 -6.16
CA THR A 106 -11.54 52.37 -7.53
C THR A 106 -11.29 53.67 -8.28
N GLU A 107 -11.44 54.80 -7.56
CA GLU A 107 -11.29 56.18 -8.03
C GLU A 107 -9.85 56.50 -8.46
N ILE A 108 -8.86 56.18 -7.60
CA ILE A 108 -7.46 56.50 -7.85
C ILE A 108 -6.58 55.23 -7.91
N LYS A 109 -5.65 55.18 -8.90
CA LYS A 109 -4.71 54.09 -9.15
C LYS A 109 -3.77 53.82 -7.97
N LYS A 110 -3.30 52.56 -7.83
CA LYS A 110 -2.39 52.11 -6.77
C LYS A 110 -1.06 52.86 -6.74
N THR A 111 -0.55 53.27 -7.92
CA THR A 111 0.69 54.05 -8.07
C THR A 111 0.51 55.48 -7.56
N GLU A 112 -0.68 56.07 -7.78
CA GLU A 112 -1.03 57.44 -7.40
C GLU A 112 -1.21 57.64 -5.89
N VAL A 113 -1.74 56.62 -5.17
CA VAL A 113 -1.96 56.67 -3.71
C VAL A 113 -0.62 56.75 -3.00
N LEU A 114 0.27 55.75 -3.27
CA LEU A 114 1.62 55.60 -2.72
C LEU A 114 2.51 56.81 -2.96
N MET A 115 2.56 57.30 -4.23
CA MET A 115 3.38 58.45 -4.64
C MET A 115 3.06 59.70 -3.80
N GLU A 116 1.76 59.98 -3.58
CA GLU A 116 1.26 61.11 -2.77
C GLU A 116 1.84 61.08 -1.36
N ASN A 117 1.81 59.89 -0.73
CA ASN A 117 2.32 59.64 0.62
C ASN A 117 3.83 59.91 0.72
N PHE A 118 4.62 59.43 -0.28
CA PHE A 118 6.06 59.66 -0.37
C PHE A 118 6.34 61.16 -0.46
N ARG A 119 5.53 61.90 -1.27
CA ARG A 119 5.62 63.34 -1.45
C ARG A 119 5.26 64.09 -0.16
N ARG A 120 4.29 63.54 0.61
CA ARG A 120 3.85 64.07 1.90
C ARG A 120 4.93 63.82 2.96
N ALA A 121 5.75 62.77 2.76
CA ALA A 121 6.83 62.36 3.66
C ALA A 121 8.19 63.04 3.37
N ILE A 122 8.32 63.80 2.25
CA ILE A 122 9.53 64.55 1.91
C ILE A 122 9.18 66.04 1.83
N GLY A 123 9.95 66.86 2.52
CA GLY A 123 9.75 68.30 2.55
C GLY A 123 10.99 69.11 2.31
N LEU A 124 10.83 70.45 2.36
CA LEU A 124 11.92 71.41 2.17
C LEU A 124 11.77 72.65 3.03
N ARG A 125 12.91 73.15 3.52
CA ARG A 125 13.01 74.38 4.31
C ARG A 125 13.51 75.44 3.34
N ILE A 126 12.65 76.40 2.96
CA ILE A 126 12.99 77.43 1.98
C ILE A 126 13.80 78.58 2.59
N ILE A 134 12.07 80.87 7.52
CA ILE A 134 12.14 79.47 7.08
C ILE A 134 10.73 78.96 6.74
N GLN A 135 10.53 78.51 5.49
CA GLN A 135 9.23 77.98 5.06
C GLN A 135 9.20 76.45 5.23
N ASP A 136 8.59 75.99 6.34
CA ASP A 136 8.45 74.58 6.69
C ASP A 136 7.29 74.01 5.87
N VAL A 137 7.62 73.44 4.70
CA VAL A 137 6.63 72.92 3.76
C VAL A 137 7.08 71.57 3.13
N THR A 138 6.12 70.80 2.55
CA THR A 138 6.39 69.50 1.92
C THR A 138 6.20 69.54 0.40
N LEU A 139 6.61 68.45 -0.29
CA LEU A 139 6.50 68.30 -1.75
C LEU A 139 5.06 68.26 -2.25
N HIS A 140 4.14 67.62 -1.50
CA HIS A 140 2.73 67.53 -1.86
C HIS A 140 2.00 68.87 -1.65
N ASP A 141 2.43 69.66 -0.64
CA ASP A 141 1.85 70.97 -0.34
C ASP A 141 1.91 71.88 -1.56
N LEU A 142 3.03 71.83 -2.31
CA LEU A 142 3.27 72.59 -3.54
C LEU A 142 2.41 72.05 -4.69
N ASP A 143 2.17 70.72 -4.72
CA ASP A 143 1.37 70.03 -5.75
C ASP A 143 -0.05 70.58 -5.86
N VAL A 144 -0.77 70.70 -4.72
CA VAL A 144 -2.14 71.22 -4.67
C VAL A 144 -2.17 72.73 -4.95
N ALA A 145 -1.11 73.47 -4.52
CA ALA A 145 -0.95 74.92 -4.69
C ALA A 145 -0.87 75.29 -6.16
N ASN A 146 -0.17 74.46 -6.96
CA ASN A 146 0.00 74.64 -8.40
C ASN A 146 -0.97 73.74 -9.19
N ALA A 147 -2.21 73.67 -8.67
CA ALA A 147 -3.38 72.94 -9.19
C ALA A 147 -4.65 73.54 -8.56
N ARG A 148 -4.48 74.67 -7.82
CA ARG A 148 -5.51 75.42 -7.11
C ARG A 148 -6.55 76.03 -8.05
N GLU A 169 -5.51 68.99 -12.12
CA GLU A 169 -5.31 67.65 -11.60
C GLU A 169 -3.81 67.34 -11.48
N ILE A 170 -3.38 66.84 -10.31
CA ILE A 170 -1.97 66.49 -10.04
C ILE A 170 -1.58 65.26 -10.88
N THR A 171 -1.05 65.54 -12.07
CA THR A 171 -0.64 64.54 -13.07
C THR A 171 0.88 64.38 -13.11
N ASP A 172 1.37 63.54 -14.06
CA ASP A 172 2.79 63.26 -14.33
C ASP A 172 3.50 64.56 -14.75
N LYS A 173 2.76 65.43 -15.49
CA LYS A 173 3.21 66.73 -15.99
C LYS A 173 3.15 67.80 -14.89
N LEU A 174 2.07 67.80 -14.07
CA LEU A 174 1.89 68.76 -12.98
C LEU A 174 2.93 68.56 -11.89
N ARG A 175 3.33 67.29 -11.63
CA ARG A 175 4.36 66.94 -10.64
C ARG A 175 5.75 67.41 -11.08
N GLY A 176 6.16 67.01 -12.29
CA GLY A 176 7.44 67.34 -12.89
C GLY A 176 7.76 68.82 -12.93
N GLU A 177 6.72 69.66 -13.13
CA GLU A 177 6.81 71.12 -13.15
C GLU A 177 7.23 71.67 -11.78
N ILE A 178 6.81 71.00 -10.70
CA ILE A 178 7.16 71.36 -9.32
C ILE A 178 8.59 70.87 -9.02
N ASN A 179 8.97 69.68 -9.51
CA ASN A 179 10.31 69.08 -9.35
C ASN A 179 11.41 70.01 -9.85
N LYS A 180 11.21 70.63 -11.04
CA LYS A 180 12.15 71.58 -11.65
C LYS A 180 12.23 72.88 -10.84
N VAL A 181 11.07 73.38 -10.36
CA VAL A 181 10.94 74.58 -9.54
C VAL A 181 11.71 74.38 -8.22
N VAL A 182 11.52 73.20 -7.58
CA VAL A 182 12.18 72.78 -6.34
C VAL A 182 13.71 72.72 -6.57
N ASN A 183 14.15 72.09 -7.68
CA ASN A 183 15.55 71.94 -8.08
C ASN A 183 16.27 73.29 -8.21
N LYS A 184 15.56 74.33 -8.72
CA LYS A 184 16.08 75.69 -8.89
C LYS A 184 16.40 76.37 -7.56
N TYR A 185 15.54 76.16 -6.54
CA TYR A 185 15.72 76.70 -5.18
C TYR A 185 16.92 76.02 -4.49
N ILE A 186 17.12 74.70 -4.76
CA ILE A 186 18.19 73.87 -4.20
C ILE A 186 19.57 74.29 -4.70
N ASP A 187 19.78 74.26 -6.04
CA ASP A 187 21.03 74.59 -6.73
C ASP A 187 21.71 75.86 -6.22
N GLN A 188 20.94 76.95 -6.05
CA GLN A 188 21.42 78.25 -5.56
C GLN A 188 21.73 78.20 -4.06
N GLY A 189 20.67 78.04 -3.26
CA GLY A 189 20.73 78.01 -1.81
C GLY A 189 19.70 78.92 -1.18
N ILE A 190 18.43 78.76 -1.61
CA ILE A 190 17.29 79.54 -1.14
C ILE A 190 16.41 78.71 -0.22
N GLU A 192 16.56 73.86 1.40
CA GLU A 192 17.19 72.72 2.06
C GLU A 192 16.20 71.55 2.14
N LEU A 193 16.52 70.44 1.45
CA LEU A 193 15.71 69.23 1.41
C LEU A 193 15.74 68.47 2.74
N VAL A 194 14.56 68.11 3.26
CA VAL A 194 14.42 67.38 4.52
C VAL A 194 13.56 66.10 4.35
N PRO A 195 14.20 64.91 4.17
CA PRO A 195 13.41 63.68 4.05
C PRO A 195 12.90 63.26 5.43
N GLY A 196 11.58 63.04 5.52
CA GLY A 196 10.93 62.68 6.77
C GLY A 196 10.73 61.21 7.03
N VAL A 197 9.52 60.84 7.49
CA VAL A 197 9.14 59.46 7.86
C VAL A 197 7.81 59.06 7.22
N LEU A 198 7.79 57.91 6.52
CA LEU A 198 6.57 57.36 5.91
C LEU A 198 6.14 56.12 6.70
N PHE A 199 5.13 56.27 7.54
CA PHE A 199 4.61 55.18 8.35
C PHE A 199 3.52 54.42 7.62
N VAL A 200 3.77 53.12 7.38
CA VAL A 200 2.85 52.24 6.68
C VAL A 200 2.32 51.20 7.68
N ASP A 201 1.11 51.44 8.21
CA ASP A 201 0.44 50.52 9.15
C ASP A 201 -0.32 49.47 8.32
N GLU A 202 -0.69 48.32 8.94
CA GLU A 202 -1.39 47.20 8.30
C GLU A 202 -0.61 46.70 7.06
N VAL A 203 0.73 46.60 7.20
CA VAL A 203 1.68 46.22 6.17
C VAL A 203 1.26 44.93 5.39
N HIS A 204 0.70 43.92 6.09
CA HIS A 204 0.22 42.65 5.51
C HIS A 204 -0.86 42.83 4.43
N MET A 205 -1.58 43.98 4.46
CA MET A 205 -2.63 44.35 3.50
C MET A 205 -2.08 44.60 2.11
N LEU A 206 -0.82 45.06 1.99
CA LEU A 206 -0.19 45.37 0.71
C LEU A 206 0.06 44.15 -0.17
N ASP A 207 -0.14 44.31 -1.48
CA ASP A 207 0.13 43.25 -2.45
C ASP A 207 1.62 43.28 -2.80
N ILE A 208 2.15 42.18 -3.36
CA ILE A 208 3.56 42.04 -3.74
C ILE A 208 4.05 43.21 -4.65
N GLU A 209 3.17 43.71 -5.53
CA GLU A 209 3.42 44.82 -6.46
C GLU A 209 3.59 46.16 -5.75
N CYS A 210 2.90 46.34 -4.60
CA CYS A 210 2.96 47.55 -3.78
C CYS A 210 4.30 47.63 -3.06
N PHE A 211 4.81 46.48 -2.59
CA PHE A 211 6.07 46.34 -1.89
C PHE A 211 7.28 46.64 -2.77
N THR A 212 7.21 46.24 -4.06
CA THR A 212 8.25 46.49 -5.06
C THR A 212 8.34 48.00 -5.30
N TYR A 213 7.17 48.69 -5.39
CA TYR A 213 7.07 50.14 -5.55
C TYR A 213 7.81 50.86 -4.41
N LEU A 214 7.70 50.31 -3.18
CA LEU A 214 8.35 50.85 -1.97
C LEU A 214 9.85 50.61 -2.00
N HIS A 215 10.28 49.37 -2.31
CA HIS A 215 11.67 48.93 -2.36
C HIS A 215 12.53 49.77 -3.30
N ARG A 216 12.02 50.03 -4.52
CA ARG A 216 12.69 50.84 -5.54
C ARG A 216 12.79 52.29 -5.08
N ALA A 217 11.72 52.81 -4.45
CA ALA A 217 11.66 54.19 -3.92
C ALA A 217 12.58 54.40 -2.72
N LEU A 218 12.69 53.40 -1.82
CA LEU A 218 13.55 53.44 -0.63
C LEU A 218 15.05 53.46 -0.97
N GLU A 219 15.42 52.96 -2.17
CA GLU A 219 16.79 52.91 -2.68
C GLU A 219 17.44 54.29 -2.94
N SER A 220 16.62 55.33 -3.22
CA SER A 220 17.09 56.71 -3.48
C SER A 220 17.63 57.40 -2.22
N SER A 221 18.51 58.41 -2.41
CA SER A 221 19.15 59.19 -1.33
C SER A 221 18.27 60.28 -0.72
N ILE A 222 17.44 60.95 -1.53
CA ILE A 222 16.55 62.03 -1.10
C ILE A 222 15.21 61.50 -0.51
N ALA A 223 15.06 60.15 -0.45
CA ALA A 223 13.89 59.41 0.01
C ALA A 223 13.73 59.34 1.56
N PRO A 224 12.49 59.15 2.08
CA PRO A 224 12.30 59.12 3.55
C PRO A 224 12.31 57.70 4.15
N ILE A 225 12.73 57.55 5.43
CA ILE A 225 12.74 56.23 6.09
C ILE A 225 11.31 55.70 6.24
N VAL A 226 11.08 54.47 5.75
CA VAL A 226 9.77 53.82 5.79
C VAL A 226 9.68 52.83 6.93
N ILE A 227 8.77 53.09 7.87
CA ILE A 227 8.51 52.21 9.01
C ILE A 227 7.22 51.47 8.72
N PHE A 228 7.20 50.16 8.98
CA PHE A 228 6.03 49.32 8.79
C PHE A 228 5.50 48.88 10.16
N ALA A 229 4.19 48.59 10.27
CA ALA A 229 3.62 48.14 11.53
C ALA A 229 2.72 46.94 11.37
N SER A 230 2.94 45.91 12.19
CA SER A 230 2.18 44.66 12.16
C SER A 230 1.76 44.22 13.57
N ASN A 231 0.90 43.19 13.64
CA ASN A 231 0.38 42.55 14.85
C ASN A 231 0.11 41.08 14.54
N ARG A 232 0.66 40.61 13.40
CA ARG A 232 0.53 39.24 12.90
C ARG A 232 1.91 38.58 12.79
N GLY A 233 1.92 37.26 12.66
CA GLY A 233 3.14 36.49 12.53
C GLY A 233 3.39 36.15 11.07
N ASN A 234 3.62 34.86 10.77
CA ASN A 234 3.81 34.38 9.39
C ASN A 234 2.46 34.51 8.69
N CYS A 235 2.46 35.29 7.60
CA CYS A 235 1.25 35.68 6.87
C CYS A 235 1.41 35.54 5.37
N VAL A 236 0.31 35.21 4.67
CA VAL A 236 0.29 35.05 3.21
C VAL A 236 0.39 36.42 2.53
N ILE A 237 1.44 36.63 1.70
CA ILE A 237 1.68 37.86 0.93
C ILE A 237 0.49 38.04 -0.02
N ARG A 238 -0.14 39.23 0.02
CA ARG A 238 -1.26 39.55 -0.86
C ARG A 238 -0.72 39.71 -2.28
N GLY A 239 -1.54 39.35 -3.27
CA GLY A 239 -1.13 39.37 -4.68
C GLY A 239 -0.59 38.02 -5.09
N THR A 240 -0.40 37.12 -4.11
CA THR A 240 0.05 35.74 -4.26
C THR A 240 -1.02 34.84 -3.59
N GLU A 241 -0.69 33.56 -3.43
CA GLU A 241 -1.45 32.52 -2.76
C GLU A 241 -0.39 31.51 -2.37
N ASP A 242 -0.64 30.69 -1.32
CA ASP A 242 0.30 29.68 -0.79
C ASP A 242 1.50 30.28 -0.05
N ILE A 243 2.21 31.26 -0.67
CA ILE A 243 3.41 31.89 -0.13
C ILE A 243 3.11 32.71 1.13
N THR A 244 3.68 32.23 2.26
CA THR A 244 3.59 32.78 3.61
C THR A 244 4.96 33.32 4.00
N SER A 245 4.99 34.50 4.65
CA SER A 245 6.22 35.18 5.07
C SER A 245 5.99 36.05 6.32
N PRO A 246 7.03 36.26 7.18
CA PRO A 246 6.84 37.11 8.37
C PRO A 246 6.21 38.48 8.12
N HIS A 247 4.97 38.66 8.65
CA HIS A 247 4.11 39.84 8.59
C HIS A 247 3.57 40.12 7.19
N GLY A 248 3.59 39.11 6.32
CA GLY A 248 3.13 39.18 4.94
C GLY A 248 3.97 40.09 4.06
N ILE A 249 5.27 40.22 4.40
CA ILE A 249 6.25 41.05 3.69
C ILE A 249 7.18 40.15 2.87
N PRO A 250 7.40 40.42 1.56
CA PRO A 250 8.32 39.59 0.77
C PRO A 250 9.70 39.54 1.42
N LEU A 251 10.36 38.37 1.40
CA LEU A 251 11.67 38.22 2.03
C LEU A 251 12.76 39.05 1.33
N ASP A 252 12.53 39.48 0.07
CA ASP A 252 13.43 40.38 -0.67
C ASP A 252 13.54 41.69 0.13
N LEU A 253 12.39 42.27 0.54
CA LEU A 253 12.32 43.50 1.34
C LEU A 253 12.67 43.24 2.81
N LEU A 254 12.02 42.24 3.44
CA LEU A 254 12.16 41.81 4.84
C LEU A 254 13.62 41.63 5.28
N ASP A 255 14.52 41.30 4.34
CA ASP A 255 15.96 41.13 4.60
C ASP A 255 16.65 42.45 4.92
N ARG A 256 16.16 43.55 4.30
CA ARG A 256 16.66 44.91 4.51
C ARG A 256 15.69 45.67 5.44
N VAL A 257 15.23 45.00 6.51
CA VAL A 257 14.29 45.52 7.50
C VAL A 257 14.79 45.31 8.93
N MET A 258 14.81 46.40 9.72
CA MET A 258 15.21 46.41 11.14
C MET A 258 13.92 46.29 11.96
N ILE A 259 13.78 45.20 12.70
CA ILE A 259 12.57 44.90 13.47
C ILE A 259 12.68 45.36 14.94
N ILE A 260 11.69 46.16 15.39
CA ILE A 260 11.59 46.67 16.75
C ILE A 260 10.28 46.13 17.38
N ARG A 261 10.40 45.46 18.53
CA ARG A 261 9.27 44.90 19.28
C ARG A 261 8.65 45.94 20.21
N THR A 262 7.31 46.03 20.21
CA THR A 262 6.52 46.89 21.09
C THR A 262 5.70 45.96 22.00
N MET A 263 5.60 46.30 23.28
CA MET A 263 4.91 45.46 24.27
C MET A 263 3.67 46.08 24.89
N LEU A 264 2.74 45.19 25.31
CA LEU A 264 1.49 45.50 26.00
C LEU A 264 1.76 46.29 27.28
N TYR A 265 1.00 47.37 27.50
CA TYR A 265 1.18 48.22 28.69
C TYR A 265 0.41 47.67 29.87
N THR A 266 0.97 47.85 31.09
CA THR A 266 0.34 47.44 32.35
C THR A 266 -0.79 48.45 32.67
N PRO A 267 -1.78 48.17 33.56
CA PRO A 267 -2.79 49.20 33.88
C PRO A 267 -2.18 50.50 34.40
N GLN A 268 -1.02 50.39 35.08
CA GLN A 268 -0.23 51.49 35.65
C GLN A 268 0.37 52.39 34.57
N GLU A 269 1.00 51.77 33.53
CA GLU A 269 1.59 52.47 32.38
C GLU A 269 0.47 53.18 31.61
N MET A 270 -0.66 52.48 31.42
CA MET A 270 -1.87 52.94 30.73
C MET A 270 -2.48 54.16 31.43
N LYS A 271 -2.64 54.11 32.77
CA LYS A 271 -3.19 55.20 33.59
C LYS A 271 -2.41 56.50 33.39
N GLN A 272 -1.07 56.41 33.23
CA GLN A 272 -0.15 57.53 32.96
C GLN A 272 -0.43 58.15 31.58
N ILE A 273 -0.83 57.31 30.58
CA ILE A 273 -1.14 57.74 29.19
C ILE A 273 -2.52 58.40 29.11
N ILE A 274 -3.52 57.80 29.80
CA ILE A 274 -4.90 58.31 29.87
C ILE A 274 -4.91 59.65 30.65
N LYS A 275 -4.00 59.82 31.63
CA LYS A 275 -3.86 61.05 32.40
C LYS A 275 -3.25 62.16 31.55
N ILE A 276 -2.19 61.85 30.77
CA ILE A 276 -1.48 62.78 29.88
C ILE A 276 -2.41 63.29 28.77
N ARG A 277 -3.23 62.39 28.19
CA ARG A 277 -4.18 62.72 27.14
C ARG A 277 -5.26 63.67 27.62
N ALA A 278 -5.77 63.45 28.85
CA ALA A 278 -6.77 64.28 29.52
C ALA A 278 -6.21 65.70 29.72
N GLN A 279 -4.90 65.81 30.05
CA GLN A 279 -4.19 67.08 30.22
C GLN A 279 -4.13 67.81 28.86
N THR A 280 -3.78 67.07 27.78
CA THR A 280 -3.66 67.57 26.40
C THR A 280 -5.02 68.02 25.83
N GLU A 281 -6.13 67.41 26.26
CA GLU A 281 -7.47 67.76 25.79
C GLU A 281 -8.21 68.72 26.76
N GLY A 282 -7.56 69.06 27.88
CA GLY A 282 -8.10 69.96 28.91
C GLY A 282 -9.27 69.37 29.66
N ILE A 283 -9.30 68.04 29.74
CA ILE A 283 -10.32 67.23 30.39
C ILE A 283 -9.90 66.92 31.83
N ASN A 284 -10.73 67.33 32.80
CA ASN A 284 -10.52 67.07 34.22
C ASN A 284 -11.03 65.67 34.54
N ILE A 285 -10.29 64.91 35.37
CA ILE A 285 -10.63 63.53 35.75
C ILE A 285 -10.00 63.16 37.11
N SER A 286 -10.75 62.35 37.89
CA SER A 286 -10.35 61.82 39.20
C SER A 286 -9.50 60.55 39.03
N GLU A 287 -8.60 60.28 40.00
CA GLU A 287 -7.73 59.10 40.01
C GLU A 287 -8.51 57.79 40.08
N GLU A 288 -9.66 57.80 40.78
CA GLU A 288 -10.59 56.65 40.93
C GLU A 288 -11.16 56.22 39.57
N ALA A 289 -11.62 57.20 38.75
CA ALA A 289 -12.16 56.98 37.40
C ALA A 289 -11.05 56.52 36.47
N LEU A 290 -9.87 57.17 36.59
CA LEU A 290 -8.64 56.90 35.84
C LEU A 290 -8.16 55.46 36.05
N ASN A 291 -8.22 54.96 37.30
CA ASN A 291 -7.84 53.60 37.67
C ASN A 291 -8.76 52.57 36.99
N HIS A 292 -10.07 52.89 36.90
CA HIS A 292 -11.07 52.03 36.23
C HIS A 292 -10.88 52.09 34.73
N LEU A 293 -10.55 53.30 34.20
CA LEU A 293 -10.31 53.53 32.78
C LEU A 293 -9.04 52.80 32.32
N GLY A 294 -8.05 52.70 33.21
CA GLY A 294 -6.80 51.99 33.00
C GLY A 294 -6.97 50.49 32.99
N GLU A 295 -7.84 49.96 33.87
CA GLU A 295 -8.13 48.52 33.93
C GLU A 295 -9.03 48.08 32.77
N ILE A 296 -9.68 49.05 32.06
CA ILE A 296 -10.49 48.79 30.87
C ILE A 296 -9.48 48.56 29.73
N GLY A 297 -8.44 49.39 29.68
CA GLY A 297 -7.35 49.33 28.70
C GLY A 297 -6.70 47.96 28.62
N THR A 298 -6.68 47.24 29.76
CA THR A 298 -6.15 45.88 29.91
C THR A 298 -7.06 44.88 29.15
N LYS A 299 -8.40 45.01 29.34
CA LYS A 299 -9.43 44.16 28.74
C LYS A 299 -9.74 44.53 27.28
N THR A 300 -9.38 45.75 26.87
CA THR A 300 -9.60 46.25 25.51
C THR A 300 -8.23 46.58 24.90
N THR A 301 -8.00 47.83 24.49
CA THR A 301 -6.73 48.35 23.98
C THR A 301 -6.50 49.70 24.65
N LEU A 302 -5.31 50.29 24.44
CA LEU A 302 -4.99 51.61 24.96
C LEU A 302 -5.80 52.65 24.19
N ARG A 303 -6.08 52.36 22.90
CA ARG A 303 -6.88 53.21 22.02
C ARG A 303 -8.33 53.31 22.49
N TYR A 304 -8.96 52.15 22.81
CA TYR A 304 -10.35 52.10 23.26
C TYR A 304 -10.61 52.96 24.49
N SER A 305 -9.81 52.79 25.56
CA SER A 305 -9.94 53.54 26.82
C SER A 305 -9.84 55.04 26.61
N VAL A 306 -8.76 55.51 25.94
CA VAL A 306 -8.51 56.92 25.63
C VAL A 306 -9.68 57.50 24.81
N GLN A 307 -10.27 56.69 23.91
CA GLN A 307 -11.42 57.09 23.11
C GLN A 307 -12.68 57.36 23.96
N LEU A 308 -12.75 56.76 25.18
CA LEU A 308 -13.86 56.97 26.11
C LEU A 308 -13.72 58.27 26.90
N LEU A 309 -12.50 58.86 26.94
CA LEU A 309 -12.17 60.12 27.65
C LEU A 309 -13.06 61.28 27.25
N THR A 310 -13.42 61.37 25.96
CA THR A 310 -14.26 62.45 25.42
C THR A 310 -15.76 62.23 25.73
N PRO A 311 -16.44 61.11 25.34
CA PRO A 311 -17.87 60.98 25.67
C PRO A 311 -18.21 61.06 27.16
N ALA A 312 -17.31 60.52 28.02
CA ALA A 312 -17.46 60.57 29.48
C ALA A 312 -17.37 62.00 29.98
N ASN A 313 -16.46 62.83 29.39
CA ASN A 313 -16.30 64.24 29.74
C ASN A 313 -17.55 65.03 29.36
N LEU A 314 -18.21 64.60 28.26
CA LEU A 314 -19.44 65.20 27.77
C LEU A 314 -20.64 64.77 28.61
N LEU A 315 -20.64 63.53 29.15
CA LEU A 315 -21.73 63.06 30.00
C LEU A 315 -21.67 63.73 31.37
N ALA A 316 -20.46 64.12 31.80
CA ALA A 316 -20.23 64.85 33.05
C ALA A 316 -20.78 66.27 32.90
N LYS A 317 -20.59 66.88 31.69
CA LYS A 317 -21.07 68.22 31.33
C LYS A 317 -22.59 68.30 31.49
N ILE A 318 -23.30 67.24 31.03
CA ILE A 318 -24.75 67.07 31.13
C ILE A 318 -25.14 66.93 32.62
N ASN A 319 -24.35 66.14 33.37
CA ASN A 319 -24.54 65.86 34.80
C ASN A 319 -24.09 67.01 35.74
N GLY A 320 -23.71 68.15 35.15
CA GLY A 320 -23.27 69.35 35.85
C GLY A 320 -22.06 69.21 36.75
N LYS A 321 -21.19 68.22 36.45
CA LYS A 321 -19.97 67.94 37.22
C LYS A 321 -18.73 68.48 36.50
N ASP A 322 -17.72 68.91 37.28
CA ASP A 322 -16.47 69.47 36.75
C ASP A 322 -15.59 68.41 36.08
N SER A 323 -15.12 67.42 36.86
CA SER A 323 -14.27 66.34 36.38
C SER A 323 -15.08 65.09 36.02
N ILE A 324 -14.40 64.01 35.62
CA ILE A 324 -15.04 62.74 35.29
C ILE A 324 -14.98 61.85 36.54
N GLU A 325 -16.16 61.50 37.08
CA GLU A 325 -16.28 60.65 38.26
C GLU A 325 -16.15 59.19 37.87
N LYS A 326 -15.92 58.30 38.86
CA LYS A 326 -15.78 56.85 38.67
C LYS A 326 -17.03 56.25 38.01
N GLU A 327 -18.21 56.83 38.28
CA GLU A 327 -19.50 56.39 37.71
C GLU A 327 -19.75 56.88 36.27
N HIS A 328 -19.03 57.93 35.81
CA HIS A 328 -19.17 58.42 34.43
C HIS A 328 -18.48 57.46 33.45
N VAL A 329 -17.27 56.97 33.82
CA VAL A 329 -16.48 56.00 33.06
C VAL A 329 -17.28 54.69 32.95
N GLU A 330 -17.84 54.22 34.08
CA GLU A 330 -18.66 53.00 34.18
C GLU A 330 -19.94 53.07 33.34
N GLU A 331 -20.47 54.29 33.10
CA GLU A 331 -21.67 54.53 32.29
C GLU A 331 -21.32 54.40 30.81
N ILE A 332 -20.27 55.11 30.35
CA ILE A 332 -19.79 55.12 28.97
C ILE A 332 -19.24 53.72 28.57
N SER A 333 -18.88 52.89 29.58
CA SER A 333 -18.44 51.51 29.38
C SER A 333 -19.66 50.63 29.11
N GLU A 334 -20.83 51.02 29.64
CA GLU A 334 -22.09 50.31 29.45
C GLU A 334 -22.80 50.78 28.18
N LEU A 335 -22.68 52.09 27.87
CA LEU A 335 -23.29 52.69 26.68
C LEU A 335 -22.58 52.31 25.38
N PHE A 336 -21.24 52.26 25.41
CA PHE A 336 -20.42 51.92 24.25
C PHE A 336 -19.59 50.65 24.44
N TYR A 337 -19.31 49.96 23.35
CA TYR A 337 -18.60 48.67 23.34
C TYR A 337 -17.38 48.71 22.42
N ASP A 338 -16.46 47.75 22.59
CA ASP A 338 -15.31 47.58 21.70
C ASP A 338 -15.74 46.59 20.61
N ALA A 339 -14.92 46.40 19.57
CA ALA A 339 -15.22 45.49 18.45
C ALA A 339 -15.44 44.03 18.88
N LYS A 340 -14.48 43.46 19.63
CA LYS A 340 -14.48 42.08 20.14
C LYS A 340 -15.69 41.77 21.03
N SER A 341 -16.06 42.71 21.93
CA SER A 341 -17.19 42.59 22.85
C SER A 341 -18.51 42.50 22.09
N SER A 342 -18.74 43.44 21.15
CA SER A 342 -19.94 43.52 20.29
C SER A 342 -20.01 42.35 19.31
N ALA A 343 -18.85 41.78 18.91
CA ALA A 343 -18.78 40.62 18.03
C ALA A 343 -19.20 39.38 18.81
N LYS A 344 -18.81 39.30 20.11
CA LYS A 344 -19.15 38.22 21.02
C LYS A 344 -20.65 38.22 21.29
N ILE A 345 -21.25 39.39 21.62
CA ILE A 345 -22.68 39.58 21.90
C ILE A 345 -23.53 39.02 20.74
N LEU A 346 -23.25 39.48 19.50
CA LEU A 346 -23.95 39.04 18.28
C LEU A 346 -23.85 37.53 18.06
N ALA A 347 -22.65 36.95 18.27
CA ALA A 347 -22.36 35.52 18.11
C ALA A 347 -23.06 34.67 19.19
N ASP A 348 -23.02 35.13 20.47
CA ASP A 348 -23.65 34.45 21.61
C ASP A 348 -25.18 34.52 21.52
N GLN A 349 -25.72 35.63 20.97
CA GLN A 349 -27.16 35.81 20.77
C GLN A 349 -27.67 34.90 19.66
N GLN A 350 -26.77 34.48 18.74
CA GLN A 350 -27.05 33.59 17.62
C GLN A 350 -26.38 32.23 17.82
N GLU B 7 -54.52 45.32 -35.62
CA GLU B 7 -53.52 46.35 -35.36
C GLU B 7 -52.52 45.95 -34.26
N VAL B 8 -52.77 44.83 -33.55
CA VAL B 8 -51.94 44.34 -32.45
C VAL B 8 -51.35 42.94 -32.72
N LYS B 9 -50.24 42.63 -32.02
CA LYS B 9 -49.52 41.34 -32.09
C LYS B 9 -48.71 41.14 -30.81
N SER B 10 -48.98 40.05 -30.07
CA SER B 10 -48.30 39.72 -28.82
C SER B 10 -47.11 38.78 -29.02
N THR B 11 -46.00 39.03 -28.32
CA THR B 11 -44.78 38.23 -28.41
C THR B 11 -44.55 37.43 -27.12
N THR B 12 -45.59 36.72 -26.67
CA THR B 12 -45.56 35.89 -25.46
C THR B 12 -44.95 34.53 -25.80
N LYS B 13 -44.09 34.01 -24.91
CA LYS B 13 -43.47 32.68 -25.08
C LYS B 13 -44.42 31.65 -24.48
N THR B 14 -45.28 31.06 -25.34
CA THR B 14 -46.31 30.09 -24.97
C THR B 14 -45.74 28.70 -24.60
N GLN B 15 -44.49 28.39 -25.02
CA GLN B 15 -43.80 27.13 -24.70
C GLN B 15 -43.38 27.06 -23.22
N ARG B 16 -43.57 28.18 -22.48
CA ARG B 16 -43.28 28.35 -21.06
C ARG B 16 -44.54 28.18 -20.21
N ILE B 17 -45.71 28.53 -20.80
CA ILE B 17 -47.03 28.43 -20.16
C ILE B 17 -47.83 27.27 -20.76
N ALA B 18 -47.14 26.40 -21.53
CA ALA B 18 -47.71 25.24 -22.22
C ALA B 18 -48.36 24.23 -21.29
N SER B 19 -47.63 23.79 -20.24
CA SER B 19 -48.09 22.81 -19.26
C SER B 19 -49.07 23.39 -18.22
N HIS B 20 -49.48 24.66 -18.39
CA HIS B 20 -50.41 25.35 -17.48
C HIS B 20 -51.66 25.86 -18.20
N SER B 21 -52.07 25.15 -19.28
CA SER B 21 -53.23 25.45 -20.12
C SER B 21 -54.57 25.28 -19.39
N HIS B 22 -54.61 24.38 -18.39
CA HIS B 22 -55.77 24.05 -17.57
C HIS B 22 -55.96 25.04 -16.41
N VAL B 23 -54.91 25.78 -16.02
CA VAL B 23 -54.95 26.73 -14.91
C VAL B 23 -55.78 27.98 -15.25
N LYS B 24 -57.09 27.93 -14.93
CA LYS B 24 -58.05 29.02 -15.16
C LYS B 24 -57.93 30.08 -14.06
N GLY B 25 -57.76 29.62 -12.83
CA GLY B 25 -57.62 30.46 -11.64
C GLY B 25 -57.11 29.68 -10.43
N LEU B 26 -57.41 30.18 -9.21
CA LEU B 26 -56.98 29.54 -7.96
C LEU B 26 -57.95 28.47 -7.45
N GLY B 27 -59.25 28.72 -7.58
CA GLY B 27 -60.28 27.80 -7.13
C GLY B 27 -60.68 28.00 -5.69
N LEU B 28 -61.00 29.26 -5.35
CA LEU B 28 -61.41 29.69 -4.02
C LEU B 28 -62.88 30.13 -4.04
N ASP B 29 -63.52 30.16 -2.86
CA ASP B 29 -64.91 30.61 -2.72
C ASP B 29 -64.98 32.04 -2.18
N GLU B 30 -66.20 32.51 -1.80
CA GLU B 30 -66.42 33.86 -1.27
C GLU B 30 -65.67 34.11 0.04
N SER B 31 -65.70 33.15 0.98
CA SER B 31 -65.03 33.25 2.29
C SER B 31 -63.48 33.16 2.20
N GLY B 32 -62.97 32.71 1.05
CA GLY B 32 -61.53 32.61 0.80
C GLY B 32 -60.91 31.24 1.00
N LEU B 33 -61.74 30.18 0.99
CA LEU B 33 -61.26 28.80 1.15
C LEU B 33 -61.20 28.08 -0.18
N ALA B 34 -60.18 27.23 -0.34
CA ALA B 34 -59.95 26.46 -1.56
C ALA B 34 -60.83 25.22 -1.64
N LYS B 35 -61.34 24.93 -2.83
CA LYS B 35 -62.13 23.72 -3.09
C LYS B 35 -61.12 22.60 -3.39
N GLN B 36 -61.45 21.32 -3.07
CA GLN B 36 -60.56 20.17 -3.30
C GLN B 36 -60.02 20.17 -4.73
N ALA B 37 -60.91 20.43 -5.71
CA ALA B 37 -60.62 20.56 -7.13
C ALA B 37 -61.48 21.69 -7.67
N ALA B 38 -60.85 22.73 -8.25
CA ALA B 38 -61.51 23.91 -8.82
C ALA B 38 -60.56 24.80 -9.62
N SER B 39 -61.11 25.49 -10.65
CA SER B 39 -60.44 26.44 -11.54
C SER B 39 -59.12 25.92 -12.14
N GLY B 40 -59.05 24.59 -12.35
CA GLY B 40 -57.89 23.92 -12.93
C GLY B 40 -56.86 23.40 -11.95
N LEU B 41 -56.95 23.82 -10.66
CA LEU B 41 -56.00 23.41 -9.62
C LEU B 41 -56.59 22.39 -8.63
N VAL B 42 -55.78 21.38 -8.26
CA VAL B 42 -56.13 20.30 -7.32
C VAL B 42 -55.13 20.27 -6.16
N GLY B 43 -55.65 20.13 -4.94
CA GLY B 43 -54.84 20.07 -3.73
C GLY B 43 -54.19 21.41 -3.45
N GLN B 44 -52.98 21.40 -2.83
CA GLN B 44 -52.21 22.60 -2.51
C GLN B 44 -53.09 23.70 -1.88
N GLU B 45 -54.13 23.28 -1.11
CA GLU B 45 -55.16 24.12 -0.50
C GLU B 45 -54.62 25.28 0.33
N ASN B 46 -53.65 25.03 1.23
CA ASN B 46 -53.06 26.04 2.09
C ASN B 46 -52.29 27.11 1.33
N ALA B 47 -51.59 26.71 0.24
CA ALA B 47 -50.85 27.62 -0.62
C ALA B 47 -51.83 28.43 -1.48
N ARG B 48 -52.91 27.78 -1.95
CA ARG B 48 -53.98 28.37 -2.75
C ARG B 48 -54.80 29.37 -1.95
N GLU B 49 -54.99 29.10 -0.65
CA GLU B 49 -55.71 29.99 0.27
C GLU B 49 -54.85 31.21 0.58
N ALA B 50 -53.52 31.02 0.67
CA ALA B 50 -52.53 32.07 0.91
C ALA B 50 -52.37 32.96 -0.32
N CYS B 51 -52.32 32.36 -1.53
CA CYS B 51 -52.19 33.08 -2.81
C CYS B 51 -53.36 34.06 -2.99
N GLY B 52 -54.56 33.65 -2.57
CA GLY B 52 -55.76 34.46 -2.60
C GLY B 52 -55.64 35.72 -1.76
N VAL B 53 -54.99 35.59 -0.57
CA VAL B 53 -54.72 36.68 0.38
C VAL B 53 -53.75 37.68 -0.27
N ILE B 54 -52.82 37.18 -1.11
CA ILE B 54 -51.88 38.00 -1.87
C ILE B 54 -52.63 38.73 -3.00
N VAL B 55 -53.40 37.99 -3.82
CA VAL B 55 -54.22 38.53 -4.93
C VAL B 55 -55.18 39.62 -4.40
N GLU B 56 -55.73 39.42 -3.18
CA GLU B 56 -56.61 40.37 -2.50
C GLU B 56 -55.82 41.61 -2.04
N LEU B 57 -54.56 41.43 -1.61
CA LEU B 57 -53.68 42.53 -1.17
C LEU B 57 -53.22 43.42 -2.31
N ILE B 58 -53.01 42.84 -3.52
CA ILE B 58 -52.60 43.59 -4.72
C ILE B 58 -53.76 44.52 -5.14
N LYS B 59 -55.01 44.02 -5.00
CA LYS B 59 -56.23 44.75 -5.31
C LYS B 59 -56.49 45.91 -4.34
N SER B 60 -56.20 45.71 -3.05
CA SER B 60 -56.35 46.72 -2.00
C SER B 60 -55.21 47.76 -2.05
N LYS B 61 -54.12 47.45 -2.80
CA LYS B 61 -52.90 48.24 -3.00
C LYS B 61 -52.02 48.27 -1.73
N LYS B 62 -52.08 47.17 -0.94
CA LYS B 62 -51.30 47.01 0.29
C LYS B 62 -50.13 46.03 0.08
N MET B 63 -49.53 46.08 -1.13
CA MET B 63 -48.38 45.26 -1.54
C MET B 63 -47.19 46.16 -1.89
N ALA B 64 -47.27 47.45 -1.48
CA ALA B 64 -46.25 48.47 -1.71
C ALA B 64 -44.89 48.03 -1.15
N GLY B 65 -43.92 47.89 -2.06
CA GLY B 65 -42.56 47.46 -1.73
C GLY B 65 -42.43 46.00 -1.36
N ARG B 66 -43.51 45.20 -1.57
CA ARG B 66 -43.56 43.78 -1.23
C ARG B 66 -43.52 42.84 -2.44
N ALA B 67 -42.83 41.71 -2.26
CA ALA B 67 -42.68 40.64 -3.25
C ALA B 67 -43.14 39.32 -2.61
N VAL B 68 -43.27 38.25 -3.41
CA VAL B 68 -43.71 36.92 -2.95
C VAL B 68 -42.65 35.86 -3.28
N LEU B 69 -42.49 34.85 -2.41
CA LEU B 69 -41.58 33.72 -2.58
C LEU B 69 -42.33 32.42 -2.33
N LEU B 70 -42.21 31.47 -3.27
CA LEU B 70 -42.82 30.16 -3.15
C LEU B 70 -41.69 29.18 -2.85
N ALA B 71 -41.71 28.60 -1.64
CA ALA B 71 -40.68 27.66 -1.21
C ALA B 71 -41.25 26.26 -1.15
N GLY B 72 -40.73 25.38 -2.00
CA GLY B 72 -41.15 24.00 -2.10
C GLY B 72 -40.38 23.17 -3.10
N PRO B 73 -40.50 21.82 -3.02
CA PRO B 73 -39.77 20.94 -3.95
C PRO B 73 -40.22 21.03 -5.42
N PRO B 74 -39.53 20.40 -6.41
CA PRO B 74 -40.02 20.46 -7.80
C PRO B 74 -41.35 19.73 -7.99
N GLY B 75 -42.17 20.21 -8.94
CA GLY B 75 -43.47 19.63 -9.25
C GLY B 75 -44.51 19.80 -8.16
N THR B 76 -44.46 20.94 -7.42
CA THR B 76 -45.40 21.25 -6.34
C THR B 76 -46.33 22.41 -6.71
N GLY B 77 -46.29 22.83 -7.97
CA GLY B 77 -47.16 23.87 -8.52
C GLY B 77 -46.75 25.31 -8.28
N LYS B 78 -45.44 25.59 -8.14
CA LYS B 78 -44.92 26.94 -7.92
C LYS B 78 -45.25 27.87 -9.11
N THR B 79 -44.85 27.50 -10.34
CA THR B 79 -45.18 28.30 -11.53
C THR B 79 -46.68 28.22 -11.86
N ALA B 80 -47.37 27.14 -11.42
CA ALA B 80 -48.80 26.96 -11.60
C ALA B 80 -49.56 28.02 -10.79
N LEU B 81 -49.21 28.18 -9.50
CA LEU B 81 -49.81 29.15 -8.56
C LEU B 81 -49.53 30.60 -8.97
N ALA B 82 -48.37 30.86 -9.58
CA ALA B 82 -48.00 32.20 -10.05
C ALA B 82 -48.84 32.61 -11.25
N LEU B 83 -49.15 31.65 -12.15
CA LEU B 83 -50.00 31.88 -13.33
C LEU B 83 -51.44 32.13 -12.84
N ALA B 84 -51.88 31.35 -11.84
CA ALA B 84 -53.21 31.47 -11.22
C ALA B 84 -53.37 32.81 -10.50
N ILE B 85 -52.25 33.38 -9.98
CA ILE B 85 -52.22 34.69 -9.32
C ILE B 85 -52.55 35.78 -10.36
N ALA B 86 -51.94 35.67 -11.56
CA ALA B 86 -52.14 36.57 -12.70
C ALA B 86 -53.55 36.46 -13.26
N GLN B 87 -54.10 35.22 -13.29
CA GLN B 87 -55.46 34.95 -13.78
C GLN B 87 -56.48 35.50 -12.79
N GLU B 88 -56.27 35.23 -11.47
CA GLU B 88 -57.15 35.72 -10.39
C GLU B 88 -57.10 37.24 -10.22
N LEU B 89 -56.04 37.89 -10.73
CA LEU B 89 -55.91 39.34 -10.72
C LEU B 89 -56.95 39.90 -11.72
N GLY B 90 -57.11 39.19 -12.83
CA GLY B 90 -58.06 39.51 -13.89
C GLY B 90 -57.72 38.87 -15.22
N SER B 91 -58.64 39.02 -16.19
CA SER B 91 -58.46 38.51 -17.55
C SER B 91 -57.51 39.41 -18.32
N LYS B 92 -56.58 38.79 -19.07
CA LYS B 92 -55.55 39.44 -19.89
C LYS B 92 -54.52 40.27 -19.07
N VAL B 93 -54.34 39.92 -17.78
CA VAL B 93 -53.35 40.54 -16.88
C VAL B 93 -51.99 39.90 -17.27
N PRO B 94 -50.96 40.70 -17.63
CA PRO B 94 -49.70 40.11 -18.13
C PRO B 94 -48.89 39.28 -17.13
N PHE B 95 -48.54 38.04 -17.56
CA PHE B 95 -47.75 37.08 -16.80
C PHE B 95 -46.48 36.73 -17.58
N CYS B 96 -45.30 36.95 -16.96
CA CYS B 96 -44.01 36.67 -17.58
C CYS B 96 -43.12 35.70 -16.76
N PRO B 97 -43.08 34.40 -17.13
CA PRO B 97 -42.21 33.47 -16.39
C PRO B 97 -40.78 33.44 -16.92
N MET B 98 -39.79 33.45 -16.01
CA MET B 98 -38.37 33.43 -16.33
C MET B 98 -37.56 32.60 -15.32
N VAL B 99 -36.29 32.31 -15.64
CA VAL B 99 -35.37 31.54 -14.79
C VAL B 99 -34.13 32.40 -14.47
N GLY B 100 -33.54 32.20 -13.29
CA GLY B 100 -32.35 32.90 -12.82
C GLY B 100 -31.14 32.80 -13.75
N SER B 101 -31.09 31.72 -14.56
CA SER B 101 -30.02 31.48 -15.55
C SER B 101 -30.11 32.44 -16.74
N GLU B 102 -31.34 32.72 -17.24
CA GLU B 102 -31.66 33.56 -18.40
C GLU B 102 -30.89 34.89 -18.51
N VAL B 103 -30.57 35.52 -17.36
CA VAL B 103 -29.83 36.79 -17.30
C VAL B 103 -28.36 36.64 -17.75
N TYR B 104 -27.83 35.39 -17.73
CA TYR B 104 -26.45 35.10 -18.12
C TYR B 104 -26.32 34.77 -19.60
N SER B 105 -25.56 35.62 -20.31
CA SER B 105 -25.26 35.53 -21.74
C SER B 105 -24.09 36.43 -22.07
N THR B 106 -23.15 35.92 -22.88
CA THR B 106 -21.97 36.68 -23.32
C THR B 106 -22.34 37.74 -24.35
N GLU B 107 -23.43 37.51 -25.11
CA GLU B 107 -23.90 38.43 -26.14
C GLU B 107 -24.83 39.53 -25.61
N ILE B 108 -25.89 39.16 -24.86
CA ILE B 108 -26.83 40.14 -24.29
C ILE B 108 -26.48 40.45 -22.82
N LYS B 109 -26.39 41.75 -22.49
CA LYS B 109 -26.10 42.24 -21.14
C LYS B 109 -27.27 41.98 -20.21
N LYS B 110 -26.98 41.49 -18.98
CA LYS B 110 -27.94 41.15 -17.93
C LYS B 110 -28.96 42.25 -17.62
N THR B 111 -28.57 43.52 -17.79
CA THR B 111 -29.43 44.69 -17.56
C THR B 111 -30.59 44.70 -18.55
N GLU B 112 -30.33 44.30 -19.81
CA GLU B 112 -31.32 44.23 -20.88
C GLU B 112 -32.25 43.01 -20.74
N VAL B 113 -31.70 41.86 -20.30
CA VAL B 113 -32.45 40.60 -20.10
C VAL B 113 -33.54 40.83 -19.04
N LEU B 114 -33.15 41.44 -17.90
CA LEU B 114 -34.05 41.78 -16.80
C LEU B 114 -35.09 42.78 -17.25
N MET B 115 -34.70 43.77 -18.09
CA MET B 115 -35.58 44.80 -18.64
C MET B 115 -36.60 44.21 -19.62
N GLU B 116 -36.19 43.23 -20.45
CA GLU B 116 -37.06 42.55 -21.43
C GLU B 116 -38.25 41.90 -20.71
N ASN B 117 -37.94 41.09 -19.68
CA ASN B 117 -38.92 40.37 -18.85
C ASN B 117 -39.76 41.32 -17.99
N PHE B 118 -39.19 42.48 -17.60
CA PHE B 118 -39.89 43.53 -16.84
C PHE B 118 -40.98 44.15 -17.72
N ARG B 119 -40.65 44.41 -19.01
CA ARG B 119 -41.53 45.00 -20.02
C ARG B 119 -42.70 44.08 -20.39
N ARG B 120 -42.46 42.74 -20.42
CA ARG B 120 -43.48 41.72 -20.71
C ARG B 120 -44.47 41.58 -19.54
N ALA B 121 -44.05 42.02 -18.34
CA ALA B 121 -44.83 41.95 -17.11
C ALA B 121 -45.76 43.16 -16.87
N ILE B 122 -45.70 44.18 -17.76
CA ILE B 122 -46.55 45.38 -17.70
C ILE B 122 -47.27 45.55 -19.04
N GLY B 123 -48.56 45.91 -18.99
CA GLY B 123 -49.37 46.11 -20.19
C GLY B 123 -50.30 47.31 -20.18
N LEU B 124 -51.19 47.39 -21.21
CA LEU B 124 -52.18 48.45 -21.38
C LEU B 124 -53.56 47.92 -21.78
N ARG B 125 -54.63 48.62 -21.36
CA ARG B 125 -56.02 48.26 -21.63
C ARG B 125 -56.83 49.41 -22.26
N ILE B 126 -57.09 49.32 -23.58
CA ILE B 126 -57.85 50.31 -24.35
C ILE B 126 -59.35 50.01 -24.29
N ILE B 134 -60.90 47.49 -27.75
CA ILE B 134 -60.19 47.00 -26.57
C ILE B 134 -59.21 45.89 -26.98
N GLN B 135 -57.89 46.18 -26.89
CA GLN B 135 -56.83 45.25 -27.26
C GLN B 135 -55.71 45.26 -26.21
N ASP B 136 -55.67 44.21 -25.36
CA ASP B 136 -54.68 44.06 -24.30
C ASP B 136 -53.34 43.59 -24.84
N VAL B 137 -52.28 44.42 -24.66
CA VAL B 137 -50.90 44.13 -25.08
C VAL B 137 -49.88 44.61 -24.05
N THR B 138 -48.68 43.98 -24.03
CA THR B 138 -47.58 44.33 -23.12
C THR B 138 -46.65 45.39 -23.73
N LEU B 139 -45.84 46.07 -22.89
CA LEU B 139 -44.91 47.11 -23.30
C LEU B 139 -43.74 46.59 -24.16
N HIS B 140 -43.37 45.30 -24.03
CA HIS B 140 -42.31 44.69 -24.83
C HIS B 140 -42.79 44.43 -26.26
N ASP B 141 -44.10 44.17 -26.43
CA ASP B 141 -44.74 43.95 -27.75
C ASP B 141 -44.65 45.24 -28.59
N LEU B 142 -44.80 46.40 -27.92
CA LEU B 142 -44.70 47.73 -28.52
C LEU B 142 -43.24 48.10 -28.78
N ASP B 143 -42.29 47.46 -28.04
CA ASP B 143 -40.85 47.69 -28.20
C ASP B 143 -40.33 47.02 -29.47
N VAL B 144 -40.75 45.76 -29.71
CA VAL B 144 -40.34 44.96 -30.87
C VAL B 144 -41.04 45.40 -32.17
N ALA B 145 -42.31 45.86 -32.07
CA ALA B 145 -43.12 46.31 -33.22
C ALA B 145 -42.47 47.45 -34.00
N ASN B 146 -41.85 48.42 -33.29
CA ASN B 146 -41.14 49.55 -33.88
C ASN B 146 -39.84 49.10 -34.55
N ALA B 147 -39.28 47.97 -34.09
CA ALA B 147 -38.05 47.38 -34.61
C ALA B 147 -38.39 46.37 -35.74
N ARG B 148 -38.51 46.88 -36.98
CA ARG B 148 -38.85 46.08 -38.17
C ARG B 148 -37.66 45.25 -38.67
N THR B 168 -35.40 45.48 -35.78
CA THR B 168 -33.97 45.16 -35.70
C THR B 168 -33.55 44.93 -34.23
N GLU B 169 -33.39 46.01 -33.44
CA GLU B 169 -32.92 45.99 -32.05
C GLU B 169 -33.77 46.90 -31.15
N ILE B 170 -33.57 46.80 -29.81
CA ILE B 170 -34.26 47.60 -28.79
C ILE B 170 -33.21 48.27 -27.90
N THR B 171 -33.05 49.60 -28.04
CA THR B 171 -32.10 50.41 -27.27
C THR B 171 -32.85 51.25 -26.22
N ASP B 172 -32.11 51.94 -25.32
CA ASP B 172 -32.71 52.79 -24.28
C ASP B 172 -33.44 53.99 -24.90
N LYS B 173 -32.89 54.52 -26.01
CA LYS B 173 -33.46 55.63 -26.78
C LYS B 173 -34.77 55.20 -27.47
N LEU B 174 -34.83 53.92 -27.91
CA LEU B 174 -36.02 53.32 -28.53
C LEU B 174 -37.14 53.26 -27.49
N ARG B 175 -36.80 52.84 -26.25
CA ARG B 175 -37.70 52.76 -25.10
C ARG B 175 -38.18 54.14 -24.64
N GLY B 176 -37.31 55.14 -24.77
CA GLY B 176 -37.57 56.53 -24.39
C GLY B 176 -38.72 57.16 -25.16
N GLU B 177 -38.81 56.84 -26.47
CA GLU B 177 -39.86 57.32 -27.35
C GLU B 177 -41.18 56.60 -27.05
N ILE B 178 -41.13 55.25 -26.97
CA ILE B 178 -42.26 54.35 -26.71
C ILE B 178 -42.96 54.69 -25.37
N ASN B 179 -42.17 54.98 -24.30
CA ASN B 179 -42.69 55.34 -22.98
C ASN B 179 -43.43 56.69 -23.01
N LYS B 180 -42.91 57.67 -23.76
CA LYS B 180 -43.51 59.00 -23.94
C LYS B 180 -44.86 58.90 -24.64
N VAL B 181 -44.97 57.97 -25.61
CA VAL B 181 -46.20 57.67 -26.37
C VAL B 181 -47.19 56.97 -25.42
N VAL B 182 -46.72 55.94 -24.69
CA VAL B 182 -47.51 55.15 -23.72
C VAL B 182 -48.10 56.00 -22.61
N ASN B 183 -47.35 57.02 -22.13
CA ASN B 183 -47.82 57.92 -21.07
C ASN B 183 -48.80 58.97 -21.57
N LYS B 184 -48.64 59.42 -22.84
CA LYS B 184 -49.52 60.40 -23.50
C LYS B 184 -50.97 59.92 -23.58
N TYR B 185 -51.16 58.59 -23.80
CA TYR B 185 -52.47 57.94 -23.87
C TYR B 185 -53.19 58.02 -22.53
N ILE B 186 -52.44 57.87 -21.42
CA ILE B 186 -52.95 57.96 -20.03
C ILE B 186 -53.18 59.44 -19.68
N ASP B 187 -52.30 60.34 -20.18
CA ASP B 187 -52.36 61.80 -19.98
C ASP B 187 -53.57 62.42 -20.68
N GLN B 188 -54.09 61.74 -21.72
CA GLN B 188 -55.28 62.14 -22.48
C GLN B 188 -56.53 61.43 -21.97
N GLY B 189 -56.36 60.19 -21.51
CA GLY B 189 -57.42 59.35 -20.98
C GLY B 189 -57.99 58.38 -22.01
N ILE B 190 -57.12 57.48 -22.53
CA ILE B 190 -57.48 56.51 -23.56
C ILE B 190 -57.31 55.06 -23.07
N ALA B 191 -56.09 54.71 -22.58
CA ALA B 191 -55.79 53.36 -22.12
C ALA B 191 -55.15 53.30 -20.73
N GLU B 192 -55.73 52.49 -19.83
CA GLU B 192 -55.24 52.28 -18.47
C GLU B 192 -54.03 51.34 -18.50
N LEU B 193 -52.98 51.66 -17.73
CA LEU B 193 -51.79 50.82 -17.65
C LEU B 193 -52.07 49.68 -16.66
N VAL B 194 -52.06 48.43 -17.16
CA VAL B 194 -52.33 47.26 -16.33
C VAL B 194 -51.06 46.40 -16.12
N PRO B 195 -50.32 46.63 -15.00
CA PRO B 195 -49.15 45.80 -14.72
C PRO B 195 -49.62 44.45 -14.16
N GLY B 196 -48.81 43.42 -14.31
CA GLY B 196 -49.19 42.09 -13.86
C GLY B 196 -48.24 41.37 -12.94
N VAL B 197 -47.76 40.21 -13.42
CA VAL B 197 -46.89 39.30 -12.69
C VAL B 197 -45.60 39.06 -13.45
N LEU B 198 -44.48 39.06 -12.71
CA LEU B 198 -43.14 38.74 -13.18
C LEU B 198 -42.72 37.56 -12.32
N PHE B 199 -42.72 36.35 -12.92
CA PHE B 199 -42.34 35.14 -12.21
C PHE B 199 -40.87 34.82 -12.47
N VAL B 200 -40.08 34.71 -11.40
CA VAL B 200 -38.65 34.41 -11.47
C VAL B 200 -38.40 33.07 -10.76
N ASP B 201 -37.85 32.11 -11.50
CA ASP B 201 -37.52 30.78 -10.98
C ASP B 201 -36.01 30.64 -10.75
N GLU B 202 -35.58 29.58 -10.03
CA GLU B 202 -34.19 29.28 -9.68
C GLU B 202 -33.44 30.54 -9.23
N VAL B 203 -34.06 31.28 -8.29
CA VAL B 203 -33.62 32.57 -7.74
C VAL B 203 -32.16 32.54 -7.20
N HIS B 204 -31.67 31.36 -6.78
CA HIS B 204 -30.30 31.15 -6.29
C HIS B 204 -29.26 31.37 -7.42
N MET B 205 -29.73 31.34 -8.69
CA MET B 205 -28.91 31.56 -9.87
C MET B 205 -28.69 33.03 -10.20
N LEU B 206 -29.50 33.94 -9.59
CA LEU B 206 -29.36 35.40 -9.75
C LEU B 206 -28.22 35.90 -8.89
N ASP B 207 -27.48 36.94 -9.36
CA ASP B 207 -26.36 37.49 -8.58
C ASP B 207 -26.75 38.76 -7.81
N ILE B 208 -25.89 39.18 -6.85
CA ILE B 208 -26.04 40.36 -5.99
C ILE B 208 -26.45 41.64 -6.77
N GLU B 209 -25.87 41.85 -7.98
CA GLU B 209 -26.16 42.97 -8.88
C GLU B 209 -27.59 42.88 -9.41
N CYS B 210 -28.03 41.65 -9.78
CA CYS B 210 -29.38 41.36 -10.29
C CYS B 210 -30.42 41.65 -9.23
N PHE B 211 -30.10 41.33 -7.95
CA PHE B 211 -30.98 41.55 -6.81
C PHE B 211 -31.23 43.01 -6.50
N THR B 212 -30.20 43.87 -6.70
CA THR B 212 -30.32 45.33 -6.49
C THR B 212 -31.26 45.92 -7.52
N TYR B 213 -31.08 45.54 -8.81
CA TYR B 213 -31.90 45.97 -9.95
C TYR B 213 -33.37 45.65 -9.68
N LEU B 214 -33.66 44.43 -9.19
CA LEU B 214 -35.00 43.97 -8.85
C LEU B 214 -35.60 44.79 -7.72
N HIS B 215 -34.85 44.96 -6.62
CA HIS B 215 -35.24 45.70 -5.42
C HIS B 215 -35.50 47.19 -5.68
N ARG B 216 -34.66 47.84 -6.52
CA ARG B 216 -34.79 49.25 -6.88
C ARG B 216 -36.03 49.45 -7.76
N ALA B 217 -36.25 48.54 -8.73
CA ALA B 217 -37.41 48.57 -9.63
C ALA B 217 -38.70 48.05 -8.95
N LEU B 218 -38.56 47.38 -7.78
CA LEU B 218 -39.67 46.85 -7.00
C LEU B 218 -40.45 47.98 -6.32
N GLU B 219 -39.74 49.05 -5.91
CA GLU B 219 -40.28 50.23 -5.25
C GLU B 219 -41.28 51.03 -6.10
N SER B 220 -41.09 51.02 -7.45
CA SER B 220 -41.90 51.74 -8.44
C SER B 220 -43.41 51.45 -8.34
N SER B 221 -44.23 52.52 -8.48
CA SER B 221 -45.70 52.48 -8.40
C SER B 221 -46.37 51.69 -9.53
N ILE B 222 -45.89 51.85 -10.77
CA ILE B 222 -46.43 51.18 -11.96
C ILE B 222 -45.79 49.81 -12.24
N ALA B 223 -44.90 49.34 -11.33
CA ALA B 223 -44.15 48.08 -11.42
C ALA B 223 -45.02 46.81 -11.23
N PRO B 224 -44.60 45.63 -11.77
CA PRO B 224 -45.40 44.41 -11.58
C PRO B 224 -45.16 43.73 -10.22
N ILE B 225 -45.80 42.57 -9.98
CA ILE B 225 -45.57 41.79 -8.76
C ILE B 225 -44.48 40.77 -9.08
N VAL B 226 -43.43 40.71 -8.25
CA VAL B 226 -42.33 39.77 -8.47
C VAL B 226 -42.56 38.52 -7.63
N ILE B 227 -42.67 37.36 -8.30
CA ILE B 227 -42.89 36.09 -7.60
C ILE B 227 -41.67 35.19 -7.77
N PHE B 228 -41.02 34.84 -6.65
CA PHE B 228 -39.84 33.99 -6.61
C PHE B 228 -40.22 32.55 -6.29
N ALA B 229 -39.34 31.59 -6.63
CA ALA B 229 -39.54 30.17 -6.38
C ALA B 229 -38.22 29.50 -6.00
N SER B 230 -38.26 28.63 -4.97
CA SER B 230 -37.06 27.96 -4.47
C SER B 230 -37.31 26.53 -3.99
N ASN B 231 -36.43 25.61 -4.43
CA ASN B 231 -36.42 24.21 -4.00
C ASN B 231 -35.14 23.97 -3.17
N ARG B 232 -34.53 25.08 -2.71
CA ARG B 232 -33.31 25.13 -1.90
C ARG B 232 -33.57 25.82 -0.55
N GLY B 233 -32.72 25.53 0.45
CA GLY B 233 -32.81 26.11 1.78
C GLY B 233 -31.91 27.31 1.95
N ASN B 234 -30.89 27.20 2.81
CA ASN B 234 -29.91 28.27 3.01
C ASN B 234 -28.89 28.14 1.88
N CYS B 235 -28.69 29.22 1.12
CA CYS B 235 -27.77 29.21 -0.01
C CYS B 235 -26.83 30.40 -0.04
N VAL B 236 -25.65 30.19 -0.65
CA VAL B 236 -24.63 31.23 -0.83
C VAL B 236 -25.17 32.21 -1.89
N ILE B 237 -25.19 33.51 -1.56
CA ILE B 237 -25.64 34.53 -2.51
C ILE B 237 -24.56 34.62 -3.59
N ARG B 238 -24.98 34.60 -4.86
CA ARG B 238 -24.10 34.66 -6.01
C ARG B 238 -23.45 36.03 -6.13
N GLY B 239 -22.12 36.06 -6.09
CA GLY B 239 -21.32 37.28 -6.14
C GLY B 239 -20.59 37.53 -4.84
N THR B 240 -21.18 37.05 -3.72
CA THR B 240 -20.60 37.19 -2.38
C THR B 240 -19.55 36.10 -2.13
N GLU B 241 -19.75 34.91 -2.76
CA GLU B 241 -18.89 33.70 -2.72
C GLU B 241 -18.82 33.02 -1.34
N ASP B 242 -18.81 33.81 -0.26
CA ASP B 242 -18.74 33.37 1.13
C ASP B 242 -20.07 33.51 1.87
N ILE B 243 -20.77 34.66 1.70
CA ILE B 243 -22.04 34.98 2.37
C ILE B 243 -23.19 34.05 1.95
N THR B 244 -23.83 33.44 2.97
CA THR B 244 -24.98 32.54 2.87
C THR B 244 -26.22 33.27 3.42
N SER B 245 -27.39 33.01 2.83
CA SER B 245 -28.68 33.58 3.24
C SER B 245 -29.82 32.64 2.83
N PRO B 246 -31.08 32.79 3.34
CA PRO B 246 -32.14 31.87 2.89
C PRO B 246 -32.52 32.09 1.42
N HIS B 247 -32.56 30.98 0.67
CA HIS B 247 -32.95 30.85 -0.75
C HIS B 247 -32.09 31.71 -1.71
N GLY B 248 -30.89 32.07 -1.27
CA GLY B 248 -29.94 32.87 -2.04
C GLY B 248 -30.37 34.31 -2.30
N ILE B 249 -31.25 34.85 -1.45
CA ILE B 249 -31.73 36.22 -1.56
C ILE B 249 -31.11 37.12 -0.48
N PRO B 250 -30.41 38.22 -0.86
CA PRO B 250 -29.83 39.11 0.16
C PRO B 250 -30.92 39.72 1.03
N LEU B 251 -30.80 39.49 2.35
CA LEU B 251 -31.72 39.83 3.44
C LEU B 251 -32.45 41.18 3.33
N ASP B 252 -31.89 42.18 2.62
CA ASP B 252 -32.54 43.48 2.40
C ASP B 252 -33.86 43.27 1.61
N LEU B 253 -33.85 42.33 0.65
CA LEU B 253 -34.98 41.95 -0.20
C LEU B 253 -35.89 40.90 0.46
N LEU B 254 -35.31 39.97 1.25
CA LEU B 254 -36.08 38.93 1.94
C LEU B 254 -36.98 39.48 3.05
N ASP B 255 -36.61 40.66 3.62
CA ASP B 255 -37.38 41.38 4.63
C ASP B 255 -38.69 41.88 4.03
N ARG B 256 -38.67 42.19 2.72
CA ARG B 256 -39.78 42.70 1.93
C ARG B 256 -40.53 41.57 1.18
N VAL B 257 -40.12 40.30 1.38
CA VAL B 257 -40.67 39.12 0.72
C VAL B 257 -41.70 38.38 1.59
N MET B 258 -42.83 37.94 0.97
CA MET B 258 -43.92 37.17 1.59
C MET B 258 -43.72 35.71 1.19
N ILE B 259 -43.50 34.83 2.17
CA ILE B 259 -43.23 33.41 1.89
C ILE B 259 -44.50 32.55 2.00
N ILE B 260 -44.73 31.69 0.98
CA ILE B 260 -45.82 30.72 0.86
C ILE B 260 -45.16 29.35 0.54
N ARG B 261 -45.64 28.27 1.18
CA ARG B 261 -45.09 26.92 1.04
C ARG B 261 -45.88 25.99 0.09
N THR B 262 -45.17 25.26 -0.79
CA THR B 262 -45.75 24.27 -1.70
C THR B 262 -45.29 22.87 -1.29
N MET B 263 -46.25 21.95 -1.10
CA MET B 263 -46.02 20.57 -0.64
C MET B 263 -46.28 19.51 -1.70
N LEU B 264 -45.59 18.35 -1.57
CA LEU B 264 -45.74 17.18 -2.45
C LEU B 264 -47.19 16.69 -2.40
N TYR B 265 -47.73 16.28 -3.54
CA TYR B 265 -49.12 15.83 -3.67
C TYR B 265 -49.34 14.39 -3.25
N THR B 266 -50.52 14.12 -2.65
CA THR B 266 -50.96 12.77 -2.26
C THR B 266 -51.22 11.98 -3.56
N PRO B 267 -50.97 10.65 -3.63
CA PRO B 267 -51.23 9.92 -4.89
C PRO B 267 -52.64 10.10 -5.48
N GLN B 268 -53.62 10.51 -4.64
CA GLN B 268 -54.99 10.80 -5.06
C GLN B 268 -54.97 12.12 -5.87
N GLU B 269 -54.30 13.16 -5.32
CA GLU B 269 -54.10 14.48 -5.94
C GLU B 269 -53.26 14.34 -7.23
N MET B 270 -52.31 13.37 -7.24
CA MET B 270 -51.42 13.07 -8.36
C MET B 270 -52.21 12.62 -9.59
N LYS B 271 -53.11 11.62 -9.43
CA LYS B 271 -53.99 11.10 -10.50
C LYS B 271 -54.90 12.21 -11.01
N GLN B 272 -55.43 13.04 -10.08
CA GLN B 272 -56.33 14.15 -10.35
C GLN B 272 -55.71 15.18 -11.30
N ILE B 273 -54.44 15.58 -11.04
CA ILE B 273 -53.71 16.54 -11.88
C ILE B 273 -53.48 15.95 -13.28
N ILE B 274 -52.97 14.70 -13.35
CA ILE B 274 -52.70 13.95 -14.59
C ILE B 274 -54.00 13.74 -15.40
N LYS B 275 -55.15 13.55 -14.72
CA LYS B 275 -56.47 13.37 -15.35
C LYS B 275 -56.89 14.60 -16.16
N ILE B 276 -56.80 15.82 -15.56
CA ILE B 276 -57.12 17.10 -16.23
C ILE B 276 -56.08 17.37 -17.33
N ARG B 277 -54.80 17.03 -17.05
CA ARG B 277 -53.65 17.17 -17.94
C ARG B 277 -53.84 16.38 -19.24
N ALA B 278 -54.47 15.20 -19.16
CA ALA B 278 -54.75 14.36 -20.32
C ALA B 278 -55.94 14.94 -21.10
N GLN B 279 -56.99 15.40 -20.37
CA GLN B 279 -58.23 16.00 -20.89
C GLN B 279 -57.99 17.28 -21.68
N THR B 280 -57.13 18.19 -21.17
CA THR B 280 -56.81 19.46 -21.86
C THR B 280 -55.95 19.18 -23.09
N GLU B 281 -55.12 18.13 -23.02
CA GLU B 281 -54.26 17.66 -24.12
C GLU B 281 -55.10 16.96 -25.19
N GLY B 282 -56.29 16.47 -24.78
CA GLY B 282 -57.21 15.74 -25.66
C GLY B 282 -56.82 14.28 -25.81
N ILE B 283 -56.01 13.80 -24.87
CA ILE B 283 -55.51 12.42 -24.83
C ILE B 283 -56.41 11.56 -23.96
N ASN B 284 -56.86 10.42 -24.50
CA ASN B 284 -57.70 9.46 -23.77
C ASN B 284 -56.79 8.41 -23.13
N ILE B 285 -57.10 8.03 -21.87
CA ILE B 285 -56.30 7.10 -21.06
C ILE B 285 -57.20 6.35 -20.05
N SER B 286 -56.86 5.07 -19.76
CA SER B 286 -57.60 4.26 -18.79
C SER B 286 -57.28 4.73 -17.37
N GLU B 287 -58.21 4.48 -16.41
CA GLU B 287 -58.02 4.83 -14.99
C GLU B 287 -56.98 3.92 -14.32
N GLU B 288 -56.65 2.79 -15.00
CA GLU B 288 -55.67 1.79 -14.58
C GLU B 288 -54.25 2.25 -14.93
N ALA B 289 -54.10 2.92 -16.11
CA ALA B 289 -52.82 3.47 -16.57
C ALA B 289 -52.53 4.75 -15.77
N LEU B 290 -53.60 5.48 -15.39
CA LEU B 290 -53.58 6.69 -14.57
C LEU B 290 -53.06 6.38 -13.16
N ASN B 291 -53.35 5.15 -12.67
CA ASN B 291 -52.90 4.66 -11.38
C ASN B 291 -51.39 4.36 -11.42
N HIS B 292 -50.88 3.85 -12.56
CA HIS B 292 -49.46 3.56 -12.71
C HIS B 292 -48.65 4.84 -12.98
N LEU B 293 -49.21 5.77 -13.77
CA LEU B 293 -48.57 7.05 -14.06
C LEU B 293 -48.57 7.96 -12.82
N GLY B 294 -49.57 7.76 -11.95
CA GLY B 294 -49.72 8.48 -10.70
C GLY B 294 -48.70 8.04 -9.66
N GLU B 295 -48.42 6.71 -9.60
CA GLU B 295 -47.44 6.17 -8.63
C GLU B 295 -45.99 6.47 -9.05
N ILE B 296 -45.73 6.69 -10.36
CA ILE B 296 -44.41 7.05 -10.90
C ILE B 296 -44.04 8.47 -10.45
N GLY B 297 -45.04 9.37 -10.41
CA GLY B 297 -44.90 10.75 -9.98
C GLY B 297 -44.43 10.92 -8.55
N THR B 298 -44.93 10.05 -7.66
CA THR B 298 -44.57 10.01 -6.24
C THR B 298 -43.12 9.54 -6.10
N LYS B 299 -42.70 8.57 -6.95
CA LYS B 299 -41.35 8.01 -6.99
C LYS B 299 -40.36 9.03 -7.56
N THR B 300 -40.78 9.78 -8.60
CA THR B 300 -39.95 10.80 -9.27
C THR B 300 -40.46 12.23 -8.97
N THR B 301 -41.14 12.88 -9.94
CA THR B 301 -41.73 14.24 -9.86
C THR B 301 -42.99 14.30 -10.75
N LEU B 302 -43.97 15.18 -10.42
CA LEU B 302 -45.22 15.41 -11.16
C LEU B 302 -44.98 15.86 -12.61
N ARG B 303 -43.93 16.68 -12.83
CA ARG B 303 -43.48 17.21 -14.12
C ARG B 303 -43.10 16.07 -15.07
N TYR B 304 -42.39 15.05 -14.55
CA TYR B 304 -41.96 13.88 -15.30
C TYR B 304 -43.17 13.05 -15.78
N SER B 305 -44.18 12.86 -14.91
CA SER B 305 -45.39 12.09 -15.19
C SER B 305 -46.25 12.67 -16.31
N VAL B 306 -46.49 14.01 -16.30
CA VAL B 306 -47.27 14.70 -17.35
C VAL B 306 -46.49 14.64 -18.67
N GLN B 307 -45.16 14.59 -18.60
CA GLN B 307 -44.28 14.49 -19.77
C GLN B 307 -44.18 13.06 -20.34
N LEU B 308 -44.97 12.11 -19.78
CA LEU B 308 -45.06 10.71 -20.24
C LEU B 308 -46.36 10.50 -21.03
N LEU B 309 -47.34 11.41 -20.87
CA LEU B 309 -48.65 11.40 -21.52
C LEU B 309 -48.60 11.56 -23.05
N THR B 310 -47.59 12.30 -23.57
CA THR B 310 -47.41 12.51 -25.01
C THR B 310 -46.68 11.31 -25.64
N PRO B 311 -45.50 10.82 -25.14
CA PRO B 311 -44.88 9.63 -25.77
C PRO B 311 -45.73 8.35 -25.70
N ALA B 312 -46.58 8.21 -24.65
CA ALA B 312 -47.46 7.06 -24.49
C ALA B 312 -48.64 7.09 -25.46
N ASN B 313 -49.21 8.29 -25.71
CA ASN B 313 -50.34 8.49 -26.63
C ASN B 313 -49.93 8.16 -28.06
N LEU B 314 -48.76 8.65 -28.49
CA LEU B 314 -48.20 8.41 -29.83
C LEU B 314 -47.78 6.95 -30.01
N LEU B 315 -47.43 6.25 -28.90
CA LEU B 315 -47.06 4.83 -28.89
C LEU B 315 -48.30 3.99 -29.18
N ALA B 316 -49.44 4.34 -28.52
CA ALA B 316 -50.74 3.69 -28.68
C ALA B 316 -51.28 3.90 -30.09
N LYS B 317 -50.95 5.05 -30.71
CA LYS B 317 -51.33 5.39 -32.09
C LYS B 317 -50.60 4.50 -33.11
N ILE B 318 -49.43 3.93 -32.72
CA ILE B 318 -48.64 3.02 -33.54
C ILE B 318 -49.19 1.59 -33.42
N ASN B 319 -49.54 1.17 -32.18
CA ASN B 319 -50.12 -0.14 -31.89
C ASN B 319 -51.56 -0.26 -32.39
N GLY B 320 -52.27 0.87 -32.41
CA GLY B 320 -53.66 0.96 -32.85
C GLY B 320 -54.61 0.97 -31.67
N LYS B 321 -54.55 2.05 -30.85
CA LYS B 321 -55.36 2.25 -29.65
C LYS B 321 -55.76 3.73 -29.53
N ASP B 322 -57.07 3.99 -29.26
CA ASP B 322 -57.60 5.34 -29.10
C ASP B 322 -57.64 5.79 -27.62
N SER B 323 -56.96 5.02 -26.75
CA SER B 323 -56.82 5.26 -25.32
C SER B 323 -55.45 4.70 -24.84
N ILE B 324 -54.96 5.15 -23.67
CA ILE B 324 -53.69 4.66 -23.13
C ILE B 324 -53.94 3.64 -22.03
N GLU B 325 -53.41 2.42 -22.22
CA GLU B 325 -53.48 1.34 -21.25
C GLU B 325 -52.13 1.26 -20.53
N LYS B 326 -52.10 0.61 -19.34
CA LYS B 326 -50.91 0.40 -18.50
C LYS B 326 -49.69 -0.11 -19.27
N GLU B 327 -49.91 -0.90 -20.36
CA GLU B 327 -48.88 -1.47 -21.25
C GLU B 327 -47.92 -0.40 -21.77
N HIS B 328 -48.48 0.65 -22.43
CA HIS B 328 -47.75 1.78 -23.01
C HIS B 328 -47.03 2.58 -21.91
N VAL B 329 -47.74 2.83 -20.79
CA VAL B 329 -47.31 3.55 -19.60
C VAL B 329 -46.08 2.89 -18.95
N GLU B 330 -46.09 1.55 -18.79
CA GLU B 330 -44.98 0.76 -18.22
C GLU B 330 -43.78 0.80 -19.16
N GLU B 331 -44.03 0.72 -20.49
CA GLU B 331 -43.01 0.70 -21.53
C GLU B 331 -42.22 2.00 -21.61
N ILE B 332 -42.93 3.16 -21.68
CA ILE B 332 -42.34 4.51 -21.75
C ILE B 332 -41.53 4.82 -20.47
N SER B 333 -41.96 4.29 -19.30
CA SER B 333 -41.25 4.45 -18.02
C SER B 333 -39.95 3.64 -17.99
N GLU B 334 -39.88 2.57 -18.80
CA GLU B 334 -38.71 1.68 -18.93
C GLU B 334 -37.80 2.12 -20.08
N LEU B 335 -38.37 2.82 -21.10
CA LEU B 335 -37.63 3.33 -22.25
C LEU B 335 -37.05 4.73 -21.98
N PHE B 336 -37.87 5.64 -21.42
CA PHE B 336 -37.47 7.00 -21.06
C PHE B 336 -37.18 7.10 -19.56
N TYR B 337 -36.26 8.00 -19.19
CA TYR B 337 -35.79 8.17 -17.82
C TYR B 337 -35.92 9.60 -17.29
N ASP B 338 -35.88 9.73 -15.95
CA ASP B 338 -35.88 11.00 -15.21
C ASP B 338 -34.42 11.27 -14.85
N ALA B 339 -34.09 12.55 -14.58
CA ALA B 339 -32.72 12.98 -14.23
C ALA B 339 -32.09 12.10 -13.14
N LYS B 340 -32.77 11.99 -11.99
CA LYS B 340 -32.36 11.23 -10.81
C LYS B 340 -31.95 9.78 -11.08
N SER B 341 -32.80 9.03 -11.81
CA SER B 341 -32.58 7.62 -12.14
C SER B 341 -31.40 7.38 -13.09
N SER B 342 -31.37 8.09 -14.24
CA SER B 342 -30.32 7.97 -15.26
C SER B 342 -28.93 8.31 -14.73
N ALA B 343 -28.83 9.36 -13.89
CA ALA B 343 -27.59 9.80 -13.25
C ALA B 343 -27.08 8.72 -12.30
N LYS B 344 -28.01 8.02 -11.61
CA LYS B 344 -27.72 6.93 -10.69
C LYS B 344 -27.24 5.70 -11.48
N ILE B 345 -27.76 5.49 -12.71
CA ILE B 345 -27.38 4.38 -13.59
C ILE B 345 -25.91 4.51 -14.01
N LEU B 346 -25.49 5.75 -14.34
CA LEU B 346 -24.10 6.05 -14.74
C LEU B 346 -23.15 5.95 -13.55
N ALA B 347 -23.66 6.29 -12.34
CA ALA B 347 -22.91 6.23 -11.08
C ALA B 347 -22.58 4.77 -10.72
N ASP B 348 -23.49 3.83 -11.05
CA ASP B 348 -23.33 2.38 -10.83
C ASP B 348 -22.19 1.86 -11.71
N GLN B 349 -22.19 2.30 -12.98
CA GLN B 349 -21.21 1.92 -14.02
C GLN B 349 -19.84 2.56 -13.73
N GLN B 350 -19.84 3.82 -13.24
CA GLN B 350 -18.62 4.57 -12.93
C GLN B 350 -18.60 4.99 -11.46
N LYS C 9 17.07 31.38 -45.86
CA LYS C 9 17.62 31.33 -44.52
C LYS C 9 16.89 30.30 -43.65
N SER C 10 17.64 29.41 -42.97
CA SER C 10 17.09 28.37 -42.10
C SER C 10 16.95 28.91 -40.68
N THR C 11 15.69 29.09 -40.21
CA THR C 11 15.41 29.65 -38.88
C THR C 11 15.17 28.57 -37.82
N THR C 12 15.56 27.32 -38.10
CA THR C 12 15.45 26.16 -37.20
C THR C 12 16.18 26.50 -35.90
N LYS C 13 15.56 26.23 -34.75
CA LYS C 13 16.18 26.50 -33.44
C LYS C 13 17.18 25.40 -33.12
N THR C 14 18.44 25.60 -33.58
CA THR C 14 19.60 24.71 -33.48
C THR C 14 19.75 23.99 -32.14
N GLN C 15 19.64 24.75 -31.03
CA GLN C 15 19.78 24.27 -29.65
C GLN C 15 18.80 23.17 -29.25
N ARG C 16 17.52 23.30 -29.66
CA ARG C 16 16.44 22.36 -29.36
C ARG C 16 16.70 20.93 -29.87
N ILE C 17 17.46 20.81 -30.96
CA ILE C 17 17.80 19.54 -31.61
C ILE C 17 19.31 19.21 -31.48
N ALA C 18 19.97 19.70 -30.40
CA ALA C 18 21.39 19.49 -30.14
C ALA C 18 21.74 18.21 -29.37
N SER C 19 20.77 17.66 -28.62
CA SER C 19 20.95 16.44 -27.82
C SER C 19 20.58 15.19 -28.65
N HIS C 20 20.04 15.39 -29.87
CA HIS C 20 19.61 14.31 -30.77
C HIS C 20 20.38 14.27 -32.10
N SER C 21 21.50 15.01 -32.22
CA SER C 21 22.35 15.09 -33.43
C SER C 21 22.69 13.74 -34.10
N HIS C 22 22.92 12.71 -33.28
CA HIS C 22 23.26 11.34 -33.67
C HIS C 22 22.08 10.58 -34.30
N VAL C 23 20.83 10.97 -33.98
CA VAL C 23 19.61 10.34 -34.49
C VAL C 23 19.47 10.59 -36.00
N LYS C 24 19.61 9.51 -36.80
CA LYS C 24 19.53 9.53 -38.26
C LYS C 24 18.22 8.90 -38.79
N GLY C 25 17.57 8.12 -37.93
CA GLY C 25 16.33 7.43 -38.21
C GLY C 25 15.98 6.44 -37.12
N LEU C 26 14.98 5.58 -37.39
CA LEU C 26 14.51 4.58 -36.44
C LEU C 26 15.40 3.34 -36.38
N GLY C 27 16.04 3.01 -37.51
CA GLY C 27 16.94 1.87 -37.65
C GLY C 27 16.26 0.50 -37.58
N LEU C 28 15.22 0.33 -38.39
CA LEU C 28 14.45 -0.92 -38.46
C LEU C 28 14.72 -1.61 -39.80
N ASP C 29 14.74 -2.96 -39.81
CA ASP C 29 14.97 -3.73 -41.03
C ASP C 29 13.76 -3.67 -41.99
N GLU C 30 13.99 -4.02 -43.28
CA GLU C 30 13.02 -4.03 -44.38
C GLU C 30 11.59 -4.45 -43.99
N SER C 31 11.45 -5.45 -43.09
CA SER C 31 10.15 -5.92 -42.61
C SER C 31 9.54 -4.93 -41.61
N GLY C 32 10.31 -4.57 -40.58
CA GLY C 32 9.90 -3.63 -39.54
C GLY C 32 10.31 -4.01 -38.13
N LEU C 33 11.52 -4.58 -37.98
CA LEU C 33 12.06 -5.01 -36.68
C LEU C 33 13.33 -4.23 -36.32
N ALA C 34 13.39 -3.73 -35.07
CA ALA C 34 14.49 -2.91 -34.56
C ALA C 34 15.75 -3.71 -34.26
N LYS C 35 16.91 -3.15 -34.66
CA LYS C 35 18.24 -3.69 -34.40
C LYS C 35 18.71 -3.12 -33.07
N GLN C 36 19.61 -3.84 -32.35
CA GLN C 36 20.15 -3.39 -31.05
C GLN C 36 20.66 -1.94 -31.12
N ALA C 37 21.46 -1.63 -32.15
CA ALA C 37 22.01 -0.30 -32.40
C ALA C 37 21.98 0.00 -33.90
N ALA C 38 21.07 0.90 -34.31
CA ALA C 38 20.91 1.32 -35.71
C ALA C 38 20.36 2.73 -35.82
N SER C 39 20.88 3.50 -36.81
CA SER C 39 20.53 4.89 -37.12
C SER C 39 20.66 5.83 -35.90
N GLY C 40 21.64 5.55 -35.06
CA GLY C 40 21.93 6.30 -33.85
C GLY C 40 21.15 5.89 -32.61
N LEU C 41 20.12 5.03 -32.79
CA LEU C 41 19.26 4.57 -31.70
C LEU C 41 19.66 3.22 -31.11
N VAL C 42 19.56 3.11 -29.77
CA VAL C 42 19.90 1.93 -28.97
C VAL C 42 18.70 1.53 -28.10
N GLY C 43 18.40 0.23 -28.06
CA GLY C 43 17.29 -0.31 -27.28
C GLY C 43 15.96 0.27 -27.68
N GLN C 44 15.02 0.42 -26.72
CA GLN C 44 13.68 1.01 -26.92
C GLN C 44 12.99 0.42 -28.19
N GLU C 45 13.15 -0.92 -28.38
CA GLU C 45 12.67 -1.69 -29.53
C GLU C 45 11.17 -1.58 -29.84
N ASN C 46 10.29 -1.91 -28.86
CA ASN C 46 8.84 -1.87 -29.03
C ASN C 46 8.34 -0.51 -29.51
N ALA C 47 8.90 0.58 -28.94
CA ALA C 47 8.56 1.96 -29.30
C ALA C 47 9.03 2.29 -30.73
N ARG C 48 10.28 1.91 -31.08
CA ARG C 48 10.89 2.12 -32.39
C ARG C 48 10.10 1.39 -33.48
N GLU C 49 9.67 0.14 -33.19
CA GLU C 49 8.88 -0.70 -34.09
C GLU C 49 7.50 -0.10 -34.31
N ALA C 50 6.85 0.41 -33.23
CA ALA C 50 5.54 1.07 -33.26
C ALA C 50 5.59 2.40 -34.01
N CYS C 51 6.77 3.06 -34.02
CA CYS C 51 6.99 4.31 -34.73
C CYS C 51 6.99 4.06 -36.24
N GLY C 52 7.64 2.96 -36.65
CA GLY C 52 7.72 2.50 -38.03
C GLY C 52 6.36 2.26 -38.67
N VAL C 53 5.41 1.73 -37.86
CA VAL C 53 4.03 1.48 -38.28
C VAL C 53 3.38 2.84 -38.62
N ILE C 54 3.58 3.86 -37.76
CA ILE C 54 3.09 5.24 -37.96
C ILE C 54 3.77 5.87 -39.19
N VAL C 55 5.06 5.52 -39.46
CA VAL C 55 5.81 5.98 -40.63
C VAL C 55 5.12 5.43 -41.89
N GLU C 56 4.77 4.12 -41.87
CA GLU C 56 4.05 3.48 -42.98
C GLU C 56 2.62 4.03 -43.12
N LEU C 57 1.95 4.34 -41.98
CA LEU C 57 0.59 4.88 -41.91
C LEU C 57 0.44 6.26 -42.58
N ILE C 58 1.37 7.21 -42.29
CA ILE C 58 1.36 8.56 -42.89
C ILE C 58 1.59 8.43 -44.39
N LYS C 59 2.54 7.55 -44.79
CA LYS C 59 2.87 7.26 -46.19
C LYS C 59 1.71 6.55 -46.90
N SER C 60 0.84 5.86 -46.11
CA SER C 60 -0.37 5.19 -46.61
C SER C 60 -1.57 6.15 -46.57
N LYS C 61 -1.34 7.42 -46.11
CA LYS C 61 -2.32 8.49 -45.97
C LYS C 61 -3.52 8.08 -45.07
N LYS C 62 -3.22 7.22 -44.07
CA LYS C 62 -4.19 6.66 -43.12
C LYS C 62 -4.10 7.27 -41.71
N MET C 63 -3.39 8.40 -41.57
CA MET C 63 -3.27 9.11 -40.28
C MET C 63 -4.20 10.31 -40.25
N ALA C 64 -5.19 10.34 -41.18
CA ALA C 64 -6.19 11.39 -41.34
C ALA C 64 -7.03 11.51 -40.07
N GLY C 65 -6.87 12.64 -39.38
CA GLY C 65 -7.54 12.94 -38.12
C GLY C 65 -6.85 12.35 -36.90
N ARG C 66 -6.02 11.31 -37.13
CA ARG C 66 -5.27 10.60 -36.10
C ARG C 66 -4.01 11.35 -35.69
N ALA C 67 -3.74 11.37 -34.39
CA ALA C 67 -2.57 12.00 -33.78
C ALA C 67 -1.74 10.94 -33.04
N VAL C 68 -0.57 11.31 -32.48
CA VAL C 68 0.30 10.38 -31.76
C VAL C 68 0.64 10.92 -30.36
N LEU C 69 0.82 10.00 -29.39
CA LEU C 69 1.24 10.29 -28.01
C LEU C 69 2.34 9.32 -27.58
N LEU C 70 3.57 9.84 -27.41
CA LEU C 70 4.71 9.07 -26.93
C LEU C 70 4.78 9.27 -25.42
N ALA C 71 4.22 8.33 -24.64
CA ALA C 71 4.17 8.47 -23.19
C ALA C 71 5.05 7.48 -22.43
N GLY C 72 5.85 8.01 -21.50
CA GLY C 72 6.76 7.23 -20.68
C GLY C 72 7.51 8.05 -19.65
N PRO C 73 8.61 7.52 -19.06
CA PRO C 73 9.37 8.30 -18.08
C PRO C 73 10.28 9.33 -18.78
N PRO C 74 10.68 10.47 -18.15
CA PRO C 74 11.56 11.42 -18.85
C PRO C 74 12.92 10.83 -19.18
N GLY C 75 13.47 11.22 -20.33
CA GLY C 75 14.77 10.76 -20.81
C GLY C 75 14.77 9.36 -21.38
N THR C 76 13.63 8.89 -21.89
CA THR C 76 13.50 7.56 -22.49
C THR C 76 13.28 7.68 -24.01
N GLY C 77 13.95 8.68 -24.60
CA GLY C 77 13.97 8.97 -26.02
C GLY C 77 12.67 9.40 -26.67
N LYS C 78 11.74 10.00 -25.88
CA LYS C 78 10.45 10.48 -26.40
C LYS C 78 10.64 11.58 -27.47
N THR C 79 11.63 12.45 -27.28
CA THR C 79 11.95 13.51 -28.23
C THR C 79 12.76 12.90 -29.38
N ALA C 80 13.71 11.99 -29.05
CA ALA C 80 14.57 11.28 -30.01
C ALA C 80 13.77 10.50 -31.06
N LEU C 81 12.70 9.78 -30.63
CA LEU C 81 11.81 9.01 -31.51
C LEU C 81 11.07 9.95 -32.44
N ALA C 82 10.47 11.04 -31.90
CA ALA C 82 9.73 12.07 -32.63
C ALA C 82 10.57 12.72 -33.72
N LEU C 83 11.90 12.84 -33.49
CA LEU C 83 12.86 13.39 -34.46
C LEU C 83 13.07 12.36 -35.57
N ALA C 84 13.27 11.08 -35.19
CA ALA C 84 13.48 9.95 -36.11
C ALA C 84 12.27 9.74 -37.02
N ILE C 85 11.04 10.02 -36.53
CA ILE C 85 9.79 9.93 -37.29
C ILE C 85 9.85 10.90 -38.47
N ALA C 86 10.38 12.13 -38.23
CA ALA C 86 10.59 13.16 -39.26
C ALA C 86 11.69 12.70 -40.22
N GLN C 87 12.77 12.10 -39.69
CA GLN C 87 13.91 11.58 -40.45
C GLN C 87 13.45 10.51 -41.44
N GLU C 88 12.66 9.54 -40.95
CA GLU C 88 12.11 8.42 -41.72
C GLU C 88 11.04 8.85 -42.73
N LEU C 89 10.23 9.88 -42.37
CA LEU C 89 9.15 10.42 -43.19
C LEU C 89 9.55 10.84 -44.61
N GLY C 90 10.75 11.39 -44.75
CA GLY C 90 11.29 11.83 -46.03
C GLY C 90 12.64 12.51 -45.89
N SER C 91 13.16 13.02 -47.02
CA SER C 91 14.45 13.71 -47.07
C SER C 91 14.30 15.10 -46.46
N LYS C 92 14.96 15.34 -45.30
CA LYS C 92 14.94 16.60 -44.52
C LYS C 92 13.50 17.09 -44.28
N VAL C 93 12.77 16.43 -43.37
CA VAL C 93 11.38 16.76 -43.03
C VAL C 93 11.33 17.82 -41.89
N PRO C 94 10.48 18.87 -41.99
CA PRO C 94 10.46 19.94 -40.96
C PRO C 94 10.05 19.52 -39.54
N PHE C 95 11.05 19.21 -38.70
CA PHE C 95 10.82 18.82 -37.30
C PHE C 95 10.86 20.05 -36.38
N CYS C 96 9.74 20.32 -35.70
CA CYS C 96 9.60 21.43 -34.77
C CYS C 96 9.29 20.92 -33.34
N PRO C 97 10.25 21.04 -32.39
CA PRO C 97 9.99 20.56 -31.03
C PRO C 97 9.52 21.67 -30.07
N MET C 98 8.22 21.72 -29.77
CA MET C 98 7.65 22.71 -28.86
C MET C 98 7.30 22.11 -27.47
N VAL C 99 7.01 22.96 -26.48
CA VAL C 99 6.62 22.58 -25.12
C VAL C 99 5.28 23.26 -24.81
N GLY C 100 4.32 22.49 -24.27
CA GLY C 100 2.98 22.97 -23.92
C GLY C 100 2.90 24.34 -23.30
N SER C 101 3.84 24.65 -22.37
CA SER C 101 3.93 25.93 -21.65
C SER C 101 4.31 27.14 -22.52
N GLU C 102 4.97 26.92 -23.68
CA GLU C 102 5.43 27.97 -24.62
C GLU C 102 4.35 28.96 -25.05
N VAL C 103 3.07 28.54 -25.03
CA VAL C 103 1.93 29.37 -25.40
C VAL C 103 1.63 30.47 -24.35
N TYR C 104 2.03 30.23 -23.08
CA TYR C 104 1.81 31.18 -21.99
C TYR C 104 2.88 32.28 -21.98
N SER C 105 2.59 33.36 -22.71
CA SER C 105 3.44 34.54 -22.85
C SER C 105 2.62 35.80 -22.58
N THR C 106 3.23 36.79 -21.93
CA THR C 106 2.60 38.09 -21.64
C THR C 106 2.73 38.98 -22.87
N GLU C 107 3.83 38.79 -23.62
CA GLU C 107 4.17 39.53 -24.83
C GLU C 107 3.25 39.18 -26.00
N ILE C 108 3.30 37.90 -26.48
CA ILE C 108 2.50 37.44 -27.63
C ILE C 108 1.43 36.39 -27.25
N LYS C 109 0.32 36.36 -28.00
CA LYS C 109 -0.83 35.47 -27.81
C LYS C 109 -0.56 34.01 -28.23
N LYS C 110 -1.23 33.07 -27.53
CA LYS C 110 -1.17 31.61 -27.76
C LYS C 110 -1.36 31.25 -29.23
N THR C 111 -2.37 31.86 -29.87
CA THR C 111 -2.74 31.71 -31.28
C THR C 111 -1.52 31.83 -32.20
N GLU C 112 -0.77 32.94 -32.06
CA GLU C 112 0.44 33.24 -32.83
C GLU C 112 1.63 32.35 -32.43
N VAL C 113 1.65 31.84 -31.17
CA VAL C 113 2.71 30.93 -30.69
C VAL C 113 2.48 29.56 -31.35
N LEU C 114 1.21 29.14 -31.44
CA LEU C 114 0.79 27.88 -32.05
C LEU C 114 0.98 27.91 -33.56
N MET C 115 0.54 29.01 -34.22
CA MET C 115 0.68 29.21 -35.66
C MET C 115 2.15 29.14 -36.09
N GLU C 116 3.05 29.84 -35.35
CA GLU C 116 4.50 29.88 -35.57
C GLU C 116 5.12 28.49 -35.60
N ASN C 117 4.81 27.65 -34.58
CA ASN C 117 5.30 26.27 -34.47
C ASN C 117 4.67 25.36 -35.53
N PHE C 118 3.44 25.68 -35.99
CA PHE C 118 2.75 24.93 -37.04
C PHE C 118 3.37 25.18 -38.40
N ARG C 119 3.69 26.46 -38.71
CA ARG C 119 4.35 26.89 -39.93
C ARG C 119 5.79 26.35 -39.98
N ARG C 120 6.39 26.16 -38.78
CA ARG C 120 7.74 25.59 -38.60
C ARG C 120 7.75 24.08 -38.89
N ALA C 121 6.57 23.45 -38.90
CA ALA C 121 6.39 22.02 -39.13
C ALA C 121 5.86 21.67 -40.53
N ILE C 122 5.69 22.68 -41.41
CA ILE C 122 5.25 22.47 -42.80
C ILE C 122 6.33 23.03 -43.72
N GLY C 123 6.92 22.15 -44.51
CA GLY C 123 8.02 22.51 -45.43
C GLY C 123 7.60 22.67 -46.87
N LEU C 124 8.60 22.91 -47.74
CA LEU C 124 8.42 23.09 -49.19
C LEU C 124 9.64 22.67 -49.99
N ARG C 125 9.45 21.77 -50.97
CA ARG C 125 10.48 21.30 -51.90
C ARG C 125 10.27 22.08 -53.18
N ILE C 126 11.29 22.84 -53.64
CA ILE C 126 11.18 23.64 -54.86
C ILE C 126 12.15 23.15 -55.95
N ILE C 134 16.96 21.50 -55.77
CA ILE C 134 16.22 21.07 -54.59
C ILE C 134 16.41 22.06 -53.44
N GLN C 135 15.36 22.82 -53.11
CA GLN C 135 15.34 23.83 -52.06
C GLN C 135 14.41 23.43 -50.91
N ASP C 136 14.99 22.94 -49.79
CA ASP C 136 14.25 22.51 -48.60
C ASP C 136 14.14 23.64 -47.56
N VAL C 137 13.01 24.39 -47.63
CA VAL C 137 12.70 25.54 -46.75
C VAL C 137 11.26 25.41 -46.22
N THR C 138 11.05 25.68 -44.91
CA THR C 138 9.75 25.62 -44.23
C THR C 138 8.92 26.88 -44.48
N LEU C 139 7.61 26.87 -44.12
CA LEU C 139 6.72 28.02 -44.26
C LEU C 139 7.16 29.19 -43.38
N HIS C 140 7.67 28.90 -42.16
CA HIS C 140 8.14 29.93 -41.25
C HIS C 140 9.46 30.56 -41.71
N ASP C 141 10.39 29.74 -42.25
CA ASP C 141 11.68 30.22 -42.77
C ASP C 141 11.50 31.20 -43.98
N LEU C 142 10.23 31.37 -44.41
CA LEU C 142 9.78 32.27 -45.48
C LEU C 142 8.94 33.40 -44.88
N ASP C 143 8.20 33.10 -43.77
CA ASP C 143 7.36 34.07 -43.03
C ASP C 143 8.23 35.23 -42.54
N VAL C 144 9.37 34.89 -41.89
CA VAL C 144 10.35 35.84 -41.36
C VAL C 144 11.06 36.60 -42.47
N ALA C 145 11.29 35.95 -43.63
CA ALA C 145 11.94 36.53 -44.80
C ALA C 145 11.16 37.74 -45.33
N ASN C 146 9.83 37.71 -45.17
CA ASN C 146 8.93 38.77 -45.59
C ASN C 146 8.95 39.98 -44.65
N ALA C 147 8.94 39.75 -43.32
CA ALA C 147 8.93 40.83 -42.32
C ALA C 147 10.32 41.41 -42.02
N ARG C 148 11.35 40.53 -41.92
CA ARG C 148 12.73 40.92 -41.63
C ARG C 148 13.58 40.91 -42.90
N THR C 168 8.18 44.26 -39.33
CA THR C 168 8.90 44.14 -38.07
C THR C 168 8.44 42.93 -37.23
N GLU C 169 7.17 42.51 -37.41
CA GLU C 169 6.53 41.40 -36.71
C GLU C 169 5.57 40.65 -37.66
N ILE C 170 5.54 39.30 -37.58
CA ILE C 170 4.70 38.42 -38.42
C ILE C 170 3.19 38.62 -38.14
N THR C 171 2.45 39.15 -39.14
CA THR C 171 1.01 39.40 -39.06
C THR C 171 0.21 38.38 -39.90
N ASP C 172 -1.13 38.46 -39.87
CA ASP C 172 -2.00 37.55 -40.62
C ASP C 172 -2.12 37.92 -42.11
N LYS C 173 -2.02 39.23 -42.44
CA LYS C 173 -2.05 39.71 -43.83
C LYS C 173 -0.73 39.33 -44.50
N LEU C 174 0.39 39.40 -43.74
CA LEU C 174 1.74 39.04 -44.15
C LEU C 174 1.79 37.55 -44.49
N ARG C 175 1.00 36.72 -43.77
CA ARG C 175 0.88 35.27 -43.99
C ARG C 175 0.20 34.96 -45.32
N GLY C 176 -0.75 35.81 -45.71
CA GLY C 176 -1.49 35.69 -46.97
C GLY C 176 -0.61 35.97 -48.17
N GLU C 177 0.39 36.88 -47.99
CA GLU C 177 1.37 37.28 -48.99
C GLU C 177 2.28 36.09 -49.36
N ILE C 178 2.79 35.35 -48.35
CA ILE C 178 3.63 34.17 -48.52
C ILE C 178 2.80 33.04 -49.14
N ASN C 179 1.56 32.82 -48.63
CA ASN C 179 0.64 31.79 -49.13
C ASN C 179 0.27 31.96 -50.60
N LYS C 180 0.11 33.22 -51.06
CA LYS C 180 -0.20 33.57 -52.45
C LYS C 180 0.95 33.10 -53.36
N VAL C 181 2.20 33.29 -52.89
CA VAL C 181 3.44 32.88 -53.54
C VAL C 181 3.50 31.34 -53.52
N VAL C 182 3.41 30.72 -52.31
CA VAL C 182 3.42 29.28 -52.03
C VAL C 182 2.45 28.50 -52.93
N ASN C 183 1.20 28.97 -53.04
CA ASN C 183 0.13 28.33 -53.81
C ASN C 183 0.38 28.28 -55.33
N LYS C 184 0.86 29.39 -55.93
CA LYS C 184 1.13 29.45 -57.38
C LYS C 184 2.22 28.47 -57.82
N TYR C 185 3.24 28.24 -56.97
CA TYR C 185 4.37 27.33 -57.19
C TYR C 185 3.91 25.89 -57.51
N ILE C 186 2.85 25.41 -56.81
CA ILE C 186 2.27 24.08 -56.97
C ILE C 186 1.47 24.05 -58.30
N ASP C 187 0.65 25.10 -58.53
CA ASP C 187 -0.18 25.25 -59.73
C ASP C 187 0.65 25.55 -61.00
N GLN C 188 1.97 25.71 -60.84
CA GLN C 188 2.94 25.91 -61.93
C GLN C 188 3.86 24.68 -62.00
N GLY C 189 3.73 23.79 -61.02
CA GLY C 189 4.47 22.54 -60.90
C GLY C 189 5.89 22.65 -60.40
N ILE C 190 6.33 23.86 -60.03
CA ILE C 190 7.69 24.15 -59.53
C ILE C 190 7.93 23.57 -58.14
N ALA C 191 6.96 23.73 -57.22
CA ALA C 191 7.12 23.27 -55.85
C ALA C 191 6.08 22.26 -55.37
N GLU C 192 6.51 21.42 -54.41
CA GLU C 192 5.71 20.38 -53.73
C GLU C 192 5.79 20.63 -52.22
N LEU C 193 4.63 20.67 -51.55
CA LEU C 193 4.53 20.91 -50.11
C LEU C 193 4.84 19.63 -49.31
N VAL C 194 5.56 19.76 -48.18
CA VAL C 194 5.90 18.61 -47.32
C VAL C 194 5.48 18.86 -45.84
N PRO C 195 4.28 18.37 -45.40
CA PRO C 195 3.91 18.55 -43.98
C PRO C 195 4.69 17.55 -43.14
N GLY C 196 5.29 18.04 -42.07
CA GLY C 196 6.15 17.23 -41.21
C GLY C 196 5.66 16.75 -39.86
N VAL C 197 6.52 16.98 -38.85
CA VAL C 197 6.32 16.55 -37.46
C VAL C 197 6.34 17.72 -36.50
N LEU C 198 5.27 17.87 -35.70
CA LEU C 198 5.21 18.86 -34.64
C LEU C 198 5.22 18.10 -33.31
N PHE C 199 6.39 18.07 -32.66
CA PHE C 199 6.55 17.43 -31.37
C PHE C 199 6.16 18.38 -30.26
N VAL C 200 5.38 17.89 -29.29
CA VAL C 200 4.87 18.67 -28.16
C VAL C 200 5.11 17.91 -26.85
N ASP C 201 6.08 18.35 -26.03
CA ASP C 201 6.32 17.74 -24.72
C ASP C 201 5.55 18.56 -23.68
N GLU C 202 5.22 17.95 -22.52
CA GLU C 202 4.47 18.58 -21.42
C GLU C 202 3.08 19.06 -21.89
N VAL C 203 2.37 18.14 -22.57
CA VAL C 203 1.04 18.33 -23.17
C VAL C 203 -0.04 18.75 -22.14
N HIS C 204 0.00 18.16 -20.92
CA HIS C 204 -0.91 18.44 -19.80
C HIS C 204 -0.94 19.93 -19.42
N MET C 205 0.12 20.67 -19.83
CA MET C 205 0.28 22.12 -19.60
C MET C 205 -0.58 22.98 -20.52
N LEU C 206 -0.99 22.45 -21.70
CA LEU C 206 -1.86 23.18 -22.64
C LEU C 206 -3.28 23.27 -22.06
N ASP C 207 -3.98 24.38 -22.29
CA ASP C 207 -5.33 24.53 -21.76
C ASP C 207 -6.40 24.08 -22.75
N ILE C 208 -7.67 24.07 -22.30
CA ILE C 208 -8.86 23.65 -23.04
C ILE C 208 -8.97 24.34 -24.43
N GLU C 209 -8.61 25.64 -24.51
CA GLU C 209 -8.63 26.44 -25.74
C GLU C 209 -7.54 26.00 -26.72
N CYS C 210 -6.38 25.55 -26.19
CA CYS C 210 -5.21 25.08 -26.93
C CYS C 210 -5.43 23.73 -27.58
N PHE C 211 -6.23 22.86 -26.94
CA PHE C 211 -6.54 21.53 -27.49
C PHE C 211 -7.52 21.65 -28.65
N THR C 212 -8.43 22.64 -28.58
CA THR C 212 -9.40 22.94 -29.65
C THR C 212 -8.65 23.44 -30.88
N TYR C 213 -7.61 24.29 -30.69
CA TYR C 213 -6.80 24.82 -31.80
C TYR C 213 -6.16 23.67 -32.57
N LEU C 214 -5.46 22.76 -31.85
CA LEU C 214 -4.79 21.56 -32.38
C LEU C 214 -5.76 20.61 -33.09
N HIS C 215 -7.02 20.54 -32.60
CA HIS C 215 -8.08 19.68 -33.15
C HIS C 215 -8.41 20.05 -34.59
N ARG C 216 -8.47 21.36 -34.91
CA ARG C 216 -8.72 21.89 -36.26
C ARG C 216 -7.51 21.59 -37.13
N ALA C 217 -6.32 21.91 -36.60
CA ALA C 217 -5.03 21.72 -37.24
C ALA C 217 -4.83 20.27 -37.67
N LEU C 218 -5.00 19.29 -36.75
CA LEU C 218 -4.89 17.86 -37.06
C LEU C 218 -5.94 17.41 -38.09
N GLU C 219 -7.15 18.01 -38.04
CA GLU C 219 -8.29 17.72 -38.93
C GLU C 219 -8.08 18.15 -40.40
N SER C 220 -6.88 18.68 -40.74
CA SER C 220 -6.50 19.11 -42.08
C SER C 220 -5.40 18.20 -42.63
N ILE C 222 -2.86 18.71 -45.57
CA ILE C 222 -1.52 19.28 -45.67
C ILE C 222 -0.98 19.77 -44.30
N ALA C 223 -1.62 19.31 -43.21
CA ALA C 223 -1.23 19.64 -41.84
C ALA C 223 -0.14 18.65 -41.37
N PRO C 224 0.76 19.02 -40.43
CA PRO C 224 1.79 18.05 -40.00
C PRO C 224 1.22 16.97 -39.07
N ILE C 225 2.10 16.14 -38.47
CA ILE C 225 1.68 15.12 -37.52
C ILE C 225 1.94 15.63 -36.10
N VAL C 226 0.89 15.69 -35.29
CA VAL C 226 1.05 16.15 -33.92
C VAL C 226 1.45 14.98 -33.05
N ILE C 227 2.67 15.03 -32.52
CA ILE C 227 3.20 14.00 -31.64
C ILE C 227 3.38 14.59 -30.24
N PHE C 228 2.52 14.18 -29.31
CA PHE C 228 2.54 14.64 -27.92
C PHE C 228 3.43 13.71 -27.09
N ALA C 229 3.99 14.20 -25.98
CA ALA C 229 4.81 13.38 -25.08
C ALA C 229 4.50 13.74 -23.62
N SER C 230 4.08 12.73 -22.83
CA SER C 230 3.69 12.92 -21.44
C SER C 230 4.35 11.93 -20.49
N ASN C 231 4.90 12.46 -19.38
CA ASN C 231 5.53 11.66 -18.32
C ASN C 231 4.56 11.48 -17.13
N ARG C 232 3.31 11.93 -17.31
CA ARG C 232 2.24 11.90 -16.31
C ARG C 232 1.07 11.01 -16.73
N GLY C 233 0.23 10.65 -15.75
CA GLY C 233 -0.96 9.83 -15.94
C GLY C 233 -2.21 10.68 -15.93
N ASN C 234 -3.22 10.31 -15.13
CA ASN C 234 -4.46 11.07 -15.02
C ASN C 234 -4.18 12.47 -14.49
N CYS C 235 -4.53 13.48 -15.30
CA CYS C 235 -4.27 14.90 -15.01
C CYS C 235 -5.45 15.79 -15.28
N VAL C 236 -5.63 16.83 -14.45
CA VAL C 236 -6.70 17.83 -14.57
C VAL C 236 -6.41 18.66 -15.84
N ILE C 237 -7.41 18.77 -16.74
CA ILE C 237 -7.29 19.56 -17.96
C ILE C 237 -7.26 21.03 -17.53
N ARG C 238 -6.18 21.75 -17.92
CA ARG C 238 -5.95 23.15 -17.57
C ARG C 238 -7.08 24.03 -18.09
N GLY C 239 -7.69 24.77 -17.17
CA GLY C 239 -8.81 25.65 -17.45
C GLY C 239 -10.14 25.01 -17.09
N ASP C 242 -11.52 21.17 -12.55
CA ASP C 242 -11.76 19.90 -11.86
C ASP C 242 -11.86 18.68 -12.79
N ILE C 243 -12.09 18.90 -14.10
CA ILE C 243 -12.21 17.81 -15.08
C ILE C 243 -10.84 17.15 -15.33
N THR C 244 -10.66 16.00 -14.69
CA THR C 244 -9.48 15.15 -14.77
C THR C 244 -9.68 14.23 -15.96
N SER C 245 -8.58 13.80 -16.59
CA SER C 245 -8.57 12.92 -17.78
C SER C 245 -7.16 12.37 -17.98
N PRO C 246 -6.92 11.29 -18.79
CA PRO C 246 -5.54 10.81 -18.97
C PRO C 246 -4.64 11.83 -19.67
N HIS C 247 -3.40 11.96 -19.17
CA HIS C 247 -2.30 12.79 -19.68
C HIS C 247 -2.62 14.28 -19.84
N GLY C 248 -3.77 14.72 -19.32
CA GLY C 248 -4.21 16.12 -19.38
C GLY C 248 -4.89 16.47 -20.68
N ILE C 249 -4.99 15.50 -21.62
CA ILE C 249 -5.61 15.65 -22.94
C ILE C 249 -7.10 15.34 -22.81
N PRO C 250 -8.03 16.20 -23.30
CA PRO C 250 -9.47 15.87 -23.18
C PRO C 250 -9.86 14.64 -23.99
N LEU C 251 -10.98 13.98 -23.62
CA LEU C 251 -11.46 12.76 -24.29
C LEU C 251 -11.85 12.94 -25.77
N ASP C 252 -12.25 14.16 -26.17
CA ASP C 252 -12.63 14.51 -27.55
C ASP C 252 -11.45 14.35 -28.52
N LEU C 253 -10.22 14.68 -28.05
CA LEU C 253 -8.99 14.59 -28.83
C LEU C 253 -8.33 13.23 -28.67
N LEU C 254 -8.42 12.64 -27.46
CA LEU C 254 -7.83 11.35 -27.10
C LEU C 254 -8.50 10.16 -27.83
N ASP C 255 -9.73 10.37 -28.36
CA ASP C 255 -10.48 9.40 -29.17
C ASP C 255 -9.77 9.15 -30.50
N ARG C 256 -9.05 10.18 -31.00
CA ARG C 256 -8.28 10.18 -32.24
C ARG C 256 -6.76 10.16 -31.97
N VAL C 257 -6.33 9.69 -30.77
CA VAL C 257 -4.92 9.64 -30.38
C VAL C 257 -4.43 8.19 -30.17
N MET C 258 -3.26 7.86 -30.75
CA MET C 258 -2.58 6.56 -30.63
C MET C 258 -1.39 6.71 -29.68
N ILE C 259 -1.29 5.86 -28.63
CA ILE C 259 -0.23 5.94 -27.62
C ILE C 259 0.88 4.91 -27.83
N ILE C 260 2.15 5.39 -27.88
CA ILE C 260 3.35 4.58 -28.01
C ILE C 260 4.21 4.78 -26.76
N ARG C 261 4.26 3.75 -25.90
CA ARG C 261 5.00 3.77 -24.65
C ARG C 261 6.51 3.71 -24.84
N THR C 262 7.23 4.49 -24.03
CA THR C 262 8.69 4.50 -23.95
C THR C 262 9.04 3.93 -22.57
N MET C 263 10.17 3.23 -22.45
CA MET C 263 10.57 2.59 -21.20
C MET C 263 11.97 2.96 -20.74
N LEU C 264 12.24 2.79 -19.43
CA LEU C 264 13.55 3.04 -18.83
C LEU C 264 14.60 2.10 -19.42
N TYR C 265 15.85 2.57 -19.52
CA TYR C 265 16.95 1.82 -20.13
C TYR C 265 17.72 0.91 -19.18
N THR C 266 18.22 -0.21 -19.73
CA THR C 266 19.05 -1.19 -19.04
C THR C 266 20.46 -0.54 -18.88
N PRO C 267 21.28 -0.93 -17.88
CA PRO C 267 22.61 -0.28 -17.74
C PRO C 267 23.54 -0.48 -18.95
N GLN C 268 23.25 -1.49 -19.79
CA GLN C 268 24.01 -1.75 -21.02
C GLN C 268 23.60 -0.76 -22.12
N GLU C 269 22.30 -0.39 -22.16
CA GLU C 269 21.75 0.59 -23.10
C GLU C 269 22.22 2.00 -22.70
N MET C 270 22.30 2.27 -21.36
CA MET C 270 22.75 3.54 -20.76
C MET C 270 24.19 3.85 -21.16
N LYS C 271 25.07 2.82 -21.16
CA LYS C 271 26.47 2.90 -21.54
C LYS C 271 26.59 3.23 -23.03
N GLN C 272 25.71 2.61 -23.86
CA GLN C 272 25.68 2.79 -25.31
C GLN C 272 25.31 4.23 -25.71
N ILE C 273 24.15 4.74 -25.24
CA ILE C 273 23.65 6.11 -25.51
C ILE C 273 24.67 7.19 -25.11
N ILE C 274 25.33 7.02 -23.93
CA ILE C 274 26.36 7.93 -23.43
C ILE C 274 27.58 7.91 -24.37
N LYS C 275 28.00 6.70 -24.81
CA LYS C 275 29.13 6.50 -25.73
C LYS C 275 28.87 7.15 -27.08
N ILE C 276 27.61 7.06 -27.59
CA ILE C 276 27.19 7.66 -28.85
C ILE C 276 27.31 9.17 -28.73
N ARG C 277 26.72 9.76 -27.67
CA ARG C 277 26.77 11.21 -27.41
C ARG C 277 28.20 11.72 -27.31
N ALA C 278 29.09 10.94 -26.66
CA ALA C 278 30.52 11.25 -26.52
C ALA C 278 31.22 11.17 -27.88
N GLN C 279 30.81 10.20 -28.73
CA GLN C 279 31.34 10.02 -30.09
C GLN C 279 30.84 11.13 -31.03
N THR C 280 29.64 11.67 -30.75
CA THR C 280 29.02 12.75 -31.51
C THR C 280 29.58 14.11 -31.04
N GLU C 281 29.94 14.22 -29.75
CA GLU C 281 30.52 15.43 -29.13
C GLU C 281 32.04 15.52 -29.37
N GLY C 282 32.68 14.37 -29.52
CA GLY C 282 34.12 14.27 -29.74
C GLY C 282 34.95 14.28 -28.47
N ILE C 283 34.48 13.54 -27.44
CA ILE C 283 35.14 13.43 -26.14
C ILE C 283 35.56 12.00 -25.85
N ASN C 284 36.82 11.82 -25.44
CA ASN C 284 37.38 10.51 -25.09
C ASN C 284 36.99 10.14 -23.66
N ILE C 285 36.55 8.89 -23.44
CA ILE C 285 36.12 8.39 -22.13
C ILE C 285 36.43 6.90 -21.98
N SER C 286 36.93 6.51 -20.80
CA SER C 286 37.28 5.12 -20.49
C SER C 286 36.06 4.28 -20.12
N GLU C 287 36.11 2.96 -20.40
CA GLU C 287 35.04 2.00 -20.09
C GLU C 287 34.84 1.84 -18.58
N GLU C 288 35.91 2.11 -17.79
CA GLU C 288 35.89 2.08 -16.32
C GLU C 288 35.01 3.23 -15.82
N ALA C 289 35.10 4.40 -16.50
CA ALA C 289 34.30 5.59 -16.22
C ALA C 289 32.88 5.43 -16.78
N LEU C 290 32.74 4.69 -17.91
CA LEU C 290 31.47 4.42 -18.58
C LEU C 290 30.50 3.63 -17.70
N ASN C 291 31.03 2.64 -16.94
CA ASN C 291 30.27 1.82 -15.98
C ASN C 291 29.67 2.73 -14.91
N HIS C 292 30.50 3.65 -14.36
CA HIS C 292 30.09 4.62 -13.35
C HIS C 292 29.09 5.62 -13.89
N LEU C 293 29.41 6.26 -15.05
CA LEU C 293 28.53 7.24 -15.71
C LEU C 293 27.20 6.63 -16.14
N GLY C 294 27.22 5.32 -16.43
CA GLY C 294 26.04 4.54 -16.79
C GLY C 294 25.22 4.24 -15.55
N GLU C 295 25.90 3.93 -14.42
CA GLU C 295 25.27 3.66 -13.12
C GLU C 295 24.62 4.93 -12.57
N ILE C 296 25.28 6.10 -12.78
CA ILE C 296 24.82 7.45 -12.41
C ILE C 296 23.47 7.76 -13.10
N GLY C 297 23.37 7.37 -14.37
CA GLY C 297 22.19 7.54 -15.22
C GLY C 297 20.97 6.78 -14.78
N THR C 298 21.16 5.48 -14.44
CA THR C 298 20.10 4.58 -13.95
C THR C 298 19.57 5.12 -12.60
N LYS C 299 20.48 5.66 -11.77
CA LYS C 299 20.16 6.26 -10.46
C LYS C 299 19.38 7.57 -10.65
N THR C 300 19.84 8.46 -11.57
CA THR C 300 19.21 9.74 -11.85
C THR C 300 18.36 9.65 -13.14
N THR C 301 18.82 10.28 -14.25
CA THR C 301 18.18 10.27 -15.59
C THR C 301 19.27 10.18 -16.67
N LEU C 302 18.90 9.68 -17.86
CA LEU C 302 19.80 9.56 -19.01
C LEU C 302 20.25 10.95 -19.51
N ARG C 303 19.35 11.96 -19.45
CA ARG C 303 19.62 13.33 -19.87
C ARG C 303 20.71 13.98 -19.00
N TYR C 304 20.62 13.83 -17.66
CA TYR C 304 21.58 14.37 -16.70
C TYR C 304 22.96 13.74 -16.82
N SER C 305 23.03 12.39 -16.96
CA SER C 305 24.29 11.64 -17.12
C SER C 305 25.04 12.01 -18.40
N VAL C 306 24.30 12.26 -19.50
CA VAL C 306 24.84 12.69 -20.79
C VAL C 306 25.37 14.12 -20.64
N GLN C 307 24.59 15.01 -19.97
CA GLN C 307 24.96 16.40 -19.71
C GLN C 307 26.19 16.54 -18.79
N LEU C 308 26.61 15.43 -18.12
CA LEU C 308 27.79 15.39 -17.25
C LEU C 308 29.08 15.18 -18.05
N LEU C 309 28.98 14.82 -19.35
CA LEU C 309 30.14 14.58 -20.22
C LEU C 309 30.99 15.84 -20.46
N THR C 310 30.36 16.96 -20.87
CA THR C 310 31.02 18.25 -21.12
C THR C 310 31.78 18.74 -19.84
N PRO C 311 31.19 18.82 -18.61
CA PRO C 311 31.98 19.23 -17.43
C PRO C 311 33.12 18.26 -17.10
N ALA C 312 32.88 16.93 -17.22
CA ALA C 312 33.87 15.88 -16.97
C ALA C 312 35.04 15.99 -17.96
N ASN C 313 34.75 16.43 -19.19
CA ASN C 313 35.71 16.66 -20.26
C ASN C 313 36.61 17.85 -19.89
N LEU C 314 36.00 18.97 -19.45
CA LEU C 314 36.71 20.19 -19.07
C LEU C 314 37.53 20.05 -17.80
N LEU C 315 37.11 19.17 -16.87
CA LEU C 315 37.86 18.88 -15.65
C LEU C 315 39.20 18.26 -16.08
N ALA C 316 39.14 17.28 -17.02
CA ALA C 316 40.28 16.55 -17.58
C ALA C 316 41.25 17.45 -18.35
N LYS C 317 40.73 18.43 -19.13
CA LYS C 317 41.52 19.38 -19.93
C LYS C 317 42.40 20.27 -19.03
N ILE C 318 41.88 20.62 -17.83
CA ILE C 318 42.57 21.42 -16.82
C ILE C 318 43.70 20.59 -16.19
N ASN C 319 43.54 19.26 -16.16
CA ASN C 319 44.55 18.32 -15.67
C ASN C 319 45.51 17.88 -16.79
N GLY C 320 45.27 18.37 -18.02
CA GLY C 320 46.07 18.11 -19.21
C GLY C 320 45.94 16.72 -19.79
N LYS C 321 44.82 16.03 -19.49
CA LYS C 321 44.51 14.66 -19.93
C LYS C 321 43.80 14.64 -21.29
N ASP C 322 43.67 13.43 -21.89
CA ASP C 322 42.99 13.22 -23.17
C ASP C 322 41.57 12.66 -22.96
N SER C 323 41.41 11.74 -21.99
CA SER C 323 40.14 11.07 -21.69
C SER C 323 39.58 11.38 -20.30
N ILE C 324 38.36 10.88 -20.01
CA ILE C 324 37.65 11.03 -18.75
C ILE C 324 37.75 9.71 -17.96
N GLU C 325 38.32 9.76 -16.75
CA GLU C 325 38.46 8.61 -15.87
C GLU C 325 37.29 8.54 -14.85
N LYS C 326 37.22 7.44 -14.07
CA LYS C 326 36.20 7.18 -13.05
C LYS C 326 36.15 8.30 -11.99
N GLU C 327 37.32 8.87 -11.64
CA GLU C 327 37.48 9.96 -10.66
C GLU C 327 36.92 11.28 -11.19
N HIS C 328 37.10 11.55 -12.51
CA HIS C 328 36.59 12.75 -13.19
C HIS C 328 35.06 12.80 -13.16
N VAL C 329 34.40 11.63 -13.34
CA VAL C 329 32.95 11.47 -13.28
C VAL C 329 32.51 11.64 -11.82
N GLU C 330 33.14 10.89 -10.88
CA GLU C 330 32.87 10.92 -9.45
C GLU C 330 32.96 12.33 -8.85
N GLU C 331 33.90 13.16 -9.36
CA GLU C 331 34.09 14.54 -8.92
C GLU C 331 32.93 15.42 -9.42
N ILE C 332 32.67 15.44 -10.75
CA ILE C 332 31.57 16.21 -11.37
C ILE C 332 30.22 15.82 -10.77
N SER C 333 29.98 14.50 -10.55
CA SER C 333 28.74 13.99 -9.95
C SER C 333 28.58 14.43 -8.50
N GLU C 334 29.69 14.77 -7.81
CA GLU C 334 29.68 15.27 -6.43
C GLU C 334 29.51 16.80 -6.43
N LEU C 335 30.19 17.50 -7.38
CA LEU C 335 30.14 18.95 -7.54
C LEU C 335 28.74 19.41 -8.00
N PHE C 336 28.13 18.67 -8.94
CA PHE C 336 26.80 18.97 -9.46
C PHE C 336 25.75 18.00 -8.98
N TYR C 337 24.49 18.44 -8.99
CA TYR C 337 23.36 17.67 -8.49
C TYR C 337 22.26 17.60 -9.52
N ASP C 338 21.41 16.57 -9.40
CA ASP C 338 20.23 16.40 -10.25
C ASP C 338 19.11 17.08 -9.47
N ALA C 339 18.25 17.86 -10.15
CA ALA C 339 17.14 18.60 -9.56
C ALA C 339 16.33 17.80 -8.51
N LYS C 340 16.24 16.47 -8.68
CA LYS C 340 15.55 15.56 -7.77
C LYS C 340 16.24 15.48 -6.41
N SER C 341 17.57 15.28 -6.39
CA SER C 341 18.35 15.17 -5.14
C SER C 341 18.79 16.52 -4.56
N SER C 342 18.71 17.62 -5.36
CA SER C 342 19.09 18.96 -4.87
C SER C 342 17.98 19.62 -4.05
N ALA C 343 16.71 19.34 -4.41
CA ALA C 343 15.53 19.84 -3.69
C ALA C 343 15.29 18.96 -2.46
N LYS C 344 15.90 17.75 -2.48
CA LYS C 344 15.84 16.77 -1.40
C LYS C 344 16.73 17.23 -0.24
N ILE C 345 17.86 17.89 -0.55
CA ILE C 345 18.80 18.43 0.44
C ILE C 345 18.12 19.56 1.24
N LEU C 346 17.44 20.50 0.54
CA LEU C 346 16.73 21.63 1.16
C LEU C 346 15.59 21.16 2.07
N ALA C 347 14.84 20.12 1.64
CA ALA C 347 13.75 19.51 2.43
C ALA C 347 14.34 18.80 3.65
N ASP C 348 15.51 18.12 3.47
CA ASP C 348 16.28 17.42 4.51
C ASP C 348 16.75 18.43 5.57
N GLN C 349 17.14 19.64 5.12
CA GLN C 349 17.62 20.74 5.96
C GLN C 349 16.48 21.55 6.61
N GLN C 350 15.22 21.27 6.26
CA GLN C 350 14.03 21.93 6.80
C GLN C 350 13.12 20.94 7.53
N HIS D 28 -18.20 6.12 -38.42
CA HIS D 28 -19.40 5.46 -38.90
C HIS D 28 -19.22 4.94 -40.35
N SER D 29 -20.05 5.43 -41.33
CA SER D 29 -20.14 5.03 -42.75
C SER D 29 -20.99 3.77 -42.98
N HIS D 30 -21.62 3.27 -41.90
CA HIS D 30 -22.48 2.08 -41.88
C HIS D 30 -23.89 2.35 -41.31
N ILE D 31 -24.03 3.46 -40.56
CA ILE D 31 -25.28 3.88 -39.92
C ILE D 31 -26.12 4.73 -40.90
N ARG D 32 -27.04 4.06 -41.62
CA ARG D 32 -27.96 4.66 -42.58
C ARG D 32 -29.38 4.87 -42.00
N GLY D 33 -29.57 4.48 -40.74
CA GLY D 33 -30.84 4.59 -40.03
C GLY D 33 -30.92 3.74 -38.79
N LEU D 34 -32.04 3.87 -38.04
CA LEU D 34 -32.31 3.14 -36.79
C LEU D 34 -32.55 1.63 -36.97
N GLY D 35 -33.21 1.25 -38.06
CA GLY D 35 -33.57 -0.13 -38.35
C GLY D 35 -34.76 -0.58 -37.55
N LEU D 36 -35.90 0.12 -37.74
CA LEU D 36 -37.16 -0.13 -37.04
C LEU D 36 -38.30 -0.52 -37.97
N ASP D 37 -39.24 -1.34 -37.46
CA ASP D 37 -40.44 -1.78 -38.19
C ASP D 37 -41.61 -0.77 -38.03
N ASP D 38 -42.77 -1.08 -38.63
CA ASP D 38 -43.99 -0.25 -38.59
C ASP D 38 -44.56 -0.09 -37.18
N ALA D 39 -44.35 -1.10 -36.31
CA ALA D 39 -44.83 -1.11 -34.93
C ALA D 39 -43.79 -0.58 -33.93
N LEU D 40 -42.66 -0.03 -34.46
CA LEU D 40 -41.51 0.50 -33.72
C LEU D 40 -40.88 -0.58 -32.85
N GLU D 41 -40.05 -1.44 -33.48
CA GLU D 41 -39.34 -2.54 -32.83
C GLU D 41 -38.04 -2.85 -33.58
N PRO D 42 -36.87 -2.80 -32.90
CA PRO D 42 -35.59 -3.05 -33.59
C PRO D 42 -35.39 -4.51 -33.97
N ARG D 43 -34.54 -4.76 -34.99
CA ARG D 43 -34.26 -6.08 -35.55
C ARG D 43 -32.88 -6.66 -35.18
N GLN D 44 -32.11 -5.99 -34.28
CA GLN D 44 -30.76 -6.40 -33.82
C GLN D 44 -29.67 -6.21 -34.91
N ALA D 45 -30.05 -6.25 -36.20
CA ALA D 45 -29.15 -6.06 -37.35
C ALA D 45 -29.94 -5.60 -38.58
N SER D 46 -30.23 -4.28 -38.66
CA SER D 46 -30.97 -3.63 -39.74
C SER D 46 -30.60 -2.15 -39.84
N GLN D 47 -30.40 -1.66 -41.08
CA GLN D 47 -29.98 -0.28 -41.42
C GLN D 47 -28.55 0.04 -40.89
N GLY D 48 -27.78 -1.02 -40.62
CA GLY D 48 -26.43 -0.95 -40.09
C GLY D 48 -26.37 -1.19 -38.60
N MET D 49 -27.32 -0.61 -37.85
CA MET D 49 -27.45 -0.67 -36.38
C MET D 49 -27.41 -2.10 -35.84
N VAL D 50 -26.61 -2.32 -34.78
CA VAL D 50 -26.46 -3.62 -34.12
C VAL D 50 -26.67 -3.46 -32.61
N GLY D 51 -27.52 -4.33 -32.04
CA GLY D 51 -27.87 -4.33 -30.63
C GLY D 51 -28.54 -3.05 -30.21
N GLN D 52 -28.34 -2.64 -28.93
CA GLN D 52 -28.86 -1.40 -28.34
C GLN D 52 -30.36 -1.17 -28.68
N LEU D 53 -31.15 -2.25 -28.54
CA LEU D 53 -32.58 -2.34 -28.87
C LEU D 53 -33.45 -1.32 -28.13
N ALA D 54 -33.49 -1.41 -26.79
CA ALA D 54 -34.27 -0.51 -25.93
C ALA D 54 -34.00 0.96 -26.26
N ALA D 55 -32.72 1.34 -26.39
CA ALA D 55 -32.31 2.70 -26.73
C ALA D 55 -32.74 3.11 -28.14
N ARG D 56 -32.70 2.18 -29.12
CA ARG D 56 -33.13 2.42 -30.51
C ARG D 56 -34.64 2.61 -30.60
N ARG D 57 -35.38 1.85 -29.78
CA ARG D 57 -36.84 1.91 -29.71
C ARG D 57 -37.23 3.20 -28.99
N ALA D 58 -36.47 3.59 -27.95
CA ALA D 58 -36.65 4.84 -27.21
C ALA D 58 -36.44 6.01 -28.16
N ALA D 59 -35.40 5.92 -29.02
CA ALA D 59 -35.03 6.90 -30.05
C ALA D 59 -36.11 6.99 -31.12
N GLY D 60 -36.77 5.87 -31.41
CA GLY D 60 -37.84 5.77 -32.39
C GLY D 60 -39.08 6.57 -32.00
N VAL D 61 -39.43 6.54 -30.70
CA VAL D 61 -40.57 7.26 -30.12
C VAL D 61 -40.38 8.78 -30.33
N VAL D 62 -39.11 9.25 -30.22
CA VAL D 62 -38.71 10.65 -30.44
C VAL D 62 -38.98 11.03 -31.89
N LEU D 63 -38.62 10.15 -32.85
CA LEU D 63 -38.81 10.35 -34.30
C LEU D 63 -40.26 10.71 -34.61
N GLU D 64 -41.21 9.93 -34.06
CA GLU D 64 -42.65 10.14 -34.23
C GLU D 64 -43.13 11.45 -33.59
N MET D 65 -42.49 11.87 -32.49
CA MET D 65 -42.79 13.13 -31.81
C MET D 65 -42.28 14.31 -32.63
N ILE D 66 -41.21 14.10 -33.43
CA ILE D 66 -40.68 15.13 -34.34
C ILE D 66 -41.63 15.18 -35.54
N ARG D 67 -42.01 14.00 -36.08
CA ARG D 67 -42.91 13.80 -37.22
C ARG D 67 -44.29 14.41 -37.00
N GLU D 68 -45.00 13.99 -35.92
CA GLU D 68 -46.35 14.46 -35.60
C GLU D 68 -46.38 15.91 -35.06
N GLY D 69 -45.21 16.48 -34.80
CA GLY D 69 -45.07 17.87 -34.35
C GLY D 69 -45.30 18.12 -32.87
N LYS D 70 -44.84 17.20 -32.03
CA LYS D 70 -44.94 17.30 -30.56
C LYS D 70 -43.56 17.11 -29.91
N ILE D 71 -42.62 18.00 -30.29
CA ILE D 71 -41.24 18.09 -29.80
C ILE D 71 -40.97 19.58 -29.40
N ALA D 72 -42.07 20.36 -29.33
CA ALA D 72 -42.09 21.78 -28.96
C ALA D 72 -41.77 21.96 -27.48
N GLY D 73 -40.76 22.78 -27.19
CA GLY D 73 -40.28 23.07 -25.85
C GLY D 73 -39.70 21.88 -25.12
N ARG D 74 -39.11 20.93 -25.87
CA ARG D 74 -38.52 19.69 -25.37
C ARG D 74 -37.20 19.39 -26.07
N ALA D 75 -36.29 18.66 -25.40
CA ALA D 75 -34.98 18.27 -25.96
C ALA D 75 -34.62 16.83 -25.58
N VAL D 76 -33.60 16.26 -26.24
CA VAL D 76 -33.14 14.89 -26.01
C VAL D 76 -31.77 14.86 -25.33
N LEU D 77 -31.52 13.78 -24.55
CA LEU D 77 -30.27 13.46 -23.87
C LEU D 77 -30.07 11.94 -23.97
N ILE D 78 -28.83 11.50 -24.23
CA ILE D 78 -28.48 10.08 -24.30
C ILE D 78 -27.36 9.85 -23.30
N ALA D 79 -27.63 9.09 -22.24
CA ALA D 79 -26.65 8.81 -21.18
C ALA D 79 -26.16 7.37 -21.21
N GLY D 80 -24.84 7.20 -21.05
CA GLY D 80 -24.18 5.91 -21.04
C GLY D 80 -22.66 5.98 -21.07
N GLN D 81 -22.00 4.84 -20.74
CA GLN D 81 -20.54 4.67 -20.73
C GLN D 81 -19.93 4.99 -22.12
N PRO D 82 -18.63 5.36 -22.23
CA PRO D 82 -18.09 5.68 -23.57
C PRO D 82 -17.98 4.48 -24.50
N GLY D 83 -18.65 4.58 -25.65
CA GLY D 83 -18.67 3.54 -26.67
C GLY D 83 -19.94 2.71 -26.68
N THR D 84 -21.04 3.26 -26.13
CA THR D 84 -22.34 2.56 -26.07
C THR D 84 -23.27 3.00 -27.23
N GLY D 85 -22.69 3.63 -28.24
CA GLY D 85 -23.38 4.05 -29.46
C GLY D 85 -24.26 5.28 -29.33
N LYS D 86 -23.94 6.19 -28.38
CA LYS D 86 -24.69 7.45 -28.16
C LYS D 86 -24.66 8.28 -29.43
N THR D 87 -23.45 8.50 -29.99
CA THR D 87 -23.19 9.24 -31.23
C THR D 87 -23.81 8.50 -32.42
N ALA D 88 -23.73 7.15 -32.42
CA ALA D 88 -24.27 6.27 -33.46
C ALA D 88 -25.80 6.41 -33.59
N ILE D 89 -26.54 6.43 -32.46
CA ILE D 89 -28.00 6.58 -32.42
C ILE D 89 -28.41 7.98 -32.91
N ALA D 90 -27.60 9.00 -32.61
CA ALA D 90 -27.82 10.38 -33.04
C ALA D 90 -27.67 10.50 -34.55
N MET D 91 -26.69 9.75 -35.13
CA MET D 91 -26.43 9.70 -36.57
C MET D 91 -27.60 9.06 -37.31
N GLY D 92 -28.15 8.00 -36.73
CA GLY D 92 -29.29 7.24 -37.25
C GLY D 92 -30.60 8.00 -37.26
N MET D 93 -30.83 8.85 -36.23
CA MET D 93 -32.05 9.66 -36.08
C MET D 93 -32.27 10.62 -37.24
N ALA D 94 -31.21 11.33 -37.67
CA ALA D 94 -31.23 12.27 -38.79
C ALA D 94 -31.42 11.50 -40.10
N GLN D 95 -30.79 10.31 -40.21
CA GLN D 95 -30.86 9.42 -41.35
C GLN D 95 -32.25 8.80 -41.49
N ALA D 96 -32.96 8.60 -40.36
CA ALA D 96 -34.33 8.08 -40.30
C ALA D 96 -35.34 9.24 -40.43
N LEU D 97 -34.85 10.49 -40.59
CA LEU D 97 -35.62 11.71 -40.77
C LEU D 97 -35.58 12.13 -42.26
N GLY D 98 -34.58 11.65 -42.99
CA GLY D 98 -34.40 11.96 -44.41
C GLY D 98 -32.94 11.95 -44.84
N PRO D 99 -32.66 11.75 -46.14
CA PRO D 99 -31.26 11.73 -46.58
C PRO D 99 -30.70 13.13 -46.88
N ASP D 100 -31.54 14.17 -46.78
CA ASP D 100 -31.19 15.57 -47.04
C ASP D 100 -31.19 16.45 -45.77
N THR D 101 -31.64 15.89 -44.65
CA THR D 101 -31.75 16.59 -43.37
C THR D 101 -30.38 16.83 -42.74
N PRO D 102 -30.06 18.12 -42.42
CA PRO D 102 -28.74 18.44 -41.88
C PRO D 102 -28.41 17.83 -40.52
N PHE D 103 -27.11 17.56 -40.30
CA PHE D 103 -26.61 16.96 -39.07
C PHE D 103 -25.26 17.58 -38.66
N THR D 104 -25.15 18.01 -37.39
CA THR D 104 -23.95 18.61 -36.80
C THR D 104 -23.66 18.00 -35.43
N ALA D 105 -22.52 17.31 -35.31
CA ALA D 105 -22.10 16.65 -34.07
C ALA D 105 -20.85 17.33 -33.47
N ILE D 106 -21.07 18.30 -32.58
CA ILE D 106 -20.02 19.05 -31.88
C ILE D 106 -19.79 18.48 -30.49
N ALA D 107 -18.57 18.67 -29.96
CA ALA D 107 -18.23 18.24 -28.60
C ALA D 107 -18.23 19.46 -27.69
N GLY D 108 -18.53 19.24 -26.41
CA GLY D 108 -18.57 20.29 -25.39
C GLY D 108 -17.24 20.99 -25.18
N SER D 109 -16.13 20.28 -25.43
CA SER D 109 -14.77 20.78 -25.32
C SER D 109 -14.33 21.59 -26.55
N GLU D 110 -15.20 21.68 -27.59
CA GLU D 110 -14.91 22.40 -28.84
C GLU D 110 -15.47 23.84 -28.86
N ILE D 111 -16.29 24.22 -27.86
CA ILE D 111 -16.84 25.59 -27.76
C ILE D 111 -15.82 26.53 -27.10
N PHE D 112 -14.80 25.96 -26.42
CA PHE D 112 -13.72 26.69 -25.77
C PHE D 112 -12.60 26.86 -26.80
N SER D 113 -12.73 27.90 -27.65
CA SER D 113 -11.79 28.19 -28.73
C SER D 113 -11.09 29.53 -28.54
N LEU D 114 -9.89 29.67 -29.13
CA LEU D 114 -9.10 30.90 -29.07
C LEU D 114 -9.67 31.91 -30.08
N GLU D 115 -9.94 31.44 -31.32
CA GLU D 115 -10.47 32.22 -32.43
C GLU D 115 -12.00 32.31 -32.46
N MET D 116 -12.70 31.79 -31.42
CA MET D 116 -14.16 31.78 -31.36
C MET D 116 -14.72 31.88 -29.96
N SER D 117 -15.78 32.70 -29.80
CA SER D 117 -16.50 32.89 -28.53
C SER D 117 -17.33 31.63 -28.24
N LYS D 118 -17.54 31.32 -26.93
CA LYS D 118 -18.31 30.16 -26.46
C LYS D 118 -19.74 30.10 -27.03
N THR D 119 -20.33 31.28 -27.30
CA THR D 119 -21.67 31.41 -27.89
C THR D 119 -21.59 31.45 -29.42
N GLU D 120 -20.49 31.96 -29.99
CA GLU D 120 -20.27 32.03 -31.44
C GLU D 120 -20.09 30.61 -32.01
N ALA D 121 -19.33 29.75 -31.31
CA ALA D 121 -19.12 28.34 -31.69
C ALA D 121 -20.44 27.56 -31.61
N LEU D 122 -21.36 27.98 -30.70
CA LEU D 122 -22.68 27.40 -30.54
C LEU D 122 -23.66 27.93 -31.59
N THR D 123 -23.53 29.23 -31.98
CA THR D 123 -24.36 29.85 -33.02
C THR D 123 -24.03 29.16 -34.34
N GLN D 124 -22.72 29.00 -34.63
CA GLN D 124 -22.18 28.35 -35.83
C GLN D 124 -22.58 26.87 -35.92
N ALA D 125 -22.66 26.17 -34.78
CA ALA D 125 -23.07 24.76 -34.72
C ALA D 125 -24.59 24.66 -34.92
N PHE D 126 -25.35 25.66 -34.42
CA PHE D 126 -26.80 25.74 -34.56
C PHE D 126 -27.21 25.98 -36.00
N ARG D 127 -26.58 26.98 -36.66
CA ARG D 127 -26.83 27.34 -38.06
C ARG D 127 -26.41 26.22 -39.01
N ARG D 128 -25.34 25.46 -38.64
CA ARG D 128 -24.84 24.31 -39.40
C ARG D 128 -25.92 23.22 -39.40
N SER D 129 -26.68 23.12 -38.30
CA SER D 129 -27.78 22.17 -38.12
C SER D 129 -29.09 22.63 -38.81
N ILE D 130 -29.15 23.88 -39.32
CA ILE D 130 -30.35 24.38 -40.00
C ILE D 130 -30.08 24.57 -41.50
N GLY D 131 -30.66 23.69 -42.31
CA GLY D 131 -30.51 23.67 -43.77
C GLY D 131 -31.63 24.32 -44.54
N VAL D 132 -31.29 24.88 -45.73
CA VAL D 132 -32.19 25.55 -46.67
C VAL D 132 -32.13 24.81 -48.01
N ARG D 133 -33.31 24.57 -48.64
CA ARG D 133 -33.43 23.86 -49.92
C ARG D 133 -33.46 24.79 -51.15
N ILE D 134 -32.86 24.33 -52.27
CA ILE D 134 -32.81 25.05 -53.54
C ILE D 134 -33.93 24.58 -54.48
N HIS D 143 -31.20 21.40 -53.84
CA HIS D 143 -29.93 21.23 -53.13
C HIS D 143 -30.01 21.83 -51.72
N THR D 144 -29.48 21.10 -50.70
CA THR D 144 -29.48 21.53 -49.30
C THR D 144 -28.20 22.27 -48.91
N VAL D 145 -28.37 23.47 -48.33
CA VAL D 145 -27.28 24.34 -47.88
C VAL D 145 -27.58 24.90 -46.48
N SER D 146 -26.67 24.66 -45.52
CA SER D 146 -26.81 25.12 -44.14
C SER D 146 -26.72 26.64 -44.04
N LEU D 147 -27.40 27.23 -43.02
CA LEU D 147 -27.39 28.67 -42.76
C LEU D 147 -25.98 29.18 -42.43
N HIS D 148 -25.10 28.26 -41.98
CA HIS D 148 -23.70 28.53 -41.67
C HIS D 148 -22.88 28.61 -42.97
N GLU D 149 -23.16 27.71 -43.94
CA GLU D 149 -22.49 27.68 -45.25
C GLU D 149 -22.79 28.92 -46.09
N ILE D 150 -23.96 29.55 -45.82
CA ILE D 150 -24.40 30.80 -46.46
C ILE D 150 -23.58 31.97 -45.87
N ASP D 151 -23.22 31.88 -44.56
CA ASP D 151 -22.40 32.88 -43.87
C ASP D 151 -20.95 32.80 -44.37
N VAL D 152 -20.42 31.57 -44.57
CA VAL D 152 -19.06 31.28 -45.03
C VAL D 152 -18.80 31.94 -46.40
N ILE D 153 -19.72 31.73 -47.36
CA ILE D 153 -19.65 32.30 -48.72
C ILE D 153 -19.66 33.84 -48.67
N ASN D 154 -20.53 34.41 -47.82
CA ASN D 154 -20.66 35.87 -47.65
C ASN D 154 -19.94 36.33 -46.38
N GLU D 170 -14.90 33.13 -37.08
CA GLU D 170 -16.07 33.92 -36.68
C GLU D 170 -16.65 34.73 -37.84
N ILE D 171 -17.97 34.96 -37.80
CA ILE D 171 -18.73 35.73 -38.79
C ILE D 171 -19.39 36.92 -38.09
N LYS D 172 -19.41 38.10 -38.76
CA LYS D 172 -19.97 39.35 -38.22
C LYS D 172 -21.48 39.30 -37.96
N SER D 173 -21.92 40.01 -36.90
CA SER D 173 -23.34 40.13 -36.48
C SER D 173 -24.16 40.95 -37.48
N GLU D 174 -23.46 41.66 -38.40
CA GLU D 174 -24.04 42.47 -39.47
C GLU D 174 -24.47 41.57 -40.63
N VAL D 175 -23.67 40.52 -40.91
CA VAL D 175 -23.90 39.51 -41.95
C VAL D 175 -25.11 38.65 -41.54
N ARG D 176 -25.21 38.35 -40.23
CA ARG D 176 -26.26 37.55 -39.59
C ARG D 176 -27.66 38.13 -39.79
N GLU D 177 -27.82 39.46 -39.62
CA GLU D 177 -29.09 40.15 -39.79
C GLU D 177 -29.50 40.15 -41.27
N GLN D 178 -28.52 40.25 -42.18
CA GLN D 178 -28.71 40.26 -43.64
C GLN D 178 -29.28 38.95 -44.16
N ILE D 179 -28.60 37.81 -43.90
CA ILE D 179 -29.02 36.47 -44.33
C ILE D 179 -30.40 36.12 -43.74
N ASN D 180 -30.60 36.35 -42.42
CA ASN D 180 -31.87 36.09 -41.73
C ASN D 180 -33.05 36.85 -42.34
N ALA D 181 -32.82 38.11 -42.80
CA ALA D 181 -33.85 38.94 -43.44
C ALA D 181 -34.20 38.39 -44.83
N LYS D 182 -33.19 37.88 -45.57
CA LYS D 182 -33.36 37.28 -46.90
C LYS D 182 -34.05 35.93 -46.81
N VAL D 183 -33.70 35.11 -45.79
CA VAL D 183 -34.27 33.79 -45.52
C VAL D 183 -35.74 33.93 -45.09
N ALA D 184 -36.09 35.07 -44.43
CA ALA D 184 -37.46 35.40 -44.02
C ALA D 184 -38.34 35.72 -45.24
N GLU D 185 -37.72 36.19 -46.34
CA GLU D 185 -38.39 36.53 -47.59
C GLU D 185 -38.65 35.30 -48.47
N TRP D 186 -37.67 34.38 -48.59
CA TRP D 186 -37.77 33.15 -49.38
C TRP D 186 -38.79 32.16 -48.80
N ARG D 187 -38.90 32.11 -47.45
CA ARG D 187 -39.83 31.24 -46.72
C ARG D 187 -41.28 31.67 -46.91
N GLU D 188 -41.51 32.99 -47.01
CA GLU D 188 -42.84 33.59 -47.22
C GLU D 188 -43.28 33.40 -48.67
N GLU D 189 -42.36 33.59 -49.63
CA GLU D 189 -42.60 33.45 -51.06
C GLU D 189 -42.82 31.99 -51.47
N GLY D 190 -41.89 31.11 -51.09
CA GLY D 190 -41.94 29.68 -51.38
C GLY D 190 -40.78 29.16 -52.20
N LYS D 191 -39.82 30.05 -52.54
CA LYS D 191 -38.62 29.74 -53.34
C LYS D 191 -37.67 28.76 -52.67
N ALA D 192 -37.53 28.85 -51.33
CA ALA D 192 -36.65 27.99 -50.55
C ALA D 192 -37.38 27.30 -49.39
N GLU D 193 -36.95 26.06 -49.05
CA GLU D 193 -37.55 25.26 -47.97
C GLU D 193 -36.56 25.06 -46.81
N ILE D 194 -36.83 25.70 -45.64
CA ILE D 194 -35.96 25.62 -44.46
C ILE D 194 -36.29 24.36 -43.63
N ILE D 195 -35.44 23.32 -43.75
CA ILE D 195 -35.64 22.06 -43.03
C ILE D 195 -34.79 22.03 -41.75
N PRO D 196 -35.40 22.14 -40.55
CA PRO D 196 -34.62 22.11 -39.30
C PRO D 196 -34.07 20.70 -39.04
N GLY D 197 -32.75 20.60 -39.01
CA GLY D 197 -32.05 19.33 -38.84
C GLY D 197 -31.83 18.87 -37.41
N VAL D 198 -30.72 18.17 -37.20
CA VAL D 198 -30.34 17.55 -35.93
C VAL D 198 -29.03 18.13 -35.38
N LEU D 199 -29.04 18.58 -34.12
CA LEU D 199 -27.85 19.11 -33.44
C LEU D 199 -27.48 18.18 -32.29
N PHE D 200 -26.37 17.46 -32.48
CA PHE D 200 -25.84 16.55 -31.47
C PHE D 200 -24.70 17.22 -30.73
N ILE D 201 -24.76 17.22 -29.38
CA ILE D 201 -23.75 17.83 -28.53
C ILE D 201 -23.21 16.79 -27.54
N ASP D 202 -22.07 16.19 -27.87
CA ASP D 202 -21.41 15.20 -27.02
C ASP D 202 -20.65 15.95 -25.92
N GLU D 203 -20.23 15.24 -24.83
CA GLU D 203 -19.49 15.81 -23.70
C GLU D 203 -20.17 17.11 -23.18
N VAL D 204 -21.52 17.13 -23.14
CA VAL D 204 -22.31 18.30 -22.73
C VAL D 204 -22.06 18.72 -21.26
N HIS D 205 -21.34 17.87 -20.48
CA HIS D 205 -20.95 18.17 -19.11
C HIS D 205 -19.92 19.32 -19.09
N MET D 206 -19.22 19.54 -20.22
CA MET D 206 -18.23 20.59 -20.44
C MET D 206 -18.91 21.96 -20.46
N LEU D 207 -20.08 22.06 -21.13
CA LEU D 207 -20.88 23.28 -21.29
C LEU D 207 -21.17 23.99 -19.96
N ASP D 208 -20.94 25.31 -19.94
CA ASP D 208 -21.13 26.16 -18.77
C ASP D 208 -22.56 26.71 -18.62
N ILE D 209 -22.82 27.50 -17.57
CA ILE D 209 -24.11 28.13 -17.27
C ILE D 209 -24.63 29.01 -18.41
N GLU D 210 -23.76 29.90 -18.96
CA GLU D 210 -24.08 30.81 -20.07
C GLU D 210 -24.40 30.00 -21.32
N SER D 211 -23.60 28.92 -21.57
CA SER D 211 -23.72 27.98 -22.70
C SER D 211 -25.09 27.33 -22.73
N PHE D 212 -25.58 26.88 -21.56
CA PHE D 212 -26.90 26.27 -21.41
C PHE D 212 -28.00 27.33 -21.51
N SER D 213 -27.70 28.56 -21.07
CA SER D 213 -28.63 29.69 -21.14
C SER D 213 -28.81 30.16 -22.59
N PHE D 214 -27.80 29.89 -23.45
CA PHE D 214 -27.83 30.21 -24.88
C PHE D 214 -28.80 29.24 -25.56
N LEU D 215 -28.62 27.92 -25.32
CA LEU D 215 -29.45 26.83 -25.87
C LEU D 215 -30.94 27.05 -25.60
N ASN D 216 -31.28 27.70 -24.47
CA ASN D 216 -32.66 28.03 -24.11
C ASN D 216 -33.25 29.04 -25.09
N ARG D 217 -32.52 30.14 -25.37
CA ARG D 217 -32.93 31.17 -26.33
C ARG D 217 -32.94 30.67 -27.77
N ALA D 218 -32.02 29.75 -28.12
CA ALA D 218 -31.90 29.16 -29.44
C ALA D 218 -33.02 28.16 -29.75
N LEU D 219 -33.53 27.44 -28.73
CA LEU D 219 -34.63 26.48 -28.90
C LEU D 219 -36.01 27.16 -28.84
N GLU D 220 -36.05 28.47 -28.49
CA GLU D 220 -37.27 29.29 -28.45
C GLU D 220 -37.69 29.69 -29.88
N SER D 221 -36.89 29.26 -30.88
CA SER D 221 -37.09 29.49 -32.31
C SER D 221 -38.00 28.42 -32.92
N ASP D 222 -38.72 28.80 -34.00
CA ASP D 222 -39.62 27.91 -34.74
C ASP D 222 -38.82 27.21 -35.85
N MET D 223 -37.67 27.80 -36.23
CA MET D 223 -36.75 27.27 -37.25
C MET D 223 -35.65 26.43 -36.59
N ALA D 224 -35.64 26.39 -35.24
CA ALA D 224 -34.68 25.66 -34.40
C ALA D 224 -34.56 24.17 -34.73
N PRO D 225 -33.33 23.60 -34.70
CA PRO D 225 -33.17 22.17 -34.96
C PRO D 225 -33.44 21.35 -33.69
N VAL D 226 -33.39 20.01 -33.79
CA VAL D 226 -33.58 19.17 -32.60
C VAL D 226 -32.27 19.11 -31.81
N LEU D 227 -32.38 19.07 -30.47
CA LEU D 227 -31.19 19.00 -29.61
C LEU D 227 -31.09 17.62 -28.99
N ILE D 228 -29.95 16.96 -29.21
CA ILE D 228 -29.61 15.64 -28.70
C ILE D 228 -28.25 15.79 -28.02
N MET D 229 -28.16 15.46 -26.73
CA MET D 229 -26.94 15.59 -25.94
C MET D 229 -26.39 14.24 -25.48
N ALA D 230 -25.11 14.21 -25.04
CA ALA D 230 -24.47 12.99 -24.57
C ALA D 230 -23.45 13.24 -23.47
N THR D 231 -23.39 12.31 -22.48
CA THR D 231 -22.50 12.31 -21.32
C THR D 231 -22.45 10.94 -20.63
N ASN D 232 -21.28 10.61 -20.06
CA ASN D 232 -21.00 9.38 -19.31
C ASN D 232 -20.92 9.68 -17.79
N ARG D 233 -21.03 10.97 -17.41
CA ARG D 233 -20.98 11.43 -16.03
C ARG D 233 -22.37 11.50 -15.38
N GLY D 234 -22.45 11.05 -14.13
CA GLY D 234 -23.67 11.07 -13.33
C GLY D 234 -23.92 12.43 -12.72
N ILE D 235 -23.97 12.50 -11.38
CA ILE D 235 -24.19 13.77 -10.65
C ILE D 235 -22.90 14.61 -10.67
N THR D 236 -22.88 15.66 -11.50
CA THR D 236 -21.72 16.55 -11.68
C THR D 236 -22.12 18.02 -11.43
N ARG D 237 -21.15 18.88 -11.09
CA ARG D 237 -21.43 20.31 -10.87
C ARG D 237 -21.70 21.04 -12.18
N ILE D 238 -22.60 22.05 -12.13
CA ILE D 238 -22.93 22.88 -13.29
C ILE D 238 -21.77 23.86 -13.46
N ARG D 239 -21.01 23.75 -14.59
CA ARG D 239 -19.87 24.61 -14.88
C ARG D 239 -20.27 26.08 -14.83
N GLY D 240 -19.51 26.86 -14.08
CA GLY D 240 -19.76 28.28 -13.87
C GLY D 240 -20.56 28.56 -12.60
N THR D 241 -20.71 27.53 -11.75
CA THR D 241 -21.42 27.54 -10.46
C THR D 241 -20.94 26.44 -9.53
N SER D 242 -21.10 26.67 -8.21
CA SER D 242 -20.74 25.72 -7.15
C SER D 242 -21.82 24.64 -6.98
N TYR D 243 -22.99 24.83 -7.62
CA TYR D 243 -24.13 23.91 -7.55
C TYR D 243 -23.96 22.66 -8.41
N GLN D 244 -24.30 21.49 -7.83
CA GLN D 244 -24.24 20.18 -8.48
C GLN D 244 -25.62 19.79 -9.02
N SER D 245 -25.64 18.94 -10.08
CA SER D 245 -26.89 18.49 -10.71
C SER D 245 -26.69 17.23 -11.57
N PRO D 246 -27.76 16.44 -11.87
CA PRO D 246 -27.59 15.27 -12.73
C PRO D 246 -27.09 15.64 -14.13
N HIS D 247 -25.96 15.03 -14.54
CA HIS D 247 -25.26 15.15 -15.83
C HIS D 247 -24.62 16.55 -16.11
N GLY D 248 -24.49 17.37 -15.06
CA GLY D 248 -23.91 18.71 -15.14
C GLY D 248 -24.75 19.71 -15.93
N ILE D 249 -26.06 19.46 -16.02
CA ILE D 249 -27.05 20.25 -16.75
C ILE D 249 -27.95 21.02 -15.75
N PRO D 250 -28.28 22.33 -15.97
CA PRO D 250 -29.20 23.02 -15.03
C PRO D 250 -30.53 22.29 -14.89
N ILE D 251 -31.11 22.27 -13.67
CA ILE D 251 -32.34 21.52 -13.37
C ILE D 251 -33.53 21.93 -14.25
N ASP D 252 -33.67 23.22 -14.61
CA ASP D 252 -34.77 23.70 -15.45
C ASP D 252 -34.70 23.18 -16.89
N LEU D 253 -33.51 22.75 -17.36
CA LEU D 253 -33.35 22.15 -18.69
C LEU D 253 -33.58 20.63 -18.60
N LEU D 254 -33.10 19.98 -17.50
CA LEU D 254 -33.27 18.54 -17.23
C LEU D 254 -34.75 18.17 -17.23
N ASP D 255 -35.60 19.06 -16.69
CA ASP D 255 -37.05 18.92 -16.62
C ASP D 255 -37.67 18.84 -18.02
N ARG D 256 -36.97 19.36 -19.05
CA ARG D 256 -37.42 19.38 -20.44
C ARG D 256 -36.85 18.20 -21.27
N LEU D 257 -35.78 17.56 -20.79
CA LEU D 257 -35.11 16.46 -21.49
C LEU D 257 -35.86 15.13 -21.49
N LEU D 258 -35.81 14.42 -22.63
CA LEU D 258 -36.35 13.07 -22.83
C LEU D 258 -35.13 12.13 -22.82
N ILE D 259 -34.70 11.74 -21.61
CA ILE D 259 -33.51 10.95 -21.35
C ILE D 259 -33.66 9.50 -21.85
N VAL D 260 -32.58 8.99 -22.47
CA VAL D 260 -32.44 7.64 -23.04
C VAL D 260 -31.15 7.01 -22.48
N SER D 261 -31.24 5.79 -21.90
CA SER D 261 -30.09 5.10 -21.34
C SER D 261 -29.55 4.02 -22.29
N THR D 262 -28.20 3.97 -22.43
CA THR D 262 -27.53 2.99 -23.29
C THR D 262 -26.79 1.95 -22.47
N THR D 263 -27.11 0.66 -22.73
CA THR D 263 -26.49 -0.49 -22.07
C THR D 263 -25.18 -0.89 -22.77
N PRO D 264 -24.10 -1.25 -22.03
CA PRO D 264 -22.86 -1.68 -22.69
C PRO D 264 -23.07 -2.99 -23.45
N TYR D 265 -22.40 -3.10 -24.61
CA TYR D 265 -22.49 -4.26 -25.49
C TYR D 265 -21.89 -5.52 -24.88
N SER D 266 -22.47 -6.68 -25.24
CA SER D 266 -22.00 -8.00 -24.82
C SER D 266 -21.00 -8.48 -25.89
N GLU D 267 -20.51 -9.74 -25.79
CA GLU D 267 -19.57 -10.32 -26.75
C GLU D 267 -20.12 -10.27 -28.19
N LYS D 268 -21.28 -10.92 -28.42
CA LYS D 268 -21.97 -10.99 -29.72
C LYS D 268 -22.36 -9.62 -30.27
N ASP D 269 -22.74 -8.68 -29.37
CA ASP D 269 -23.10 -7.30 -29.72
C ASP D 269 -21.89 -6.51 -30.22
N THR D 270 -20.74 -6.64 -29.52
CA THR D 270 -19.45 -6.00 -29.84
C THR D 270 -18.88 -6.55 -31.16
N LYS D 271 -19.00 -7.87 -31.38
CA LYS D 271 -18.48 -8.60 -32.54
C LYS D 271 -19.00 -8.08 -33.87
N GLN D 272 -20.33 -7.85 -33.98
CA GLN D 272 -20.92 -7.33 -35.22
C GLN D 272 -20.50 -5.90 -35.51
N ILE D 273 -20.39 -5.05 -34.46
CA ILE D 273 -19.93 -3.66 -34.55
C ILE D 273 -18.52 -3.60 -35.15
N LEU D 274 -17.62 -4.49 -34.67
CA LEU D 274 -16.25 -4.58 -35.19
C LEU D 274 -16.27 -5.12 -36.61
N ARG D 275 -17.10 -6.15 -36.88
CA ARG D 275 -17.27 -6.76 -38.21
C ARG D 275 -17.65 -5.71 -39.26
N ILE D 276 -18.73 -4.93 -38.98
CA ILE D 276 -19.23 -3.88 -39.85
C ILE D 276 -18.13 -2.86 -40.20
N ARG D 277 -17.35 -2.40 -39.20
CA ARG D 277 -16.26 -1.45 -39.36
C ARG D 277 -15.10 -2.03 -40.18
N CYS D 278 -14.85 -3.35 -40.06
CA CYS D 278 -13.82 -4.04 -40.85
C CYS D 278 -14.31 -4.17 -42.30
N GLU D 279 -15.63 -4.39 -42.46
CA GLU D 279 -16.36 -4.49 -43.74
C GLU D 279 -16.48 -3.08 -44.37
N GLU D 280 -16.07 -2.04 -43.61
CA GLU D 280 -16.08 -0.62 -44.00
C GLU D 280 -14.69 -0.13 -44.36
N GLU D 281 -13.67 -0.52 -43.55
CA GLU D 281 -12.28 -0.10 -43.69
C GLU D 281 -11.48 -0.84 -44.79
N ASP D 282 -12.15 -1.75 -45.54
CA ASP D 282 -11.56 -2.58 -46.60
C ASP D 282 -10.43 -3.45 -46.05
N VAL D 283 -10.63 -3.96 -44.82
CA VAL D 283 -9.70 -4.81 -44.08
C VAL D 283 -10.38 -6.13 -43.72
N GLU D 284 -9.91 -7.21 -44.35
CA GLU D 284 -10.43 -8.57 -44.15
C GLU D 284 -9.60 -9.26 -43.08
N MET D 285 -10.26 -9.93 -42.12
CA MET D 285 -9.57 -10.62 -41.04
C MET D 285 -10.23 -11.94 -40.62
N SER D 286 -9.42 -12.85 -40.06
CA SER D 286 -9.84 -14.17 -39.59
C SER D 286 -10.87 -14.11 -38.47
N GLU D 287 -11.67 -15.18 -38.32
CA GLU D 287 -12.68 -15.33 -37.27
C GLU D 287 -12.03 -15.47 -35.90
N ASP D 288 -10.83 -16.10 -35.88
CA ASP D 288 -10.01 -16.28 -34.68
C ASP D 288 -9.44 -14.94 -34.20
N ALA D 289 -9.24 -13.97 -35.14
CA ALA D 289 -8.75 -12.62 -34.84
C ALA D 289 -9.89 -11.71 -34.37
N TYR D 290 -11.13 -11.97 -34.85
CA TYR D 290 -12.34 -11.23 -34.51
C TYR D 290 -12.69 -11.43 -33.03
N THR D 291 -12.47 -12.66 -32.52
CA THR D 291 -12.73 -13.04 -31.13
C THR D 291 -11.72 -12.34 -30.22
N VAL D 292 -10.44 -12.34 -30.63
CA VAL D 292 -9.30 -11.70 -29.93
C VAL D 292 -9.54 -10.19 -29.82
N LEU D 293 -10.00 -9.56 -30.93
CA LEU D 293 -10.28 -8.12 -31.02
C LEU D 293 -11.48 -7.69 -30.15
N THR D 294 -12.48 -8.58 -29.97
CA THR D 294 -13.65 -8.30 -29.12
C THR D 294 -13.26 -8.41 -27.65
N ARG D 295 -12.44 -9.44 -27.32
CA ARG D 295 -11.90 -9.71 -26.00
C ARG D 295 -11.14 -8.47 -25.52
N ILE D 296 -10.26 -7.91 -26.37
CA ILE D 296 -9.48 -6.70 -26.10
C ILE D 296 -10.41 -5.49 -25.96
N GLY D 297 -11.35 -5.35 -26.92
CA GLY D 297 -12.32 -4.28 -26.96
C GLY D 297 -13.35 -4.25 -25.83
N LEU D 298 -13.35 -5.29 -24.98
CA LEU D 298 -14.24 -5.38 -23.82
C LEU D 298 -13.46 -5.24 -22.50
N GLU D 299 -12.13 -5.45 -22.56
CA GLU D 299 -11.17 -5.28 -21.45
C GLU D 299 -10.72 -3.81 -21.42
N THR D 300 -10.73 -3.16 -22.60
CA THR D 300 -10.35 -1.77 -22.81
C THR D 300 -11.62 -0.96 -23.17
N SER D 301 -11.85 -0.67 -24.47
CA SER D 301 -13.02 0.03 -25.02
C SER D 301 -13.21 -0.31 -26.51
N LEU D 302 -14.40 -0.04 -27.04
CA LEU D 302 -14.76 -0.28 -28.45
C LEU D 302 -13.94 0.62 -29.38
N ARG D 303 -13.71 1.88 -28.98
CA ARG D 303 -12.93 2.88 -29.72
C ARG D 303 -11.48 2.43 -29.94
N TYR D 304 -10.86 1.81 -28.93
CA TYR D 304 -9.48 1.31 -28.99
C TYR D 304 -9.38 0.09 -29.92
N ALA D 305 -10.43 -0.77 -29.93
CA ALA D 305 -10.49 -1.96 -30.80
C ALA D 305 -10.49 -1.54 -32.27
N ILE D 306 -11.26 -0.48 -32.61
CA ILE D 306 -11.38 0.12 -33.95
C ILE D 306 -10.03 0.74 -34.40
N GLN D 307 -9.21 1.23 -33.45
CA GLN D 307 -7.90 1.80 -33.74
C GLN D 307 -6.91 0.71 -34.20
N LEU D 308 -7.05 -0.51 -33.63
CA LEU D 308 -6.20 -1.65 -33.94
C LEU D 308 -6.49 -2.26 -35.33
N ILE D 309 -7.68 -1.98 -35.95
CA ILE D 309 -8.03 -2.48 -37.28
C ILE D 309 -7.05 -1.91 -38.33
N THR D 310 -6.89 -0.58 -38.35
CA THR D 310 -6.01 0.16 -39.28
C THR D 310 -4.54 -0.24 -39.10
N ALA D 311 -4.10 -0.45 -37.86
CA ALA D 311 -2.73 -0.82 -37.54
C ALA D 311 -2.44 -2.30 -37.86
N ALA D 312 -3.38 -3.22 -37.53
CA ALA D 312 -3.23 -4.66 -37.80
C ALA D 312 -3.21 -4.97 -39.31
N SER D 313 -4.00 -4.21 -40.10
CA SER D 313 -4.08 -4.33 -41.56
C SER D 313 -2.74 -3.97 -42.22
N LEU D 314 -1.98 -3.05 -41.59
CA LEU D 314 -0.68 -2.59 -42.06
C LEU D 314 0.39 -3.66 -41.82
N VAL D 315 0.46 -4.24 -40.59
CA VAL D 315 1.40 -5.28 -40.19
C VAL D 315 1.19 -6.53 -41.07
N CYS D 316 -0.09 -6.81 -41.41
CA CYS D 316 -0.53 -7.90 -42.28
C CYS D 316 0.13 -7.79 -43.66
N ARG D 317 -0.06 -6.64 -44.35
CA ARG D 317 0.49 -6.36 -45.68
C ARG D 317 2.03 -6.40 -45.69
N LYS D 318 2.66 -5.88 -44.61
CA LYS D 318 4.12 -5.88 -44.44
C LYS D 318 4.68 -7.28 -44.14
N ARG D 319 3.79 -8.24 -43.78
CA ARG D 319 4.12 -9.64 -43.50
C ARG D 319 3.75 -10.53 -44.69
N LYS D 320 3.19 -9.92 -45.77
CA LYS D 320 2.73 -10.56 -47.01
C LYS D 320 1.65 -11.63 -46.75
N GLY D 321 0.59 -11.22 -46.07
CA GLY D 321 -0.54 -12.07 -45.73
C GLY D 321 -1.81 -11.72 -46.49
N THR D 322 -2.76 -12.66 -46.53
CA THR D 322 -4.05 -12.47 -47.20
C THR D 322 -5.01 -11.72 -46.27
N GLU D 323 -5.39 -12.35 -45.15
CA GLU D 323 -6.27 -11.78 -44.14
C GLU D 323 -5.46 -11.42 -42.90
N VAL D 324 -6.08 -10.69 -41.97
CA VAL D 324 -5.44 -10.28 -40.72
C VAL D 324 -5.65 -11.40 -39.69
N GLN D 325 -4.56 -12.08 -39.30
CA GLN D 325 -4.58 -13.19 -38.34
C GLN D 325 -4.52 -12.69 -36.88
N VAL D 326 -4.43 -13.61 -35.90
CA VAL D 326 -4.32 -13.29 -34.46
C VAL D 326 -2.98 -12.58 -34.21
N ASP D 327 -1.91 -13.07 -34.87
CA ASP D 327 -0.53 -12.56 -34.80
C ASP D 327 -0.46 -11.05 -35.03
N ASP D 328 -1.19 -10.56 -36.05
CA ASP D 328 -1.25 -9.13 -36.41
C ASP D 328 -2.05 -8.29 -35.39
N ILE D 329 -2.90 -8.94 -34.55
CA ILE D 329 -3.74 -8.27 -33.54
C ILE D 329 -3.01 -8.11 -32.20
N LYS D 330 -2.47 -9.22 -31.64
CA LYS D 330 -1.77 -9.23 -30.35
C LYS D 330 -0.47 -8.43 -30.36
N ARG D 331 0.25 -8.41 -31.50
CA ARG D 331 1.47 -7.63 -31.68
C ARG D 331 1.09 -6.16 -31.73
N VAL D 332 -0.02 -5.84 -32.41
CA VAL D 332 -0.52 -4.49 -32.53
C VAL D 332 -1.20 -4.02 -31.20
N TYR D 333 -1.50 -4.96 -30.28
CA TYR D 333 -2.05 -4.67 -28.95
C TYR D 333 -0.91 -4.16 -28.06
N SER D 334 0.28 -4.79 -28.15
CA SER D 334 1.48 -4.45 -27.38
C SER D 334 2.11 -3.15 -27.86
N LEU D 335 2.17 -2.96 -29.20
CA LEU D 335 2.72 -1.79 -29.88
C LEU D 335 2.02 -0.49 -29.42
N PHE D 336 0.71 -0.35 -29.70
CA PHE D 336 -0.09 0.81 -29.30
C PHE D 336 -0.95 0.46 -28.09
N LEU D 337 -0.88 1.27 -27.02
CA LEU D 337 -1.69 1.03 -25.80
C LEU D 337 -3.00 1.82 -25.81
N ASP D 338 -3.89 1.47 -24.87
CA ASP D 338 -5.16 2.14 -24.63
C ASP D 338 -4.91 3.17 -23.52
N GLU D 339 -5.87 4.09 -23.26
CA GLU D 339 -5.71 5.11 -22.23
C GLU D 339 -5.62 4.52 -20.80
N SER D 340 -6.41 3.45 -20.54
CA SER D 340 -6.49 2.75 -19.24
C SER D 340 -5.16 2.11 -18.84
N ARG D 341 -4.42 1.56 -19.83
CA ARG D 341 -3.12 0.91 -19.64
C ARG D 341 -2.01 1.95 -19.55
N SER D 342 -2.15 3.05 -20.32
CA SER D 342 -1.21 4.17 -20.40
C SER D 342 -1.01 4.86 -19.04
N THR D 343 -2.13 5.22 -18.38
CA THR D 343 -2.15 5.88 -17.06
C THR D 343 -1.61 5.00 -15.94
N GLN D 344 -1.82 3.67 -16.04
CA GLN D 344 -1.37 2.68 -15.07
C GLN D 344 0.15 2.69 -14.88
N TYR D 345 0.93 2.76 -15.99
CA TYR D 345 2.40 2.79 -15.96
C TYR D 345 2.95 4.12 -15.46
N MET D 346 2.26 5.23 -15.80
CA MET D 346 2.66 6.57 -15.41
C MET D 346 2.46 6.79 -13.93
N LYS D 347 1.38 6.20 -13.36
CA LYS D 347 1.07 6.24 -11.93
C LYS D 347 2.16 5.48 -11.17
N GLU D 348 2.57 4.30 -11.70
CA GLU D 348 3.63 3.44 -11.15
C GLU D 348 4.96 4.20 -11.07
N TYR D 349 5.31 4.95 -12.14
CA TYR D 349 6.54 5.73 -12.21
C TYR D 349 6.49 7.02 -11.37
N GLN D 350 5.47 7.88 -11.57
CA GLN D 350 5.31 9.16 -10.86
C GLN D 350 5.08 9.03 -9.34
N ASP D 351 4.53 7.89 -8.88
CA ASP D 351 4.30 7.62 -7.45
C ASP D 351 5.62 7.42 -6.70
N ALA D 352 6.59 6.74 -7.35
CA ALA D 352 7.91 6.45 -6.80
C ALA D 352 8.94 7.55 -7.10
N PHE D 353 8.63 8.45 -8.07
CA PHE D 353 9.50 9.56 -8.48
C PHE D 353 8.96 10.90 -7.97
N GLY E 26 28.51 48.62 -0.40
CA GLY E 26 28.07 47.37 -0.99
C GLY E 26 28.05 46.22 0.00
N ALA E 27 27.00 45.38 -0.08
CA ALA E 27 26.82 44.21 0.78
C ALA E 27 27.81 43.09 0.42
N HIS E 28 28.32 43.09 -0.83
CA HIS E 28 29.28 42.12 -1.37
C HIS E 28 30.60 42.79 -1.81
N SER E 29 30.79 44.07 -1.43
CA SER E 29 31.97 44.91 -1.73
C SER E 29 33.33 44.22 -1.52
N HIS E 30 33.40 43.31 -0.55
CA HIS E 30 34.58 42.54 -0.17
C HIS E 30 34.96 41.44 -1.19
N ILE E 31 34.05 41.10 -2.12
CA ILE E 31 34.28 40.06 -3.13
C ILE E 31 34.95 40.63 -4.39
N ARG E 32 36.01 39.94 -4.87
CA ARG E 32 36.82 40.26 -6.05
C ARG E 32 36.94 39.08 -7.04
N GLY E 33 36.55 37.90 -6.58
CA GLY E 33 36.58 36.67 -7.36
C GLY E 33 36.18 35.45 -6.54
N LEU E 34 36.43 34.25 -7.09
CA LEU E 34 36.11 32.97 -6.45
C LEU E 34 37.22 32.46 -5.53
N GLY E 35 38.44 32.97 -5.72
CA GLY E 35 39.62 32.58 -4.96
C GLY E 35 40.14 31.20 -5.33
N LEU E 36 40.21 30.94 -6.65
CA LEU E 36 40.66 29.67 -7.20
C LEU E 36 41.97 29.77 -7.96
N ASP E 37 42.78 28.69 -7.88
CA ASP E 37 44.04 28.55 -8.60
C ASP E 37 43.73 27.94 -9.98
N ASP E 38 44.75 27.86 -10.88
CA ASP E 38 44.58 27.28 -12.22
C ASP E 38 44.24 25.77 -12.19
N ALA E 39 44.49 25.11 -11.05
CA ALA E 39 44.18 23.70 -10.81
C ALA E 39 42.73 23.53 -10.30
N LEU E 40 41.99 24.66 -10.21
CA LEU E 40 40.59 24.83 -9.79
C LEU E 40 40.28 24.34 -8.36
N GLU E 41 41.29 24.35 -7.49
CA GLU E 41 41.14 23.98 -6.08
C GLU E 41 40.86 25.26 -5.27
N PRO E 42 39.94 25.24 -4.27
CA PRO E 42 39.68 26.48 -3.51
C PRO E 42 40.72 26.75 -2.43
N ARG E 43 41.19 28.01 -2.35
CA ARG E 43 42.20 28.45 -1.39
C ARG E 43 41.71 28.39 0.06
N GLN E 44 40.38 28.56 0.28
CA GLN E 44 39.67 28.55 1.57
C GLN E 44 39.91 29.81 2.40
N SER E 46 40.67 33.55 0.02
CA SER E 46 41.20 34.31 -1.10
C SER E 46 40.12 35.06 -1.87
N GLN E 47 40.51 36.21 -2.49
CA GLN E 47 39.68 37.11 -3.32
C GLN E 47 38.39 37.63 -2.62
N GLY E 48 38.27 37.38 -1.32
CA GLY E 48 37.13 37.79 -0.50
C GLY E 48 36.27 36.65 0.00
N MET E 49 36.48 35.44 -0.56
CA MET E 49 35.74 34.21 -0.24
C MET E 49 36.30 33.51 0.99
N VAL E 50 35.41 32.90 1.81
CA VAL E 50 35.72 32.12 3.02
C VAL E 50 34.77 30.92 3.10
N GLY E 51 35.34 29.72 3.19
CA GLY E 51 34.60 28.47 3.27
C GLY E 51 33.87 28.14 1.97
N GLN E 52 32.69 27.48 2.10
CA GLN E 52 31.82 27.05 1.00
C GLN E 52 32.65 26.48 -0.16
N LEU E 53 33.54 25.54 0.20
CA LEU E 53 34.53 24.86 -0.63
C LEU E 53 33.92 24.11 -1.80
N ALA E 54 32.74 23.50 -1.56
CA ALA E 54 31.99 22.72 -2.55
C ALA E 54 31.47 23.57 -3.70
N ALA E 55 30.71 24.64 -3.37
CA ALA E 55 30.11 25.56 -4.34
C ALA E 55 31.11 26.43 -5.09
N ARG E 56 32.24 26.78 -4.43
CA ARG E 56 33.30 27.61 -5.02
C ARG E 56 34.03 26.88 -6.13
N ARG E 57 34.27 25.55 -5.96
CA ARG E 57 34.94 24.71 -6.96
C ARG E 57 34.03 24.51 -8.17
N ALA E 58 32.76 24.10 -7.93
CA ALA E 58 31.75 23.86 -8.96
C ALA E 58 31.50 25.10 -9.83
N ALA E 59 31.60 26.31 -9.22
CA ALA E 59 31.43 27.61 -9.88
C ALA E 59 32.55 27.89 -10.89
N GLY E 60 33.75 27.41 -10.58
CA GLY E 60 34.92 27.54 -11.43
C GLY E 60 34.79 26.67 -12.67
N VAL E 61 34.22 25.46 -12.48
CA VAL E 61 33.95 24.50 -13.55
C VAL E 61 32.94 25.16 -14.49
N VAL E 62 31.87 25.77 -13.92
CA VAL E 62 30.84 26.51 -14.66
C VAL E 62 31.48 27.67 -15.44
N LEU E 63 32.46 28.34 -14.82
CA LEU E 63 33.20 29.44 -15.44
C LEU E 63 33.95 28.96 -16.68
N GLU E 64 34.57 27.75 -16.60
CA GLU E 64 35.29 27.12 -17.71
C GLU E 64 34.39 26.89 -18.92
N MET E 65 33.14 26.43 -18.69
CA MET E 65 32.13 26.19 -19.74
C MET E 65 31.75 27.46 -20.49
N ILE E 66 31.67 28.61 -19.78
CA ILE E 66 31.34 29.93 -20.37
C ILE E 66 32.49 30.38 -21.28
N ARG E 67 33.73 30.30 -20.76
CA ARG E 67 34.99 30.66 -21.45
C ARG E 67 35.26 29.74 -22.65
N GLU E 68 34.74 28.50 -22.61
CA GLU E 68 34.89 27.50 -23.67
C GLU E 68 33.69 27.50 -24.64
N GLY E 69 32.72 28.38 -24.39
CA GLY E 69 31.51 28.55 -25.19
C GLY E 69 30.58 27.34 -25.21
N LYS E 70 30.71 26.46 -24.20
CA LYS E 70 29.91 25.25 -24.03
C LYS E 70 28.87 25.49 -22.92
N ILE E 71 28.15 26.64 -22.99
CA ILE E 71 27.15 27.04 -22.00
C ILE E 71 25.77 27.41 -22.62
N ALA E 72 25.67 27.38 -23.98
CA ALA E 72 24.41 27.69 -24.67
C ALA E 72 23.38 26.58 -24.45
N GLY E 73 22.13 26.97 -24.22
CA GLY E 73 21.04 26.04 -23.94
C GLY E 73 20.98 25.70 -22.46
N ARG E 74 22.16 25.68 -21.80
CA ARG E 74 22.35 25.39 -20.39
C ARG E 74 22.09 26.65 -19.53
N ALA E 75 22.02 26.46 -18.20
CA ALA E 75 21.81 27.50 -17.19
C ALA E 75 22.36 27.03 -15.82
N VAL E 76 22.41 27.93 -14.82
CA VAL E 76 22.96 27.64 -13.47
C VAL E 76 21.90 27.84 -12.40
N LEU E 77 21.93 27.02 -11.34
CA LEU E 77 21.02 27.09 -10.21
C LEU E 77 21.71 26.78 -8.88
N ILE E 78 21.87 27.80 -8.02
CA ILE E 78 22.48 27.63 -6.71
C ILE E 78 21.39 27.39 -5.66
N ALA E 79 21.23 26.12 -5.25
CA ALA E 79 20.24 25.70 -4.25
C ALA E 79 20.89 25.68 -2.88
N GLY E 80 20.38 26.51 -2.00
CA GLY E 80 20.92 26.60 -0.64
C GLY E 80 20.07 27.43 0.30
N GLN E 81 20.31 27.23 1.60
CA GLN E 81 19.63 27.94 2.69
C GLN E 81 19.97 29.44 2.65
N PRO E 82 19.06 30.37 3.03
CA PRO E 82 19.39 31.81 2.94
C PRO E 82 20.67 32.19 3.70
N GLY E 83 21.48 33.04 3.06
CA GLY E 83 22.75 33.54 3.58
C GLY E 83 23.85 32.51 3.68
N THR E 84 24.01 31.65 2.66
CA THR E 84 25.08 30.63 2.71
C THR E 84 26.09 30.76 1.53
N GLY E 85 26.15 31.94 0.91
CA GLY E 85 27.10 32.24 -0.15
C GLY E 85 26.59 32.52 -1.54
N LYS E 86 25.45 31.90 -1.91
CA LYS E 86 24.78 31.95 -3.24
C LYS E 86 24.89 33.28 -4.01
N THR E 87 24.60 34.44 -3.37
CA THR E 87 24.68 35.74 -4.03
C THR E 87 26.14 36.08 -4.33
N ALA E 88 27.03 35.88 -3.32
CA ALA E 88 28.46 36.14 -3.42
C ALA E 88 29.21 35.19 -4.38
N ILE E 89 28.80 33.91 -4.48
CA ILE E 89 29.42 32.92 -5.38
C ILE E 89 29.18 33.33 -6.84
N ALA E 90 27.96 33.81 -7.13
CA ALA E 90 27.55 34.32 -8.44
C ALA E 90 28.25 35.65 -8.74
N MET E 91 28.53 36.45 -7.67
CA MET E 91 29.24 37.73 -7.74
C MET E 91 30.70 37.44 -8.11
N GLY E 92 31.31 36.50 -7.37
CA GLY E 92 32.67 36.03 -7.55
C GLY E 92 32.89 35.39 -8.90
N MET E 93 31.83 34.77 -9.46
CA MET E 93 31.82 34.16 -10.78
C MET E 93 31.93 35.25 -11.86
N ALA E 94 31.12 36.33 -11.74
CA ALA E 94 31.11 37.47 -12.65
C ALA E 94 32.44 38.23 -12.57
N GLN E 95 33.00 38.34 -11.34
CA GLN E 95 34.26 39.03 -11.05
C GLN E 95 35.49 38.27 -11.57
N ALA E 96 35.50 36.93 -11.45
CA ALA E 96 36.62 36.10 -11.93
C ALA E 96 36.62 35.95 -13.46
N LEU E 97 35.45 36.19 -14.11
CA LEU E 97 35.28 36.15 -15.57
C LEU E 97 35.96 37.39 -16.23
N GLY E 98 36.68 38.16 -15.42
CA GLY E 98 37.39 39.36 -15.82
C GLY E 98 36.73 40.65 -15.38
N PRO E 99 37.29 41.83 -15.73
CA PRO E 99 36.65 43.09 -15.34
C PRO E 99 35.65 43.60 -16.37
N ASP E 100 34.87 44.64 -16.02
CA ASP E 100 33.85 45.30 -16.86
C ASP E 100 32.73 44.36 -17.34
N THR E 101 32.67 43.11 -16.82
CA THR E 101 31.63 42.12 -17.17
C THR E 101 30.31 42.55 -16.53
N PRO E 102 29.25 42.80 -17.33
CA PRO E 102 27.98 43.29 -16.76
C PRO E 102 27.32 42.36 -15.75
N PHE E 103 26.64 42.95 -14.77
CA PHE E 103 25.96 42.21 -13.71
C PHE E 103 24.61 42.84 -13.34
N THR E 104 23.64 41.99 -12.95
CA THR E 104 22.29 42.39 -12.51
C THR E 104 21.80 41.36 -11.49
N ALA E 105 21.55 41.82 -10.25
CA ALA E 105 21.05 40.98 -9.16
C ALA E 105 19.63 41.40 -8.80
N ILE E 106 18.65 40.69 -9.36
CA ILE E 106 17.22 40.94 -9.15
C ILE E 106 16.56 39.79 -8.44
N ALA E 107 15.63 40.09 -7.53
CA ALA E 107 14.87 39.07 -6.81
C ALA E 107 13.64 38.74 -7.64
N GLY E 108 13.10 37.53 -7.44
CA GLY E 108 11.92 37.03 -8.15
C GLY E 108 10.72 37.94 -8.03
N SER E 109 10.53 38.53 -6.84
CA SER E 109 9.45 39.47 -6.52
C SER E 109 9.60 40.85 -7.18
N GLU E 110 10.85 41.25 -7.55
CA GLU E 110 11.14 42.53 -8.19
C GLU E 110 10.46 42.70 -9.55
N ILE E 111 10.26 41.60 -10.31
CA ILE E 111 9.63 41.62 -11.64
C ILE E 111 8.13 41.98 -11.59
N PHE E 112 7.49 41.78 -10.42
CA PHE E 112 6.07 42.09 -10.21
C PHE E 112 5.94 43.53 -9.72
N SER E 113 5.66 44.44 -10.68
CA SER E 113 5.59 45.88 -10.44
C SER E 113 4.26 46.51 -10.86
N LEU E 114 4.00 47.71 -10.30
CA LEU E 114 2.82 48.52 -10.63
C LEU E 114 3.17 49.41 -11.83
N GLU E 115 4.45 49.81 -11.95
CA GLU E 115 5.02 50.65 -13.01
C GLU E 115 5.36 49.86 -14.28
N MET E 116 5.86 48.62 -14.12
CA MET E 116 6.33 47.73 -15.19
C MET E 116 5.36 46.57 -15.52
N SER E 117 5.79 45.70 -16.45
CA SER E 117 5.16 44.48 -16.92
C SER E 117 6.18 43.36 -16.63
N LYS E 118 5.70 42.15 -16.28
CA LYS E 118 6.56 40.99 -15.95
C LYS E 118 7.68 40.75 -16.96
N THR E 119 7.36 40.81 -18.27
CA THR E 119 8.32 40.63 -19.37
C THR E 119 9.28 41.80 -19.43
N GLU E 120 8.75 43.04 -19.52
CA GLU E 120 9.50 44.30 -19.59
C GLU E 120 10.52 44.46 -18.45
N ALA E 121 10.17 44.00 -17.24
CA ALA E 121 11.07 44.05 -16.07
C ALA E 121 12.25 43.08 -16.27
N LEU E 122 11.99 41.89 -16.85
CA LEU E 122 13.00 40.88 -17.14
C LEU E 122 13.83 41.29 -18.36
N THR E 123 13.19 41.97 -19.34
CA THR E 123 13.80 42.50 -20.58
C THR E 123 14.95 43.38 -20.14
N GLN E 124 14.65 44.36 -19.26
CA GLN E 124 15.59 45.32 -18.69
C GLN E 124 16.69 44.65 -17.87
N ALA E 125 16.37 43.49 -17.23
CA ALA E 125 17.34 42.71 -16.45
C ALA E 125 18.28 41.98 -17.42
N PHE E 126 17.79 41.57 -18.59
CA PHE E 126 18.59 40.90 -19.62
C PHE E 126 19.47 41.93 -20.32
N ARG E 127 18.89 43.10 -20.65
CA ARG E 127 19.59 44.21 -21.32
C ARG E 127 20.63 44.90 -20.42
N ARG E 128 20.54 44.66 -19.10
CA ARG E 128 21.50 45.21 -18.14
C ARG E 128 22.75 44.34 -18.06
N SER E 129 22.58 43.00 -18.19
CA SER E 129 23.67 42.02 -18.14
C SER E 129 24.35 41.77 -19.49
N ILE E 130 24.09 42.63 -20.49
CA ILE E 130 24.73 42.57 -21.81
C ILE E 130 25.38 43.95 -22.03
N GLY E 131 26.71 43.94 -22.19
CA GLY E 131 27.49 45.16 -22.37
C GLY E 131 28.11 45.32 -23.75
N VAL E 132 28.42 46.59 -24.11
CA VAL E 132 29.02 46.99 -25.38
C VAL E 132 30.28 47.81 -25.09
N ARG E 133 31.44 47.42 -25.65
CA ARG E 133 32.71 48.15 -25.47
C ARG E 133 33.07 48.97 -26.72
N ILE E 134 33.46 50.25 -26.52
CA ILE E 134 33.83 51.27 -27.51
C ILE E 134 34.48 50.72 -28.77
N HIS E 143 34.61 53.15 -22.48
CA HIS E 143 34.19 52.22 -21.44
C HIS E 143 33.10 51.25 -21.94
N THR E 144 32.70 50.27 -21.08
CA THR E 144 31.67 49.30 -21.42
C THR E 144 30.29 49.83 -21.02
N VAL E 145 29.45 50.09 -22.04
CA VAL E 145 28.09 50.59 -21.91
C VAL E 145 27.08 49.45 -22.10
N SER E 146 26.29 49.13 -21.05
CA SER E 146 25.28 48.07 -21.10
C SER E 146 24.15 48.44 -22.05
N LEU E 147 23.46 47.42 -22.61
CA LEU E 147 22.34 47.64 -23.55
C LEU E 147 21.18 48.42 -22.93
N HIS E 148 20.98 48.30 -21.61
CA HIS E 148 19.93 49.00 -20.88
C HIS E 148 20.26 50.50 -20.75
N GLU E 149 21.56 50.85 -20.57
CA GLU E 149 22.06 52.22 -20.46
C GLU E 149 21.74 53.03 -21.72
N ILE E 150 21.87 52.38 -22.90
CA ILE E 150 21.57 52.96 -24.22
C ILE E 150 20.07 53.27 -24.31
N ASP E 151 19.22 52.36 -23.77
CA ASP E 151 17.77 52.48 -23.70
C ASP E 151 17.34 53.62 -22.77
N VAL E 152 18.13 53.89 -21.71
CA VAL E 152 17.90 54.94 -20.71
C VAL E 152 17.95 56.34 -21.36
N ILE E 153 18.85 56.54 -22.36
CA ILE E 153 19.01 57.79 -23.12
C ILE E 153 17.72 58.14 -23.89
N ASN E 154 17.03 57.12 -24.40
CA ASN E 154 15.79 57.31 -25.17
C ASN E 154 14.55 56.77 -24.42
N SER E 155 14.35 57.27 -23.19
CA SER E 155 13.24 56.91 -22.29
C SER E 155 12.98 58.01 -21.24
N ARG E 156 11.75 58.06 -20.69
CA ARG E 156 11.34 59.04 -19.67
C ARG E 156 11.89 58.68 -18.30
N ILE E 171 10.95 51.59 -21.00
CA ILE E 171 11.47 51.90 -22.32
C ILE E 171 10.49 51.41 -23.40
N LYS E 172 10.16 52.28 -24.38
CA LYS E 172 9.24 51.97 -25.48
C LYS E 172 9.80 50.87 -26.40
N SER E 173 8.91 50.03 -26.96
CA SER E 173 9.25 48.92 -27.85
C SER E 173 9.95 49.37 -29.14
N GLU E 174 9.57 50.55 -29.66
CA GLU E 174 10.11 51.17 -30.87
C GLU E 174 11.58 51.57 -30.67
N VAL E 175 11.95 51.92 -29.41
CA VAL E 175 13.29 52.34 -29.01
C VAL E 175 14.27 51.16 -29.12
N ARG E 176 13.89 49.99 -28.56
CA ARG E 176 14.70 48.76 -28.58
C ARG E 176 14.98 48.26 -30.00
N GLU E 177 13.97 48.34 -30.90
CA GLU E 177 14.04 47.92 -32.30
C GLU E 177 15.17 48.64 -33.07
N GLN E 178 15.30 49.96 -32.84
CA GLN E 178 16.32 50.81 -33.47
C GLN E 178 17.73 50.49 -32.96
N ILE E 179 17.89 50.33 -31.63
CA ILE E 179 19.16 50.04 -30.95
C ILE E 179 19.72 48.65 -31.33
N ASN E 180 18.87 47.60 -31.28
CA ASN E 180 19.26 46.22 -31.59
C ASN E 180 19.84 46.04 -32.99
N ALA E 181 19.25 46.70 -34.01
CA ALA E 181 19.72 46.66 -35.39
C ALA E 181 20.97 47.54 -35.59
N LYS E 182 21.17 48.52 -34.68
CA LYS E 182 22.32 49.43 -34.70
C LYS E 182 23.56 48.79 -34.06
N VAL E 183 23.37 47.84 -33.12
CA VAL E 183 24.48 47.13 -32.44
C VAL E 183 25.11 46.12 -33.40
N ALA E 184 24.29 45.39 -34.19
CA ALA E 184 24.73 44.44 -35.21
C ALA E 184 25.43 45.21 -36.36
N GLU E 185 25.05 46.49 -36.53
CA GLU E 185 25.62 47.44 -37.49
C GLU E 185 27.03 47.81 -37.00
N TRP E 186 27.19 47.98 -35.66
CA TRP E 186 28.49 48.26 -35.03
C TRP E 186 29.35 46.98 -34.94
N ARG E 187 28.72 45.80 -35.12
CA ARG E 187 29.39 44.49 -35.11
C ARG E 187 30.05 44.20 -36.45
N GLU E 188 29.44 44.67 -37.56
CA GLU E 188 29.93 44.52 -38.93
C GLU E 188 31.26 45.27 -39.11
N GLU E 189 31.32 46.53 -38.62
CA GLU E 189 32.49 47.38 -38.65
C GLU E 189 33.57 46.88 -37.68
N GLY E 190 33.14 46.17 -36.63
CA GLY E 190 34.01 45.63 -35.60
C GLY E 190 34.45 46.66 -34.58
N LYS E 191 33.94 47.91 -34.72
CA LYS E 191 34.23 49.04 -33.84
C LYS E 191 33.83 48.72 -32.39
N ALA E 192 32.64 48.12 -32.22
CA ALA E 192 32.09 47.70 -30.93
C ALA E 192 32.07 46.18 -30.75
N GLU E 193 32.19 45.70 -29.49
CA GLU E 193 32.18 44.28 -29.15
C GLU E 193 31.17 44.00 -28.03
N ILE E 194 30.32 42.96 -28.23
CA ILE E 194 29.28 42.56 -27.28
C ILE E 194 29.89 41.63 -26.20
N ILE E 195 29.93 42.11 -24.96
CA ILE E 195 30.47 41.33 -23.83
C ILE E 195 29.36 41.08 -22.77
N PRO E 196 28.53 40.01 -22.93
CA PRO E 196 27.50 39.75 -21.93
C PRO E 196 28.07 39.11 -20.66
N GLY E 197 27.45 39.45 -19.53
CA GLY E 197 27.86 38.99 -18.21
C GLY E 197 26.93 38.01 -17.53
N VAL E 198 26.59 38.29 -16.26
CA VAL E 198 25.77 37.44 -15.39
C VAL E 198 24.47 38.09 -14.92
N LEU E 199 23.33 37.36 -15.04
CA LEU E 199 22.03 37.79 -14.51
C LEU E 199 21.62 36.85 -13.37
N PHE E 200 21.80 37.33 -12.14
CA PHE E 200 21.48 36.58 -10.92
C PHE E 200 20.04 36.83 -10.45
N ILE E 201 19.16 35.82 -10.64
CA ILE E 201 17.76 35.90 -10.25
C ILE E 201 17.52 35.06 -8.99
N ASP E 202 17.64 35.73 -7.81
CA ASP E 202 17.40 35.16 -6.48
C ASP E 202 15.89 35.05 -6.29
N GLU E 203 15.42 34.17 -5.37
CA GLU E 203 13.98 33.95 -5.10
C GLU E 203 13.23 33.52 -6.39
N VAL E 204 13.89 32.69 -7.24
CA VAL E 204 13.38 32.20 -8.53
C VAL E 204 11.98 31.55 -8.40
N HIS E 205 11.66 30.98 -7.22
CA HIS E 205 10.37 30.36 -6.89
C HIS E 205 9.18 31.34 -7.01
N MET E 206 9.46 32.66 -7.10
CA MET E 206 8.45 33.72 -7.25
C MET E 206 7.99 33.84 -8.70
N LEU E 207 8.87 33.49 -9.66
CA LEU E 207 8.63 33.54 -11.11
C LEU E 207 7.51 32.60 -11.54
N ASP E 208 6.59 33.12 -12.37
CA ASP E 208 5.46 32.32 -12.86
C ASP E 208 5.81 31.68 -14.21
N ILE E 209 4.89 30.91 -14.85
CA ILE E 209 5.20 30.26 -16.12
C ILE E 209 5.33 31.26 -17.28
N GLU E 210 4.57 32.38 -17.28
CA GLU E 210 4.64 33.43 -18.30
C GLU E 210 6.05 34.00 -18.39
N SER E 211 6.72 34.09 -17.23
CA SER E 211 8.08 34.59 -17.07
C SER E 211 9.12 33.51 -17.32
N PHE E 212 8.81 32.23 -17.00
CA PHE E 212 9.74 31.12 -17.24
C PHE E 212 9.81 30.84 -18.74
N SER E 213 8.68 31.01 -19.47
CA SER E 213 8.58 30.86 -20.93
C SER E 213 9.37 31.96 -21.60
N PHE E 214 9.37 33.18 -20.99
CA PHE E 214 10.10 34.36 -21.45
C PHE E 214 11.59 34.10 -21.33
N LEU E 215 12.05 33.45 -20.22
CA LEU E 215 13.45 33.12 -19.98
C LEU E 215 13.98 32.24 -21.10
N ASN E 216 13.22 31.17 -21.46
CA ASN E 216 13.53 30.25 -22.56
C ASN E 216 13.83 31.03 -23.83
N ARG E 217 12.89 31.92 -24.22
CA ARG E 217 12.94 32.81 -25.38
C ARG E 217 14.16 33.75 -25.33
N ALA E 218 14.42 34.34 -24.14
CA ALA E 218 15.52 35.28 -23.91
C ALA E 218 16.91 34.61 -23.94
N LEU E 219 17.00 33.34 -23.51
CA LEU E 219 18.24 32.56 -23.49
C LEU E 219 18.59 31.97 -24.87
N GLU E 220 17.63 32.01 -25.82
CA GLU E 220 17.78 31.49 -27.19
C GLU E 220 18.64 32.41 -28.09
N SER E 221 18.86 33.66 -27.67
CA SER E 221 19.65 34.67 -28.38
C SER E 221 21.14 34.28 -28.46
N ASP E 222 21.78 34.61 -29.61
CA ASP E 222 23.21 34.35 -29.86
C ASP E 222 24.05 35.09 -28.81
N MET E 223 23.70 36.36 -28.54
CA MET E 223 24.30 37.21 -27.53
C MET E 223 23.35 37.15 -26.32
N ALA E 224 23.69 36.30 -25.32
CA ALA E 224 22.87 36.11 -24.12
C ALA E 224 23.72 36.05 -22.84
N PRO E 225 23.26 36.65 -21.72
CA PRO E 225 24.06 36.57 -20.48
C PRO E 225 23.90 35.22 -19.77
N VAL E 226 24.87 34.86 -18.91
CA VAL E 226 24.78 33.58 -18.19
C VAL E 226 23.79 33.76 -17.01
N LEU E 227 22.68 33.01 -17.08
CA LEU E 227 21.61 33.03 -16.11
C LEU E 227 21.95 32.22 -14.86
N ILE E 228 22.13 32.90 -13.73
CA ILE E 228 22.41 32.26 -12.43
C ILE E 228 21.19 32.48 -11.55
N MET E 229 20.60 31.38 -11.07
CA MET E 229 19.39 31.41 -10.25
C MET E 229 19.66 30.93 -8.84
N ALA E 230 18.87 31.42 -7.87
CA ALA E 230 18.98 31.01 -6.47
C ALA E 230 17.63 30.85 -5.82
N THR E 231 17.52 29.82 -4.98
CA THR E 231 16.31 29.45 -4.24
C THR E 231 16.68 28.77 -2.93
N ASN E 232 15.75 28.79 -1.98
CA ASN E 232 15.87 28.15 -0.67
C ASN E 232 14.83 27.04 -0.54
N ARG E 233 13.79 27.08 -1.40
CA ARG E 233 12.69 26.12 -1.42
C ARG E 233 12.96 24.86 -2.25
N GLY E 234 12.53 23.72 -1.72
CA GLY E 234 12.64 22.41 -2.36
C GLY E 234 11.48 22.20 -3.31
N ILE E 235 10.79 21.04 -3.24
CA ILE E 235 9.63 20.74 -4.11
C ILE E 235 8.49 21.74 -3.82
N THR E 236 8.27 22.65 -4.77
CA THR E 236 7.26 23.71 -4.70
C THR E 236 6.44 23.71 -5.99
N ARG E 237 5.19 24.20 -5.93
CA ARG E 237 4.36 24.31 -7.12
C ARG E 237 4.82 25.51 -7.95
N ILE E 238 4.83 25.37 -9.30
CA ILE E 238 5.22 26.44 -10.21
C ILE E 238 4.09 27.47 -10.17
N ARG E 239 4.42 28.75 -9.94
CA ARG E 239 3.44 29.84 -9.89
C ARG E 239 2.78 29.89 -11.26
N GLY E 240 1.45 29.91 -11.26
CA GLY E 240 0.65 29.88 -12.48
C GLY E 240 0.20 28.48 -12.84
N THR E 241 0.81 27.44 -12.21
CA THR E 241 0.49 26.03 -12.44
C THR E 241 -0.06 25.34 -11.20
N SER E 242 -0.71 24.18 -11.43
CA SER E 242 -1.29 23.31 -10.43
C SER E 242 -0.28 22.23 -10.04
N TYR E 243 0.73 22.00 -10.90
CA TYR E 243 1.75 20.96 -10.75
C TYR E 243 2.93 21.36 -9.87
N GLN E 244 3.48 20.37 -9.15
CA GLN E 244 4.63 20.49 -8.27
C GLN E 244 5.90 20.20 -9.06
N SER E 245 7.05 20.78 -8.62
CA SER E 245 8.34 20.61 -9.28
C SER E 245 9.50 21.03 -8.36
N PRO E 246 10.69 20.38 -8.43
CA PRO E 246 11.80 20.84 -7.58
C PRO E 246 12.15 22.32 -7.86
N HIS E 247 12.24 23.11 -6.76
CA HIS E 247 12.59 24.53 -6.68
C HIS E 247 11.55 25.51 -7.28
N GLY E 248 10.37 25.01 -7.66
CA GLY E 248 9.30 25.82 -8.24
C GLY E 248 9.60 26.30 -9.66
N ILE E 249 10.50 25.58 -10.34
CA ILE E 249 10.98 25.81 -11.71
C ILE E 249 10.40 24.70 -12.59
N PRO E 250 9.94 24.97 -13.84
CA PRO E 250 9.37 23.88 -14.67
C PRO E 250 10.35 22.76 -14.99
N ILE E 251 9.82 21.53 -15.17
CA ILE E 251 10.58 20.30 -15.46
C ILE E 251 11.56 20.48 -16.65
N ASP E 252 11.12 21.14 -17.75
CA ASP E 252 11.94 21.37 -18.94
C ASP E 252 13.24 22.15 -18.67
N LEU E 253 13.18 23.21 -17.83
CA LEU E 253 14.32 24.06 -17.48
C LEU E 253 15.36 23.36 -16.60
N LEU E 254 14.90 22.51 -15.65
CA LEU E 254 15.76 21.75 -14.73
C LEU E 254 16.67 20.75 -15.44
N ASP E 255 16.31 20.39 -16.69
CA ASP E 255 17.03 19.47 -17.56
C ASP E 255 18.12 20.19 -18.36
N ARG E 256 18.44 21.43 -17.97
CA ARG E 256 19.46 22.30 -18.58
C ARG E 256 20.35 22.90 -17.50
N LEU E 257 19.89 22.86 -16.24
CA LEU E 257 20.58 23.45 -15.10
C LEU E 257 21.78 22.67 -14.60
N LEU E 258 22.85 23.42 -14.23
CA LEU E 258 24.07 22.93 -13.61
C LEU E 258 23.85 23.25 -12.12
N ILE E 259 23.06 22.40 -11.43
CA ILE E 259 22.69 22.63 -10.03
C ILE E 259 23.89 22.46 -9.08
N VAL E 260 24.12 23.50 -8.27
CA VAL E 260 25.17 23.62 -7.25
C VAL E 260 24.45 23.80 -5.90
N SER E 261 25.00 23.25 -4.80
CA SER E 261 24.39 23.36 -3.47
C SER E 261 25.29 23.99 -2.41
N THR E 262 24.74 25.00 -1.70
CA THR E 262 25.43 25.71 -0.62
C THR E 262 24.98 25.19 0.74
N THR E 263 25.95 24.78 1.56
CA THR E 263 25.75 24.22 2.91
C THR E 263 25.96 25.28 4.02
N PRO E 264 25.45 25.09 5.27
CA PRO E 264 25.66 26.12 6.32
C PRO E 264 27.12 26.26 6.78
N TYR E 265 27.49 27.49 7.18
CA TYR E 265 28.84 27.81 7.68
C TYR E 265 29.03 27.42 9.13
N SER E 266 30.22 26.89 9.47
CA SER E 266 30.57 26.55 10.85
C SER E 266 31.03 27.82 11.57
N GLU E 267 31.15 27.77 12.92
CA GLU E 267 31.57 28.88 13.77
C GLU E 267 32.84 29.59 13.26
N LYS E 268 33.85 28.81 12.80
CA LYS E 268 35.10 29.31 12.25
C LYS E 268 34.87 30.05 10.93
N ASP E 269 33.95 29.53 10.07
CA ASP E 269 33.62 30.10 8.76
C ASP E 269 32.80 31.38 8.89
N THR E 270 31.91 31.45 9.89
CA THR E 270 31.05 32.60 10.18
C THR E 270 31.89 33.76 10.75
N LYS E 271 32.84 33.44 11.64
CA LYS E 271 33.75 34.41 12.28
C LYS E 271 34.63 35.17 11.30
N GLN E 272 35.02 34.52 10.19
CA GLN E 272 35.84 35.17 9.16
C GLN E 272 34.97 36.07 8.29
N ILE E 273 33.73 35.62 7.94
CA ILE E 273 32.76 36.39 7.15
C ILE E 273 32.35 37.64 7.94
N LEU E 274 32.13 37.48 9.26
CA LEU E 274 31.79 38.59 10.15
C LEU E 274 32.99 39.53 10.37
N ARG E 275 34.22 38.98 10.33
CA ARG E 275 35.48 39.75 10.45
C ARG E 275 35.64 40.62 9.21
N ILE E 276 35.43 40.03 8.02
CA ILE E 276 35.52 40.68 6.72
C ILE E 276 34.54 41.84 6.63
N ARG E 277 33.27 41.62 7.05
CA ARG E 277 32.24 42.65 7.03
C ARG E 277 32.46 43.73 8.07
N CYS E 278 33.05 43.37 9.25
CA CYS E 278 33.40 44.32 10.31
C CYS E 278 34.46 45.28 9.76
N GLU E 279 35.53 44.70 9.14
CA GLU E 279 36.63 45.44 8.50
C GLU E 279 36.13 46.29 7.33
N GLU E 280 35.09 45.80 6.62
CA GLU E 280 34.44 46.48 5.51
C GLU E 280 33.60 47.67 5.99
N GLU E 281 33.07 47.57 7.22
CA GLU E 281 32.23 48.61 7.83
C GLU E 281 33.01 49.60 8.70
N ASP E 282 34.36 49.44 8.80
CA ASP E 282 35.26 50.26 9.62
C ASP E 282 34.85 50.18 11.09
N VAL E 283 34.54 48.95 11.56
CA VAL E 283 34.07 48.66 12.91
C VAL E 283 35.06 47.73 13.64
N GLU E 284 35.96 48.32 14.45
CA GLU E 284 36.93 47.58 15.26
C GLU E 284 36.13 46.98 16.41
N MET E 285 36.20 45.66 16.59
CA MET E 285 35.43 44.93 17.58
C MET E 285 36.31 44.04 18.45
N SER E 286 35.86 43.77 19.69
CA SER E 286 36.58 42.89 20.61
C SER E 286 36.41 41.44 20.15
N GLU E 287 37.44 40.60 20.32
CA GLU E 287 37.40 39.18 19.92
C GLU E 287 36.39 38.39 20.74
N ASP E 288 36.05 38.91 21.93
CA ASP E 288 35.04 38.38 22.83
C ASP E 288 33.66 38.60 22.18
N ALA E 289 33.46 39.75 21.50
CA ALA E 289 32.23 40.10 20.80
C ALA E 289 32.08 39.37 19.47
N TYR E 290 33.20 39.12 18.75
CA TYR E 290 33.23 38.37 17.48
C TYR E 290 32.68 36.97 17.69
N THR E 291 32.90 36.40 18.90
CA THR E 291 32.41 35.10 19.34
C THR E 291 30.87 35.16 19.50
N VAL E 292 30.38 36.11 20.33
CA VAL E 292 28.95 36.32 20.64
C VAL E 292 28.13 36.58 19.36
N LEU E 293 28.61 37.48 18.49
CA LEU E 293 27.96 37.82 17.22
C LEU E 293 27.86 36.60 16.28
N THR E 294 28.94 35.78 16.22
CA THR E 294 28.95 34.56 15.39
C THR E 294 28.03 33.50 15.95
N ARG E 295 27.82 33.51 17.28
CA ARG E 295 26.92 32.60 17.97
C ARG E 295 25.49 33.01 17.62
N ILE E 296 25.24 34.33 17.49
CA ILE E 296 23.95 34.89 17.08
C ILE E 296 23.73 34.56 15.59
N GLY E 297 24.80 34.62 14.79
CA GLY E 297 24.78 34.27 13.37
C GLY E 297 24.40 32.83 13.12
N LEU E 298 24.85 31.92 14.01
CA LEU E 298 24.55 30.48 13.92
C LEU E 298 23.14 30.18 14.46
N GLU E 299 22.82 30.69 15.68
CA GLU E 299 21.53 30.48 16.34
C GLU E 299 20.35 31.21 15.66
N THR E 300 20.61 32.40 15.08
CA THR E 300 19.59 33.20 14.38
C THR E 300 19.88 33.27 12.87
N SER E 301 20.53 34.36 12.40
CA SER E 301 20.81 34.57 10.98
C SER E 301 22.10 35.36 10.74
N LEU E 302 22.80 35.04 9.64
CA LEU E 302 24.03 35.73 9.22
C LEU E 302 23.65 37.15 8.77
N ARG E 303 22.57 37.23 7.99
CA ARG E 303 21.93 38.45 7.48
C ARG E 303 21.59 39.39 8.66
N TYR E 304 21.22 38.80 9.83
CA TYR E 304 20.91 39.49 11.08
C TYR E 304 22.17 39.87 11.85
N ALA E 305 23.19 38.97 11.92
CA ALA E 305 24.46 39.22 12.62
C ALA E 305 25.21 40.40 11.97
N ILE E 306 25.13 40.50 10.62
CA ILE E 306 25.71 41.59 9.83
C ILE E 306 24.90 42.85 10.07
N GLN E 307 23.55 42.69 10.17
CA GLN E 307 22.59 43.78 10.43
C GLN E 307 22.87 44.47 11.78
N LEU E 308 23.41 43.70 12.76
CA LEU E 308 23.74 44.21 14.08
C LEU E 308 25.07 44.95 14.14
N ILE E 309 26.04 44.67 13.22
CA ILE E 309 27.36 45.34 13.21
C ILE E 309 27.23 46.85 13.13
N THR E 310 26.51 47.36 12.11
CA THR E 310 26.26 48.78 11.83
C THR E 310 25.70 49.50 13.06
N ALA E 311 24.67 48.89 13.70
CA ALA E 311 24.01 49.44 14.89
C ALA E 311 24.84 49.29 16.18
N ALA E 312 25.74 48.27 16.25
CA ALA E 312 26.59 48.04 17.42
C ALA E 312 27.69 49.09 17.55
N SER E 313 28.23 49.56 16.41
CA SER E 313 29.26 50.62 16.38
C SER E 313 28.71 51.91 16.97
N LEU E 314 27.43 52.23 16.65
CA LEU E 314 26.73 53.42 17.15
C LEU E 314 26.47 53.38 18.65
N VAL E 315 26.12 52.20 19.20
CA VAL E 315 25.89 51.98 20.64
C VAL E 315 27.21 52.26 21.37
N CYS E 316 28.32 51.69 20.84
CA CYS E 316 29.69 51.84 21.33
C CYS E 316 30.11 53.31 21.30
N ARG E 317 29.92 53.95 20.13
CA ARG E 317 30.25 55.35 19.83
C ARG E 317 29.57 56.35 20.79
N LYS E 318 28.24 56.18 21.03
CA LYS E 318 27.43 57.04 21.90
C LYS E 318 27.86 57.03 23.37
N ARG E 319 28.45 55.89 23.83
CA ARG E 319 28.95 55.73 25.19
C ARG E 319 30.46 56.04 25.27
N LYS E 320 31.00 56.74 24.24
CA LYS E 320 32.40 57.16 24.07
C LYS E 320 33.40 55.99 24.23
N GLY E 321 32.98 54.79 23.82
CA GLY E 321 33.78 53.57 23.90
C GLY E 321 34.81 53.46 22.80
N THR E 322 35.85 52.63 23.04
CA THR E 322 36.94 52.40 22.09
C THR E 322 36.47 51.47 20.95
N GLU E 323 36.53 50.15 21.18
CA GLU E 323 36.08 49.13 20.23
C GLU E 323 34.78 48.51 20.75
N VAL E 324 34.00 47.90 19.83
CA VAL E 324 32.70 47.28 20.12
C VAL E 324 32.86 46.11 21.12
N GLN E 325 32.11 46.16 22.24
CA GLN E 325 32.16 45.15 23.31
C GLN E 325 30.93 44.26 23.33
N VAL E 326 31.00 43.15 24.10
CA VAL E 326 29.93 42.15 24.29
C VAL E 326 28.63 42.81 24.76
N ASP E 327 28.72 43.78 25.68
CA ASP E 327 27.55 44.48 26.19
C ASP E 327 26.93 45.45 25.17
N ASP E 328 27.66 45.79 24.08
CA ASP E 328 27.09 46.59 22.99
C ASP E 328 26.24 45.62 22.14
N ILE E 329 26.74 44.36 21.98
CA ILE E 329 26.11 43.25 21.26
C ILE E 329 24.84 42.77 21.98
N LYS E 330 24.97 42.36 23.27
CA LYS E 330 23.85 41.89 24.13
C LYS E 330 22.67 42.87 24.09
N ARG E 331 22.98 44.17 24.02
CA ARG E 331 22.02 45.29 23.95
C ARG E 331 21.38 45.39 22.57
N VAL E 332 22.19 45.48 21.50
CA VAL E 332 21.70 45.61 20.12
C VAL E 332 20.83 44.40 19.71
N TYR E 333 21.12 43.21 20.30
CA TYR E 333 20.37 41.97 20.12
C TYR E 333 19.02 42.10 20.83
N SER E 334 18.98 42.74 22.02
CA SER E 334 17.75 42.96 22.77
C SER E 334 16.90 44.09 22.18
N LEU E 335 17.53 44.99 21.41
CA LEU E 335 16.88 46.13 20.76
C LEU E 335 16.22 45.77 19.42
N PHE E 336 16.98 45.11 18.54
CA PHE E 336 16.49 44.71 17.22
C PHE E 336 16.21 43.21 17.17
N LEU E 337 15.07 42.83 16.58
CA LEU E 337 14.65 41.44 16.49
C LEU E 337 14.99 40.77 15.16
N ASP E 338 14.98 39.43 15.19
CA ASP E 338 15.18 38.54 14.05
C ASP E 338 13.83 37.89 13.80
N GLU E 339 13.44 37.73 12.51
CA GLU E 339 12.16 37.18 12.05
C GLU E 339 11.62 36.00 12.89
N SER E 340 12.50 35.11 13.39
CA SER E 340 12.13 33.97 14.23
C SER E 340 11.52 34.45 15.56
N ARG E 341 12.26 35.29 16.31
CA ARG E 341 11.82 35.87 17.57
C ARG E 341 10.68 36.85 17.34
N SER E 342 10.72 37.55 16.19
CA SER E 342 9.73 38.53 15.74
C SER E 342 8.37 37.88 15.52
N THR E 343 8.34 36.69 14.87
CA THR E 343 7.10 35.95 14.59
C THR E 343 6.60 35.18 15.81
N GLN E 344 7.50 34.50 16.56
CA GLN E 344 7.13 33.73 17.75
C GLN E 344 6.45 34.60 18.82
N TYR E 345 6.89 35.89 18.96
CA TYR E 345 6.32 36.87 19.87
C TYR E 345 4.89 37.22 19.47
N MET E 346 4.61 37.19 18.14
CA MET E 346 3.28 37.47 17.58
C MET E 346 2.39 36.23 17.74
N LYS E 347 2.99 35.02 17.64
CA LYS E 347 2.32 33.74 17.82
C LYS E 347 1.93 33.56 19.29
N GLU E 348 2.80 34.05 20.22
CA GLU E 348 2.59 34.00 21.67
C GLU E 348 1.51 34.98 22.15
N TYR E 349 1.20 36.02 21.34
CA TYR E 349 0.18 37.02 21.64
C TYR E 349 -1.21 36.56 21.19
N GLN E 350 -1.32 36.07 19.93
CA GLN E 350 -2.57 35.61 19.32
C GLN E 350 -3.23 34.46 20.09
N ASP E 351 -2.42 33.56 20.69
CA ASP E 351 -2.89 32.43 21.49
C ASP E 351 -3.54 32.91 22.80
N ALA E 352 -3.07 34.05 23.34
CA ALA E 352 -3.59 34.66 24.57
C ALA E 352 -4.85 35.48 24.27
N GLY F 26 -45.38 54.15 5.09
CA GLY F 26 -44.05 54.05 5.69
C GLY F 26 -43.96 53.04 6.83
N ALA F 27 -42.72 52.67 7.19
CA ALA F 27 -42.42 51.72 8.27
C ALA F 27 -41.88 52.40 9.53
N HIS F 28 -41.21 53.56 9.37
CA HIS F 28 -40.65 54.35 10.46
C HIS F 28 -41.38 55.70 10.58
N SER F 29 -42.64 55.72 10.12
CA SER F 29 -43.55 56.87 10.11
C SER F 29 -43.85 57.43 11.51
N HIS F 30 -43.83 56.56 12.54
CA HIS F 30 -44.05 56.91 13.94
C HIS F 30 -42.86 57.61 14.59
N ILE F 31 -41.62 57.30 14.14
CA ILE F 31 -40.38 57.89 14.65
C ILE F 31 -40.39 59.40 14.36
N ARG F 32 -40.20 60.22 15.41
CA ARG F 32 -40.16 61.68 15.33
C ARG F 32 -38.95 62.25 16.08
N GLY F 33 -38.14 61.33 16.61
CA GLY F 33 -36.93 61.60 17.38
C GLY F 33 -36.57 60.41 18.23
N LEU F 34 -35.67 60.60 19.21
CA LEU F 34 -35.26 59.50 20.09
C LEU F 34 -36.08 59.43 21.39
N GLY F 35 -36.66 60.55 21.80
CA GLY F 35 -37.50 60.60 23.00
C GLY F 35 -36.75 60.54 24.31
N LEU F 36 -35.63 61.31 24.39
CA LEU F 36 -34.79 61.41 25.59
C LEU F 36 -35.09 62.74 26.26
N ASP F 37 -34.90 62.84 27.59
CA ASP F 37 -35.13 64.10 28.29
C ASP F 37 -33.89 65.01 28.21
N ASP F 38 -33.87 66.14 28.98
CA ASP F 38 -32.78 67.12 29.00
C ASP F 38 -31.42 66.52 29.42
N ALA F 39 -31.44 65.46 30.26
CA ALA F 39 -30.24 64.75 30.70
C ALA F 39 -30.00 63.51 29.81
N LEU F 40 -30.50 63.58 28.54
CA LEU F 40 -30.41 62.55 27.48
C LEU F 40 -30.90 61.16 27.95
N GLU F 41 -31.71 61.13 29.02
CA GLU F 41 -32.26 59.92 29.60
C GLU F 41 -33.53 59.54 28.84
N PRO F 42 -33.57 58.33 28.21
CA PRO F 42 -34.77 57.94 27.44
C PRO F 42 -36.05 57.85 28.26
N ARG F 43 -36.96 58.82 28.04
CA ARG F 43 -38.25 58.92 28.71
C ARG F 43 -39.26 57.98 28.06
N ALA F 45 -40.90 55.53 26.80
CA ALA F 45 -41.69 55.57 25.58
C ALA F 45 -42.10 57.00 25.17
N SER F 46 -41.39 57.57 24.16
CA SER F 46 -41.60 58.93 23.63
C SER F 46 -41.02 59.12 22.21
N GLN F 47 -41.58 60.08 21.45
CA GLN F 47 -41.21 60.46 20.07
C GLN F 47 -41.34 59.30 19.05
N GLY F 48 -42.25 58.37 19.35
CA GLY F 48 -42.50 57.19 18.53
C GLY F 48 -41.54 56.05 18.82
N MET F 49 -40.85 56.11 19.97
CA MET F 49 -39.89 55.09 20.39
C MET F 49 -40.41 54.28 21.58
N VAL F 50 -40.12 52.97 21.61
CA VAL F 50 -40.57 52.02 22.63
C VAL F 50 -39.40 51.13 23.12
N GLY F 51 -39.03 51.32 24.40
CA GLY F 51 -37.93 50.59 25.02
C GLY F 51 -36.59 50.97 24.42
N GLN F 52 -35.68 49.97 24.29
CA GLN F 52 -34.32 50.11 23.73
C GLN F 52 -33.60 51.33 24.34
N LEU F 53 -33.67 51.44 25.69
CA LEU F 53 -33.12 52.54 26.51
C LEU F 53 -31.61 52.69 26.43
N ALA F 54 -30.86 51.55 26.53
CA ALA F 54 -29.40 51.54 26.49
C ALA F 54 -28.86 52.09 25.19
N ALA F 55 -29.47 51.70 24.06
CA ALA F 55 -29.10 52.15 22.72
C ALA F 55 -29.53 53.58 22.42
N ARG F 56 -30.64 54.03 23.03
CA ARG F 56 -31.17 55.39 22.85
C ARG F 56 -30.32 56.44 23.55
N ARG F 57 -29.90 56.17 24.81
CA ARG F 57 -29.03 57.09 25.56
C ARG F 57 -27.65 57.14 24.92
N ALA F 58 -27.18 55.98 24.37
CA ALA F 58 -25.90 55.85 23.66
C ALA F 58 -25.92 56.72 22.41
N ALA F 59 -27.05 56.68 21.66
CA ALA F 59 -27.27 57.49 20.46
C ALA F 59 -27.33 58.97 20.84
N GLY F 60 -27.96 59.26 21.98
CA GLY F 60 -28.06 60.60 22.54
C GLY F 60 -26.70 61.20 22.84
N VAL F 61 -25.75 60.37 23.33
CA VAL F 61 -24.36 60.75 23.63
C VAL F 61 -23.68 61.13 22.30
N VAL F 62 -23.94 60.35 21.23
CA VAL F 62 -23.40 60.60 19.88
C VAL F 62 -23.85 61.99 19.41
N LEU F 63 -25.15 62.31 19.58
CA LEU F 63 -25.74 63.60 19.22
C LEU F 63 -25.06 64.79 19.92
N GLU F 64 -24.69 64.64 21.20
CA GLU F 64 -23.97 65.67 21.95
C GLU F 64 -22.53 65.76 21.48
N MET F 65 -21.93 64.60 21.12
CA MET F 65 -20.57 64.52 20.59
C MET F 65 -20.49 65.15 19.20
N ILE F 66 -21.64 65.17 18.47
CA ILE F 66 -21.78 65.78 17.14
C ILE F 66 -21.84 67.30 17.36
N ARG F 67 -22.81 67.75 18.20
CA ARG F 67 -23.09 69.14 18.54
C ARG F 67 -21.84 69.92 18.99
N GLU F 68 -21.01 69.33 19.88
CA GLU F 68 -19.78 69.96 20.36
C GLU F 68 -18.74 70.09 19.23
N GLY F 69 -18.56 69.00 18.48
CA GLY F 69 -17.64 68.94 17.36
C GLY F 69 -16.52 67.92 17.53
N LYS F 70 -16.79 66.87 18.34
CA LYS F 70 -15.83 65.80 18.63
C LYS F 70 -16.11 64.54 17.79
N ILE F 71 -17.14 64.59 16.92
CA ILE F 71 -17.54 63.49 16.04
C ILE F 71 -16.51 63.24 14.91
N ALA F 72 -15.76 64.30 14.50
CA ALA F 72 -14.75 64.26 13.46
C ALA F 72 -13.65 63.25 13.78
N GLY F 73 -13.35 62.40 12.79
CA GLY F 73 -12.37 61.32 12.92
C GLY F 73 -13.06 60.01 13.29
N ARG F 74 -14.16 60.12 14.07
CA ARG F 74 -14.98 59.01 14.55
C ARG F 74 -16.16 58.72 13.60
N ALA F 75 -16.82 57.59 13.83
CA ALA F 75 -18.00 57.09 13.10
C ALA F 75 -18.82 56.24 14.09
N VAL F 76 -20.08 55.95 13.76
CA VAL F 76 -20.97 55.19 14.65
C VAL F 76 -21.32 53.84 14.03
N LEU F 77 -21.55 52.82 14.87
CA LEU F 77 -21.95 51.49 14.44
C LEU F 77 -23.01 50.91 15.37
N ILE F 78 -24.13 50.48 14.79
CA ILE F 78 -25.19 49.85 15.58
C ILE F 78 -25.13 48.34 15.37
N ALA F 79 -24.52 47.64 16.33
CA ALA F 79 -24.42 46.18 16.31
C ALA F 79 -25.71 45.66 16.94
N GLY F 80 -26.26 44.60 16.39
CA GLY F 80 -27.49 44.01 16.88
C GLY F 80 -28.20 43.12 15.89
N GLN F 81 -29.10 42.26 16.40
CA GLN F 81 -29.89 41.31 15.62
C GLN F 81 -30.90 42.01 14.69
N PRO F 82 -31.36 41.39 13.58
CA PRO F 82 -32.34 42.07 12.70
C PRO F 82 -33.64 42.37 13.43
N GLY F 83 -34.15 43.59 13.23
CA GLY F 83 -35.40 44.06 13.83
C GLY F 83 -35.28 44.58 15.26
N THR F 84 -34.06 44.91 15.72
CA THR F 84 -33.84 45.41 17.09
C THR F 84 -33.88 46.96 17.23
N GLY F 85 -34.28 47.67 16.18
CA GLY F 85 -34.42 49.12 16.19
C GLY F 85 -33.27 49.94 15.66
N LYS F 86 -32.30 49.31 14.96
CA LYS F 86 -31.11 49.98 14.40
C LYS F 86 -31.47 51.12 13.43
N THR F 87 -32.40 50.87 12.49
CA THR F 87 -32.87 51.86 11.50
C THR F 87 -33.66 52.98 12.19
N ALA F 88 -34.48 52.63 13.19
CA ALA F 88 -35.32 53.54 13.97
C ALA F 88 -34.50 54.53 14.78
N ILE F 89 -33.43 54.04 15.46
CA ILE F 89 -32.51 54.84 16.29
C ILE F 89 -31.78 55.89 15.44
N ALA F 90 -31.27 55.51 14.26
CA ALA F 90 -30.59 56.42 13.34
C ALA F 90 -31.57 57.44 12.74
N MET F 91 -32.84 57.03 12.53
CA MET F 91 -33.93 57.89 12.02
C MET F 91 -34.25 58.92 13.10
N GLY F 92 -34.22 58.47 14.37
CA GLY F 92 -34.41 59.33 15.54
C GLY F 92 -33.25 60.29 15.72
N MET F 93 -32.03 59.80 15.45
CA MET F 93 -30.78 60.57 15.52
C MET F 93 -30.77 61.72 14.53
N ALA F 94 -31.30 61.50 13.31
CA ALA F 94 -31.40 62.52 12.27
C ALA F 94 -32.51 63.53 12.62
N GLN F 95 -33.66 63.03 13.13
CA GLN F 95 -34.81 63.84 13.54
C GLN F 95 -34.46 64.77 14.70
N ALA F 96 -33.74 64.24 15.73
CA ALA F 96 -33.29 64.98 16.91
C ALA F 96 -32.24 66.06 16.58
N LEU F 97 -31.45 65.83 15.51
CA LEU F 97 -30.42 66.76 15.02
C LEU F 97 -31.07 68.02 14.44
N GLY F 98 -32.14 67.83 13.69
CA GLY F 98 -32.91 68.90 13.05
C GLY F 98 -34.08 68.39 12.25
N PRO F 99 -35.18 69.18 12.11
CA PRO F 99 -36.34 68.70 11.35
C PRO F 99 -36.15 68.80 9.83
N ASP F 100 -35.20 69.64 9.40
CA ASP F 100 -34.87 69.90 8.00
C ASP F 100 -33.42 69.43 7.69
N THR F 101 -33.03 68.27 8.26
CA THR F 101 -31.70 67.67 8.07
C THR F 101 -31.75 66.41 7.18
N PRO F 102 -30.73 66.19 6.31
CA PRO F 102 -30.77 65.01 5.43
C PRO F 102 -30.46 63.68 6.11
N PHE F 103 -31.16 62.63 5.68
CA PHE F 103 -31.00 61.26 6.15
C PHE F 103 -30.99 60.35 4.93
N THR F 104 -29.94 59.53 4.79
CA THR F 104 -29.80 58.64 3.65
C THR F 104 -29.58 57.20 4.12
N ALA F 105 -30.64 56.37 4.01
CA ALA F 105 -30.62 54.97 4.40
C ALA F 105 -30.33 54.12 3.17
N ILE F 106 -29.19 53.40 3.19
CA ILE F 106 -28.75 52.52 2.11
C ILE F 106 -28.35 51.14 2.67
N ALA F 107 -28.38 50.11 1.82
CA ALA F 107 -27.97 48.75 2.19
C ALA F 107 -26.65 48.42 1.53
N GLY F 108 -25.86 47.57 2.18
CA GLY F 108 -24.54 47.14 1.70
C GLY F 108 -24.56 46.64 0.26
N SER F 109 -25.62 45.88 -0.10
CA SER F 109 -25.85 45.30 -1.43
C SER F 109 -26.21 46.33 -2.50
N GLU F 110 -26.82 47.48 -2.10
CA GLU F 110 -27.24 48.57 -3.00
C GLU F 110 -26.09 49.21 -3.77
N ILE F 111 -24.85 49.00 -3.31
CA ILE F 111 -23.66 49.55 -3.95
C ILE F 111 -23.21 48.63 -5.09
N PHE F 112 -23.73 47.39 -5.12
CA PHE F 112 -23.48 46.40 -6.17
C PHE F 112 -24.69 46.45 -7.10
N SER F 113 -24.64 47.36 -8.08
CA SER F 113 -25.71 47.63 -9.02
C SER F 113 -25.26 47.45 -10.47
N LEU F 114 -26.19 47.10 -11.37
CA LEU F 114 -25.91 46.93 -12.80
C LEU F 114 -25.66 48.30 -13.45
N GLU F 115 -26.55 49.26 -13.18
CA GLU F 115 -26.56 50.63 -13.70
C GLU F 115 -25.58 51.61 -13.04
N MET F 116 -24.76 51.13 -12.07
CA MET F 116 -23.83 52.00 -11.32
C MET F 116 -22.56 51.28 -10.84
N SER F 117 -21.63 52.06 -10.27
CA SER F 117 -20.40 51.54 -9.68
C SER F 117 -20.60 51.43 -8.15
N LYS F 118 -19.66 50.75 -7.45
CA LYS F 118 -19.69 50.61 -5.99
C LYS F 118 -19.53 51.98 -5.36
N THR F 119 -18.51 52.74 -5.84
CA THR F 119 -18.19 54.08 -5.39
C THR F 119 -19.16 55.13 -5.91
N GLU F 120 -19.74 54.92 -7.12
CA GLU F 120 -20.72 55.86 -7.69
C GLU F 120 -22.00 55.90 -6.85
N ALA F 121 -22.38 54.75 -6.27
CA ALA F 121 -23.54 54.61 -5.39
C ALA F 121 -23.21 55.25 -4.03
N LEU F 122 -21.94 55.10 -3.59
CA LEU F 122 -21.42 55.65 -2.34
C LEU F 122 -21.26 57.17 -2.40
N THR F 123 -20.88 57.72 -3.59
CA THR F 123 -20.71 59.15 -3.82
C THR F 123 -22.10 59.79 -3.72
N GLN F 124 -23.10 59.19 -4.40
CA GLN F 124 -24.49 59.64 -4.39
C GLN F 124 -25.06 59.56 -2.97
N ALA F 125 -24.67 58.53 -2.20
CA ALA F 125 -25.10 58.32 -0.81
C ALA F 125 -24.55 59.40 0.11
N PHE F 126 -23.29 59.84 -0.12
CA PHE F 126 -22.64 60.90 0.65
C PHE F 126 -23.21 62.27 0.30
N ARG F 127 -23.36 62.56 -1.02
CA ARG F 127 -23.89 63.82 -1.56
C ARG F 127 -25.37 64.05 -1.19
N ARG F 128 -26.16 62.96 -1.02
CA ARG F 128 -27.56 63.01 -0.61
C ARG F 128 -27.68 63.46 0.85
N SER F 129 -26.65 63.14 1.66
CA SER F 129 -26.58 63.46 3.09
C SER F 129 -26.07 64.87 3.42
N ILE F 130 -25.39 65.54 2.48
CA ILE F 130 -24.89 66.90 2.72
C ILE F 130 -25.90 67.92 2.16
N GLY F 131 -26.50 68.72 3.04
CA GLY F 131 -27.50 69.72 2.70
C GLY F 131 -26.98 71.15 2.59
N VAL F 132 -27.63 71.98 1.75
CA VAL F 132 -27.29 73.39 1.48
C VAL F 132 -28.48 74.29 1.84
N ARG F 133 -28.24 75.29 2.71
CA ARG F 133 -29.23 76.29 3.15
C ARG F 133 -29.11 77.56 2.31
N ILE F 134 -30.23 78.13 1.85
CA ILE F 134 -30.25 79.36 1.05
C ILE F 134 -31.48 80.21 1.34
N HIS F 143 -35.03 77.47 3.62
CA HIS F 143 -34.97 76.61 2.44
C HIS F 143 -33.68 75.79 2.41
N THR F 144 -33.81 74.46 2.20
CA THR F 144 -32.68 73.51 2.15
C THR F 144 -32.70 72.64 0.89
N VAL F 145 -31.50 72.25 0.40
CA VAL F 145 -31.32 71.41 -0.79
C VAL F 145 -30.00 70.60 -0.71
N SER F 146 -30.08 69.27 -0.83
CA SER F 146 -28.91 68.38 -0.78
C SER F 146 -27.94 68.60 -1.94
N LEU F 147 -26.67 68.14 -1.81
CA LEU F 147 -25.66 68.23 -2.87
C LEU F 147 -26.04 67.37 -4.09
N HIS F 148 -26.78 66.26 -3.86
CA HIS F 148 -27.23 65.36 -4.92
C HIS F 148 -28.30 65.99 -5.79
N GLU F 149 -29.25 66.75 -5.20
CA GLU F 149 -30.31 67.44 -5.95
C GLU F 149 -29.71 68.53 -6.83
N ILE F 150 -28.71 69.28 -6.32
CA ILE F 150 -27.98 70.32 -7.04
C ILE F 150 -27.18 69.71 -8.20
N ASP F 151 -26.61 68.51 -7.98
CA ASP F 151 -25.84 67.77 -8.99
C ASP F 151 -26.73 67.14 -10.06
N VAL F 152 -27.86 66.52 -9.64
CA VAL F 152 -28.83 65.87 -10.52
C VAL F 152 -29.49 66.85 -11.48
N ILE F 153 -29.73 68.09 -11.00
CA ILE F 153 -30.34 69.17 -11.79
C ILE F 153 -29.40 69.63 -12.90
N ASN F 154 -28.13 69.91 -12.57
CA ASN F 154 -27.11 70.36 -13.52
C ASN F 154 -26.64 69.25 -14.48
N SER F 155 -26.81 67.98 -14.09
CA SER F 155 -26.44 66.83 -14.93
C SER F 155 -27.49 66.61 -16.02
N ARG F 156 -28.79 66.74 -15.64
CA ARG F 156 -29.93 66.58 -16.56
C ARG F 156 -30.08 67.73 -17.57
N THR F 157 -29.44 68.91 -17.30
CA THR F 157 -29.50 70.07 -18.21
C THR F 157 -28.68 69.87 -19.48
N GLU F 170 -24.03 58.67 -16.31
CA GLU F 170 -24.96 59.10 -15.27
C GLU F 170 -24.79 60.60 -14.99
N ILE F 171 -23.89 60.98 -14.07
CA ILE F 171 -23.59 62.37 -13.71
C ILE F 171 -22.12 62.62 -14.05
N LYS F 172 -21.85 63.54 -15.00
CA LYS F 172 -20.50 63.90 -15.44
C LYS F 172 -19.70 64.43 -14.24
N SER F 173 -18.52 63.82 -13.99
CA SER F 173 -17.62 64.16 -12.87
C SER F 173 -17.23 65.64 -12.82
N GLU F 174 -17.16 66.29 -14.01
CA GLU F 174 -16.84 67.70 -14.20
C GLU F 174 -17.86 68.62 -13.52
N VAL F 175 -19.14 68.17 -13.47
CA VAL F 175 -20.24 68.89 -12.83
C VAL F 175 -20.03 68.88 -11.30
N ARG F 176 -19.62 67.72 -10.72
CA ARG F 176 -19.36 67.55 -9.29
C ARG F 176 -18.21 68.43 -8.77
N GLU F 177 -17.09 68.51 -9.54
CA GLU F 177 -15.92 69.33 -9.20
C GLU F 177 -16.25 70.82 -9.22
N GLN F 178 -17.23 71.22 -10.05
CA GLN F 178 -17.72 72.59 -10.19
C GLN F 178 -18.57 73.02 -8.99
N ILE F 179 -19.63 72.23 -8.66
CA ILE F 179 -20.55 72.47 -7.54
C ILE F 179 -19.78 72.60 -6.22
N ASN F 180 -18.75 71.73 -6.04
CA ASN F 180 -17.85 71.71 -4.86
C ASN F 180 -17.18 73.08 -4.65
N ALA F 181 -16.62 73.66 -5.73
CA ALA F 181 -15.96 74.97 -5.73
C ALA F 181 -16.96 76.10 -5.61
N LYS F 182 -18.16 75.94 -6.23
CA LYS F 182 -19.26 76.90 -6.23
C LYS F 182 -19.83 77.08 -4.82
N VAL F 183 -20.19 75.96 -4.15
CA VAL F 183 -20.72 75.91 -2.78
C VAL F 183 -19.69 76.50 -1.79
N ALA F 184 -18.38 76.24 -2.02
CA ALA F 184 -17.26 76.73 -1.21
C ALA F 184 -17.21 78.27 -1.16
N GLU F 185 -17.47 78.93 -2.31
CA GLU F 185 -17.51 80.40 -2.43
C GLU F 185 -18.75 80.95 -1.72
N TRP F 186 -19.92 80.29 -1.94
CA TRP F 186 -21.22 80.62 -1.34
C TRP F 186 -21.14 80.54 0.19
N ARG F 187 -20.37 79.57 0.72
CA ARG F 187 -20.14 79.34 2.14
C ARG F 187 -19.19 80.42 2.70
N GLU F 188 -18.16 80.79 1.90
CA GLU F 188 -17.14 81.79 2.22
C GLU F 188 -17.77 83.18 2.37
N GLU F 189 -18.53 83.63 1.34
CA GLU F 189 -19.25 84.90 1.29
C GLU F 189 -20.29 84.99 2.42
N GLY F 190 -21.02 83.90 2.64
CA GLY F 190 -22.06 83.80 3.66
C GLY F 190 -23.44 83.66 3.08
N LYS F 191 -23.53 83.35 1.76
CA LYS F 191 -24.78 83.17 1.03
C LYS F 191 -25.45 81.84 1.39
N ALA F 192 -24.66 80.75 1.43
CA ALA F 192 -25.14 79.41 1.74
C ALA F 192 -24.49 78.79 2.97
N GLU F 193 -25.29 78.03 3.75
CA GLU F 193 -24.85 77.34 4.97
C GLU F 193 -24.94 75.82 4.75
N ILE F 194 -23.85 75.09 5.03
CA ILE F 194 -23.81 73.64 4.84
C ILE F 194 -24.24 72.90 6.12
N ILE F 195 -25.26 72.03 5.99
CA ILE F 195 -25.79 71.23 7.10
C ILE F 195 -25.48 69.72 6.90
N PRO F 196 -24.36 69.21 7.49
CA PRO F 196 -24.01 67.79 7.32
C PRO F 196 -25.01 66.84 7.98
N GLY F 197 -25.68 66.04 7.16
CA GLY F 197 -26.73 65.11 7.58
C GLY F 197 -26.26 63.78 8.13
N VAL F 198 -27.05 62.72 7.90
CA VAL F 198 -26.82 61.37 8.41
C VAL F 198 -26.84 60.31 7.28
N LEU F 199 -25.73 59.55 7.15
CA LEU F 199 -25.64 58.46 6.18
C LEU F 199 -25.72 57.10 6.88
N PHE F 200 -26.91 56.50 6.87
CA PHE F 200 -27.13 55.18 7.47
C PHE F 200 -26.90 54.09 6.43
N ILE F 201 -25.91 53.22 6.70
CA ILE F 201 -25.56 52.08 5.84
C ILE F 201 -25.77 50.80 6.64
N ASP F 202 -26.90 50.11 6.42
CA ASP F 202 -27.18 48.83 7.08
C ASP F 202 -26.45 47.73 6.29
N GLU F 203 -26.37 46.49 6.85
CA GLU F 203 -25.68 45.34 6.24
C GLU F 203 -24.26 45.71 5.76
N VAL F 204 -23.54 46.47 6.60
CA VAL F 204 -22.18 47.00 6.37
C VAL F 204 -21.14 45.88 6.05
N HIS F 205 -21.48 44.61 6.36
CA HIS F 205 -20.65 43.43 6.08
C HIS F 205 -20.55 43.09 4.58
N MET F 206 -21.43 43.66 3.75
CA MET F 206 -21.45 43.46 2.29
C MET F 206 -20.34 44.26 1.59
N LEU F 207 -20.00 45.44 2.15
CA LEU F 207 -18.96 46.36 1.66
C LEU F 207 -17.58 45.71 1.59
N ASP F 208 -16.76 46.13 0.63
CA ASP F 208 -15.41 45.61 0.40
C ASP F 208 -14.32 46.60 0.82
N ILE F 209 -13.03 46.16 0.82
CA ILE F 209 -11.89 47.02 1.18
C ILE F 209 -11.84 48.28 0.33
N GLU F 210 -12.24 48.16 -0.95
CA GLU F 210 -12.32 49.29 -1.89
C GLU F 210 -13.41 50.28 -1.48
N SER F 211 -14.52 49.79 -0.89
CA SER F 211 -15.63 50.60 -0.41
C SER F 211 -15.32 51.26 0.93
N PHE F 212 -14.68 50.51 1.86
CA PHE F 212 -14.27 51.06 3.16
C PHE F 212 -13.20 52.13 2.97
N SER F 213 -12.34 51.97 1.92
CA SER F 213 -11.31 52.95 1.55
C SER F 213 -11.98 54.27 1.16
N PHE F 214 -13.08 54.19 0.38
CA PHE F 214 -13.87 55.34 -0.06
C PHE F 214 -14.45 56.09 1.15
N LEU F 215 -15.02 55.35 2.13
CA LEU F 215 -15.61 55.89 3.37
C LEU F 215 -14.56 56.68 4.14
N ASN F 216 -13.32 56.14 4.24
CA ASN F 216 -12.18 56.78 4.91
C ASN F 216 -11.80 58.11 4.26
N ARG F 217 -11.90 58.17 2.91
CA ARG F 217 -11.59 59.35 2.09
C ARG F 217 -12.69 60.40 2.15
N ALA F 218 -13.96 59.96 2.19
CA ALA F 218 -15.12 60.83 2.22
C ALA F 218 -15.34 61.45 3.60
N LEU F 219 -15.07 60.70 4.70
CA LEU F 219 -15.19 61.19 6.08
C LEU F 219 -14.09 62.22 6.41
N GLU F 220 -13.00 62.21 5.60
CA GLU F 220 -11.86 63.13 5.70
C GLU F 220 -12.24 64.56 5.33
N SER F 221 -13.34 64.72 4.58
CA SER F 221 -13.88 66.02 4.15
C SER F 221 -14.45 66.77 5.37
N ASP F 222 -14.46 68.12 5.32
CA ASP F 222 -15.03 68.91 6.40
C ASP F 222 -16.57 68.91 6.26
N MET F 223 -17.04 68.84 4.99
CA MET F 223 -18.45 68.77 4.60
C MET F 223 -19.10 67.40 4.92
N ALA F 224 -18.28 66.40 5.29
CA ALA F 224 -18.66 65.02 5.59
C ALA F 224 -19.82 64.86 6.60
N PRO F 225 -20.78 63.95 6.32
CA PRO F 225 -21.89 63.74 7.26
C PRO F 225 -21.53 62.74 8.38
N VAL F 226 -22.47 62.49 9.32
CA VAL F 226 -22.25 61.51 10.39
C VAL F 226 -22.65 60.12 9.86
N LEU F 227 -21.66 59.21 9.81
CA LEU F 227 -21.81 57.85 9.28
C LEU F 227 -22.25 56.83 10.34
N ILE F 228 -23.53 56.44 10.28
CA ILE F 228 -24.11 55.46 11.20
C ILE F 228 -24.30 54.14 10.47
N MET F 229 -23.35 53.21 10.67
CA MET F 229 -23.40 51.88 10.07
C MET F 229 -24.19 50.94 10.98
N ALA F 230 -24.60 49.76 10.47
CA ALA F 230 -25.33 48.74 11.21
C ALA F 230 -25.09 47.35 10.65
N THR F 231 -25.06 46.31 11.53
CA THR F 231 -24.80 44.92 11.13
C THR F 231 -25.34 43.87 12.11
N ASN F 232 -25.67 42.70 11.55
CA ASN F 232 -26.16 41.51 12.25
C ASN F 232 -25.03 40.47 12.37
N ARG F 233 -23.83 40.79 11.80
CA ARG F 233 -22.67 39.90 11.75
C ARG F 233 -21.58 40.17 12.79
N GLY F 234 -21.02 39.09 13.33
CA GLY F 234 -19.91 39.11 14.28
C GLY F 234 -18.59 39.02 13.52
N ILE F 235 -17.73 38.04 13.85
CA ILE F 235 -16.45 37.87 13.16
C ILE F 235 -16.63 37.18 11.80
N THR F 236 -16.53 37.96 10.71
CA THR F 236 -16.62 37.47 9.32
C THR F 236 -15.47 38.07 8.52
N ARG F 237 -15.15 37.47 7.35
CA ARG F 237 -14.07 37.98 6.51
C ARG F 237 -14.45 39.29 5.83
N ILE F 238 -13.48 40.23 5.74
CA ILE F 238 -13.69 41.53 5.10
C ILE F 238 -13.73 41.25 3.59
N ARG F 239 -14.85 41.61 2.92
CA ARG F 239 -15.04 41.40 1.48
C ARG F 239 -13.90 42.04 0.69
N GLY F 240 -13.34 41.29 -0.24
CA GLY F 240 -12.21 41.72 -1.04
C GLY F 240 -10.87 41.30 -0.46
N THR F 241 -10.89 40.70 0.76
CA THR F 241 -9.70 40.19 1.47
C THR F 241 -9.94 38.80 2.09
N SER F 242 -8.83 38.12 2.43
CA SER F 242 -8.82 36.80 3.06
C SER F 242 -8.76 36.90 4.60
N TYR F 243 -8.91 38.12 5.16
CA TYR F 243 -8.82 38.41 6.60
C TYR F 243 -10.18 38.59 7.28
N GLN F 244 -10.37 37.89 8.42
CA GLN F 244 -11.56 37.90 9.28
C GLN F 244 -11.50 38.98 10.35
N SER F 245 -12.62 39.72 10.57
CA SER F 245 -12.66 40.82 11.54
C SER F 245 -14.05 41.07 12.16
N PRO F 246 -14.15 41.58 13.42
CA PRO F 246 -15.47 41.88 14.01
C PRO F 246 -16.30 42.84 13.16
N HIS F 247 -17.55 42.42 12.85
CA HIS F 247 -18.56 43.10 12.03
C HIS F 247 -18.23 43.09 10.53
N GLY F 248 -17.08 42.50 10.18
CA GLY F 248 -16.57 42.44 8.81
C GLY F 248 -15.95 43.77 8.39
N ILE F 249 -15.70 44.65 9.39
CA ILE F 249 -15.14 46.01 9.24
C ILE F 249 -13.62 45.96 9.48
N PRO F 250 -12.77 46.67 8.70
CA PRO F 250 -11.32 46.65 8.96
C PRO F 250 -10.98 47.31 10.30
N ILE F 251 -9.86 46.89 10.92
CA ILE F 251 -9.43 47.39 12.23
C ILE F 251 -9.18 48.92 12.23
N ASP F 252 -8.66 49.48 11.10
CA ASP F 252 -8.37 50.91 10.95
C ASP F 252 -9.63 51.79 11.06
N LEU F 253 -10.81 51.19 10.79
CA LEU F 253 -12.10 51.86 10.88
C LEU F 253 -12.80 51.52 12.21
N LEU F 254 -12.58 50.29 12.76
CA LEU F 254 -13.14 49.83 14.03
C LEU F 254 -12.62 50.68 15.20
N ASP F 255 -11.32 51.04 15.15
CA ASP F 255 -10.63 51.84 16.16
C ASP F 255 -11.08 53.31 16.20
N ARG F 256 -11.97 53.70 15.28
CA ARG F 256 -12.56 55.04 15.21
C ARG F 256 -14.09 54.93 15.38
N LEU F 257 -14.60 53.71 15.62
CA LEU F 257 -16.03 53.48 15.77
C LEU F 257 -16.56 53.61 17.20
N LEU F 258 -17.79 54.14 17.29
CA LEU F 258 -18.55 54.29 18.51
C LEU F 258 -19.62 53.20 18.41
N ILE F 259 -19.31 52.01 18.96
CA ILE F 259 -20.17 50.83 18.87
C ILE F 259 -21.24 50.82 19.94
N VAL F 260 -22.49 50.65 19.51
CA VAL F 260 -23.72 50.58 20.32
C VAL F 260 -24.35 49.19 20.09
N SER F 261 -25.00 48.63 21.13
CA SER F 261 -25.66 47.31 21.01
C SER F 261 -27.17 47.37 21.25
N THR F 262 -27.92 46.66 20.39
CA THR F 262 -29.38 46.58 20.48
C THR F 262 -29.80 45.13 20.72
N THR F 263 -30.39 44.88 21.89
CA THR F 263 -30.88 43.58 22.35
C THR F 263 -32.37 43.40 21.97
N PRO F 264 -32.86 42.16 21.68
CA PRO F 264 -34.28 41.99 21.33
C PRO F 264 -35.25 42.51 22.39
N TYR F 265 -36.45 42.86 21.94
CA TYR F 265 -37.51 43.43 22.77
C TYR F 265 -38.21 42.43 23.67
N SER F 266 -38.74 42.92 24.81
CA SER F 266 -39.49 42.14 25.78
C SER F 266 -40.94 41.98 25.29
N GLU F 267 -41.76 41.18 26.00
CA GLU F 267 -43.18 40.97 25.66
C GLU F 267 -43.98 42.28 25.71
N LYS F 268 -43.62 43.20 26.64
CA LYS F 268 -44.26 44.50 26.80
C LYS F 268 -43.83 45.48 25.71
N ASP F 269 -42.53 45.45 25.33
CA ASP F 269 -41.95 46.31 24.30
C ASP F 269 -42.47 45.93 22.92
N THR F 270 -42.50 44.62 22.62
CA THR F 270 -42.99 44.06 21.35
C THR F 270 -44.48 44.40 21.15
N LYS F 271 -45.28 44.37 22.25
CA LYS F 271 -46.71 44.69 22.24
C LYS F 271 -47.02 46.13 21.86
N GLN F 272 -46.21 47.08 22.37
CA GLN F 272 -46.38 48.50 22.07
C GLN F 272 -45.98 48.84 20.65
N ILE F 273 -44.89 48.20 20.12
CA ILE F 273 -44.42 48.41 18.73
C ILE F 273 -45.54 48.01 17.77
N LEU F 274 -46.17 46.85 18.01
CA LEU F 274 -47.28 46.34 17.20
C LEU F 274 -48.55 47.18 17.34
N ARG F 275 -48.74 47.82 18.52
CA ARG F 275 -49.88 48.70 18.76
C ARG F 275 -49.67 50.03 18.03
N ILE F 276 -48.40 50.51 17.99
CA ILE F 276 -48.02 51.74 17.30
C ILE F 276 -48.11 51.54 15.77
N ARG F 277 -47.82 50.30 15.29
CA ARG F 277 -47.93 49.94 13.88
C ARG F 277 -49.39 49.88 13.44
N CYS F 278 -50.27 49.27 14.28
CA CYS F 278 -51.72 49.15 14.04
C CYS F 278 -52.36 50.53 13.85
N GLU F 279 -51.90 51.53 14.62
CA GLU F 279 -52.36 52.92 14.55
C GLU F 279 -51.93 53.54 13.21
N GLU F 280 -50.65 53.36 12.82
CA GLU F 280 -50.06 53.85 11.57
C GLU F 280 -50.68 53.18 10.33
N GLU F 281 -51.23 51.97 10.49
CA GLU F 281 -51.86 51.20 9.40
C GLU F 281 -53.39 51.16 9.51
N ASP F 282 -53.96 51.91 10.48
CA ASP F 282 -55.41 52.02 10.79
C ASP F 282 -56.12 50.65 10.76
N VAL F 283 -55.58 49.72 11.59
CA VAL F 283 -56.03 48.35 11.74
C VAL F 283 -56.51 48.15 13.19
N GLU F 284 -57.77 47.70 13.38
CA GLU F 284 -58.33 47.44 14.70
C GLU F 284 -58.19 45.96 15.04
N MET F 285 -57.57 45.67 16.21
CA MET F 285 -57.27 44.32 16.66
C MET F 285 -57.72 44.08 18.11
N SER F 286 -58.21 42.86 18.42
CA SER F 286 -58.65 42.48 19.78
C SER F 286 -57.45 42.41 20.73
N GLU F 287 -57.67 42.66 22.03
CA GLU F 287 -56.59 42.68 23.03
C GLU F 287 -55.85 41.35 23.21
N ASP F 288 -56.48 40.20 22.90
CA ASP F 288 -55.78 38.93 23.02
C ASP F 288 -55.11 38.50 21.70
N ALA F 289 -55.37 39.25 20.62
CA ALA F 289 -54.72 39.03 19.32
C ALA F 289 -53.31 39.63 19.40
N TYR F 290 -53.16 40.75 20.15
CA TYR F 290 -51.88 41.44 20.41
C TYR F 290 -50.96 40.47 21.15
N THR F 291 -51.50 39.75 22.16
CA THR F 291 -50.82 38.76 23.00
C THR F 291 -50.29 37.57 22.17
N VAL F 292 -51.07 37.14 21.16
CA VAL F 292 -50.69 36.03 20.28
C VAL F 292 -49.69 36.51 19.23
N LEU F 293 -49.92 37.70 18.63
CA LEU F 293 -49.04 38.30 17.62
C LEU F 293 -47.66 38.63 18.20
N THR F 294 -47.61 39.16 19.45
CA THR F 294 -46.35 39.50 20.13
C THR F 294 -45.54 38.27 20.47
N ARG F 295 -46.22 37.18 20.91
CA ARG F 295 -45.59 35.90 21.23
C ARG F 295 -44.99 35.29 19.97
N ILE F 296 -45.62 35.53 18.81
CA ILE F 296 -45.14 35.11 17.49
C ILE F 296 -43.97 36.04 17.10
N GLY F 297 -44.07 37.31 17.50
CA GLY F 297 -43.04 38.33 17.28
C GLY F 297 -41.78 38.06 18.08
N LEU F 298 -41.93 37.38 19.24
CA LEU F 298 -40.84 36.98 20.11
C LEU F 298 -40.30 35.63 19.62
N GLU F 299 -41.21 34.71 19.19
CA GLU F 299 -40.93 33.38 18.66
C GLU F 299 -40.01 33.47 17.45
N THR F 300 -40.40 34.31 16.49
CA THR F 300 -39.72 34.51 15.22
C THR F 300 -39.11 35.91 15.18
N SER F 301 -39.79 36.90 14.56
CA SER F 301 -39.30 38.27 14.48
C SER F 301 -40.41 39.32 14.53
N LEU F 302 -40.02 40.55 14.89
CA LEU F 302 -40.89 41.72 14.94
C LEU F 302 -41.23 42.14 13.50
N ARG F 303 -40.26 42.03 12.57
CA ARG F 303 -40.38 42.33 11.14
C ARG F 303 -41.55 41.53 10.56
N TYR F 304 -41.57 40.21 10.85
CA TYR F 304 -42.59 39.25 10.44
C TYR F 304 -43.92 39.53 11.11
N ALA F 305 -43.92 39.92 12.40
CA ALA F 305 -45.14 40.26 13.15
C ALA F 305 -45.86 41.44 12.48
N ILE F 306 -45.09 42.43 12.00
CA ILE F 306 -45.57 43.62 11.28
C ILE F 306 -46.08 43.20 9.88
N GLN F 307 -45.41 42.21 9.23
CA GLN F 307 -45.83 41.65 7.94
C GLN F 307 -47.19 40.98 8.07
N LEU F 308 -47.47 40.38 9.25
CA LEU F 308 -48.73 39.72 9.57
C LEU F 308 -49.88 40.70 9.81
N ILE F 309 -49.60 41.93 10.33
CA ILE F 309 -50.62 42.97 10.61
C ILE F 309 -51.49 43.26 9.38
N THR F 310 -50.85 43.66 8.26
CA THR F 310 -51.50 44.00 6.97
C THR F 310 -52.33 42.84 6.46
N ALA F 311 -51.73 41.64 6.38
CA ALA F 311 -52.38 40.44 5.88
C ALA F 311 -53.56 39.97 6.74
N ALA F 312 -53.38 39.88 8.09
CA ALA F 312 -54.43 39.44 9.03
C ALA F 312 -55.69 40.32 9.06
N SER F 313 -55.58 41.60 8.65
CA SER F 313 -56.71 42.54 8.61
C SER F 313 -57.61 42.31 7.40
N LEU F 314 -57.04 41.85 6.28
CA LEU F 314 -57.82 41.55 5.07
C LEU F 314 -58.53 40.20 5.19
N VAL F 315 -58.06 39.35 6.11
CA VAL F 315 -58.66 38.06 6.45
C VAL F 315 -59.89 38.39 7.33
N CYS F 316 -59.79 39.44 8.16
CA CYS F 316 -60.89 39.92 9.01
C CYS F 316 -61.93 40.66 8.15
N ARG F 317 -61.48 41.33 7.07
CA ARG F 317 -62.31 42.06 6.11
C ARG F 317 -63.08 41.12 5.16
N LYS F 318 -62.82 39.81 5.27
CA LYS F 318 -63.49 38.77 4.47
C LYS F 318 -64.84 38.37 5.07
N ARG F 319 -65.10 38.75 6.34
CA ARG F 319 -66.34 38.47 7.07
C ARG F 319 -66.66 39.56 8.10
N THR F 322 -64.87 43.38 11.67
CA THR F 322 -64.91 44.44 12.67
C THR F 322 -63.56 44.61 13.36
N GLU F 323 -63.19 43.65 14.24
CA GLU F 323 -61.93 43.65 14.97
C GLU F 323 -61.21 42.30 14.83
N VAL F 324 -59.95 42.35 14.34
CA VAL F 324 -59.08 41.19 14.11
C VAL F 324 -58.99 40.35 15.39
N GLN F 325 -59.25 39.04 15.28
CA GLN F 325 -59.21 38.11 16.39
C GLN F 325 -57.99 37.19 16.34
N VAL F 326 -57.84 36.33 17.37
CA VAL F 326 -56.77 35.35 17.55
C VAL F 326 -56.69 34.38 16.35
N ASP F 327 -57.85 33.94 15.84
CA ASP F 327 -57.92 33.01 14.71
C ASP F 327 -57.49 33.65 13.38
N ASP F 328 -57.61 34.99 13.24
CA ASP F 328 -57.14 35.71 12.05
C ASP F 328 -55.61 35.75 12.06
N ILE F 329 -55.03 35.87 13.27
CA ILE F 329 -53.59 35.87 13.55
C ILE F 329 -53.05 34.44 13.30
N LYS F 330 -53.79 33.42 13.78
CA LYS F 330 -53.43 32.01 13.65
C LYS F 330 -53.56 31.49 12.22
N ARG F 331 -54.60 31.93 11.48
CA ARG F 331 -54.83 31.55 10.09
C ARG F 331 -53.71 32.07 9.17
N VAL F 332 -53.38 33.37 9.30
CA VAL F 332 -52.37 34.06 8.52
C VAL F 332 -50.94 33.54 8.85
N TYR F 333 -50.78 32.87 10.02
CA TYR F 333 -49.53 32.27 10.47
C TYR F 333 -49.22 31.01 9.63
N SER F 334 -50.28 30.23 9.29
CA SER F 334 -50.18 29.02 8.48
C SER F 334 -50.07 29.39 7.00
N LEU F 335 -50.62 30.57 6.64
CA LEU F 335 -50.66 31.13 5.29
C LEU F 335 -49.31 31.66 4.85
N PHE F 336 -48.60 32.38 5.76
CA PHE F 336 -47.29 32.97 5.46
C PHE F 336 -46.19 32.56 6.42
N LEU F 337 -45.12 31.95 5.89
CA LEU F 337 -43.99 31.48 6.68
C LEU F 337 -43.06 32.61 7.10
N ASP F 338 -42.22 32.31 8.09
CA ASP F 338 -41.12 33.13 8.58
C ASP F 338 -39.89 32.41 8.02
N GLU F 339 -38.81 33.15 7.69
CA GLU F 339 -37.58 32.60 7.09
C GLU F 339 -37.05 31.34 7.79
N SER F 340 -37.17 31.29 9.14
CA SER F 340 -36.77 30.16 9.99
C SER F 340 -37.58 28.88 9.75
N ARG F 341 -38.82 29.00 9.24
CA ARG F 341 -39.69 27.87 8.91
C ARG F 341 -39.46 27.43 7.46
N SER F 342 -39.26 28.42 6.57
CA SER F 342 -39.00 28.25 5.13
C SER F 342 -37.75 27.41 4.88
N THR F 343 -36.68 27.69 5.63
CA THR F 343 -35.39 26.99 5.54
C THR F 343 -35.42 25.63 6.23
N GLN F 344 -36.24 25.51 7.31
CA GLN F 344 -36.41 24.27 8.08
C GLN F 344 -37.06 23.16 7.23
N TYR F 345 -38.18 23.48 6.54
CA TYR F 345 -38.91 22.55 5.66
C TYR F 345 -38.04 22.09 4.50
N MET F 346 -37.20 23.01 3.95
CA MET F 346 -36.31 22.72 2.85
C MET F 346 -35.16 21.81 3.30
N LYS F 347 -34.75 21.94 4.58
CA LYS F 347 -33.73 21.10 5.19
C LYS F 347 -34.32 19.70 5.41
N GLU F 348 -35.59 19.64 5.89
CA GLU F 348 -36.34 18.39 6.14
C GLU F 348 -36.54 17.59 4.85
N TYR F 349 -36.76 18.28 3.71
CA TYR F 349 -36.93 17.68 2.38
C TYR F 349 -35.57 17.18 1.86
N GLN F 350 -34.48 17.96 2.06
CA GLN F 350 -33.13 17.62 1.64
C GLN F 350 -32.48 16.53 2.53
N ASP F 351 -33.03 16.33 3.75
CA ASP F 351 -32.57 15.31 4.70
C ASP F 351 -33.15 13.95 4.29
N ALA F 352 -34.46 13.93 3.95
CA ALA F 352 -35.20 12.76 3.48
C ALA F 352 -34.75 12.33 2.08
N PHE F 353 -34.14 13.28 1.32
CA PHE F 353 -33.57 13.09 -0.02
C PHE F 353 -32.38 12.11 0.05
N LEU F 354 -31.72 12.07 1.23
CA LEU F 354 -30.58 11.19 1.54
C LEU F 354 -31.07 9.84 2.12
N PHE F 355 -32.41 9.63 2.16
CA PHE F 355 -33.07 8.42 2.65
C PHE F 355 -34.06 7.90 1.61
N VAL G 8 14.18 -8.06 50.37
CA VAL G 8 14.17 -7.80 48.93
C VAL G 8 14.98 -8.86 48.19
N LYS G 9 16.32 -8.84 48.33
CA LYS G 9 17.30 -9.74 47.69
C LYS G 9 16.97 -9.99 46.19
N SER G 10 17.33 -9.05 45.30
CA SER G 10 17.12 -9.06 43.85
C SER G 10 17.57 -10.37 43.16
N THR G 11 16.91 -10.72 42.04
CA THR G 11 17.17 -11.96 41.29
C THR G 11 18.00 -11.76 40.02
N THR G 12 18.09 -10.51 39.50
CA THR G 12 18.80 -10.12 38.27
C THR G 12 20.20 -10.74 38.17
N THR G 14 22.15 -10.09 35.61
CA THR G 14 22.79 -8.81 35.94
C THR G 14 24.11 -8.64 35.19
N GLN G 15 24.77 -9.78 34.88
CA GLN G 15 26.01 -9.87 34.13
C GLN G 15 25.75 -9.70 32.61
N ARG G 16 24.53 -9.22 32.25
CA ARG G 16 24.08 -8.93 30.88
C ARG G 16 24.00 -7.41 30.67
N ILE G 17 23.48 -6.67 31.67
CA ILE G 17 23.33 -5.20 31.63
C ILE G 17 24.60 -4.53 32.24
N ALA G 18 25.70 -5.33 32.34
CA ALA G 18 27.03 -4.93 32.78
C ALA G 18 27.68 -4.00 31.76
N SER G 19 27.39 -4.22 30.46
CA SER G 19 27.87 -3.41 29.35
C SER G 19 27.00 -2.17 29.11
N HIS G 20 25.89 -2.02 29.85
CA HIS G 20 24.96 -0.88 29.73
C HIS G 20 24.90 -0.05 31.02
N SER G 21 25.84 -0.28 31.96
CA SER G 21 25.94 0.40 33.26
C SER G 21 25.96 1.93 33.15
N HIS G 22 26.48 2.46 32.04
CA HIS G 22 26.59 3.89 31.72
C HIS G 22 25.26 4.52 31.26
N VAL G 23 24.30 3.70 30.80
CA VAL G 23 23.00 4.21 30.33
C VAL G 23 22.14 4.65 31.51
N LYS G 24 21.88 5.97 31.59
CA LYS G 24 21.12 6.61 32.66
C LYS G 24 19.79 7.21 32.18
N GLY G 25 19.47 6.97 30.91
CA GLY G 25 18.26 7.47 30.26
C GLY G 25 18.43 7.68 28.77
N LEU G 26 17.46 8.39 28.15
CA LEU G 26 17.48 8.68 26.71
C LEU G 26 18.28 9.94 26.35
N GLY G 27 18.31 10.90 27.27
CA GLY G 27 19.03 12.15 27.10
C GLY G 27 18.44 13.06 26.04
N LEU G 28 17.18 13.46 26.23
CA LEU G 28 16.44 14.32 25.32
C LEU G 28 16.13 15.64 25.99
N ASP G 29 15.94 16.70 25.18
CA ASP G 29 15.55 18.01 25.68
C ASP G 29 14.05 17.96 26.06
N GLU G 30 13.60 18.89 26.92
CA GLU G 30 12.21 18.97 27.39
C GLU G 30 11.15 19.00 26.27
N SER G 31 11.53 19.50 25.07
CA SER G 31 10.64 19.57 23.90
C SER G 31 10.64 18.27 23.07
N GLY G 32 11.70 17.48 23.17
CA GLY G 32 11.84 16.21 22.46
C GLY G 32 13.19 15.92 21.84
N LEU G 33 13.81 16.92 21.18
CA LEU G 33 15.10 16.84 20.49
C LEU G 33 16.23 16.24 21.32
N ALA G 34 16.83 15.15 20.82
CA ALA G 34 17.92 14.43 21.48
C ALA G 34 19.23 15.20 21.42
N LYS G 35 19.91 15.32 22.58
CA LYS G 35 21.21 15.99 22.70
C LYS G 35 22.28 15.09 22.08
N GLN G 36 23.33 15.69 21.44
CA GLN G 36 24.44 14.98 20.81
C GLN G 36 24.97 13.86 21.74
N ALA G 37 25.15 14.19 23.02
CA ALA G 37 25.55 13.29 24.09
C ALA G 37 24.86 13.72 25.38
N ALA G 38 24.20 12.77 26.08
CA ALA G 38 23.46 12.98 27.34
C ALA G 38 22.98 11.65 27.94
N SER G 39 23.00 11.57 29.30
CA SER G 39 22.57 10.41 30.12
C SER G 39 23.28 9.10 29.73
N GLY G 40 24.52 9.21 29.26
CA GLY G 40 25.34 8.09 28.85
C GLY G 40 25.21 7.69 27.39
N LEU G 41 24.24 8.31 26.67
CA LEU G 41 24.00 8.03 25.25
C LEU G 41 24.68 9.03 24.33
N VAL G 42 25.14 8.55 23.15
CA VAL G 42 25.86 9.31 22.12
C VAL G 42 25.29 8.97 20.74
N GLY G 43 25.01 10.01 19.94
CA GLY G 43 24.47 9.87 18.59
C GLY G 43 23.11 9.22 18.60
N GLN G 44 22.71 8.60 17.46
CA GLN G 44 21.41 7.89 17.29
C GLN G 44 20.21 8.76 17.76
N GLU G 45 20.28 10.09 17.53
CA GLU G 45 19.27 11.08 17.92
C GLU G 45 17.85 10.72 17.48
N ASN G 46 17.70 10.35 16.20
CA ASN G 46 16.45 9.98 15.55
C ASN G 46 15.69 8.90 16.33
N ALA G 47 16.35 7.75 16.60
CA ALA G 47 15.79 6.61 17.32
C ALA G 47 15.45 6.94 18.78
N ARG G 48 16.34 7.68 19.48
CA ARG G 48 16.18 8.11 20.87
C ARG G 48 14.95 9.00 21.02
N GLU G 49 14.73 9.90 20.04
CA GLU G 49 13.59 10.81 19.99
C GLU G 49 12.29 10.03 19.91
N ALA G 50 12.26 8.93 19.12
CA ALA G 50 11.11 8.03 18.95
C ALA G 50 10.84 7.21 20.22
N CYS G 51 11.90 6.80 20.95
CA CYS G 51 11.81 6.05 22.21
C CYS G 51 11.12 6.93 23.24
N GLY G 52 11.45 8.22 23.23
CA GLY G 52 10.87 9.24 24.10
C GLY G 52 9.37 9.32 23.92
N VAL G 53 8.91 9.30 22.65
CA VAL G 53 7.50 9.32 22.25
C VAL G 53 6.80 8.04 22.76
N ILE G 54 7.53 6.89 22.76
CA ILE G 54 7.05 5.60 23.27
C ILE G 54 6.90 5.68 24.78
N VAL G 55 7.92 6.21 25.49
CA VAL G 55 7.92 6.43 26.95
C VAL G 55 6.73 7.35 27.32
N GLU G 56 6.53 8.44 26.53
CA GLU G 56 5.42 9.39 26.66
C GLU G 56 4.09 8.69 26.45
N LEU G 57 4.03 7.75 25.47
CA LEU G 57 2.86 6.93 25.14
C LEU G 57 2.53 5.95 26.27
N ILE G 58 3.57 5.39 26.93
CA ILE G 58 3.41 4.44 28.06
C ILE G 58 2.81 5.22 29.24
N LYS G 59 3.44 6.35 29.61
CA LYS G 59 3.03 7.22 30.71
C LYS G 59 1.60 7.75 30.58
N SER G 60 1.22 8.27 29.39
CA SER G 60 -0.12 8.80 29.13
C SER G 60 -1.17 7.70 29.09
N ALA G 64 -0.89 3.11 24.95
CA ALA G 64 -0.43 2.25 23.87
C ALA G 64 -1.35 1.03 23.62
N GLY G 65 -1.09 -0.07 24.35
CA GLY G 65 -1.80 -1.34 24.21
C GLY G 65 -1.22 -2.23 23.13
N ARG G 66 -0.10 -1.76 22.56
CA ARG G 66 0.65 -2.40 21.49
C ARG G 66 2.13 -2.63 21.88
N ALA G 67 2.89 -3.34 21.00
CA ALA G 67 4.30 -3.67 21.19
C ALA G 67 5.22 -2.65 20.49
N VAL G 68 6.55 -2.82 20.64
CA VAL G 68 7.59 -1.99 20.03
C VAL G 68 8.67 -2.87 19.39
N LEU G 69 9.26 -2.41 18.27
CA LEU G 69 10.32 -3.12 17.54
C LEU G 69 11.45 -2.19 17.14
N LEU G 70 12.68 -2.59 17.47
CA LEU G 70 13.88 -1.85 17.07
C LEU G 70 14.53 -2.59 15.91
N ALA G 71 14.48 -1.98 14.72
CA ALA G 71 15.00 -2.53 13.49
C ALA G 71 16.33 -1.87 13.11
N GLY G 72 17.41 -2.65 13.20
CA GLY G 72 18.75 -2.16 12.88
C GLY G 72 19.82 -3.23 12.89
N PRO G 73 21.03 -2.92 12.36
CA PRO G 73 22.11 -3.91 12.36
C PRO G 73 22.76 -4.02 13.75
N PRO G 74 23.76 -4.94 14.00
CA PRO G 74 24.35 -5.00 15.35
C PRO G 74 25.11 -3.74 15.78
N GLY G 75 25.27 -3.60 17.10
CA GLY G 75 25.97 -2.49 17.74
C GLY G 75 25.43 -1.10 17.46
N THR G 76 24.09 -1.00 17.29
CA THR G 76 23.43 0.28 17.01
C THR G 76 22.63 0.80 18.23
N GLY G 77 22.80 0.10 19.37
CA GLY G 77 22.18 0.47 20.64
C GLY G 77 20.76 0.00 20.88
N LYS G 78 20.30 -1.03 20.14
CA LYS G 78 18.95 -1.60 20.29
C LYS G 78 18.70 -1.98 21.76
N THR G 79 19.60 -2.80 22.33
CA THR G 79 19.57 -3.27 23.72
C THR G 79 19.61 -2.08 24.69
N ALA G 80 20.51 -1.10 24.43
CA ALA G 80 20.70 0.11 25.23
C ALA G 80 19.46 1.02 25.26
N LEU G 81 18.70 1.10 24.13
CA LEU G 81 17.49 1.91 24.00
C LEU G 81 16.32 1.39 24.81
N ALA G 82 16.21 0.04 24.92
CA ALA G 82 15.17 -0.62 25.70
C ALA G 82 15.45 -0.42 27.20
N LEU G 83 16.75 -0.39 27.57
CA LEU G 83 17.21 -0.15 28.94
C LEU G 83 16.97 1.32 29.26
N ALA G 84 17.24 2.21 28.29
CA ALA G 84 17.02 3.65 28.40
C ALA G 84 15.53 3.96 28.56
N ILE G 85 14.67 3.14 27.89
CA ILE G 85 13.21 3.24 27.98
C ILE G 85 12.79 2.91 29.43
N ALA G 86 13.38 1.84 30.01
CA ALA G 86 13.12 1.41 31.39
C ALA G 86 13.55 2.49 32.39
N GLN G 87 14.73 3.11 32.17
CA GLN G 87 15.29 4.18 33.00
C GLN G 87 14.42 5.44 32.91
N GLU G 88 14.11 5.89 31.67
CA GLU G 88 13.31 7.10 31.38
C GLU G 88 11.88 7.04 31.93
N LEU G 89 11.35 5.83 32.21
CA LEU G 89 10.01 5.65 32.78
C LEU G 89 9.96 6.15 34.22
N GLY G 90 11.11 6.11 34.89
CA GLY G 90 11.28 6.54 36.28
C GLY G 90 12.37 5.79 37.00
N SER G 91 12.70 6.24 38.22
CA SER G 91 13.72 5.60 39.05
C SER G 91 13.20 4.28 39.59
N LYS G 92 13.95 3.19 39.33
CA LYS G 92 13.66 1.80 39.70
C LYS G 92 12.37 1.27 39.04
N VAL G 93 12.50 0.93 37.75
CA VAL G 93 11.43 0.34 36.91
C VAL G 93 12.03 -0.97 36.34
N PRO G 94 11.35 -2.13 36.53
CA PRO G 94 11.93 -3.42 36.09
C PRO G 94 12.27 -3.52 34.60
N PHE G 95 13.40 -4.18 34.30
CA PHE G 95 13.89 -4.41 32.95
C PHE G 95 14.45 -5.82 32.83
N CYS G 96 13.87 -6.63 31.93
CA CYS G 96 14.34 -7.99 31.72
C CYS G 96 14.81 -8.26 30.29
N PRO G 97 16.15 -8.35 30.08
CA PRO G 97 16.65 -8.65 28.73
C PRO G 97 16.67 -10.15 28.47
N MET G 98 16.00 -10.57 27.38
CA MET G 98 15.94 -11.99 27.00
C MET G 98 16.35 -12.19 25.54
N VAL G 99 16.50 -13.47 25.13
CA VAL G 99 16.89 -13.88 23.78
C VAL G 99 15.81 -14.84 23.25
N GLY G 100 15.73 -14.98 21.92
CA GLY G 100 14.79 -15.87 21.24
C GLY G 100 15.08 -17.34 21.50
N SER G 101 16.37 -17.73 21.38
CA SER G 101 16.84 -19.10 21.60
C SER G 101 16.69 -19.61 23.04
N GLU G 102 16.53 -18.68 24.02
CA GLU G 102 16.36 -18.93 25.45
C GLU G 102 15.28 -19.96 25.81
N VAL G 103 14.14 -19.92 25.11
CA VAL G 103 12.98 -20.80 25.36
C VAL G 103 13.26 -22.27 24.99
N TYR G 104 14.27 -22.53 24.14
CA TYR G 104 14.60 -23.87 23.67
C TYR G 104 15.60 -24.58 24.58
N SER G 105 15.04 -25.38 25.51
CA SER G 105 15.75 -26.19 26.50
C SER G 105 14.96 -27.47 26.77
N THR G 106 15.64 -28.53 27.24
CA THR G 106 15.01 -29.81 27.55
C THR G 106 14.52 -29.82 29.01
N GLU G 107 15.43 -29.48 29.95
CA GLU G 107 15.20 -29.43 31.40
C GLU G 107 14.03 -28.50 31.78
N ILE G 108 13.86 -27.38 31.05
CA ILE G 108 12.79 -26.42 31.29
C ILE G 108 11.90 -26.25 30.04
N LYS G 109 10.58 -26.18 30.25
CA LYS G 109 9.57 -26.02 29.20
C LYS G 109 9.47 -24.57 28.73
N LYS G 110 9.11 -24.39 27.44
CA LYS G 110 8.96 -23.09 26.76
C LYS G 110 8.01 -22.12 27.47
N THR G 111 6.89 -22.65 28.03
CA THR G 111 5.87 -21.88 28.76
C THR G 111 6.47 -21.21 30.01
N GLU G 112 7.40 -21.90 30.68
CA GLU G 112 8.05 -21.41 31.90
C GLU G 112 9.12 -20.36 31.65
N VAL G 113 9.89 -20.49 30.55
CA VAL G 113 10.96 -19.55 30.18
C VAL G 113 10.40 -18.14 29.97
N LEU G 114 9.32 -18.02 29.18
CA LEU G 114 8.64 -16.75 28.90
C LEU G 114 8.00 -16.16 30.16
N MET G 115 7.25 -16.99 30.93
CA MET G 115 6.57 -16.62 32.19
C MET G 115 7.57 -16.05 33.21
N GLU G 116 8.76 -16.69 33.34
CA GLU G 116 9.86 -16.29 34.23
C GLU G 116 10.31 -14.85 33.93
N ASN G 117 10.71 -14.59 32.67
CA ASN G 117 11.18 -13.30 32.17
C ASN G 117 10.09 -12.23 32.26
N PHE G 118 8.81 -12.64 32.11
CA PHE G 118 7.64 -11.77 32.24
C PHE G 118 7.50 -11.30 33.69
N ARG G 119 7.67 -12.25 34.66
CA ARG G 119 7.61 -12.00 36.09
C ARG G 119 8.75 -11.08 36.53
N ARG G 120 9.94 -11.22 35.89
CA ARG G 120 11.13 -10.40 36.13
C ARG G 120 10.87 -8.96 35.67
N ALA G 121 10.08 -8.80 34.57
CA ALA G 121 9.74 -7.53 33.95
C ALA G 121 8.65 -6.71 34.68
N ILE G 122 7.93 -7.33 35.65
CA ILE G 122 6.89 -6.63 36.43
C ILE G 122 7.30 -6.65 37.91
N GLY G 123 7.27 -5.49 38.55
CA GLY G 123 7.67 -5.36 39.96
C GLY G 123 6.66 -4.69 40.87
N LEU G 124 7.11 -4.36 42.09
CA LEU G 124 6.31 -3.71 43.14
C LEU G 124 7.10 -2.63 43.88
N ARG G 125 6.37 -1.60 44.36
CA ARG G 125 6.92 -0.50 45.15
C ARG G 125 6.14 -0.45 46.47
N ILE G 126 6.79 -0.93 47.57
CA ILE G 126 6.18 -1.01 48.90
C ILE G 126 6.55 0.22 49.75
N GLN G 135 10.66 -0.12 49.15
CA GLN G 135 11.20 -1.40 48.70
C GLN G 135 10.81 -1.68 47.24
N ASP G 136 11.81 -1.68 46.34
CA ASP G 136 11.63 -1.96 44.91
C ASP G 136 12.07 -3.39 44.66
N VAL G 137 11.11 -4.28 44.36
CA VAL G 137 11.37 -5.70 44.14
C VAL G 137 10.53 -6.26 42.97
N THR G 138 11.10 -7.20 42.20
CA THR G 138 10.43 -7.82 41.06
C THR G 138 9.60 -9.03 41.50
N LEU G 139 8.55 -9.38 40.72
CA LEU G 139 7.66 -10.50 41.01
C LEU G 139 8.32 -11.89 40.91
N HIS G 140 9.57 -11.96 40.40
CA HIS G 140 10.33 -13.22 40.31
C HIS G 140 11.28 -13.38 41.50
N ASP G 141 11.61 -12.26 42.20
CA ASP G 141 12.46 -12.27 43.40
C ASP G 141 11.69 -12.96 44.54
N LEU G 142 10.35 -12.75 44.56
CA LEU G 142 9.41 -13.33 45.52
C LEU G 142 9.11 -14.81 45.21
N ASP G 143 9.35 -15.24 43.95
CA ASP G 143 9.12 -16.63 43.51
C ASP G 143 10.23 -17.56 44.00
N VAL G 144 11.51 -17.17 43.80
CA VAL G 144 12.69 -17.94 44.22
C VAL G 144 12.85 -17.94 45.76
N ALA G 145 12.33 -16.89 46.43
CA ALA G 145 12.39 -16.72 47.89
C ALA G 145 11.62 -17.82 48.63
N ASN G 146 10.41 -18.15 48.17
CA ASN G 146 9.56 -19.17 48.78
C ASN G 146 9.95 -20.59 48.40
N ALA G 147 10.65 -20.77 47.26
CA ALA G 147 11.12 -22.08 46.78
C ALA G 147 12.60 -22.34 47.13
N ARG G 148 13.16 -21.53 48.06
CA ARG G 148 14.54 -21.63 48.54
C ARG G 148 14.66 -22.62 49.69
N THR G 168 12.33 -26.45 44.95
CA THR G 168 13.23 -26.35 43.81
C THR G 168 12.46 -26.16 42.48
N GLU G 169 11.17 -26.55 42.46
CA GLU G 169 10.31 -26.46 41.27
C GLU G 169 9.08 -25.56 41.46
N ILE G 170 9.15 -24.32 40.94
CA ILE G 170 8.05 -23.34 41.01
C ILE G 170 6.93 -23.76 40.05
N THR G 171 5.73 -24.00 40.61
CA THR G 171 4.54 -24.43 39.88
C THR G 171 3.54 -23.28 39.72
N ASP G 172 2.33 -23.59 39.18
CA ASP G 172 1.25 -22.64 38.97
C ASP G 172 0.62 -22.23 40.30
N LYS G 173 0.52 -23.18 41.25
CA LYS G 173 -0.04 -22.96 42.59
C LYS G 173 0.95 -22.17 43.45
N LEU G 174 2.27 -22.42 43.25
CA LEU G 174 3.38 -21.75 43.92
C LEU G 174 3.32 -20.24 43.63
N ARG G 175 2.98 -19.90 42.37
CA ARG G 175 2.80 -18.52 41.90
C ARG G 175 1.43 -18.00 42.31
N GLY G 176 0.45 -18.91 42.39
CA GLY G 176 -0.94 -18.63 42.77
C GLY G 176 -1.07 -18.01 44.15
N GLU G 177 -0.30 -18.55 45.13
CA GLU G 177 -0.26 -18.04 46.51
C GLU G 177 0.42 -16.67 46.55
N ILE G 178 1.48 -16.48 45.73
CA ILE G 178 2.21 -15.20 45.61
C ILE G 178 1.25 -14.16 45.04
N ASN G 179 0.44 -14.54 44.03
CA ASN G 179 -0.58 -13.69 43.42
C ASN G 179 -1.65 -13.30 44.44
N LYS G 180 -1.96 -14.21 45.41
CA LYS G 180 -2.94 -13.97 46.49
C LYS G 180 -2.40 -12.97 47.52
N VAL G 181 -1.06 -12.96 47.73
CA VAL G 181 -0.35 -12.07 48.66
C VAL G 181 -0.16 -10.69 48.02
N VAL G 182 0.25 -10.66 46.73
CA VAL G 182 0.50 -9.44 45.94
C VAL G 182 -0.80 -8.64 45.73
N ASN G 183 -1.91 -9.32 45.36
CA ASN G 183 -3.22 -8.69 45.12
C ASN G 183 -3.84 -8.07 46.37
N LYS G 184 -3.69 -8.73 47.53
CA LYS G 184 -4.22 -8.28 48.82
C LYS G 184 -3.58 -6.96 49.27
N TYR G 185 -2.26 -6.80 49.02
CA TYR G 185 -1.48 -5.60 49.34
C TYR G 185 -1.98 -4.38 48.58
N ILE G 186 -2.35 -4.56 47.29
CA ILE G 186 -2.90 -3.52 46.42
C ILE G 186 -4.30 -3.08 46.88
N ASP G 187 -5.04 -4.00 47.52
CA ASP G 187 -6.39 -3.76 48.04
C ASP G 187 -6.36 -2.95 49.34
N GLN G 188 -5.25 -3.05 50.11
CA GLN G 188 -5.06 -2.35 51.39
C GLN G 188 -4.34 -0.99 51.28
N GLY G 189 -3.83 -0.66 50.10
CA GLY G 189 -3.14 0.59 49.83
C GLY G 189 -1.73 0.65 50.41
N ILE G 190 -0.90 -0.34 50.04
CA ILE G 190 0.50 -0.46 50.48
C ILE G 190 1.42 -0.70 49.30
N GLU G 192 2.40 -0.57 45.42
CA GLU G 192 2.01 -0.25 44.06
C GLU G 192 2.63 -1.23 43.07
N LEU G 193 1.86 -1.63 42.05
CA LEU G 193 2.33 -2.54 41.00
C LEU G 193 2.94 -1.70 39.87
N VAL G 194 4.21 -2.00 39.50
CA VAL G 194 4.92 -1.26 38.46
C VAL G 194 5.28 -2.17 37.26
N PRO G 195 4.53 -2.06 36.14
CA PRO G 195 4.85 -2.87 34.95
C PRO G 195 6.03 -2.24 34.21
N GLY G 196 7.11 -2.99 34.08
CA GLY G 196 8.34 -2.51 33.46
C GLY G 196 8.52 -2.80 31.99
N VAL G 197 9.71 -3.32 31.64
CA VAL G 197 10.14 -3.60 30.27
C VAL G 197 10.66 -5.03 30.11
N LEU G 198 10.16 -5.73 29.08
CA LEU G 198 10.62 -7.05 28.68
C LEU G 198 11.22 -6.85 27.29
N PHE G 199 12.54 -7.01 27.17
CA PHE G 199 13.26 -6.87 25.91
C PHE G 199 13.51 -8.25 25.32
N VAL G 200 13.04 -8.49 24.09
CA VAL G 200 13.19 -9.78 23.43
C VAL G 200 14.06 -9.64 22.17
N ASP G 201 15.33 -10.06 22.28
CA ASP G 201 16.27 -10.01 21.16
C ASP G 201 16.28 -11.35 20.42
N GLU G 202 16.85 -11.36 19.19
CA GLU G 202 16.92 -12.53 18.29
C GLU G 202 15.52 -13.11 18.04
N VAL G 203 14.51 -12.20 17.98
CA VAL G 203 13.08 -12.48 17.81
C VAL G 203 12.79 -13.47 16.66
N HIS G 204 13.62 -13.46 15.59
CA HIS G 204 13.53 -14.35 14.43
C HIS G 204 13.64 -15.83 14.82
N MET G 205 14.20 -16.10 16.02
CA MET G 205 14.38 -17.44 16.58
C MET G 205 13.15 -17.95 17.33
N LEU G 206 12.15 -17.09 17.61
CA LEU G 206 10.92 -17.51 18.31
C LEU G 206 9.94 -18.20 17.36
N ASP G 207 9.20 -19.20 17.88
CA ASP G 207 8.21 -19.92 17.09
C ASP G 207 6.82 -19.29 17.22
N ILE G 208 5.89 -19.70 16.33
CA ILE G 208 4.49 -19.25 16.24
C ILE G 208 3.77 -19.27 17.61
N GLU G 209 4.00 -20.32 18.44
CA GLU G 209 3.41 -20.50 19.76
C GLU G 209 3.96 -19.48 20.77
N CYS G 210 5.25 -19.12 20.63
CA CYS G 210 5.92 -18.13 21.49
C CYS G 210 5.30 -16.76 21.27
N PHE G 211 5.04 -16.43 19.99
CA PHE G 211 4.41 -15.17 19.57
C PHE G 211 2.95 -15.07 20.01
N THR G 212 2.26 -16.22 20.11
CA THR G 212 0.87 -16.32 20.57
C THR G 212 0.81 -15.97 22.07
N TYR G 213 1.68 -16.63 22.87
CA TYR G 213 1.82 -16.42 24.31
C TYR G 213 2.07 -14.94 24.61
N LEU G 214 3.04 -14.33 23.90
CA LEU G 214 3.42 -12.92 24.02
C LEU G 214 2.27 -11.98 23.69
N HIS G 215 1.56 -12.22 22.57
CA HIS G 215 0.43 -11.40 22.12
C HIS G 215 -0.78 -11.50 23.07
N ARG G 216 -1.04 -12.70 23.61
CA ARG G 216 -2.13 -12.95 24.56
C ARG G 216 -1.83 -12.27 25.90
N ALA G 217 -0.53 -12.24 26.30
CA ALA G 217 -0.06 -11.59 27.52
C ALA G 217 -0.07 -10.07 27.34
N LEU G 218 0.20 -9.60 26.11
CA LEU G 218 0.22 -8.18 25.71
C LEU G 218 -1.17 -7.54 25.91
N GLU G 219 -2.22 -8.37 25.90
CA GLU G 219 -3.62 -7.96 26.10
C GLU G 219 -4.00 -7.93 27.60
N SER G 220 -3.06 -7.47 28.47
CA SER G 220 -3.26 -7.37 29.93
C SER G 220 -2.91 -5.96 30.46
N SER G 221 -3.73 -5.45 31.40
CA SER G 221 -3.58 -4.12 32.02
C SER G 221 -2.44 -4.02 33.07
N ILE G 222 -1.83 -5.17 33.42
CA ILE G 222 -0.73 -5.24 34.39
C ILE G 222 0.59 -5.68 33.72
N ALA G 223 0.51 -6.03 32.41
CA ALA G 223 1.63 -6.50 31.59
C ALA G 223 2.67 -5.41 31.26
N PRO G 224 3.95 -5.78 30.97
CA PRO G 224 4.95 -4.74 30.65
C PRO G 224 4.89 -4.26 29.20
N ILE G 225 5.99 -3.62 28.72
CA ILE G 225 6.14 -3.20 27.32
C ILE G 225 7.09 -4.20 26.66
N VAL G 226 6.63 -4.89 25.60
CA VAL G 226 7.43 -5.90 24.92
C VAL G 226 8.21 -5.27 23.76
N ILE G 227 9.53 -5.11 23.94
CA ILE G 227 10.40 -4.51 22.93
C ILE G 227 11.21 -5.58 22.17
N PHE G 228 10.89 -5.75 20.88
CA PHE G 228 11.53 -6.69 19.98
C PHE G 228 12.72 -6.03 19.28
N ALA G 229 13.71 -6.84 18.88
CA ALA G 229 14.88 -6.37 18.15
C ALA G 229 15.22 -7.34 17.04
N SER G 230 15.49 -6.80 15.83
CA SER G 230 15.83 -7.60 14.66
C SER G 230 17.00 -7.00 13.91
N ASN G 231 17.83 -7.88 13.33
CA ASN G 231 19.00 -7.51 12.53
C ASN G 231 18.75 -7.90 11.07
N ARG G 232 17.65 -8.63 10.82
CA ARG G 232 17.24 -9.16 9.52
C ARG G 232 15.93 -8.54 8.99
N GLY G 233 15.67 -8.75 7.69
CA GLY G 233 14.48 -8.28 6.99
C GLY G 233 13.40 -9.34 6.95
N ASN G 234 13.03 -9.80 5.74
CA ASN G 234 12.00 -10.84 5.52
C ASN G 234 12.48 -12.20 6.05
N CYS G 235 11.80 -12.71 7.10
CA CYS G 235 12.18 -13.96 7.74
C CYS G 235 11.06 -15.00 7.76
N VAL G 236 11.46 -16.27 7.57
CA VAL G 236 10.57 -17.44 7.59
C VAL G 236 10.24 -17.73 9.06
N ILE G 237 8.95 -17.63 9.44
CA ILE G 237 8.50 -17.86 10.82
C ILE G 237 8.67 -19.33 11.21
N ARG G 238 9.19 -19.55 12.44
CA ARG G 238 9.43 -20.87 13.03
C ARG G 238 8.10 -21.55 13.35
N GLY G 239 7.99 -22.81 12.91
CA GLY G 239 6.79 -23.63 13.08
C GLY G 239 6.05 -23.77 11.77
N THR G 240 6.51 -23.05 10.72
CA THR G 240 5.91 -23.07 9.39
C THR G 240 6.87 -23.63 8.31
N GLU G 241 8.12 -23.09 8.26
CA GLU G 241 9.18 -23.42 7.29
C GLU G 241 8.85 -22.93 5.85
N ASP G 242 7.65 -22.35 5.66
CA ASP G 242 7.18 -21.84 4.37
C ASP G 242 6.80 -20.36 4.44
N ILE G 243 5.96 -19.98 5.42
CA ILE G 243 5.47 -18.61 5.59
C ILE G 243 6.59 -17.66 6.07
N THR G 244 6.88 -16.66 5.23
CA THR G 244 7.87 -15.61 5.46
C THR G 244 7.12 -14.32 5.75
N SER G 245 7.51 -13.63 6.84
CA SER G 245 6.92 -12.35 7.26
C SER G 245 8.01 -11.36 7.69
N PRO G 246 7.75 -10.02 7.72
CA PRO G 246 8.81 -9.08 8.15
C PRO G 246 9.35 -9.34 9.57
N HIS G 247 10.68 -9.58 9.66
CA HIS G 247 11.49 -9.83 10.87
C HIS G 247 11.18 -11.16 11.58
N GLY G 248 10.34 -12.00 10.97
CA GLY G 248 9.94 -13.29 11.52
C GLY G 248 8.79 -13.17 12.50
N ILE G 249 8.19 -11.97 12.58
CA ILE G 249 7.06 -11.66 13.46
C ILE G 249 5.74 -11.86 12.68
N PRO G 250 4.85 -12.77 13.14
CA PRO G 250 3.58 -13.00 12.42
C PRO G 250 2.74 -11.75 12.23
N LEU G 251 2.09 -11.66 11.05
CA LEU G 251 1.30 -10.54 10.56
C LEU G 251 -0.04 -10.29 11.31
N ASP G 252 -0.03 -10.46 12.65
CA ASP G 252 -1.15 -10.22 13.56
C ASP G 252 -0.63 -9.39 14.74
N LEU G 253 0.56 -9.77 15.27
CA LEU G 253 1.25 -9.10 16.36
C LEU G 253 2.02 -7.90 15.79
N LEU G 254 2.57 -8.05 14.57
CA LEU G 254 3.33 -7.05 13.82
C LEU G 254 2.49 -5.80 13.50
N ASP G 255 1.16 -5.96 13.44
CA ASP G 255 0.18 -4.91 13.20
C ASP G 255 0.10 -3.95 14.40
N ARG G 256 0.32 -4.48 15.61
CA ARG G 256 0.33 -3.71 16.85
C ARG G 256 1.72 -3.15 17.12
N VAL G 257 2.76 -3.79 16.56
CA VAL G 257 4.16 -3.39 16.72
C VAL G 257 4.44 -1.98 16.14
N MET G 258 5.16 -1.15 16.93
CA MET G 258 5.60 0.20 16.54
C MET G 258 7.09 0.09 16.22
N ILE G 259 7.47 0.35 14.96
CA ILE G 259 8.86 0.20 14.53
C ILE G 259 9.67 1.49 14.62
N ILE G 260 10.88 1.37 15.22
CA ILE G 260 11.91 2.40 15.37
C ILE G 260 13.16 1.83 14.67
N ARG G 261 13.95 2.70 14.01
CA ARG G 261 15.14 2.32 13.25
C ARG G 261 16.43 2.82 13.89
N THR G 262 17.46 1.96 13.91
CA THR G 262 18.81 2.30 14.41
C THR G 262 19.83 2.19 13.27
N MET G 263 20.72 3.19 13.16
CA MET G 263 21.77 3.26 12.12
C MET G 263 23.17 3.09 12.72
N LEU G 264 24.16 2.70 11.87
CA LEU G 264 25.56 2.52 12.28
C LEU G 264 26.19 3.85 12.67
N TYR G 265 27.15 3.83 13.60
CA TYR G 265 27.81 5.04 14.08
C TYR G 265 29.01 5.46 13.23
N THR G 266 29.31 6.77 13.20
CA THR G 266 30.46 7.34 12.49
C THR G 266 31.72 7.06 13.34
N PRO G 267 32.96 7.08 12.81
CA PRO G 267 34.14 6.81 13.67
C PRO G 267 34.19 7.64 14.95
N GLN G 268 33.87 8.95 14.87
CA GLN G 268 33.85 9.86 16.02
C GLN G 268 32.74 9.49 17.02
N GLU G 269 31.52 9.18 16.51
CA GLU G 269 30.36 8.73 17.31
C GLU G 269 30.74 7.45 18.07
N MET G 270 31.41 6.50 17.37
CA MET G 270 31.90 5.24 17.94
C MET G 270 32.96 5.51 18.99
N LYS G 271 33.93 6.41 18.70
CA LYS G 271 35.02 6.82 19.61
C LYS G 271 34.45 7.39 20.90
N GLN G 272 33.42 8.27 20.78
CA GLN G 272 32.70 8.93 21.86
C GLN G 272 32.10 7.93 22.85
N ILE G 273 31.45 6.86 22.34
CA ILE G 273 30.82 5.79 23.11
C ILE G 273 31.91 5.03 23.90
N ILE G 274 32.99 4.64 23.20
CA ILE G 274 34.16 3.94 23.77
C ILE G 274 34.79 4.80 24.88
N LYS G 275 34.87 6.14 24.65
CA LYS G 275 35.40 7.12 25.61
C LYS G 275 34.61 7.13 26.93
N ILE G 276 33.27 6.97 26.87
CA ILE G 276 32.43 6.89 28.07
C ILE G 276 32.59 5.50 28.70
N ARG G 277 32.59 4.43 27.85
CA ARG G 277 32.75 3.04 28.28
C ARG G 277 34.06 2.76 29.00
N ALA G 278 35.17 3.39 28.58
CA ALA G 278 36.48 3.25 29.22
C ALA G 278 36.44 3.87 30.62
N GLN G 279 35.94 5.14 30.71
CA GLN G 279 35.78 5.93 31.94
C GLN G 279 34.95 5.20 33.00
N THR G 280 33.76 4.68 32.62
CA THR G 280 32.84 3.95 33.49
C THR G 280 33.51 2.69 34.04
N GLU G 281 34.25 1.96 33.17
CA GLU G 281 35.00 0.75 33.52
C GLU G 281 36.29 1.08 34.31
N GLY G 282 36.64 2.37 34.38
CA GLY G 282 37.82 2.86 35.10
C GLY G 282 39.11 2.55 34.38
N ILE G 283 39.05 2.57 33.04
CA ILE G 283 40.15 2.27 32.13
C ILE G 283 40.72 3.58 31.55
N ASN G 284 42.06 3.75 31.63
CA ASN G 284 42.77 4.91 31.10
C ASN G 284 43.27 4.55 29.70
N ILE G 285 42.96 5.39 28.71
CA ILE G 285 43.32 5.16 27.30
C ILE G 285 43.85 6.43 26.63
N SER G 286 44.72 6.28 25.62
CA SER G 286 45.27 7.41 24.86
C SER G 286 44.28 7.84 23.77
N GLU G 287 44.47 9.04 23.20
CA GLU G 287 43.63 9.58 22.13
C GLU G 287 43.93 8.94 20.77
N GLU G 288 45.13 8.33 20.62
CA GLU G 288 45.56 7.64 19.41
C GLU G 288 44.94 6.24 19.37
N ALA G 289 44.86 5.57 20.55
CA ALA G 289 44.27 4.24 20.70
C ALA G 289 42.77 4.27 20.48
N LEU G 290 42.10 5.37 20.92
CA LEU G 290 40.66 5.59 20.76
C LEU G 290 40.30 5.71 19.28
N ASN G 291 41.16 6.36 18.47
CA ASN G 291 40.96 6.51 17.03
C ASN G 291 41.18 5.20 16.30
N HIS G 292 42.04 4.33 16.86
CA HIS G 292 42.33 3.01 16.31
C HIS G 292 41.20 2.03 16.67
N LEU G 293 40.71 2.10 17.92
CA LEU G 293 39.61 1.28 18.44
C LEU G 293 38.28 1.75 17.84
N GLY G 294 38.23 3.03 17.46
CA GLY G 294 37.08 3.64 16.79
C GLY G 294 37.04 3.23 15.33
N GLU G 295 38.24 2.95 14.76
CA GLU G 295 38.42 2.49 13.37
C GLU G 295 38.03 1.01 13.27
N ILE G 296 38.30 0.24 14.34
CA ILE G 296 37.98 -1.19 14.45
C ILE G 296 36.46 -1.37 14.51
N GLY G 297 35.77 -0.47 15.22
CA GLY G 297 34.32 -0.45 15.36
C GLY G 297 33.60 -0.16 14.06
N THR G 298 34.30 0.52 13.13
CA THR G 298 33.81 0.87 11.79
C THR G 298 33.94 -0.35 10.87
N LYS G 299 35.10 -1.05 10.92
CA LYS G 299 35.40 -2.24 10.13
C LYS G 299 34.55 -3.42 10.58
N THR G 300 34.44 -3.64 11.90
CA THR G 300 33.66 -4.70 12.53
C THR G 300 32.40 -4.05 13.14
N THR G 301 32.09 -4.30 14.42
CA THR G 301 30.97 -3.67 15.13
C THR G 301 31.45 -2.95 16.40
N LEU G 302 30.63 -2.03 16.92
CA LEU G 302 30.88 -1.24 18.13
C LEU G 302 31.12 -2.16 19.34
N ARG G 303 30.32 -3.25 19.45
CA ARG G 303 30.40 -4.26 20.50
C ARG G 303 31.79 -4.92 20.55
N TYR G 304 32.37 -5.24 19.36
CA TYR G 304 33.71 -5.85 19.26
C TYR G 304 34.79 -4.94 19.85
N SER G 305 34.67 -3.62 19.68
CA SER G 305 35.62 -2.62 20.21
C SER G 305 35.58 -2.52 21.74
N VAL G 306 34.37 -2.42 22.35
CA VAL G 306 34.17 -2.32 23.81
C VAL G 306 34.78 -3.55 24.50
N GLN G 307 34.59 -4.74 23.91
CA GLN G 307 35.11 -6.00 24.45
C GLN G 307 36.64 -6.09 24.37
N LEU G 308 37.31 -5.22 23.58
CA LEU G 308 38.77 -5.18 23.45
C LEU G 308 39.44 -4.30 24.52
N LEU G 309 38.66 -3.38 25.16
CA LEU G 309 39.13 -2.45 26.21
C LEU G 309 39.74 -3.17 27.42
N THR G 310 39.07 -4.23 27.93
CA THR G 310 39.50 -5.01 29.09
C THR G 310 40.80 -5.80 28.80
N PRO G 311 40.92 -6.65 27.72
CA PRO G 311 42.22 -7.32 27.48
C PRO G 311 43.36 -6.37 27.08
N ALA G 312 43.03 -5.14 26.63
CA ALA G 312 44.03 -4.13 26.29
C ALA G 312 44.55 -3.45 27.56
N ASN G 313 43.65 -3.22 28.55
CA ASN G 313 44.00 -2.63 29.85
C ASN G 313 44.79 -3.61 30.70
N LEU G 314 44.54 -4.92 30.49
CA LEU G 314 45.22 -6.03 31.15
C LEU G 314 46.64 -6.18 30.59
N LEU G 315 46.81 -5.98 29.27
CA LEU G 315 48.09 -6.06 28.56
C LEU G 315 49.02 -4.91 28.98
N ALA G 316 48.46 -3.69 29.13
CA ALA G 316 49.18 -2.49 29.55
C ALA G 316 49.71 -2.62 30.99
N LYS G 317 48.93 -3.28 31.88
CA LYS G 317 49.30 -3.52 33.28
C LYS G 317 50.49 -4.49 33.39
N ILE G 318 50.60 -5.45 32.46
CA ILE G 318 51.67 -6.44 32.38
C ILE G 318 52.96 -5.81 31.82
N ASN G 319 52.81 -4.86 30.87
CA ASN G 319 53.92 -4.16 30.22
C ASN G 319 54.55 -3.07 31.13
N GLY G 320 53.75 -2.57 32.07
CA GLY G 320 54.17 -1.54 33.03
C GLY G 320 53.61 -0.17 32.78
N LYS G 321 52.37 -0.10 32.25
CA LYS G 321 51.66 1.14 31.93
C LYS G 321 50.31 1.25 32.65
N ASP G 322 49.87 2.50 32.91
CA ASP G 322 48.60 2.82 33.57
C ASP G 322 47.71 3.61 32.59
N SER G 323 47.88 3.35 31.29
CA SER G 323 47.17 3.96 30.15
C SER G 323 47.38 3.09 28.90
N ILE G 324 46.29 2.84 28.14
CA ILE G 324 46.35 2.04 26.92
C ILE G 324 46.81 2.89 25.76
N GLU G 325 47.90 2.46 25.12
CA GLU G 325 48.44 3.16 23.97
C GLU G 325 47.94 2.47 22.68
N LYS G 326 48.15 3.10 21.49
CA LYS G 326 47.68 2.57 20.21
C LYS G 326 48.26 1.19 19.87
N GLU G 327 49.54 0.97 20.19
CA GLU G 327 50.27 -0.30 19.97
C GLU G 327 49.77 -1.45 20.86
N HIS G 328 49.12 -1.12 22.00
CA HIS G 328 48.53 -2.11 22.91
C HIS G 328 47.28 -2.67 22.24
N VAL G 329 46.37 -1.77 21.79
CA VAL G 329 45.13 -2.10 21.06
C VAL G 329 45.50 -2.84 19.77
N GLU G 330 46.54 -2.37 19.06
CA GLU G 330 47.07 -2.95 17.82
C GLU G 330 47.40 -4.44 17.95
N GLU G 331 47.96 -4.86 19.10
CA GLU G 331 48.32 -6.26 19.33
C GLU G 331 47.10 -7.13 19.62
N ILE G 332 46.15 -6.66 20.46
CA ILE G 332 44.90 -7.38 20.79
C ILE G 332 44.05 -7.60 19.51
N SER G 333 44.13 -6.64 18.55
CA SER G 333 43.47 -6.67 17.25
C SER G 333 43.97 -7.86 16.41
N GLU G 334 45.26 -8.18 16.54
CA GLU G 334 45.92 -9.28 15.83
C GLU G 334 45.78 -10.60 16.60
N LEU G 335 45.91 -10.55 17.95
CA LEU G 335 45.79 -11.71 18.85
C LEU G 335 44.36 -12.28 18.81
N PHE G 336 43.36 -11.40 19.03
CA PHE G 336 41.95 -11.75 19.07
C PHE G 336 41.19 -11.28 17.85
N TYR G 337 40.20 -12.07 17.44
CA TYR G 337 39.39 -11.84 16.24
C TYR G 337 37.92 -11.60 16.56
N ASP G 338 37.17 -11.17 15.54
CA ASP G 338 35.73 -10.96 15.56
C ASP G 338 35.09 -12.20 14.90
N ALA G 339 33.75 -12.28 14.89
CA ALA G 339 33.00 -13.39 14.31
C ALA G 339 33.30 -13.60 12.82
N LYS G 340 33.27 -12.51 12.03
CA LYS G 340 33.46 -12.51 10.58
C LYS G 340 34.87 -12.93 10.09
N SER G 341 35.94 -12.16 10.44
CA SER G 341 37.32 -12.42 9.99
C SER G 341 37.84 -13.81 10.34
N SER G 342 37.55 -14.29 11.58
CA SER G 342 37.97 -15.63 12.04
C SER G 342 37.33 -16.73 11.19
N ALA G 343 36.05 -16.55 10.80
CA ALA G 343 35.30 -17.46 9.95
C ALA G 343 35.83 -17.37 8.51
N LYS G 344 36.24 -16.14 8.09
CA LYS G 344 36.81 -15.86 6.77
C LYS G 344 38.20 -16.50 6.63
N ILE G 345 39.02 -16.52 7.71
CA ILE G 345 40.37 -17.12 7.77
C ILE G 345 40.32 -18.58 7.32
N LEU G 346 39.40 -19.37 7.93
CA LEU G 346 39.21 -20.79 7.65
C LEU G 346 38.82 -21.09 6.21
N ALA G 347 38.06 -20.18 5.58
CA ALA G 347 37.64 -20.29 4.18
C ALA G 347 38.82 -20.08 3.22
N ASP G 348 39.74 -19.14 3.57
CA ASP G 348 40.94 -18.80 2.80
C ASP G 348 41.99 -19.91 2.75
N GLN G 349 41.89 -20.91 3.66
CA GLN G 349 42.80 -22.05 3.73
C GLN G 349 42.14 -23.29 3.11
N GLN G 350 41.01 -23.73 3.68
CA GLN G 350 40.24 -24.91 3.25
C GLN G 350 39.42 -24.62 2.00
N GLU H 7 26.92 -75.84 28.80
CA GLU H 7 28.15 -76.58 28.53
C GLU H 7 28.45 -76.63 27.03
N VAL H 8 28.90 -75.47 26.51
CA VAL H 8 29.27 -75.15 25.12
C VAL H 8 28.05 -75.25 24.17
N LYS H 9 26.99 -74.47 24.48
CA LYS H 9 25.80 -74.34 23.66
C LYS H 9 25.95 -72.93 23.07
N SER H 10 26.61 -72.84 21.90
CA SER H 10 26.98 -71.58 21.24
C SER H 10 25.87 -70.92 20.44
N THR H 11 25.89 -69.57 20.45
CA THR H 11 24.94 -68.68 19.77
C THR H 11 25.47 -68.18 18.42
N THR H 12 26.80 -68.34 18.17
CA THR H 12 27.47 -67.91 16.94
C THR H 12 26.68 -68.30 15.71
N LYS H 13 26.22 -67.27 14.95
CA LYS H 13 25.41 -67.44 13.74
C LYS H 13 26.23 -68.08 12.63
N THR H 14 26.13 -69.43 12.54
CA THR H 14 26.86 -70.33 11.64
C THR H 14 26.78 -69.92 10.16
N GLN H 15 25.58 -69.49 9.68
CA GLN H 15 25.36 -69.08 8.28
C GLN H 15 26.14 -67.83 7.88
N ARG H 16 26.37 -66.90 8.84
CA ARG H 16 27.11 -65.66 8.64
C ARG H 16 28.59 -65.96 8.34
N ILE H 17 29.22 -66.80 9.19
CA ILE H 17 30.63 -67.20 9.07
C ILE H 17 30.82 -68.47 8.20
N ALA H 18 29.76 -68.92 7.50
CA ALA H 18 29.77 -70.12 6.66
C ALA H 18 30.53 -69.95 5.35
N SER H 19 30.35 -68.80 4.66
CA SER H 19 30.99 -68.50 3.38
C SER H 19 32.52 -68.38 3.51
N HIS H 20 33.02 -68.14 4.74
CA HIS H 20 34.44 -67.95 5.06
C HIS H 20 35.11 -69.13 5.79
N SER H 21 34.41 -70.28 5.91
CA SER H 21 34.86 -71.51 6.61
C SER H 21 36.31 -71.96 6.32
N HIS H 22 36.85 -71.62 5.14
CA HIS H 22 38.22 -71.96 4.72
C HIS H 22 39.28 -71.06 5.38
N VAL H 23 38.91 -69.82 5.77
CA VAL H 23 39.79 -68.81 6.39
C VAL H 23 40.18 -69.25 7.82
N LYS H 24 41.41 -69.83 7.91
CA LYS H 24 42.02 -70.34 9.14
C LYS H 24 42.93 -69.31 9.84
N GLY H 25 43.39 -68.31 9.08
CA GLY H 25 44.25 -67.25 9.59
C GLY H 25 44.79 -66.31 8.52
N LEU H 26 45.63 -65.35 8.93
CA LEU H 26 46.24 -64.35 8.04
C LEU H 26 47.26 -64.92 7.05
N GLY H 27 47.79 -66.11 7.35
CA GLY H 27 48.75 -66.84 6.51
C GLY H 27 50.05 -66.14 6.22
N LEU H 28 50.65 -65.50 7.25
CA LEU H 28 51.91 -64.78 7.15
C LEU H 28 53.07 -65.66 7.65
N ASP H 29 54.32 -65.16 7.50
CA ASP H 29 55.52 -65.86 7.98
C ASP H 29 55.96 -65.30 9.35
N GLU H 30 57.12 -65.77 9.86
CA GLU H 30 57.69 -65.34 11.15
C GLU H 30 57.89 -63.82 11.20
N SER H 31 58.40 -63.22 10.10
CA SER H 31 58.64 -61.79 9.94
C SER H 31 57.37 -61.00 9.54
N GLY H 32 56.27 -61.72 9.30
CA GLY H 32 54.98 -61.15 8.94
C GLY H 32 54.79 -60.79 7.47
N LEU H 33 55.24 -61.67 6.56
CA LEU H 33 55.10 -61.47 5.11
C LEU H 33 54.09 -62.48 4.57
N ALA H 34 53.09 -61.99 3.82
CA ALA H 34 52.03 -62.83 3.27
C ALA H 34 52.47 -63.64 2.05
N LYS H 35 51.95 -64.88 1.96
CA LYS H 35 52.21 -65.83 0.88
C LYS H 35 51.02 -65.81 -0.09
N GLN H 36 51.26 -66.01 -1.40
CA GLN H 36 50.24 -66.04 -2.46
C GLN H 36 49.03 -66.94 -2.13
N ALA H 37 49.22 -67.92 -1.22
CA ALA H 37 48.23 -68.86 -0.71
C ALA H 37 48.72 -69.47 0.62
N ALA H 38 47.97 -69.21 1.72
CA ALA H 38 48.24 -69.71 3.08
C ALA H 38 47.06 -69.42 4.03
N SER H 39 46.73 -70.41 4.91
CA SER H 39 45.67 -70.37 5.93
C SER H 39 44.27 -70.02 5.37
N GLY H 40 44.00 -70.42 4.13
CA GLY H 40 42.74 -70.13 3.45
C GLY H 40 42.79 -68.88 2.60
N LEU H 41 43.53 -67.86 3.06
CA LEU H 41 43.70 -66.58 2.36
C LEU H 41 44.64 -66.67 1.16
N VAL H 42 44.24 -66.02 0.05
CA VAL H 42 44.94 -65.96 -1.23
C VAL H 42 45.02 -64.50 -1.68
N GLY H 43 46.22 -64.07 -2.09
CA GLY H 43 46.49 -62.70 -2.53
C GLY H 43 46.27 -61.72 -1.40
N GLN H 44 45.83 -60.48 -1.73
CA GLN H 44 45.55 -59.41 -0.76
C GLN H 44 46.64 -59.33 0.33
N GLU H 45 47.91 -59.40 -0.10
CA GLU H 45 49.13 -59.45 0.72
C GLU H 45 49.32 -58.23 1.63
N ASN H 46 49.33 -57.01 1.05
CA ASN H 46 49.53 -55.76 1.78
C ASN H 46 48.53 -55.63 2.93
N ALA H 47 47.23 -55.91 2.65
CA ALA H 47 46.14 -55.87 3.62
C ALA H 47 46.37 -56.86 4.78
N ARG H 48 46.75 -58.12 4.45
CA ARG H 48 47.07 -59.18 5.42
C ARG H 48 48.27 -58.78 6.28
N GLU H 49 49.30 -58.18 5.65
CA GLU H 49 50.52 -57.71 6.32
C GLU H 49 50.19 -56.62 7.33
N ALA H 50 49.42 -55.60 6.90
CA ALA H 50 48.95 -54.48 7.73
C ALA H 50 48.07 -54.97 8.88
N CYS H 51 47.31 -56.07 8.65
CA CYS H 51 46.47 -56.73 9.65
C CYS H 51 47.36 -57.41 10.69
N GLY H 52 48.42 -58.07 10.21
CA GLY H 52 49.41 -58.76 11.02
C GLY H 52 50.03 -57.87 12.07
N VAL H 53 50.27 -56.59 11.70
CA VAL H 53 50.80 -55.53 12.58
C VAL H 53 49.79 -55.28 13.71
N ILE H 54 48.48 -55.15 13.37
CA ILE H 54 47.38 -54.94 14.32
C ILE H 54 47.30 -56.11 15.33
N VAL H 55 47.50 -57.36 14.85
CA VAL H 55 47.51 -58.58 15.70
C VAL H 55 48.61 -58.41 16.77
N GLU H 56 49.83 -58.00 16.34
CA GLU H 56 50.97 -57.76 17.23
C GLU H 56 50.74 -56.51 18.09
N LEU H 57 49.88 -55.57 17.62
CA LEU H 57 49.54 -54.33 18.35
C LEU H 57 48.51 -54.57 19.46
N ILE H 58 47.57 -55.52 19.27
CA ILE H 58 46.55 -55.89 20.28
C ILE H 58 47.25 -56.68 21.40
N LYS H 59 48.10 -57.66 21.00
CA LYS H 59 48.88 -58.54 21.89
C LYS H 59 50.07 -57.82 22.57
N SER H 60 50.00 -56.48 22.63
CA SER H 60 50.97 -55.60 23.25
C SER H 60 50.21 -54.53 24.04
N LYS H 61 48.85 -54.56 23.95
CA LYS H 61 47.91 -53.60 24.54
C LYS H 61 48.26 -52.17 24.06
N LYS H 62 48.68 -52.09 22.79
CA LYS H 62 49.10 -50.88 22.09
C LYS H 62 48.02 -50.42 21.09
N MET H 63 46.94 -51.22 20.96
CA MET H 63 45.77 -50.92 20.16
C MET H 63 44.70 -50.32 21.10
N ALA H 64 45.14 -49.89 22.30
CA ALA H 64 44.33 -49.30 23.37
C ALA H 64 43.67 -48.01 22.92
N GLY H 65 42.34 -48.01 23.00
CA GLY H 65 41.50 -46.88 22.59
C GLY H 65 41.42 -46.68 21.09
N ARG H 66 42.00 -47.60 20.30
CA ARG H 66 42.03 -47.55 18.84
C ARG H 66 41.03 -48.51 18.19
N ALA H 67 40.65 -48.20 16.94
CA ALA H 67 39.74 -48.98 16.10
C ALA H 67 40.39 -49.19 14.72
N VAL H 68 39.92 -50.17 13.95
CA VAL H 68 40.44 -50.48 12.62
C VAL H 68 39.33 -50.31 11.57
N LEU H 69 39.68 -49.82 10.36
CA LEU H 69 38.76 -49.69 9.24
C LEU H 69 39.35 -50.37 8.01
N LEU H 70 38.67 -51.42 7.55
CA LEU H 70 39.05 -52.13 6.33
C LEU H 70 38.17 -51.56 5.23
N ALA H 71 38.75 -50.76 4.33
CA ALA H 71 37.97 -50.13 3.25
C ALA H 71 38.44 -50.48 1.85
N GLY H 72 37.51 -51.02 1.07
CA GLY H 72 37.70 -51.44 -0.32
C GLY H 72 36.39 -51.81 -1.01
N PRO H 73 36.44 -52.31 -2.27
CA PRO H 73 35.17 -52.67 -2.94
C PRO H 73 34.52 -53.96 -2.38
N PRO H 74 33.19 -54.17 -2.49
CA PRO H 74 32.60 -55.42 -1.94
C PRO H 74 33.11 -56.68 -2.62
N GLY H 75 33.41 -57.69 -1.83
CA GLY H 75 33.94 -58.96 -2.29
C GLY H 75 35.45 -58.92 -2.47
N THR H 76 36.15 -58.27 -1.53
CA THR H 76 37.61 -58.14 -1.51
C THR H 76 38.22 -58.61 -0.16
N GLY H 77 37.49 -59.48 0.54
CA GLY H 77 37.91 -60.06 1.80
C GLY H 77 37.94 -59.15 3.02
N LYS H 78 37.03 -58.16 3.10
CA LYS H 78 36.93 -57.24 4.24
C LYS H 78 36.50 -58.01 5.51
N THR H 79 35.45 -58.83 5.39
CA THR H 79 34.92 -59.62 6.50
C THR H 79 35.77 -60.87 6.73
N ALA H 80 36.52 -61.32 5.68
CA ALA H 80 37.43 -62.47 5.77
C ALA H 80 38.64 -62.10 6.63
N LEU H 81 39.24 -60.90 6.40
CA LEU H 81 40.39 -60.39 7.15
C LEU H 81 40.10 -60.21 8.63
N ALA H 82 38.92 -59.63 8.97
CA ALA H 82 38.49 -59.42 10.35
C ALA H 82 38.32 -60.74 11.08
N LEU H 83 37.88 -61.80 10.34
CA LEU H 83 37.73 -63.15 10.86
C LEU H 83 39.13 -63.71 11.10
N ALA H 84 40.03 -63.56 10.10
CA ALA H 84 41.43 -64.00 10.16
C ALA H 84 42.19 -63.36 11.33
N ILE H 85 41.86 -62.08 11.65
CA ILE H 85 42.43 -61.32 12.78
C ILE H 85 42.08 -62.03 14.09
N ALA H 86 40.79 -62.40 14.27
CA ALA H 86 40.29 -63.13 15.45
C ALA H 86 40.94 -64.51 15.54
N GLN H 87 41.12 -65.18 14.38
CA GLN H 87 41.76 -66.50 14.28
C GLN H 87 43.22 -66.39 14.76
N GLU H 88 43.91 -65.29 14.36
CA GLU H 88 45.29 -64.99 14.74
C GLU H 88 45.38 -64.42 16.16
N LEU H 89 44.25 -63.95 16.72
CA LEU H 89 44.16 -63.39 18.08
C LEU H 89 44.23 -64.50 19.14
N GLY H 90 43.91 -65.73 18.76
CA GLY H 90 43.95 -66.88 19.65
C GLY H 90 43.14 -68.08 19.19
N SER H 91 43.27 -69.19 19.94
CA SER H 91 42.57 -70.44 19.68
C SER H 91 41.10 -70.27 20.11
N LYS H 92 40.18 -70.27 19.11
CA LYS H 92 38.73 -70.07 19.26
C LYS H 92 38.42 -68.75 19.98
N VAL H 93 38.62 -67.62 19.27
CA VAL H 93 38.40 -66.26 19.76
C VAL H 93 37.01 -65.75 19.32
N PRO H 94 36.23 -65.07 20.22
CA PRO H 94 34.88 -64.61 19.83
C PRO H 94 34.86 -63.54 18.74
N PHE H 95 34.27 -63.88 17.58
CA PHE H 95 34.12 -62.98 16.44
C PHE H 95 32.65 -62.75 16.14
N CYS H 96 32.19 -61.50 16.26
CA CYS H 96 30.81 -61.16 15.97
C CYS H 96 30.67 -60.33 14.68
N PRO H 97 30.30 -60.97 13.53
CA PRO H 97 30.08 -60.17 12.31
C PRO H 97 28.72 -59.48 12.34
N MET H 98 28.65 -58.25 11.83
CA MET H 98 27.38 -57.50 11.79
C MET H 98 27.29 -56.54 10.61
N VAL H 99 26.09 -55.98 10.41
CA VAL H 99 25.76 -54.98 9.40
C VAL H 99 25.27 -53.78 10.19
N GLY H 100 25.65 -52.57 9.78
CA GLY H 100 25.27 -51.32 10.45
C GLY H 100 23.76 -51.14 10.62
N SER H 101 22.99 -51.54 9.58
CA SER H 101 21.52 -51.44 9.53
C SER H 101 20.77 -52.30 10.56
N GLU H 102 21.44 -53.30 11.17
CA GLU H 102 20.89 -54.22 12.18
C GLU H 102 20.31 -53.53 13.43
N VAL H 103 20.77 -52.30 13.74
CA VAL H 103 20.27 -51.52 14.88
C VAL H 103 18.87 -50.96 14.64
N TYR H 104 18.50 -50.80 13.35
CA TYR H 104 17.20 -50.26 12.95
C TYR H 104 16.12 -51.33 12.94
N SER H 105 15.58 -51.60 14.13
CA SER H 105 14.51 -52.55 14.38
C SER H 105 13.34 -51.82 15.05
N THR H 106 12.11 -52.17 14.67
CA THR H 106 10.89 -51.54 15.20
C THR H 106 10.49 -52.05 16.59
N GLU H 107 10.92 -53.26 16.98
CA GLU H 107 10.58 -53.85 18.28
C GLU H 107 11.73 -53.91 19.30
N ILE H 108 12.99 -53.70 18.88
CA ILE H 108 14.12 -53.76 19.83
C ILE H 108 15.05 -52.52 19.68
N LYS H 109 15.46 -51.97 20.84
CA LYS H 109 16.32 -50.80 21.05
C LYS H 109 17.71 -50.91 20.42
N LYS H 110 18.32 -49.77 20.06
CA LYS H 110 19.68 -49.70 19.49
C LYS H 110 20.72 -50.10 20.55
N THR H 111 20.43 -49.74 21.82
CA THR H 111 21.26 -50.05 22.99
C THR H 111 21.47 -51.56 23.11
N GLU H 112 20.36 -52.32 23.08
CA GLU H 112 20.27 -53.77 23.22
C GLU H 112 20.86 -54.52 22.04
N VAL H 113 20.65 -54.01 20.79
CA VAL H 113 21.20 -54.58 19.56
C VAL H 113 22.73 -54.48 19.61
N LEU H 114 23.26 -53.32 20.04
CA LEU H 114 24.70 -53.09 20.16
C LEU H 114 25.32 -53.83 21.34
N MET H 115 24.62 -53.91 22.49
CA MET H 115 25.12 -54.64 23.67
C MET H 115 25.25 -56.14 23.36
N GLU H 116 24.22 -56.72 22.68
CA GLU H 116 24.19 -58.13 22.24
C GLU H 116 25.43 -58.46 21.41
N ASN H 117 25.78 -57.58 20.45
CA ASN H 117 26.95 -57.73 19.57
C ASN H 117 28.27 -57.49 20.30
N PHE H 118 28.27 -56.63 21.34
CA PHE H 118 29.47 -56.37 22.13
C PHE H 118 29.79 -57.60 22.99
N ARG H 119 28.77 -58.12 23.73
CA ARG H 119 28.86 -59.32 24.58
C ARG H 119 29.24 -60.57 23.78
N ARG H 120 28.77 -60.67 22.52
CA ARG H 120 29.05 -61.79 21.61
C ARG H 120 30.53 -61.91 21.26
N ALA H 121 31.24 -60.77 21.21
CA ALA H 121 32.64 -60.70 20.88
C ALA H 121 33.59 -60.70 22.10
N ILE H 122 33.10 -61.17 23.27
CA ILE H 122 33.90 -61.32 24.50
C ILE H 122 33.64 -62.73 25.08
N GLY H 123 34.68 -63.55 25.14
CA GLY H 123 34.60 -64.93 25.61
C GLY H 123 35.40 -65.23 26.86
N LEU H 124 35.41 -66.52 27.28
CA LEU H 124 36.13 -67.01 28.46
C LEU H 124 36.73 -68.40 28.26
N ARG H 125 37.96 -68.61 28.77
CA ARG H 125 38.66 -69.89 28.72
C ARG H 125 38.70 -70.47 30.16
N ILE H 126 37.72 -71.34 30.50
CA ILE H 126 37.57 -71.99 31.82
C ILE H 126 38.60 -73.14 31.96
N ILE H 134 38.60 -77.82 28.90
CA ILE H 134 38.88 -76.47 28.38
C ILE H 134 37.79 -76.11 27.35
N GLN H 135 36.88 -75.18 27.74
CA GLN H 135 35.76 -74.73 26.92
C GLN H 135 35.77 -73.23 26.64
N ASP H 136 35.37 -72.85 25.40
CA ASP H 136 35.26 -71.46 24.96
C ASP H 136 33.78 -71.06 24.93
N VAL H 137 33.39 -70.09 25.79
CA VAL H 137 32.01 -69.61 25.94
C VAL H 137 31.97 -68.07 25.94
N THR H 138 31.13 -67.48 25.06
CA THR H 138 30.95 -66.02 24.95
C THR H 138 30.03 -65.49 26.05
N LEU H 139 29.95 -64.16 26.23
CA LEU H 139 29.07 -63.55 27.23
C LEU H 139 27.60 -63.65 26.85
N HIS H 140 27.29 -63.72 25.54
CA HIS H 140 25.91 -63.88 25.07
C HIS H 140 25.44 -65.32 25.20
N ASP H 141 26.40 -66.29 25.14
CA ASP H 141 26.13 -67.72 25.33
C ASP H 141 25.60 -67.95 26.75
N LEU H 142 26.10 -67.16 27.72
CA LEU H 142 25.71 -67.18 29.13
C LEU H 142 24.46 -66.33 29.37
N ASP H 143 24.23 -65.29 28.54
CA ASP H 143 23.07 -64.41 28.60
C ASP H 143 21.80 -65.17 28.23
N VAL H 144 21.90 -66.06 27.21
CA VAL H 144 20.81 -66.92 26.75
C VAL H 144 20.69 -68.17 27.62
N ALA H 145 21.78 -68.54 28.34
CA ALA H 145 21.82 -69.68 29.25
C ALA H 145 20.88 -69.43 30.44
N ASN H 146 20.61 -68.15 30.74
CA ASN H 146 19.68 -67.70 31.77
C ASN H 146 18.29 -67.40 31.16
N ALA H 147 17.94 -68.18 30.12
CA ALA H 147 16.69 -68.18 29.34
C ALA H 147 16.63 -69.51 28.57
N ARG H 148 16.50 -70.62 29.32
CA ARG H 148 16.46 -71.99 28.79
C ARG H 148 15.05 -72.57 28.81
N THR H 168 13.48 -66.08 29.73
CA THR H 168 12.65 -66.03 28.52
C THR H 168 13.01 -64.85 27.63
N GLU H 169 13.42 -63.71 28.23
CA GLU H 169 13.78 -62.46 27.55
C GLU H 169 15.04 -61.87 28.19
N ILE H 170 16.04 -61.48 27.36
CA ILE H 170 17.30 -60.88 27.84
C ILE H 170 17.05 -59.42 28.23
N THR H 171 17.24 -59.10 29.52
CA THR H 171 17.01 -57.77 30.10
C THR H 171 18.28 -57.13 30.68
N ASP H 172 18.12 -56.01 31.42
CA ASP H 172 19.20 -55.26 32.06
C ASP H 172 19.68 -55.93 33.35
N LYS H 173 18.75 -56.39 34.21
CA LYS H 173 19.02 -57.06 35.49
C LYS H 173 19.78 -58.39 35.31
N LEU H 174 19.39 -59.18 34.28
CA LEU H 174 19.98 -60.48 33.95
C LEU H 174 21.47 -60.41 33.62
N ARG H 175 21.92 -59.35 32.90
CA ARG H 175 23.33 -59.17 32.53
C ARG H 175 24.23 -58.94 33.74
N GLY H 176 23.69 -58.27 34.77
CA GLY H 176 24.38 -58.01 36.03
C GLY H 176 24.61 -59.26 36.85
N GLU H 177 23.72 -60.26 36.68
CA GLU H 177 23.78 -61.56 37.34
C GLU H 177 24.94 -62.37 36.75
N ILE H 178 25.03 -62.44 35.40
CA ILE H 178 26.09 -63.13 34.66
C ILE H 178 27.45 -62.47 34.90
N ASN H 179 27.49 -61.12 34.95
CA ASN H 179 28.70 -60.33 35.21
C ASN H 179 29.32 -60.72 36.55
N LYS H 180 28.47 -60.93 37.60
CA LYS H 180 28.87 -61.36 38.94
C LYS H 180 29.48 -62.76 38.91
N VAL H 181 28.91 -63.67 38.08
CA VAL H 181 29.38 -65.05 37.89
C VAL H 181 30.78 -65.02 37.26
N VAL H 182 30.93 -64.31 36.11
CA VAL H 182 32.16 -64.13 35.35
C VAL H 182 33.29 -63.55 36.24
N ASN H 183 32.98 -62.48 37.01
CA ASN H 183 33.92 -61.82 37.92
C ASN H 183 34.47 -62.73 39.01
N LYS H 184 33.61 -63.59 39.61
CA LYS H 184 33.97 -64.55 40.65
C LYS H 184 34.97 -65.60 40.12
N TYR H 185 34.76 -66.04 38.85
CA TYR H 185 35.60 -67.02 38.15
C TYR H 185 37.03 -66.49 37.96
N ILE H 186 37.18 -65.16 37.78
CA ILE H 186 38.48 -64.49 37.62
C ILE H 186 39.19 -64.45 38.98
N ASP H 187 38.46 -64.07 40.06
CA ASP H 187 38.96 -64.01 41.43
C ASP H 187 39.42 -65.39 41.93
N GLN H 188 38.68 -66.45 41.54
CA GLN H 188 39.00 -67.84 41.87
C GLN H 188 40.07 -68.42 40.94
N GLY H 189 40.35 -67.71 39.84
CA GLY H 189 41.34 -68.09 38.84
C GLY H 189 41.01 -69.32 38.04
N ILE H 190 39.74 -69.44 37.60
CA ILE H 190 39.27 -70.58 36.81
C ILE H 190 39.21 -70.19 35.33
N ALA H 191 38.45 -69.13 35.02
CA ALA H 191 38.24 -68.63 33.67
C ALA H 191 39.05 -67.39 33.36
N GLU H 192 39.54 -67.30 32.11
CA GLU H 192 40.33 -66.17 31.60
C GLU H 192 39.54 -65.50 30.47
N LEU H 193 39.17 -64.22 30.67
CA LEU H 193 38.40 -63.42 29.72
C LEU H 193 39.22 -63.09 28.47
N VAL H 194 38.65 -63.36 27.27
CA VAL H 194 39.30 -63.12 25.99
C VAL H 194 38.51 -62.10 25.14
N PRO H 195 38.87 -60.77 25.21
CA PRO H 195 38.15 -59.78 24.39
C PRO H 195 38.52 -59.94 22.92
N GLY H 196 37.54 -60.41 22.13
CA GLY H 196 37.70 -60.72 20.71
C GLY H 196 37.65 -59.57 19.72
N VAL H 197 36.91 -59.81 18.63
CA VAL H 197 36.75 -58.92 17.47
C VAL H 197 35.27 -58.67 17.17
N LEU H 198 34.83 -57.41 17.21
CA LEU H 198 33.49 -57.03 16.79
C LEU H 198 33.67 -56.41 15.40
N PHE H 199 32.98 -56.96 14.40
CA PHE H 199 33.10 -56.46 13.03
C PHE H 199 31.81 -55.80 12.55
N VAL H 200 31.94 -54.55 12.07
CA VAL H 200 30.82 -53.76 11.57
C VAL H 200 31.03 -53.47 10.08
N ASP H 201 30.17 -54.01 9.22
CA ASP H 201 30.19 -53.71 7.78
C ASP H 201 29.04 -52.75 7.54
N GLU H 202 29.14 -51.92 6.46
CA GLU H 202 28.16 -50.87 6.10
C GLU H 202 28.11 -49.85 7.26
N VAL H 203 29.30 -49.39 7.70
CA VAL H 203 29.52 -48.45 8.81
C VAL H 203 28.68 -47.16 8.66
N HIS H 204 28.53 -46.66 7.41
CA HIS H 204 27.75 -45.47 7.04
C HIS H 204 26.28 -45.56 7.47
N MET H 205 25.78 -46.79 7.75
CA MET H 205 24.40 -47.03 8.20
C MET H 205 24.14 -46.56 9.62
N LEU H 206 25.19 -46.53 10.47
CA LEU H 206 25.07 -46.09 11.87
C LEU H 206 24.96 -44.57 11.99
N ASP H 207 24.13 -44.09 12.93
CA ASP H 207 23.96 -42.65 13.14
C ASP H 207 24.91 -42.10 14.22
N ILE H 208 24.89 -40.76 14.41
CA ILE H 208 25.70 -40.00 15.35
C ILE H 208 25.68 -40.57 16.79
N GLU H 209 24.53 -41.11 17.23
CA GLU H 209 24.31 -41.67 18.57
C GLU H 209 24.88 -43.09 18.73
N CYS H 210 24.88 -43.88 17.64
CA CYS H 210 25.42 -45.25 17.60
C CYS H 210 26.93 -45.23 17.76
N PHE H 211 27.59 -44.23 17.14
CA PHE H 211 29.03 -44.00 17.21
C PHE H 211 29.46 -43.51 18.60
N THR H 212 28.52 -42.92 19.37
CA THR H 212 28.77 -42.45 20.73
C THR H 212 28.81 -43.69 21.65
N TYR H 213 27.91 -44.67 21.39
CA TYR H 213 27.85 -45.94 22.12
C TYR H 213 29.14 -46.71 21.83
N LEU H 214 29.55 -46.76 20.55
CA LEU H 214 30.77 -47.42 20.07
C LEU H 214 32.04 -46.80 20.64
N HIS H 215 32.12 -45.45 20.65
CA HIS H 215 33.27 -44.67 21.15
C HIS H 215 33.54 -44.93 22.62
N ARG H 216 32.50 -44.82 23.48
CA ARG H 216 32.59 -45.02 24.92
C ARG H 216 32.85 -46.48 25.28
N ALA H 217 32.32 -47.43 24.47
CA ALA H 217 32.52 -48.86 24.68
C ALA H 217 33.87 -49.34 24.12
N LEU H 218 34.61 -48.45 23.43
CA LEU H 218 35.94 -48.72 22.89
C LEU H 218 36.96 -48.36 23.99
N GLU H 219 36.58 -47.42 24.89
CA GLU H 219 37.39 -46.96 26.02
C GLU H 219 37.62 -48.05 27.08
N SER H 220 36.73 -49.06 27.14
CA SER H 220 36.81 -50.18 28.08
C SER H 220 38.00 -51.09 27.77
N SER H 221 38.80 -51.38 28.82
CA SER H 221 39.99 -52.23 28.76
C SER H 221 39.66 -53.70 28.44
N ILE H 222 38.44 -54.14 28.81
CA ILE H 222 37.95 -55.51 28.61
C ILE H 222 36.86 -55.58 27.49
N ALA H 223 37.03 -54.74 26.45
CA ALA H 223 36.11 -54.67 25.31
C ALA H 223 36.75 -55.28 24.04
N PRO H 224 35.96 -55.77 23.05
CA PRO H 224 36.58 -56.36 21.84
C PRO H 224 37.19 -55.31 20.92
N ILE H 225 38.06 -55.74 19.99
CA ILE H 225 38.65 -54.80 19.04
C ILE H 225 37.64 -54.55 17.91
N VAL H 226 37.16 -53.31 17.80
CA VAL H 226 36.16 -52.95 16.80
C VAL H 226 36.80 -52.76 15.43
N ILE H 227 36.33 -53.54 14.45
CA ILE H 227 36.79 -53.48 13.07
C ILE H 227 35.62 -53.00 12.21
N PHE H 228 35.74 -51.79 11.65
CA PHE H 228 34.75 -51.16 10.79
C PHE H 228 35.05 -51.49 9.33
N ALA H 229 34.03 -51.41 8.47
CA ALA H 229 34.13 -51.69 7.04
C ALA H 229 33.24 -50.77 6.22
N SER H 230 33.75 -50.31 5.07
CA SER H 230 33.05 -49.40 4.16
C SER H 230 33.54 -49.51 2.73
N ASN H 231 32.61 -49.38 1.77
CA ASN H 231 32.89 -49.37 0.33
C ASN H 231 32.54 -47.99 -0.25
N ARG H 232 32.51 -46.95 0.63
CA ARG H 232 32.13 -45.57 0.31
C ARG H 232 33.17 -44.52 0.70
N GLY H 233 33.20 -43.42 -0.06
CA GLY H 233 34.11 -42.30 0.17
C GLY H 233 33.55 -41.37 1.23
N ASN H 234 33.53 -40.05 0.95
CA ASN H 234 32.98 -39.06 1.88
C ASN H 234 31.46 -39.23 1.92
N CYS H 235 30.89 -39.40 3.13
CA CYS H 235 29.47 -39.65 3.34
C CYS H 235 28.88 -38.79 4.44
N VAL H 236 27.58 -38.48 4.32
CA VAL H 236 26.84 -37.72 5.35
C VAL H 236 26.76 -38.61 6.60
N ILE H 237 26.98 -38.03 7.79
CA ILE H 237 26.84 -38.78 9.04
C ILE H 237 25.32 -38.86 9.27
N ARG H 238 24.78 -40.08 9.47
CA ARG H 238 23.35 -40.26 9.68
C ARG H 238 22.92 -39.58 10.98
N GLY H 239 21.78 -38.90 10.95
CA GLY H 239 21.25 -38.16 12.10
C GLY H 239 21.75 -36.74 12.23
N THR H 240 22.62 -36.29 11.29
CA THR H 240 23.16 -34.93 11.27
C THR H 240 22.51 -34.10 10.15
N GLU H 241 22.08 -34.80 9.07
CA GLU H 241 21.44 -34.31 7.85
C GLU H 241 22.38 -33.58 6.90
N ASP H 242 23.10 -32.57 7.40
CA ASP H 242 24.01 -31.70 6.63
C ASP H 242 25.49 -32.10 6.64
N ILE H 243 26.01 -32.56 7.80
CA ILE H 243 27.44 -32.88 8.00
C ILE H 243 27.90 -34.15 7.25
N THR H 244 28.87 -33.95 6.34
CA THR H 244 29.55 -34.98 5.56
C THR H 244 30.90 -35.23 6.24
N SER H 245 31.41 -36.48 6.18
CA SER H 245 32.70 -36.88 6.76
C SER H 245 33.19 -38.17 6.06
N PRO H 246 34.51 -38.49 6.06
CA PRO H 246 34.94 -39.75 5.40
C PRO H 246 34.25 -40.99 5.95
N HIS H 247 33.80 -41.87 5.04
CA HIS H 247 33.15 -43.18 5.29
C HIS H 247 31.90 -43.13 6.19
N GLY H 248 31.41 -41.93 6.50
CA GLY H 248 30.24 -41.73 7.35
C GLY H 248 30.58 -41.66 8.82
N ILE H 249 31.83 -42.04 9.18
CA ILE H 249 32.37 -42.03 10.54
C ILE H 249 32.60 -40.57 10.98
N PRO H 250 32.09 -40.13 12.16
CA PRO H 250 32.36 -38.74 12.61
C PRO H 250 33.85 -38.48 12.84
N LEU H 251 34.26 -37.20 12.89
CA LEU H 251 35.65 -36.78 13.09
C LEU H 251 36.22 -37.22 14.45
N ASP H 252 35.36 -37.27 15.50
CA ASP H 252 35.69 -37.66 16.86
C ASP H 252 36.28 -39.08 16.96
N LEU H 253 35.59 -40.07 16.34
CA LEU H 253 36.01 -41.48 16.33
C LEU H 253 37.14 -41.74 15.34
N LEU H 254 37.02 -41.18 14.10
CA LEU H 254 37.98 -41.33 13.00
C LEU H 254 39.43 -40.93 13.38
N ASP H 255 39.59 -40.11 14.44
CA ASP H 255 40.88 -39.67 14.98
C ASP H 255 41.65 -40.84 15.63
N ARG H 256 40.90 -41.84 16.15
CA ARG H 256 41.44 -43.05 16.79
C ARG H 256 41.28 -44.32 15.90
N VAL H 257 40.83 -44.12 14.64
CA VAL H 257 40.60 -45.19 13.64
C VAL H 257 41.86 -45.38 12.76
N MET H 258 42.21 -46.66 12.42
CA MET H 258 43.35 -47.05 11.59
C MET H 258 42.86 -47.69 10.30
N ILE H 259 43.13 -47.07 9.13
CA ILE H 259 42.60 -47.52 7.83
C ILE H 259 43.56 -48.45 7.04
N ILE H 260 43.03 -49.63 6.65
CA ILE H 260 43.70 -50.64 5.82
C ILE H 260 42.84 -50.84 4.56
N ARG H 261 43.46 -50.91 3.38
CA ARG H 261 42.81 -51.04 2.08
C ARG H 261 42.76 -52.47 1.56
N THR H 262 41.61 -52.87 1.00
CA THR H 262 41.39 -54.16 0.34
C THR H 262 41.22 -53.86 -1.15
N MET H 263 41.92 -54.61 -2.01
CA MET H 263 41.94 -54.42 -3.45
C MET H 263 41.20 -55.51 -4.23
N LEU H 264 40.83 -55.20 -5.49
CA LEU H 264 40.17 -56.16 -6.39
C LEU H 264 41.20 -57.21 -6.81
N TYR H 265 40.74 -58.46 -6.98
CA TYR H 265 41.61 -59.59 -7.33
C TYR H 265 41.89 -59.72 -8.82
N THR H 266 43.11 -60.16 -9.17
CA THR H 266 43.53 -60.41 -10.55
C THR H 266 42.85 -61.72 -11.04
N PRO H 267 42.74 -61.99 -12.38
CA PRO H 267 42.08 -63.22 -12.83
C PRO H 267 42.51 -64.51 -12.13
N GLN H 268 43.83 -64.70 -11.89
CA GLN H 268 44.37 -65.89 -11.22
C GLN H 268 44.04 -65.95 -9.73
N GLU H 269 44.12 -64.79 -9.01
CA GLU H 269 43.78 -64.69 -7.58
C GLU H 269 42.31 -65.04 -7.37
N MET H 270 41.45 -64.63 -8.34
CA MET H 270 40.02 -64.89 -8.42
C MET H 270 39.83 -66.40 -8.63
N LYS H 271 40.48 -66.97 -9.69
CA LYS H 271 40.48 -68.40 -10.06
C LYS H 271 40.88 -69.32 -8.90
N GLN H 272 41.79 -68.84 -8.02
CA GLN H 272 42.28 -69.56 -6.85
C GLN H 272 41.24 -69.67 -5.73
N ILE H 273 40.64 -68.53 -5.29
CA ILE H 273 39.64 -68.46 -4.20
C ILE H 273 38.37 -69.29 -4.52
N ILE H 274 37.89 -69.29 -5.79
CA ILE H 274 36.71 -70.08 -6.19
C ILE H 274 37.03 -71.58 -6.04
N LYS H 275 38.26 -71.99 -6.43
CA LYS H 275 38.76 -73.37 -6.34
C LYS H 275 38.81 -73.86 -4.88
N ILE H 276 39.21 -72.96 -3.94
CA ILE H 276 39.29 -73.25 -2.51
C ILE H 276 37.88 -73.50 -1.95
N ARG H 277 36.93 -72.60 -2.26
CA ARG H 277 35.52 -72.69 -1.85
C ARG H 277 34.85 -73.97 -2.34
N ALA H 278 35.22 -74.43 -3.55
CA ALA H 278 34.71 -75.66 -4.17
C ALA H 278 35.19 -76.89 -3.38
N GLN H 279 36.47 -76.90 -2.96
CA GLN H 279 37.05 -77.98 -2.15
C GLN H 279 36.48 -77.94 -0.73
N THR H 280 36.33 -76.73 -0.15
CA THR H 280 35.77 -76.48 1.18
C THR H 280 34.28 -76.93 1.26
N GLU H 281 33.53 -76.73 0.15
CA GLU H 281 32.12 -77.14 0.05
C GLU H 281 32.02 -78.63 -0.25
N GLY H 282 32.66 -79.05 -1.35
CA GLY H 282 32.66 -80.42 -1.84
C GLY H 282 32.05 -80.47 -3.22
N ILE H 283 32.62 -79.69 -4.15
CA ILE H 283 32.17 -79.54 -5.53
C ILE H 283 33.31 -79.85 -6.51
N ASN H 284 33.04 -80.66 -7.54
CA ASN H 284 34.01 -80.98 -8.59
C ASN H 284 33.90 -79.92 -9.69
N ILE H 285 35.02 -79.24 -10.01
CA ILE H 285 35.04 -78.19 -11.04
C ILE H 285 36.32 -78.28 -11.89
N SER H 286 36.15 -78.17 -13.23
CA SER H 286 37.24 -78.23 -14.20
C SER H 286 38.00 -76.89 -14.34
N GLU H 287 39.20 -76.93 -14.94
CA GLU H 287 40.04 -75.75 -15.20
C GLU H 287 39.39 -74.84 -16.24
N GLU H 288 38.59 -75.44 -17.16
CA GLU H 288 37.86 -74.75 -18.22
C GLU H 288 36.68 -73.99 -17.60
N ALA H 289 36.02 -74.60 -16.60
CA ALA H 289 34.89 -74.00 -15.87
C ALA H 289 35.37 -72.98 -14.83
N LEU H 290 36.63 -73.15 -14.35
CA LEU H 290 37.26 -72.23 -13.39
C LEU H 290 37.58 -70.90 -14.09
N ASN H 291 37.98 -70.98 -15.38
CA ASN H 291 38.30 -69.83 -16.23
C ASN H 291 37.08 -68.95 -16.49
N HIS H 292 35.94 -69.58 -16.85
CA HIS H 292 34.69 -68.86 -17.13
C HIS H 292 34.13 -68.20 -15.87
N LEU H 293 34.08 -68.95 -14.75
CA LEU H 293 33.61 -68.46 -13.45
C LEU H 293 34.56 -67.40 -12.86
N GLY H 294 35.81 -67.41 -13.32
CA GLY H 294 36.83 -66.43 -12.95
C GLY H 294 36.57 -65.11 -13.64
N GLU H 295 36.19 -65.17 -14.95
CA GLU H 295 35.84 -64.03 -15.78
C GLU H 295 34.52 -63.42 -15.30
N ILE H 296 33.62 -64.27 -14.74
CA ILE H 296 32.35 -63.88 -14.16
C ILE H 296 32.60 -62.92 -13.00
N GLY H 297 33.49 -63.32 -12.08
CA GLY H 297 33.92 -62.54 -10.93
C GLY H 297 34.61 -61.22 -11.26
N THR H 298 35.45 -61.24 -12.33
CA THR H 298 36.21 -60.11 -12.91
C THR H 298 35.23 -59.01 -13.39
N LYS H 299 33.94 -59.37 -13.61
CA LYS H 299 32.87 -58.48 -14.05
C LYS H 299 31.89 -58.20 -12.90
N THR H 300 31.24 -59.27 -12.38
CA THR H 300 30.34 -59.27 -11.25
C THR H 300 31.23 -59.05 -10.01
N THR H 301 31.30 -60.03 -9.11
CA THR H 301 32.16 -59.93 -7.96
C THR H 301 32.58 -61.32 -7.63
N LEU H 302 33.39 -61.50 -6.58
CA LEU H 302 33.78 -62.83 -6.17
C LEU H 302 32.57 -63.49 -5.51
N ARG H 303 31.84 -62.72 -4.62
CA ARG H 303 30.63 -63.12 -3.88
C ARG H 303 29.58 -63.81 -4.77
N TYR H 304 29.31 -63.26 -5.97
CA TYR H 304 28.37 -63.80 -6.95
C TYR H 304 28.89 -65.10 -7.57
N SER H 305 30.19 -65.14 -8.01
CA SER H 305 30.87 -66.30 -8.61
C SER H 305 30.80 -67.55 -7.74
N VAL H 306 31.13 -67.41 -6.44
CA VAL H 306 31.12 -68.47 -5.44
C VAL H 306 29.67 -68.93 -5.21
N GLN H 307 28.72 -67.97 -5.15
CA GLN H 307 27.31 -68.27 -4.95
C GLN H 307 26.66 -68.93 -6.17
N LEU H 308 27.32 -68.87 -7.36
CA LEU H 308 26.86 -69.53 -8.59
C LEU H 308 27.26 -71.02 -8.57
N LEU H 309 28.21 -71.42 -7.69
CA LEU H 309 28.72 -72.79 -7.55
C LEU H 309 27.67 -73.85 -7.19
N THR H 310 26.86 -73.60 -6.13
CA THR H 310 25.81 -74.52 -5.69
C THR H 310 24.76 -74.73 -6.81
N PRO H 311 24.18 -73.67 -7.46
CA PRO H 311 23.25 -73.92 -8.58
C PRO H 311 23.90 -74.65 -9.76
N ALA H 312 25.23 -74.46 -9.96
CA ALA H 312 26.01 -75.10 -11.02
C ALA H 312 26.28 -76.58 -10.70
N ASN H 313 26.41 -76.91 -9.39
CA ASN H 313 26.63 -78.28 -8.92
C ASN H 313 25.31 -79.06 -8.93
N LEU H 314 24.18 -78.34 -8.81
CA LEU H 314 22.85 -78.93 -8.80
C LEU H 314 22.29 -79.14 -10.21
N LEU H 315 22.75 -78.34 -11.20
CA LEU H 315 22.36 -78.52 -12.59
C LEU H 315 23.13 -79.73 -13.14
N ALA H 316 24.34 -79.97 -12.60
CA ALA H 316 25.22 -81.10 -12.96
C ALA H 316 24.58 -82.43 -12.58
N LYS H 317 24.10 -82.57 -11.31
CA LYS H 317 23.41 -83.76 -10.79
C LYS H 317 22.18 -84.07 -11.64
N ILE H 318 21.42 -83.01 -11.99
CA ILE H 318 20.21 -83.05 -12.83
C ILE H 318 20.57 -83.52 -14.27
N ASN H 319 21.76 -83.13 -14.76
CA ASN H 319 22.26 -83.53 -16.08
C ASN H 319 22.97 -84.89 -16.04
N GLY H 320 23.19 -85.42 -14.83
CA GLY H 320 23.85 -86.70 -14.60
C GLY H 320 25.37 -86.64 -14.67
N LYS H 321 25.94 -85.46 -14.45
CA LYS H 321 27.39 -85.20 -14.47
C LYS H 321 27.98 -85.19 -13.06
N ASP H 322 29.26 -85.54 -12.95
CA ASP H 322 30.00 -85.59 -11.68
C ASP H 322 30.73 -84.26 -11.42
N SER H 323 31.10 -83.54 -12.49
CA SER H 323 31.79 -82.26 -12.43
C SER H 323 31.09 -81.18 -13.25
N ILE H 324 31.29 -79.91 -12.86
CA ILE H 324 30.74 -78.74 -13.54
C ILE H 324 31.65 -78.38 -14.71
N GLU H 325 31.05 -78.09 -15.87
CA GLU H 325 31.75 -77.69 -17.09
C GLU H 325 31.40 -76.25 -17.44
N LYS H 326 32.05 -75.67 -18.47
CA LYS H 326 31.80 -74.31 -18.95
C LYS H 326 30.36 -74.13 -19.44
N GLU H 327 29.72 -75.24 -19.88
CA GLU H 327 28.33 -75.29 -20.35
C GLU H 327 27.37 -75.07 -19.18
N HIS H 328 27.66 -75.66 -18.00
CA HIS H 328 26.86 -75.53 -16.78
C HIS H 328 26.96 -74.10 -16.22
N VAL H 329 28.19 -73.51 -16.26
CA VAL H 329 28.47 -72.15 -15.77
C VAL H 329 27.78 -71.11 -16.66
N GLU H 330 27.86 -71.30 -18.01
CA GLU H 330 27.21 -70.42 -19.00
C GLU H 330 25.67 -70.48 -18.93
N GLU H 331 25.13 -71.52 -18.27
CA GLU H 331 23.70 -71.71 -18.07
C GLU H 331 23.22 -70.90 -16.85
N ILE H 332 23.82 -71.14 -15.66
CA ILE H 332 23.49 -70.49 -14.39
C ILE H 332 23.71 -68.96 -14.43
N SER H 333 24.75 -68.50 -15.16
CA SER H 333 25.05 -67.08 -15.33
C SER H 333 24.01 -66.39 -16.23
N GLU H 334 23.30 -67.18 -17.06
CA GLU H 334 22.24 -66.73 -17.96
C GLU H 334 20.84 -66.90 -17.35
N LEU H 335 20.66 -67.92 -16.48
CA LEU H 335 19.41 -68.20 -15.76
C LEU H 335 19.19 -67.19 -14.64
N PHE H 336 20.29 -66.79 -13.96
CA PHE H 336 20.26 -65.83 -12.86
C PHE H 336 21.05 -64.57 -13.16
N TYR H 337 20.67 -63.47 -12.50
CA TYR H 337 21.26 -62.15 -12.67
C TYR H 337 21.74 -61.61 -11.31
N ASP H 338 22.72 -60.71 -11.33
CA ASP H 338 23.23 -60.06 -10.11
C ASP H 338 22.49 -58.73 -9.95
N ALA H 339 22.58 -58.10 -8.76
CA ALA H 339 21.92 -56.82 -8.47
C ALA H 339 22.20 -55.72 -9.50
N LYS H 340 23.45 -55.64 -10.01
CA LYS H 340 23.87 -54.66 -11.02
C LYS H 340 23.22 -54.89 -12.39
N SER H 341 23.16 -56.17 -12.85
CA SER H 341 22.58 -56.53 -14.14
C SER H 341 21.05 -56.48 -14.15
N SER H 342 20.41 -57.04 -13.11
CA SER H 342 18.94 -57.07 -12.99
C SER H 342 18.29 -55.68 -12.82
N ALA H 343 19.04 -54.70 -12.27
CA ALA H 343 18.55 -53.33 -12.13
C ALA H 343 18.81 -52.55 -13.41
N LYS H 344 19.74 -53.05 -14.26
CA LYS H 344 20.06 -52.45 -15.55
C LYS H 344 19.00 -52.82 -16.58
N ILE H 345 18.50 -54.08 -16.52
CA ILE H 345 17.46 -54.60 -17.43
C ILE H 345 16.14 -53.85 -17.22
N LEU H 346 15.74 -53.62 -15.95
CA LEU H 346 14.52 -52.87 -15.59
C LEU H 346 14.62 -51.41 -16.04
N ALA H 347 15.86 -50.85 -16.05
CA ALA H 347 16.14 -49.49 -16.48
C ALA H 347 15.97 -49.34 -17.99
N ASP H 348 16.40 -50.38 -18.76
CA ASP H 348 16.30 -50.44 -20.23
C ASP H 348 14.82 -50.35 -20.65
N GLN H 349 13.96 -51.15 -19.99
CA GLN H 349 12.52 -51.20 -20.24
C GLN H 349 11.83 -49.90 -19.78
N GLN H 350 11.98 -49.55 -18.49
CA GLN H 350 11.40 -48.34 -17.89
C GLN H 350 12.39 -47.19 -17.93
N SER I 10 -31.92 -41.67 12.27
CA SER I 10 -31.24 -41.63 10.98
C SER I 10 -30.10 -40.61 10.99
N THR I 11 -28.85 -41.10 11.00
CA THR I 11 -27.63 -40.29 11.04
C THR I 11 -27.14 -39.80 9.66
N THR I 12 -27.98 -39.95 8.62
CA THR I 12 -27.70 -39.55 7.23
C THR I 12 -27.42 -38.05 7.12
N LYS I 13 -26.20 -37.69 6.62
CA LYS I 13 -25.80 -36.30 6.41
C LYS I 13 -26.57 -35.75 5.21
N THR I 14 -27.59 -34.94 5.50
CA THR I 14 -28.49 -34.35 4.50
C THR I 14 -27.81 -33.26 3.65
N GLN I 15 -26.89 -32.48 4.25
CA GLN I 15 -26.19 -31.39 3.58
C GLN I 15 -25.26 -31.84 2.43
N ARG I 16 -24.56 -32.97 2.61
CA ARG I 16 -23.64 -33.51 1.60
C ARG I 16 -24.34 -33.94 0.30
N ILE I 17 -25.56 -34.48 0.41
CA ILE I 17 -26.35 -34.99 -0.72
C ILE I 17 -27.40 -33.97 -1.25
N ALA I 18 -27.54 -32.80 -0.57
CA ALA I 18 -28.48 -31.72 -0.93
C ALA I 18 -28.41 -31.30 -2.41
N SER I 19 -27.17 -31.19 -2.94
CA SER I 19 -26.86 -30.81 -4.32
C SER I 19 -27.26 -31.88 -5.34
N HIS I 20 -27.43 -33.14 -4.88
CA HIS I 20 -27.75 -34.28 -5.74
C HIS I 20 -29.16 -34.85 -5.48
N SER I 21 -30.03 -34.01 -4.88
CA SER I 21 -31.43 -34.31 -4.54
C SER I 21 -32.26 -34.73 -5.76
N HIS I 22 -31.90 -34.21 -6.95
CA HIS I 22 -32.55 -34.48 -8.23
C HIS I 22 -32.07 -35.82 -8.86
N VAL I 23 -30.89 -36.33 -8.45
CA VAL I 23 -30.33 -37.59 -8.98
C VAL I 23 -31.16 -38.77 -8.45
N LYS I 24 -31.85 -39.48 -9.37
CA LYS I 24 -32.72 -40.63 -9.06
C LYS I 24 -32.23 -41.95 -9.69
N GLY I 25 -31.04 -41.92 -10.28
CA GLY I 25 -30.45 -43.10 -10.93
C GLY I 25 -29.50 -42.76 -12.07
N LEU I 26 -29.25 -43.74 -12.95
CA LEU I 26 -28.34 -43.59 -14.09
C LEU I 26 -29.03 -43.17 -15.40
N GLY I 27 -30.29 -43.55 -15.57
CA GLY I 27 -31.10 -43.21 -16.74
C GLY I 27 -30.69 -43.89 -18.03
N LEU I 28 -30.48 -45.21 -17.96
CA LEU I 28 -30.07 -46.03 -19.11
C LEU I 28 -31.24 -46.85 -19.63
N ASP I 29 -31.12 -47.36 -20.87
CA ASP I 29 -32.15 -48.20 -21.50
C ASP I 29 -31.80 -49.70 -21.36
N GLU I 30 -32.70 -50.60 -21.82
CA GLU I 30 -32.58 -52.06 -21.78
C GLU I 30 -31.22 -52.59 -22.25
N SER I 31 -30.70 -52.06 -23.38
CA SER I 31 -29.41 -52.43 -23.98
C SER I 31 -28.21 -52.01 -23.12
N GLY I 32 -28.45 -51.12 -22.15
CA GLY I 32 -27.43 -50.61 -21.25
C GLY I 32 -26.94 -49.22 -21.62
N LEU I 33 -27.33 -48.74 -22.83
CA LEU I 33 -26.95 -47.43 -23.36
C LEU I 33 -27.68 -46.29 -22.65
N ALA I 34 -26.99 -45.15 -22.46
CA ALA I 34 -27.52 -43.98 -21.75
C ALA I 34 -28.38 -43.05 -22.58
N LYS I 35 -29.55 -42.67 -22.03
CA LYS I 35 -30.47 -41.71 -22.63
C LYS I 35 -29.84 -40.33 -22.34
N GLN I 36 -29.89 -39.38 -23.31
CA GLN I 36 -29.29 -38.04 -23.15
C GLN I 36 -29.65 -37.41 -21.80
N ALA I 37 -30.95 -37.33 -21.50
CA ALA I 37 -31.44 -36.78 -20.23
C ALA I 37 -32.52 -37.69 -19.67
N ALA I 38 -32.21 -38.35 -18.55
CA ALA I 38 -33.10 -39.28 -17.85
C ALA I 38 -32.64 -39.49 -16.40
N SER I 39 -33.59 -39.78 -15.49
CA SER I 39 -33.42 -40.05 -14.06
C SER I 39 -32.79 -38.90 -13.24
N GLY I 40 -32.75 -37.70 -13.83
CA GLY I 40 -32.17 -36.52 -13.18
C GLY I 40 -30.80 -36.14 -13.72
N LEU I 41 -30.19 -37.03 -14.51
CA LEU I 41 -28.88 -36.81 -15.11
C LEU I 41 -28.97 -36.35 -16.55
N VAL I 42 -28.07 -35.43 -16.93
CA VAL I 42 -27.96 -34.83 -18.27
C VAL I 42 -26.52 -35.04 -18.76
N GLY I 43 -26.36 -35.46 -20.00
CA GLY I 43 -25.06 -35.69 -20.61
C GLY I 43 -24.28 -36.78 -19.89
N GLN I 44 -22.94 -36.70 -19.95
CA GLN I 44 -22.01 -37.66 -19.32
C GLN I 44 -22.32 -39.11 -19.76
N GLU I 45 -22.86 -39.26 -20.99
CA GLU I 45 -23.31 -40.50 -21.61
C GLU I 45 -22.37 -41.69 -21.40
N ASN I 46 -21.08 -41.56 -21.76
CA ASN I 46 -20.08 -42.63 -21.60
C ASN I 46 -19.87 -43.04 -20.14
N ALA I 47 -19.75 -42.06 -19.22
CA ALA I 47 -19.56 -42.34 -17.79
C ALA I 47 -20.76 -43.04 -17.15
N ARG I 48 -21.99 -42.61 -17.51
CA ARG I 48 -23.25 -43.21 -17.05
C ARG I 48 -23.37 -44.64 -17.57
N GLU I 49 -22.87 -44.89 -18.80
CA GLU I 49 -22.83 -46.20 -19.43
C GLU I 49 -21.86 -47.12 -18.69
N ALA I 50 -20.69 -46.59 -18.28
CA ALA I 50 -19.66 -47.33 -17.54
C ALA I 50 -20.12 -47.71 -16.12
N CYS I 51 -20.89 -46.80 -15.47
CA CYS I 51 -21.47 -47.01 -14.15
C CYS I 51 -22.55 -48.09 -14.19
N GLY I 52 -23.14 -48.28 -15.38
CA GLY I 52 -24.14 -49.31 -15.65
C GLY I 52 -23.53 -50.69 -15.64
N VAL I 53 -22.26 -50.80 -16.08
CA VAL I 53 -21.49 -52.05 -16.07
C VAL I 53 -21.13 -52.38 -14.62
N ILE I 54 -20.78 -51.34 -13.82
CA ILE I 54 -20.44 -51.48 -12.39
C ILE I 54 -21.67 -51.97 -11.61
N VAL I 55 -22.85 -51.32 -11.78
CA VAL I 55 -24.12 -51.70 -11.13
C VAL I 55 -24.47 -53.17 -11.45
N GLU I 56 -24.27 -53.59 -12.71
CA GLU I 56 -24.55 -54.97 -13.12
C GLU I 56 -23.49 -55.96 -12.60
N LEU I 57 -22.20 -55.56 -12.50
CA LEU I 57 -21.11 -56.41 -11.99
C LEU I 57 -21.27 -56.68 -10.49
N ILE I 58 -21.91 -55.74 -9.74
CA ILE I 58 -22.20 -55.88 -8.30
C ILE I 58 -23.31 -56.93 -8.16
N LYS I 59 -24.38 -56.79 -8.97
CA LYS I 59 -25.55 -57.66 -9.01
C LYS I 59 -25.22 -59.10 -9.47
N SER I 60 -24.15 -59.26 -10.27
CA SER I 60 -23.70 -60.56 -10.77
C SER I 60 -22.66 -61.23 -9.85
N LYS I 61 -22.36 -60.57 -8.70
CA LYS I 61 -21.36 -60.99 -7.68
C LYS I 61 -19.96 -61.11 -8.29
N LYS I 62 -19.62 -60.19 -9.21
CA LYS I 62 -18.33 -60.15 -9.89
C LYS I 62 -17.46 -58.97 -9.45
N MET I 63 -17.92 -58.22 -8.42
CA MET I 63 -17.20 -57.09 -7.84
C MET I 63 -16.48 -57.48 -6.54
N ALA I 64 -15.97 -58.73 -6.50
CA ALA I 64 -15.22 -59.23 -5.35
C ALA I 64 -13.79 -58.70 -5.47
N GLY I 65 -13.36 -57.92 -4.48
CA GLY I 65 -12.03 -57.32 -4.45
C GLY I 65 -11.83 -56.10 -5.35
N ARG I 66 -12.67 -55.95 -6.39
CA ARG I 66 -12.63 -54.84 -7.33
C ARG I 66 -13.21 -53.56 -6.72
N ALA I 67 -12.64 -52.40 -7.11
CA ALA I 67 -13.05 -51.06 -6.66
C ALA I 67 -13.21 -50.13 -7.88
N VAL I 68 -13.80 -48.93 -7.68
CA VAL I 68 -14.06 -47.96 -8.77
C VAL I 68 -13.35 -46.61 -8.50
N LEU I 69 -12.97 -45.91 -9.59
CA LEU I 69 -12.40 -44.56 -9.56
C LEU I 69 -13.03 -43.71 -10.66
N LEU I 70 -13.52 -42.53 -10.28
CA LEU I 70 -14.10 -41.57 -11.21
C LEU I 70 -13.08 -40.43 -11.32
N ALA I 71 -12.35 -40.40 -12.44
CA ALA I 71 -11.31 -39.40 -12.69
C ALA I 71 -11.78 -38.36 -13.70
N GLY I 72 -11.80 -37.11 -13.27
CA GLY I 72 -12.22 -35.98 -14.08
C GLY I 72 -12.20 -34.65 -13.34
N PRO I 73 -12.39 -33.52 -14.06
CA PRO I 73 -12.36 -32.19 -13.41
C PRO I 73 -13.49 -31.96 -12.40
N PRO I 74 -13.35 -31.00 -11.44
CA PRO I 74 -14.46 -30.77 -10.49
C PRO I 74 -15.70 -30.18 -11.18
N GLY I 75 -16.86 -30.67 -10.77
CA GLY I 75 -18.16 -30.26 -11.32
C GLY I 75 -18.63 -31.13 -12.48
N THR I 76 -17.88 -32.21 -12.79
CA THR I 76 -18.21 -33.13 -13.90
C THR I 76 -19.03 -34.35 -13.44
N GLY I 77 -19.72 -34.21 -12.32
CA GLY I 77 -20.62 -35.23 -11.77
C GLY I 77 -20.04 -36.50 -11.20
N LYS I 78 -18.75 -36.50 -10.77
CA LYS I 78 -18.12 -37.68 -10.18
C LYS I 78 -18.77 -38.06 -8.83
N THR I 79 -19.42 -37.08 -8.17
CA THR I 79 -20.12 -37.29 -6.90
C THR I 79 -21.52 -37.80 -7.22
N ALA I 80 -22.20 -37.15 -8.19
CA ALA I 80 -23.55 -37.52 -8.64
C ALA I 80 -23.60 -38.94 -9.22
N LEU I 81 -22.55 -39.36 -9.96
CA LEU I 81 -22.43 -40.70 -10.56
C LEU I 81 -22.32 -41.81 -9.52
N ALA I 82 -21.56 -41.57 -8.43
CA ALA I 82 -21.39 -42.53 -7.34
C ALA I 82 -22.68 -42.65 -6.56
N LEU I 83 -23.43 -41.53 -6.43
CA LEU I 83 -24.73 -41.45 -5.77
C LEU I 83 -25.76 -42.17 -6.65
N ALA I 84 -25.62 -42.03 -7.99
CA ALA I 84 -26.50 -42.66 -8.98
C ALA I 84 -26.41 -44.18 -8.93
N ILE I 85 -25.18 -44.73 -8.69
CA ILE I 85 -24.95 -46.17 -8.55
C ILE I 85 -25.79 -46.71 -7.40
N ALA I 86 -25.74 -46.04 -6.22
CA ALA I 86 -26.53 -46.39 -5.03
C ALA I 86 -28.04 -46.32 -5.34
N GLN I 87 -28.44 -45.33 -6.17
CA GLN I 87 -29.82 -45.14 -6.61
C GLN I 87 -30.29 -46.23 -7.61
N GLU I 88 -29.33 -46.91 -8.28
CA GLU I 88 -29.61 -47.98 -9.23
C GLU I 88 -29.43 -49.37 -8.62
N LEU I 89 -28.71 -49.45 -7.48
CA LEU I 89 -28.46 -50.72 -6.78
C LEU I 89 -29.71 -51.34 -6.16
N GLY I 90 -30.61 -50.50 -5.64
CA GLY I 90 -31.86 -50.95 -5.04
C GLY I 90 -32.61 -49.92 -4.22
N SER I 91 -33.55 -50.41 -3.39
CA SER I 91 -34.39 -49.61 -2.51
C SER I 91 -33.67 -49.25 -1.21
N LYS I 92 -33.46 -47.93 -1.01
CA LYS I 92 -32.79 -47.29 0.14
C LYS I 92 -31.38 -47.86 0.45
N VAL I 93 -30.64 -48.28 -0.59
CA VAL I 93 -29.26 -48.78 -0.48
C VAL I 93 -28.41 -47.57 -0.03
N PRO I 94 -27.66 -47.69 1.10
CA PRO I 94 -26.94 -46.51 1.63
C PRO I 94 -25.80 -45.96 0.77
N PHE I 95 -25.64 -44.63 0.80
CA PHE I 95 -24.59 -43.90 0.10
C PHE I 95 -23.84 -43.04 1.11
N CYS I 96 -22.49 -43.13 1.11
CA CYS I 96 -21.69 -42.36 2.06
C CYS I 96 -20.62 -41.49 1.38
N PRO I 97 -20.88 -40.17 1.20
CA PRO I 97 -19.89 -39.30 0.57
C PRO I 97 -18.88 -38.73 1.58
N MET I 98 -17.60 -39.03 1.37
CA MET I 98 -16.53 -38.54 2.25
C MET I 98 -15.38 -37.95 1.41
N VAL I 99 -14.48 -37.20 2.08
CA VAL I 99 -13.30 -36.60 1.49
C VAL I 99 -12.09 -37.17 2.25
N GLY I 100 -11.01 -37.48 1.53
CA GLY I 100 -9.78 -38.05 2.08
C GLY I 100 -9.18 -37.26 3.23
N SER I 101 -9.27 -35.91 3.17
CA SER I 101 -8.75 -35.00 4.20
C SER I 101 -9.56 -35.02 5.52
N GLU I 102 -10.66 -35.81 5.58
CA GLU I 102 -11.51 -35.94 6.77
C GLU I 102 -10.91 -36.87 7.84
N VAL I 103 -10.00 -37.79 7.43
CA VAL I 103 -9.33 -38.72 8.37
C VAL I 103 -8.33 -37.98 9.27
N TYR I 104 -7.76 -36.86 8.75
CA TYR I 104 -6.76 -36.04 9.45
C TYR I 104 -7.38 -35.10 10.45
N SER I 105 -7.52 -35.57 11.70
CA SER I 105 -8.09 -34.81 12.81
C SER I 105 -7.21 -34.94 14.04
N THR I 106 -7.21 -33.89 14.89
CA THR I 106 -6.41 -33.82 16.13
C THR I 106 -7.04 -34.71 17.21
N GLU I 107 -8.33 -34.49 17.52
CA GLU I 107 -9.05 -35.21 18.56
C GLU I 107 -9.46 -36.64 18.16
N ILE I 108 -10.18 -36.79 17.02
CA ILE I 108 -10.68 -38.08 16.56
C ILE I 108 -9.68 -38.77 15.58
N LYS I 109 -9.41 -40.07 15.84
CA LYS I 109 -8.46 -40.95 15.14
C LYS I 109 -8.89 -41.39 13.73
N LYS I 110 -7.89 -41.61 12.83
CA LYS I 110 -8.05 -42.08 11.44
C LYS I 110 -8.81 -43.41 11.39
N THR I 111 -8.48 -44.33 12.32
CA THR I 111 -9.06 -45.66 12.47
C THR I 111 -10.57 -45.55 12.75
N GLU I 112 -10.95 -44.65 13.67
CA GLU I 112 -12.33 -44.40 14.07
C GLU I 112 -13.15 -43.69 13.00
N VAL I 113 -12.50 -42.84 12.18
CA VAL I 113 -13.13 -42.09 11.09
C VAL I 113 -13.55 -43.02 9.94
N LEU I 114 -12.60 -43.81 9.40
CA LEU I 114 -12.86 -44.76 8.31
C LEU I 114 -13.90 -45.82 8.67
N MET I 115 -13.74 -46.49 9.84
CA MET I 115 -14.66 -47.51 10.35
C MET I 115 -16.11 -47.01 10.32
N GLU I 116 -16.35 -45.79 10.88
CA GLU I 116 -17.63 -45.10 10.94
C GLU I 116 -18.31 -45.03 9.57
N ASN I 117 -17.55 -44.63 8.54
CA ASN I 117 -18.00 -44.51 7.15
C ASN I 117 -18.44 -45.86 6.58
N PHE I 118 -17.70 -46.95 6.87
CA PHE I 118 -18.05 -48.31 6.43
C PHE I 118 -19.35 -48.76 7.08
N ARG I 119 -19.55 -48.39 8.36
CA ARG I 119 -20.77 -48.67 9.13
C ARG I 119 -21.92 -47.84 8.54
N ARG I 120 -21.63 -46.59 8.12
CA ARG I 120 -22.56 -45.65 7.50
C ARG I 120 -22.92 -46.12 6.07
N ALA I 121 -22.09 -47.00 5.48
CA ALA I 121 -22.26 -47.53 4.13
C ALA I 121 -22.88 -48.94 4.07
N ILE I 122 -23.03 -49.66 5.19
CA ILE I 122 -23.67 -50.99 5.21
C ILE I 122 -24.99 -50.90 6.00
N GLY I 123 -26.08 -51.34 5.38
CA GLY I 123 -27.40 -51.29 5.98
C GLY I 123 -28.09 -52.64 6.14
N LEU I 124 -29.32 -52.60 6.68
CA LEU I 124 -30.20 -53.76 6.92
C LEU I 124 -31.65 -53.37 6.64
N ARG I 125 -32.45 -54.33 6.16
CA ARG I 125 -33.87 -54.15 5.88
C ARG I 125 -34.68 -55.10 6.75
N ILE I 126 -35.33 -54.56 7.80
CA ILE I 126 -36.13 -55.33 8.76
C ILE I 126 -37.44 -55.82 8.14
N GLN I 135 -38.46 -51.47 6.95
CA GLN I 135 -37.68 -50.69 7.91
C GLN I 135 -36.18 -50.78 7.61
N ASP I 136 -35.64 -49.76 6.90
CA ASP I 136 -34.23 -49.66 6.50
C ASP I 136 -33.42 -48.78 7.43
N VAL I 137 -32.19 -49.23 7.79
CA VAL I 137 -31.27 -48.55 8.70
C VAL I 137 -29.81 -49.08 8.53
N THR I 138 -28.80 -48.20 8.70
CA THR I 138 -27.38 -48.56 8.60
C THR I 138 -26.80 -48.97 9.95
N LEU I 139 -25.57 -49.54 9.95
CA LEU I 139 -24.86 -49.97 11.16
C LEU I 139 -24.61 -48.79 12.11
N HIS I 140 -24.37 -47.58 11.54
CA HIS I 140 -24.16 -46.35 12.30
C HIS I 140 -25.49 -45.70 12.73
N ASP I 141 -26.64 -46.28 12.32
CA ASP I 141 -27.96 -45.78 12.72
C ASP I 141 -28.46 -46.59 13.93
N LEU I 142 -27.82 -47.75 14.18
CA LEU I 142 -28.07 -48.64 15.33
C LEU I 142 -26.97 -48.40 16.38
N ASP I 143 -25.79 -47.91 15.94
CA ASP I 143 -24.65 -47.58 16.79
C ASP I 143 -24.93 -46.33 17.62
N VAL I 144 -25.74 -45.41 17.07
CA VAL I 144 -26.13 -44.15 17.73
C VAL I 144 -27.27 -44.36 18.76
N ALA I 145 -27.85 -45.58 18.80
CA ALA I 145 -28.93 -45.93 19.72
C ALA I 145 -28.44 -46.15 21.16
N ASN I 146 -27.55 -47.16 21.36
CA ASN I 146 -27.01 -47.49 22.69
C ASN I 146 -26.02 -46.46 23.24
N ALA I 147 -25.41 -45.64 22.36
CA ALA I 147 -24.46 -44.59 22.76
C ALA I 147 -25.20 -43.35 23.28
N ARG I 148 -26.06 -42.74 22.44
CA ARG I 148 -26.85 -41.55 22.78
C ARG I 148 -28.31 -41.93 23.08
N THR I 168 -22.54 -41.85 25.02
CA THR I 168 -21.75 -40.64 24.84
C THR I 168 -20.72 -40.80 23.72
N GLU I 169 -19.92 -41.89 23.77
CA GLU I 169 -18.88 -42.23 22.80
C GLU I 169 -19.22 -43.57 22.12
N ILE I 170 -18.65 -43.80 20.93
CA ILE I 170 -18.84 -45.05 20.17
C ILE I 170 -17.51 -45.82 20.13
N THR I 171 -17.38 -46.84 21.00
CA THR I 171 -16.17 -47.66 21.11
C THR I 171 -16.37 -49.06 20.49
N ASP I 172 -15.30 -49.89 20.51
CA ASP I 172 -15.29 -51.26 20.00
C ASP I 172 -16.23 -52.19 20.79
N LYS I 173 -16.44 -51.87 22.09
CA LYS I 173 -17.32 -52.62 22.99
C LYS I 173 -18.78 -52.36 22.61
N LEU I 174 -19.14 -51.07 22.40
CA LEU I 174 -20.48 -50.63 22.02
C LEU I 174 -20.89 -51.15 20.64
N ARG I 175 -19.93 -51.19 19.69
CA ARG I 175 -20.14 -51.67 18.32
C ARG I 175 -20.49 -53.16 18.28
N GLY I 176 -19.73 -53.97 19.03
CA GLY I 176 -19.90 -55.41 19.14
C GLY I 176 -21.27 -55.83 19.64
N GLU I 177 -21.85 -55.03 20.56
CA GLU I 177 -23.18 -55.23 21.14
C GLU I 177 -24.29 -55.12 20.07
N ILE I 178 -24.02 -54.32 19.01
CA ILE I 178 -24.93 -54.13 17.86
C ILE I 178 -24.71 -55.26 16.84
N ASN I 179 -23.43 -55.60 16.54
CA ASN I 179 -23.02 -56.65 15.60
C ASN I 179 -23.67 -58.00 15.86
N LYS I 180 -23.79 -58.40 17.15
CA LYS I 180 -24.41 -59.66 17.58
C LYS I 180 -25.91 -59.64 17.28
N VAL I 181 -26.57 -58.48 17.54
CA VAL I 181 -28.00 -58.23 17.28
C VAL I 181 -28.24 -58.28 15.76
N VAL I 182 -27.33 -57.65 14.98
CA VAL I 182 -27.35 -57.60 13.51
C VAL I 182 -27.38 -59.03 12.95
N ASN I 183 -26.43 -59.89 13.39
CA ASN I 183 -26.31 -61.29 12.97
C ASN I 183 -27.55 -62.10 13.38
N LYS I 184 -28.03 -61.93 14.64
CA LYS I 184 -29.21 -62.62 15.18
C LYS I 184 -30.47 -62.36 14.36
N TYR I 185 -30.65 -61.10 13.88
CA TYR I 185 -31.78 -60.68 13.06
C TYR I 185 -31.79 -61.39 11.70
N ILE I 186 -30.61 -61.59 11.08
CA ILE I 186 -30.47 -62.29 9.80
C ILE I 186 -30.60 -63.80 10.02
N ASP I 187 -29.92 -64.34 11.06
CA ASP I 187 -29.93 -65.76 11.44
C ASP I 187 -31.37 -66.27 11.67
N GLN I 188 -32.22 -65.45 12.33
CA GLN I 188 -33.62 -65.75 12.57
C GLN I 188 -34.45 -65.56 11.29
N GLY I 189 -34.23 -64.44 10.61
CA GLY I 189 -34.91 -64.11 9.36
C GLY I 189 -35.87 -62.93 9.45
N ILE I 190 -35.45 -61.88 10.17
CA ILE I 190 -36.24 -60.65 10.36
C ILE I 190 -35.70 -59.51 9.50
N ALA I 191 -34.37 -59.35 9.45
CA ALA I 191 -33.68 -58.31 8.68
C ALA I 191 -32.67 -58.86 7.67
N GLU I 192 -32.46 -58.14 6.56
CA GLU I 192 -31.53 -58.53 5.50
C GLU I 192 -30.43 -57.49 5.31
N LEU I 193 -29.18 -57.87 5.63
CA LEU I 193 -28.01 -57.01 5.52
C LEU I 193 -27.65 -56.77 4.05
N VAL I 194 -27.62 -55.50 3.64
CA VAL I 194 -27.29 -55.10 2.28
C VAL I 194 -26.11 -54.11 2.24
N PRO I 195 -25.06 -54.41 1.44
CA PRO I 195 -23.93 -53.46 1.36
C PRO I 195 -24.30 -52.27 0.47
N GLY I 196 -23.85 -51.09 0.87
CA GLY I 196 -24.14 -49.85 0.14
C GLY I 196 -23.01 -49.38 -0.73
N VAL I 197 -22.73 -48.05 -0.67
CA VAL I 197 -21.69 -47.38 -1.46
C VAL I 197 -20.89 -46.43 -0.55
N LEU I 198 -19.56 -46.55 -0.57
CA LEU I 198 -18.68 -45.63 0.14
C LEU I 198 -17.93 -44.79 -0.88
N PHE I 199 -18.19 -43.48 -0.89
CA PHE I 199 -17.58 -42.55 -1.82
C PHE I 199 -16.47 -41.74 -1.19
N VAL I 200 -15.29 -41.75 -1.82
CA VAL I 200 -14.11 -41.05 -1.33
C VAL I 200 -13.62 -40.00 -2.34
N ASP I 201 -13.82 -38.71 -2.03
CA ASP I 201 -13.38 -37.58 -2.85
C ASP I 201 -11.97 -37.16 -2.37
N GLU I 202 -11.18 -36.51 -3.25
CA GLU I 202 -9.81 -36.06 -2.99
C GLU I 202 -8.93 -37.20 -2.40
N VAL I 203 -9.05 -38.40 -3.01
CA VAL I 203 -8.37 -39.65 -2.65
C VAL I 203 -6.84 -39.49 -2.43
N HIS I 204 -6.18 -38.61 -3.22
CA HIS I 204 -4.74 -38.31 -3.15
C HIS I 204 -4.28 -37.79 -1.78
N MET I 205 -5.22 -37.24 -0.97
CA MET I 205 -4.95 -36.73 0.37
C MET I 205 -4.66 -37.87 1.34
N LEU I 206 -5.23 -39.08 1.09
CA LEU I 206 -5.05 -40.26 1.95
C LEU I 206 -3.62 -40.79 1.91
N ASP I 207 -3.11 -41.23 3.08
CA ASP I 207 -1.77 -41.77 3.22
C ASP I 207 -1.73 -43.28 2.99
N ILE I 208 -0.55 -43.83 2.67
CA ILE I 208 -0.28 -45.25 2.40
C ILE I 208 -0.98 -46.20 3.41
N GLU I 209 -1.11 -45.80 4.68
CA GLU I 209 -1.77 -46.58 5.74
C GLU I 209 -3.29 -46.58 5.63
N CYS I 210 -3.89 -45.45 5.17
CA CYS I 210 -5.34 -45.32 4.97
C CYS I 210 -5.79 -46.25 3.85
N PHE I 211 -4.93 -46.44 2.83
CA PHE I 211 -5.17 -47.30 1.69
C PHE I 211 -5.13 -48.78 2.07
N THR I 212 -4.27 -49.14 3.05
CA THR I 212 -4.15 -50.51 3.58
C THR I 212 -5.43 -50.86 4.35
N TYR I 213 -6.01 -49.84 5.06
CA TYR I 213 -7.24 -49.97 5.83
C TYR I 213 -8.42 -50.27 4.90
N LEU I 214 -8.49 -49.58 3.74
CA LEU I 214 -9.54 -49.75 2.74
C LEU I 214 -9.38 -51.07 1.99
N HIS I 215 -8.12 -51.45 1.69
CA HIS I 215 -7.77 -52.70 0.99
C HIS I 215 -8.22 -53.92 1.81
N ARG I 216 -8.08 -53.84 3.14
CA ARG I 216 -8.48 -54.87 4.10
C ARG I 216 -10.01 -55.01 4.09
N ALA I 217 -10.72 -53.86 4.08
CA ALA I 217 -12.19 -53.79 4.03
C ALA I 217 -12.75 -54.43 2.76
N LEU I 218 -12.03 -54.34 1.62
CA LEU I 218 -12.43 -54.93 0.35
C LEU I 218 -12.49 -56.47 0.47
N SER I 220 -13.43 -59.25 1.87
CA SER I 220 -14.72 -59.27 2.56
C SER I 220 -15.90 -59.29 1.58
N SER I 221 -17.00 -59.95 2.00
CA SER I 221 -18.23 -60.12 1.22
C SER I 221 -19.43 -59.25 1.67
N ILE I 222 -19.33 -58.63 2.86
CA ILE I 222 -20.41 -57.79 3.39
C ILE I 222 -20.08 -56.28 3.39
N ALA I 223 -18.83 -55.93 2.99
CA ALA I 223 -18.37 -54.55 2.89
C ALA I 223 -19.00 -53.86 1.66
N PRO I 224 -19.08 -52.50 1.59
CA PRO I 224 -19.73 -51.87 0.43
C PRO I 224 -18.85 -51.82 -0.82
N ILE I 225 -19.23 -50.96 -1.79
CA ILE I 225 -18.43 -50.74 -3.00
C ILE I 225 -17.74 -49.39 -2.85
N VAL I 226 -16.41 -49.40 -2.86
CA VAL I 226 -15.63 -48.19 -2.68
C VAL I 226 -15.37 -47.51 -4.02
N ILE I 227 -15.91 -46.30 -4.16
CA ILE I 227 -15.74 -45.47 -5.36
C ILE I 227 -14.91 -44.25 -4.99
N PHE I 228 -13.71 -44.15 -5.58
CA PHE I 228 -12.80 -43.03 -5.36
C PHE I 228 -13.05 -41.94 -6.40
N ALA I 229 -12.58 -40.71 -6.13
CA ALA I 229 -12.73 -39.56 -7.02
C ALA I 229 -11.47 -38.71 -7.05
N SER I 230 -11.02 -38.35 -8.25
CA SER I 230 -9.81 -37.55 -8.46
C SER I 230 -9.94 -36.60 -9.65
N ASN I 231 -9.16 -35.52 -9.64
CA ASN I 231 -9.07 -34.53 -10.71
C ASN I 231 -7.61 -34.34 -11.11
N ARG I 232 -6.71 -35.02 -10.37
CA ARG I 232 -5.26 -34.98 -10.52
C ARG I 232 -4.71 -36.21 -11.26
N GLY I 233 -3.49 -36.09 -11.79
CA GLY I 233 -2.79 -37.16 -12.49
C GLY I 233 -1.86 -37.88 -11.54
N ASN I 234 -0.57 -38.05 -11.95
CA ASN I 234 0.44 -38.72 -11.11
C ASN I 234 0.78 -37.88 -9.89
N CYS I 235 0.57 -38.44 -8.69
CA CYS I 235 0.81 -37.77 -7.42
C CYS I 235 1.56 -38.66 -6.43
N VAL I 236 2.33 -38.02 -5.54
CA VAL I 236 3.07 -38.67 -4.47
C VAL I 236 2.07 -39.19 -3.43
N ILE I 237 2.18 -40.48 -3.09
CA ILE I 237 1.34 -41.12 -2.07
C ILE I 237 1.81 -40.56 -0.72
N ARG I 238 0.87 -40.00 0.08
CA ARG I 238 1.18 -39.43 1.39
C ARG I 238 1.72 -40.52 2.33
N GLY I 239 2.73 -40.17 3.11
CA GLY I 239 3.41 -41.11 4.01
C GLY I 239 4.62 -41.76 3.36
N THR I 240 4.86 -41.45 2.07
CA THR I 240 5.99 -41.99 1.29
C THR I 240 6.97 -40.87 0.90
N GLU I 241 6.44 -39.67 0.57
CA GLU I 241 7.18 -38.44 0.18
C GLU I 241 8.02 -38.57 -1.12
N ASP I 242 8.28 -39.81 -1.56
CA ASP I 242 9.13 -40.14 -2.70
C ASP I 242 8.36 -40.79 -3.86
N ILE I 243 7.70 -41.95 -3.60
CA ILE I 243 6.98 -42.77 -4.58
C ILE I 243 5.75 -42.04 -5.17
N THR I 244 5.67 -42.07 -6.52
CA THR I 244 4.63 -41.45 -7.35
C THR I 244 3.79 -42.54 -8.03
N SER I 245 2.46 -42.37 -8.02
CA SER I 245 1.49 -43.29 -8.63
C SER I 245 0.27 -42.52 -9.16
N PRO I 246 -0.49 -43.04 -10.15
CA PRO I 246 -1.68 -42.31 -10.65
C PRO I 246 -2.70 -42.01 -9.57
N HIS I 247 -3.12 -40.73 -9.49
CA HIS I 247 -4.12 -40.17 -8.56
C HIS I 247 -3.71 -40.27 -7.08
N GLY I 248 -2.42 -40.52 -6.83
CA GLY I 248 -1.85 -40.68 -5.51
C GLY I 248 -2.37 -41.91 -4.78
N ILE I 249 -2.64 -42.98 -5.55
CA ILE I 249 -3.18 -44.26 -5.05
C ILE I 249 -2.14 -45.37 -5.23
N PRO I 250 -1.75 -46.08 -4.14
CA PRO I 250 -0.76 -47.17 -4.25
C PRO I 250 -1.05 -48.15 -5.38
N LEU I 251 -0.02 -48.52 -6.15
CA LEU I 251 -0.12 -49.42 -7.30
C LEU I 251 -0.58 -50.85 -6.96
N ASP I 252 -0.68 -51.19 -5.66
CA ASP I 252 -1.17 -52.47 -5.19
C ASP I 252 -2.69 -52.48 -5.37
N LEU I 253 -3.36 -51.40 -4.92
CA LEU I 253 -4.81 -51.21 -4.99
C LEU I 253 -5.30 -50.90 -6.40
N LEU I 254 -4.63 -49.97 -7.12
CA LEU I 254 -4.99 -49.53 -8.47
C LEU I 254 -5.22 -50.68 -9.47
N ASP I 255 -4.63 -51.87 -9.18
CA ASP I 255 -4.78 -53.09 -9.98
C ASP I 255 -6.20 -53.66 -9.89
N ARG I 256 -6.86 -53.43 -8.75
CA ARG I 256 -8.23 -53.83 -8.48
C ARG I 256 -9.10 -52.55 -8.40
N VAL I 257 -8.88 -51.62 -9.36
CA VAL I 257 -9.56 -50.34 -9.49
C VAL I 257 -9.97 -50.15 -10.96
N MET I 258 -11.28 -50.06 -11.23
CA MET I 258 -11.84 -49.83 -12.56
C MET I 258 -12.06 -48.33 -12.71
N ILE I 259 -11.33 -47.71 -13.66
CA ILE I 259 -11.34 -46.26 -13.88
C ILE I 259 -12.37 -45.84 -14.95
N ILE I 260 -13.18 -44.83 -14.61
CA ILE I 260 -14.21 -44.23 -15.46
C ILE I 260 -13.85 -42.74 -15.63
N ARG I 261 -13.81 -42.26 -16.88
CA ARG I 261 -13.50 -40.87 -17.23
C ARG I 261 -14.75 -40.01 -17.24
N THR I 262 -14.63 -38.77 -16.75
CA THR I 262 -15.71 -37.78 -16.77
C THR I 262 -15.22 -36.51 -17.50
N MET I 263 -15.98 -36.08 -18.53
CA MET I 263 -15.69 -34.91 -19.36
C MET I 263 -16.39 -33.65 -18.83
N LEU I 264 -15.88 -32.45 -19.23
CA LEU I 264 -16.49 -31.16 -18.88
C LEU I 264 -17.84 -31.05 -19.59
N TYR I 265 -18.77 -30.25 -19.04
CA TYR I 265 -20.08 -30.07 -19.66
C TYR I 265 -20.09 -28.93 -20.65
N THR I 266 -20.78 -29.13 -21.79
CA THR I 266 -20.92 -28.13 -22.85
C THR I 266 -21.88 -27.02 -22.40
N PRO I 267 -21.74 -25.75 -22.90
CA PRO I 267 -22.68 -24.69 -22.49
C PRO I 267 -24.14 -25.10 -22.30
N GLN I 268 -24.72 -25.84 -23.28
CA GLN I 268 -26.11 -26.33 -23.24
C GLN I 268 -26.35 -27.31 -22.07
N GLU I 269 -25.42 -28.26 -21.86
CA GLU I 269 -25.46 -29.26 -20.78
C GLU I 269 -25.53 -28.57 -19.42
N MET I 270 -24.67 -27.54 -19.20
CA MET I 270 -24.64 -26.76 -17.98
C MET I 270 -25.96 -26.02 -17.75
N LYS I 271 -26.53 -25.41 -18.82
CA LYS I 271 -27.83 -24.72 -18.78
C LYS I 271 -28.94 -25.68 -18.38
N GLN I 272 -28.87 -26.92 -18.93
CA GLN I 272 -29.82 -28.01 -18.66
C GLN I 272 -29.78 -28.47 -17.21
N ILE I 273 -28.57 -28.73 -16.66
CA ILE I 273 -28.32 -29.16 -15.28
C ILE I 273 -28.87 -28.14 -14.28
N ILE I 274 -28.52 -26.85 -14.47
CA ILE I 274 -28.97 -25.72 -13.64
C ILE I 274 -30.51 -25.62 -13.60
N LYS I 275 -31.17 -25.90 -14.74
CA LYS I 275 -32.63 -25.86 -14.87
C LYS I 275 -33.31 -26.89 -13.94
N ILE I 276 -32.79 -28.14 -13.93
CA ILE I 276 -33.28 -29.24 -13.08
C ILE I 276 -33.12 -28.87 -11.59
N ARG I 277 -32.00 -28.21 -11.25
CA ARG I 277 -31.67 -27.74 -9.90
C ARG I 277 -32.62 -26.64 -9.47
N ALA I 278 -32.89 -25.67 -10.38
CA ALA I 278 -33.83 -24.57 -10.17
C ALA I 278 -35.22 -25.16 -9.91
N GLN I 279 -35.60 -26.22 -10.66
CA GLN I 279 -36.87 -26.94 -10.52
C GLN I 279 -36.99 -27.68 -9.19
N THR I 280 -35.88 -28.34 -8.73
CA THR I 280 -35.83 -29.08 -7.47
C THR I 280 -36.07 -28.14 -6.27
N GLU I 281 -35.40 -26.98 -6.26
CA GLU I 281 -35.54 -25.98 -5.19
C GLU I 281 -36.74 -25.01 -5.42
N GLY I 282 -37.50 -25.23 -6.49
CA GLY I 282 -38.68 -24.46 -6.87
C GLY I 282 -38.43 -22.99 -7.18
N ILE I 283 -37.20 -22.69 -7.62
CA ILE I 283 -36.71 -21.36 -7.95
C ILE I 283 -36.91 -21.11 -9.46
N ASN I 284 -37.61 -20.00 -9.80
CA ASN I 284 -37.92 -19.61 -11.19
C ASN I 284 -36.79 -18.77 -11.78
N ILE I 285 -36.38 -19.06 -13.03
CA ILE I 285 -35.28 -18.36 -13.69
C ILE I 285 -35.57 -18.07 -15.19
N SER I 286 -35.13 -16.90 -15.68
CA SER I 286 -35.26 -16.46 -17.06
C SER I 286 -34.23 -17.19 -17.94
N GLU I 287 -34.51 -17.28 -19.25
CA GLU I 287 -33.58 -17.92 -20.19
C GLU I 287 -32.33 -17.07 -20.41
N GLU I 288 -32.47 -15.72 -20.37
CA GLU I 288 -31.35 -14.76 -20.49
C GLU I 288 -30.36 -14.95 -19.33
N ALA I 289 -30.89 -15.24 -18.13
CA ALA I 289 -30.11 -15.50 -16.92
C ALA I 289 -29.48 -16.87 -16.98
N LEU I 290 -30.25 -17.89 -17.43
CA LEU I 290 -29.81 -19.29 -17.56
C LEU I 290 -28.70 -19.44 -18.62
N ASN I 291 -28.81 -18.71 -19.74
CA ASN I 291 -27.80 -18.69 -20.81
C ASN I 291 -26.50 -18.10 -20.27
N HIS I 292 -26.62 -17.03 -19.46
CA HIS I 292 -25.52 -16.33 -18.80
C HIS I 292 -24.87 -17.23 -17.76
N LEU I 293 -25.70 -17.90 -16.92
CA LEU I 293 -25.29 -18.83 -15.86
C LEU I 293 -24.53 -20.06 -16.37
N GLY I 294 -24.89 -20.50 -17.58
CA GLY I 294 -24.22 -21.59 -18.26
C GLY I 294 -22.84 -21.15 -18.70
N GLU I 295 -22.75 -19.88 -19.19
CA GLU I 295 -21.51 -19.24 -19.63
C GLU I 295 -20.59 -18.94 -18.44
N ILE I 296 -21.18 -18.73 -17.23
CA ILE I 296 -20.43 -18.51 -15.98
C ILE I 296 -19.70 -19.84 -15.65
N GLY I 297 -20.47 -20.93 -15.65
CA GLY I 297 -20.01 -22.29 -15.38
C GLY I 297 -18.90 -22.78 -16.28
N THR I 298 -18.94 -22.41 -17.57
CA THR I 298 -17.94 -22.79 -18.57
C THR I 298 -16.58 -22.13 -18.23
N LYS I 299 -16.63 -20.91 -17.64
CA LYS I 299 -15.46 -20.12 -17.21
C LYS I 299 -15.03 -20.44 -15.77
N THR I 300 -15.97 -20.95 -14.94
CA THR I 300 -15.73 -21.28 -13.51
C THR I 300 -15.80 -22.82 -13.30
N THR I 301 -16.95 -23.31 -12.77
CA THR I 301 -17.31 -24.70 -12.49
C THR I 301 -18.83 -24.83 -12.54
N LEU I 302 -19.35 -26.07 -12.68
CA LEU I 302 -20.79 -26.33 -12.68
C LEU I 302 -21.35 -26.06 -11.29
N ARG I 303 -20.58 -26.40 -10.23
CA ARG I 303 -20.92 -26.20 -8.83
C ARG I 303 -21.23 -24.72 -8.56
N TYR I 304 -20.30 -23.82 -8.93
CA TYR I 304 -20.38 -22.37 -8.74
C TYR I 304 -21.73 -21.78 -9.16
N SER I 305 -22.15 -22.02 -10.42
CA SER I 305 -23.40 -21.54 -11.01
C SER I 305 -24.64 -22.03 -10.27
N VAL I 306 -24.69 -23.33 -9.92
CA VAL I 306 -25.79 -23.96 -9.18
C VAL I 306 -25.90 -23.28 -7.81
N GLN I 307 -24.74 -22.98 -7.21
CA GLN I 307 -24.65 -22.30 -5.92
C GLN I 307 -24.97 -20.81 -6.03
N LEU I 308 -24.92 -20.23 -7.26
CA LEU I 308 -25.26 -18.82 -7.52
C LEU I 308 -26.78 -18.61 -7.61
N LEU I 309 -27.57 -19.71 -7.71
CA LEU I 309 -29.03 -19.70 -7.87
C LEU I 309 -29.80 -19.05 -6.73
N THR I 310 -29.75 -19.63 -5.51
CA THR I 310 -30.43 -19.14 -4.30
C THR I 310 -30.02 -17.67 -4.00
N PRO I 311 -28.70 -17.27 -3.99
CA PRO I 311 -28.38 -15.85 -3.75
C PRO I 311 -29.07 -14.90 -4.73
N ALA I 312 -29.11 -15.29 -6.04
CA ALA I 312 -29.75 -14.54 -7.10
C ALA I 312 -31.27 -14.47 -6.91
N ASN I 313 -31.87 -15.58 -6.42
CA ASN I 313 -33.31 -15.68 -6.15
C ASN I 313 -33.75 -14.76 -5.01
N LEU I 314 -32.82 -14.46 -4.07
CA LEU I 314 -33.05 -13.57 -2.93
C LEU I 314 -32.96 -12.11 -3.33
N LEU I 315 -32.05 -11.77 -4.28
CA LEU I 315 -31.87 -10.43 -4.85
C LEU I 315 -33.16 -10.10 -5.60
N ALA I 316 -33.75 -11.13 -6.25
CA ALA I 316 -35.02 -11.06 -6.99
C ALA I 316 -36.18 -10.90 -6.02
N LYS I 317 -36.13 -11.60 -4.86
CA LYS I 317 -37.14 -11.53 -3.80
C LYS I 317 -37.14 -10.13 -3.17
N ILE I 318 -35.92 -9.55 -2.99
CA ILE I 318 -35.68 -8.21 -2.44
C ILE I 318 -36.19 -7.13 -3.42
N ASN I 319 -36.12 -7.42 -4.73
CA ASN I 319 -36.58 -6.53 -5.80
C ASN I 319 -38.07 -6.77 -6.19
N GLY I 320 -38.75 -7.61 -5.41
CA GLY I 320 -40.15 -7.96 -5.58
C GLY I 320 -40.51 -8.69 -6.87
N LYS I 321 -39.52 -9.36 -7.49
CA LYS I 321 -39.69 -10.12 -8.74
C LYS I 321 -39.71 -11.62 -8.48
N ASP I 322 -40.73 -12.32 -9.00
CA ASP I 322 -40.95 -13.76 -8.83
C ASP I 322 -39.86 -14.65 -9.44
N SER I 323 -39.20 -14.19 -10.53
CA SER I 323 -38.15 -14.95 -11.21
C SER I 323 -36.81 -14.22 -11.23
N ILE I 324 -35.76 -14.92 -11.70
CA ILE I 324 -34.40 -14.39 -11.78
C ILE I 324 -34.09 -13.97 -13.22
N GLU I 325 -34.04 -12.64 -13.48
CA GLU I 325 -33.69 -12.08 -14.79
C GLU I 325 -32.17 -12.11 -14.95
N LYS I 326 -31.66 -11.69 -16.12
CA LYS I 326 -30.22 -11.63 -16.41
C LYS I 326 -29.50 -10.63 -15.49
N GLU I 327 -30.17 -9.49 -15.18
CA GLU I 327 -29.70 -8.40 -14.32
C GLU I 327 -29.29 -8.89 -12.94
N HIS I 328 -30.06 -9.86 -12.40
CA HIS I 328 -29.86 -10.47 -11.08
C HIS I 328 -28.64 -11.38 -11.06
N VAL I 329 -28.45 -12.20 -12.12
CA VAL I 329 -27.31 -13.12 -12.27
C VAL I 329 -26.00 -12.33 -12.44
N GLU I 330 -26.05 -11.24 -13.25
CA GLU I 330 -24.91 -10.35 -13.50
C GLU I 330 -24.42 -9.64 -12.21
N GLU I 331 -25.35 -9.34 -11.28
CA GLU I 331 -25.01 -8.68 -10.02
C GLU I 331 -24.33 -9.67 -9.06
N ILE I 332 -24.95 -10.84 -8.81
CA ILE I 332 -24.41 -11.88 -7.92
C ILE I 332 -23.06 -12.41 -8.44
N SER I 333 -22.92 -12.60 -9.77
CA SER I 333 -21.67 -13.05 -10.38
C SER I 333 -20.54 -12.00 -10.25
N GLU I 334 -20.90 -10.75 -9.90
CA GLU I 334 -19.98 -9.64 -9.66
C GLU I 334 -19.79 -9.35 -8.17
N LEU I 335 -20.81 -9.67 -7.34
CA LEU I 335 -20.77 -9.48 -5.88
C LEU I 335 -19.91 -10.58 -5.26
N PHE I 336 -20.07 -11.82 -5.76
CA PHE I 336 -19.32 -12.99 -5.33
C PHE I 336 -18.35 -13.46 -6.40
N TYR I 337 -17.21 -14.00 -5.97
CA TYR I 337 -16.14 -14.50 -6.82
C TYR I 337 -15.99 -16.01 -6.66
N ASP I 338 -15.30 -16.66 -7.60
CA ASP I 338 -14.96 -18.08 -7.52
C ASP I 338 -13.51 -18.16 -7.06
N ALA I 339 -13.13 -19.24 -6.34
CA ALA I 339 -11.79 -19.47 -5.78
C ALA I 339 -10.62 -19.12 -6.70
N LYS I 340 -10.77 -19.36 -8.02
CA LYS I 340 -9.74 -19.04 -9.00
C LYS I 340 -9.68 -17.53 -9.28
N SER I 341 -10.84 -16.87 -9.42
CA SER I 341 -10.95 -15.43 -9.67
C SER I 341 -10.59 -14.59 -8.44
N SER I 342 -10.86 -15.09 -7.21
CA SER I 342 -10.52 -14.39 -5.96
C SER I 342 -9.02 -14.41 -5.71
N ALA I 343 -8.35 -15.53 -6.06
CA ALA I 343 -6.91 -15.69 -5.94
C ALA I 343 -6.20 -14.98 -7.09
N LYS I 344 -6.93 -14.77 -8.23
CA LYS I 344 -6.44 -14.06 -9.41
C LYS I 344 -6.26 -12.59 -9.07
N ILE I 345 -7.32 -11.94 -8.52
CA ILE I 345 -7.33 -10.53 -8.12
C ILE I 345 -6.25 -10.28 -7.07
N LEU I 346 -6.16 -11.13 -6.02
CA LEU I 346 -5.17 -11.00 -4.94
C LEU I 346 -3.72 -10.92 -5.41
N ALA I 347 -3.32 -11.76 -6.37
CA ALA I 347 -1.96 -11.75 -6.95
C ALA I 347 -1.78 -10.51 -7.84
N ASP I 348 -2.90 -10.01 -8.45
CA ASP I 348 -2.95 -8.80 -9.29
C ASP I 348 -2.82 -7.55 -8.42
N GLN I 349 -3.29 -7.63 -7.15
CA GLN I 349 -3.22 -6.54 -6.17
C GLN I 349 -1.77 -6.31 -5.73
N GLN I 350 -0.90 -7.34 -5.91
CA GLN I 350 0.53 -7.32 -5.57
C GLN I 350 1.34 -6.74 -6.72
N ILE J 25 -13.69 -66.26 -8.20
CA ILE J 25 -12.52 -66.99 -8.66
C ILE J 25 -11.22 -66.17 -8.44
N GLY J 26 -10.15 -66.85 -8.01
CA GLY J 26 -8.83 -66.26 -7.76
C GLY J 26 -8.11 -65.82 -9.02
N ALA J 27 -6.95 -65.15 -8.87
CA ALA J 27 -6.17 -64.62 -10.02
C ALA J 27 -5.20 -65.61 -10.67
N HIS J 28 -4.60 -66.52 -9.86
CA HIS J 28 -3.64 -67.51 -10.31
C HIS J 28 -4.13 -68.96 -10.10
N SER J 29 -5.42 -69.20 -10.36
CA SER J 29 -6.11 -70.50 -10.24
C SER J 29 -5.65 -71.52 -11.28
N HIS J 30 -5.39 -71.03 -12.53
CA HIS J 30 -4.92 -71.82 -13.67
C HIS J 30 -3.50 -72.40 -13.46
N ILE J 31 -2.77 -71.89 -12.44
CA ILE J 31 -1.43 -72.31 -12.06
C ILE J 31 -1.53 -73.53 -11.11
N ARG J 32 -0.89 -74.65 -11.50
CA ARG J 32 -0.86 -75.91 -10.76
C ARG J 32 0.58 -76.45 -10.58
N GLY J 33 1.52 -75.86 -11.33
CA GLY J 33 2.93 -76.23 -11.31
C GLY J 33 3.79 -75.31 -12.15
N LEU J 34 5.10 -75.59 -12.23
CA LEU J 34 6.07 -74.81 -12.99
C LEU J 34 6.08 -75.09 -14.49
N GLY J 35 5.65 -76.30 -14.87
CA GLY J 35 5.59 -76.74 -16.26
C GLY J 35 6.89 -77.32 -16.79
N LEU J 36 7.67 -77.95 -15.90
CA LEU J 36 8.96 -78.54 -16.22
C LEU J 36 8.96 -80.06 -16.10
N ASP J 37 9.96 -80.70 -16.73
CA ASP J 37 10.18 -82.16 -16.72
C ASP J 37 11.41 -82.49 -15.85
N ASP J 38 11.84 -83.78 -15.83
CA ASP J 38 12.98 -84.29 -15.07
C ASP J 38 14.28 -83.54 -15.41
N GLU J 41 13.31 -78.78 -18.32
CA GLU J 41 13.05 -77.69 -19.25
C GLU J 41 11.54 -77.50 -19.51
N PRO J 42 11.05 -76.27 -19.84
CA PRO J 42 9.61 -76.09 -20.04
C PRO J 42 9.11 -76.46 -21.45
N ARG J 43 7.81 -76.82 -21.52
CA ARG J 43 7.13 -77.24 -22.75
C ARG J 43 6.51 -76.07 -23.49
N ALA J 45 3.59 -74.68 -23.19
CA ALA J 45 2.33 -74.62 -22.46
C ALA J 45 2.05 -75.91 -21.67
N SER J 46 2.38 -75.89 -20.36
CA SER J 46 2.16 -77.03 -19.44
C SER J 46 2.00 -76.56 -17.99
N GLN J 47 1.31 -77.39 -17.17
CA GLN J 47 1.00 -77.18 -15.75
C GLN J 47 0.26 -75.84 -15.45
N GLY J 48 -0.12 -75.13 -16.51
CA GLY J 48 -0.83 -73.86 -16.46
C GLY J 48 0.04 -72.64 -16.72
N MET J 49 1.31 -72.86 -17.12
CA MET J 49 2.29 -71.81 -17.40
C MET J 49 2.48 -71.60 -18.91
N VAL J 50 2.39 -70.33 -19.35
CA VAL J 50 2.53 -69.89 -20.73
C VAL J 50 3.78 -69.03 -20.88
N GLY J 51 4.67 -69.43 -21.78
CA GLY J 51 5.92 -68.75 -22.08
C GLY J 51 6.81 -68.60 -20.87
N GLN J 52 7.54 -67.47 -20.78
CA GLN J 52 8.47 -67.11 -19.70
C GLN J 52 9.37 -68.31 -19.30
N LEU J 53 9.94 -68.94 -20.35
CA LEU J 53 10.78 -70.15 -20.30
C LEU J 53 12.04 -70.00 -19.44
N ALA J 54 12.71 -68.83 -19.53
CA ALA J 54 13.93 -68.52 -18.79
C ALA J 54 13.67 -68.48 -17.27
N ALA J 55 12.65 -67.72 -16.85
CA ALA J 55 12.27 -67.59 -15.44
C ALA J 55 11.67 -68.87 -14.86
N ARG J 56 10.95 -69.65 -15.70
CA ARG J 56 10.33 -70.92 -15.31
C ARG J 56 11.41 -71.96 -14.99
N ARG J 57 12.44 -72.07 -15.85
CA ARG J 57 13.57 -72.99 -15.68
C ARG J 57 14.40 -72.60 -14.46
N ALA J 58 14.70 -71.28 -14.32
CA ALA J 58 15.49 -70.74 -13.20
C ALA J 58 14.83 -70.97 -11.83
N ALA J 59 13.48 -70.90 -11.77
CA ALA J 59 12.71 -71.15 -10.54
C ALA J 59 12.80 -72.63 -10.13
N GLY J 60 12.99 -73.51 -11.12
CA GLY J 60 13.16 -74.94 -10.94
C GLY J 60 14.50 -75.28 -10.32
N VAL J 61 15.53 -74.47 -10.66
CA VAL J 61 16.89 -74.59 -10.13
C VAL J 61 16.82 -74.24 -8.64
N VAL J 62 16.02 -73.20 -8.29
CA VAL J 62 15.78 -72.77 -6.91
C VAL J 62 14.98 -73.87 -6.19
N LEU J 63 14.05 -74.55 -6.90
CA LEU J 63 13.25 -75.66 -6.36
C LEU J 63 14.14 -76.84 -5.96
N GLU J 64 15.24 -77.07 -6.71
CA GLU J 64 16.22 -78.12 -6.41
C GLU J 64 17.01 -77.76 -5.16
N MET J 65 17.35 -76.45 -5.01
CA MET J 65 18.10 -75.90 -3.89
C MET J 65 17.32 -75.97 -2.58
N ILE J 66 15.99 -75.81 -2.63
CA ILE J 66 15.11 -75.89 -1.46
C ILE J 66 15.08 -77.34 -0.95
N ARG J 67 14.76 -78.30 -1.85
CA ARG J 67 14.67 -79.74 -1.58
C ARG J 67 15.97 -80.36 -1.05
N GLU J 68 17.13 -79.89 -1.57
CA GLU J 68 18.46 -80.37 -1.18
C GLU J 68 18.87 -79.90 0.23
N GLY J 69 18.41 -78.71 0.61
CA GLY J 69 18.71 -78.11 1.91
C GLY J 69 19.67 -76.92 1.81
N LYS J 70 20.22 -76.68 0.61
CA LYS J 70 21.14 -75.58 0.34
C LYS J 70 20.34 -74.37 -0.12
N ILE J 71 19.61 -73.75 0.83
CA ILE J 71 18.75 -72.58 0.58
C ILE J 71 18.78 -71.58 1.76
N ALA J 72 19.16 -72.04 2.97
CA ALA J 72 19.27 -71.20 4.18
C ALA J 72 20.39 -70.18 4.01
N GLY J 73 20.15 -68.96 4.48
CA GLY J 73 21.06 -67.84 4.35
C GLY J 73 20.82 -67.07 3.06
N ARG J 74 20.25 -67.77 2.05
CA ARG J 74 19.89 -67.25 0.74
C ARG J 74 18.40 -66.86 0.71
N ALA J 75 18.01 -66.03 -0.28
CA ALA J 75 16.65 -65.55 -0.54
C ALA J 75 16.44 -65.45 -2.06
N VAL J 76 15.19 -65.21 -2.52
CA VAL J 76 14.87 -65.15 -3.95
C VAL J 76 14.27 -63.79 -4.37
N LEU J 77 14.63 -63.29 -5.58
CA LEU J 77 14.14 -62.03 -6.15
C LEU J 77 13.73 -62.20 -7.62
N ILE J 78 12.63 -61.54 -8.02
CA ILE J 78 12.11 -61.57 -9.39
C ILE J 78 12.03 -60.14 -9.93
N ALA J 79 12.87 -59.82 -10.91
CA ALA J 79 12.95 -58.49 -11.52
C ALA J 79 12.23 -58.48 -12.88
N GLY J 80 11.10 -57.77 -12.94
CA GLY J 80 10.31 -57.67 -14.16
C GLY J 80 9.16 -56.69 -14.10
N GLN J 81 8.74 -56.20 -15.28
CA GLN J 81 7.65 -55.25 -15.48
C GLN J 81 6.29 -55.80 -14.98
N PRO J 82 5.27 -54.95 -14.66
CA PRO J 82 4.00 -55.51 -14.16
C PRO J 82 3.35 -56.51 -15.12
N GLY J 83 2.86 -57.61 -14.54
CA GLY J 83 2.18 -58.68 -15.27
C GLY J 83 3.07 -59.66 -16.02
N THR J 84 4.40 -59.69 -15.73
CA THR J 84 5.30 -60.59 -16.46
C THR J 84 5.58 -61.92 -15.72
N GLY J 85 4.58 -62.43 -15.01
CA GLY J 85 4.65 -63.73 -14.34
C GLY J 85 5.20 -63.80 -12.94
N LYS J 86 5.83 -62.73 -12.41
CA LYS J 86 6.45 -62.71 -11.06
C LYS J 86 5.62 -63.46 -9.98
N THR J 87 4.33 -63.12 -9.84
CA THR J 87 3.39 -63.73 -8.89
C THR J 87 3.07 -65.18 -9.28
N ALA J 88 2.89 -65.44 -10.60
CA ALA J 88 2.55 -66.74 -11.18
C ALA J 88 3.69 -67.78 -11.10
N ILE J 89 4.95 -67.34 -11.28
CA ILE J 89 6.16 -68.16 -11.22
C ILE J 89 6.37 -68.58 -9.77
N ALA J 90 6.11 -67.65 -8.83
CA ALA J 90 6.20 -67.87 -7.38
C ALA J 90 5.05 -68.78 -6.92
N MET J 91 3.88 -68.66 -7.59
CA MET J 91 2.68 -69.47 -7.36
C MET J 91 2.98 -70.90 -7.81
N GLY J 92 3.69 -71.02 -8.94
CA GLY J 92 4.10 -72.29 -9.53
C GLY J 92 5.17 -73.01 -8.73
N MET J 93 6.03 -72.23 -8.03
CA MET J 93 7.12 -72.75 -7.20
C MET J 93 6.60 -73.56 -6.01
N ALA J 94 5.68 -72.98 -5.21
CA ALA J 94 5.06 -73.62 -4.05
C ALA J 94 4.21 -74.82 -4.46
N GLN J 95 3.54 -74.74 -5.63
CA GLN J 95 2.70 -75.80 -6.19
C GLN J 95 3.56 -77.00 -6.61
N ALA J 96 4.72 -76.74 -7.25
CA ALA J 96 5.67 -77.77 -7.67
C ALA J 96 6.44 -78.32 -6.46
N LEU J 97 6.40 -77.61 -5.32
CA LEU J 97 7.04 -78.01 -4.06
C LEU J 97 6.16 -78.99 -3.28
N GLY J 98 4.85 -78.78 -3.34
CA GLY J 98 3.85 -79.60 -2.66
C GLY J 98 2.47 -78.96 -2.60
N PRO J 99 1.37 -79.76 -2.66
CA PRO J 99 0.03 -79.15 -2.60
C PRO J 99 -0.44 -78.86 -1.16
N ASP J 100 0.42 -79.15 -0.17
CA ASP J 100 0.19 -78.96 1.26
C ASP J 100 0.94 -77.74 1.82
N THR J 101 1.99 -77.26 1.08
CA THR J 101 2.86 -76.13 1.44
C THR J 101 2.08 -74.81 1.57
N PRO J 102 2.20 -74.09 2.72
CA PRO J 102 1.44 -72.84 2.88
C PRO J 102 2.04 -71.66 2.12
N PHE J 103 1.25 -71.07 1.21
CA PHE J 103 1.64 -69.93 0.41
C PHE J 103 0.98 -68.67 0.97
N THR J 104 1.77 -67.58 1.10
CA THR J 104 1.31 -66.29 1.61
C THR J 104 1.85 -65.18 0.72
N ALA J 105 0.97 -64.56 -0.08
CA ALA J 105 1.33 -63.44 -0.95
C ALA J 105 0.87 -62.15 -0.31
N ILE J 106 1.81 -61.22 -0.09
CA ILE J 106 1.55 -59.91 0.50
C ILE J 106 2.27 -58.84 -0.33
N ALA J 107 1.76 -57.61 -0.30
CA ALA J 107 2.37 -56.49 -0.99
C ALA J 107 3.17 -55.67 0.03
N GLY J 108 4.16 -54.91 -0.46
CA GLY J 108 4.99 -54.05 0.37
C GLY J 108 4.22 -52.92 1.02
N SER J 109 3.02 -52.62 0.49
CA SER J 109 2.12 -51.58 0.99
C SER J 109 1.29 -52.11 2.16
N GLU J 110 1.05 -53.44 2.20
CA GLU J 110 0.27 -54.15 3.23
C GLU J 110 0.87 -54.07 4.64
N ILE J 111 2.21 -53.92 4.75
CA ILE J 111 2.90 -53.86 6.05
C ILE J 111 2.66 -52.53 6.77
N PHE J 112 2.46 -51.41 6.02
CA PHE J 112 2.18 -50.09 6.60
C PHE J 112 0.69 -50.02 6.94
N SER J 113 0.34 -50.14 8.23
CA SER J 113 -1.05 -50.16 8.71
C SER J 113 -1.32 -49.16 9.85
N LEU J 114 -2.61 -48.78 9.99
CA LEU J 114 -3.07 -47.90 11.07
C LEU J 114 -3.31 -48.71 12.34
N GLU J 115 -3.90 -49.92 12.19
CA GLU J 115 -4.25 -50.84 13.28
C GLU J 115 -3.20 -51.93 13.57
N MET J 116 -2.00 -51.87 12.94
CA MET J 116 -0.95 -52.87 13.12
C MET J 116 0.47 -52.31 13.01
N SER J 117 1.40 -52.88 13.80
CA SER J 117 2.81 -52.53 13.77
C SER J 117 3.45 -53.21 12.56
N LYS J 118 4.49 -52.60 11.97
CA LYS J 118 5.22 -53.12 10.80
C LYS J 118 5.79 -54.51 11.06
N THR J 119 6.31 -54.77 12.28
CA THR J 119 6.86 -56.07 12.67
C THR J 119 5.77 -57.10 12.77
N GLU J 120 4.67 -56.79 13.49
CA GLU J 120 3.50 -57.65 13.68
C GLU J 120 2.83 -57.96 12.33
N ALA J 121 2.89 -57.01 11.38
CA ALA J 121 2.36 -57.18 10.02
C ALA J 121 3.20 -58.21 9.27
N LEU J 122 4.53 -58.16 9.43
CA LEU J 122 5.49 -59.08 8.82
C LEU J 122 5.46 -60.46 9.50
N THR J 123 5.37 -60.47 10.86
CA THR J 123 5.31 -61.67 11.72
C THR J 123 4.13 -62.54 11.32
N GLN J 124 2.95 -61.93 11.13
CA GLN J 124 1.72 -62.61 10.70
C GLN J 124 1.89 -63.21 9.31
N ALA J 125 2.62 -62.50 8.42
CA ALA J 125 2.92 -62.94 7.06
C ALA J 125 3.95 -64.08 7.08
N PHE J 126 4.85 -64.08 8.09
CA PHE J 126 5.87 -65.13 8.22
C PHE J 126 5.29 -66.40 8.81
N ARG J 127 4.46 -66.28 9.85
CA ARG J 127 3.83 -67.41 10.55
C ARG J 127 2.66 -68.05 9.76
N ARG J 128 2.19 -67.38 8.69
CA ARG J 128 1.14 -67.91 7.81
C ARG J 128 1.78 -68.79 6.73
N SER J 129 3.09 -68.58 6.48
CA SER J 129 3.88 -69.31 5.49
C SER J 129 4.57 -70.56 6.03
N ILE J 130 4.47 -70.83 7.34
CA ILE J 130 5.04 -72.03 7.95
C ILE J 130 3.89 -72.89 8.48
N GLY J 131 3.85 -74.14 8.05
CA GLY J 131 2.80 -75.07 8.43
C GLY J 131 3.19 -76.13 9.45
N VAL J 132 2.16 -76.74 10.08
CA VAL J 132 2.31 -77.80 11.08
C VAL J 132 1.39 -78.96 10.65
N ARG J 133 1.98 -80.15 10.37
CA ARG J 133 1.23 -81.34 9.95
C ARG J 133 0.67 -82.13 11.13
N ILE J 134 -0.59 -82.57 11.03
CA ILE J 134 -1.26 -83.36 12.08
C ILE J 134 -0.92 -84.84 11.98
N HIS J 143 -3.44 -83.28 8.59
CA HIS J 143 -3.80 -82.04 7.90
C HIS J 143 -2.93 -80.86 8.35
N THR J 144 -2.50 -80.02 7.39
CA THR J 144 -1.66 -78.84 7.65
C THR J 144 -2.45 -77.68 8.24
N VAL J 145 -1.84 -76.97 9.21
CA VAL J 145 -2.40 -75.81 9.88
C VAL J 145 -1.26 -74.85 10.30
N SER J 146 -1.26 -73.63 9.74
CA SER J 146 -0.25 -72.60 9.97
C SER J 146 -0.22 -72.06 11.40
N LEU J 147 0.93 -71.47 11.80
CA LEU J 147 1.14 -70.89 13.13
C LEU J 147 0.35 -69.59 13.33
N HIS J 148 -0.03 -68.91 12.22
CA HIS J 148 -0.85 -67.70 12.23
C HIS J 148 -2.27 -68.11 12.64
N GLU J 149 -2.78 -69.22 12.05
CA GLU J 149 -4.10 -69.81 12.33
C GLU J 149 -4.15 -70.32 13.77
N ILE J 150 -3.13 -71.11 14.20
CA ILE J 150 -3.01 -71.68 15.54
C ILE J 150 -2.98 -70.59 16.61
N ASP J 151 -2.34 -69.43 16.30
CA ASP J 151 -2.28 -68.27 17.19
C ASP J 151 -3.58 -67.48 17.14
N VAL J 152 -4.25 -67.45 15.98
CA VAL J 152 -5.55 -66.78 15.79
C VAL J 152 -6.72 -67.67 16.28
N ILE J 153 -6.42 -68.58 17.24
CA ILE J 153 -7.35 -69.52 17.86
C ILE J 153 -6.91 -69.84 19.28
N GLU J 170 -4.01 -58.30 15.01
CA GLU J 170 -2.77 -58.41 15.78
C GLU J 170 -2.92 -59.36 16.97
N ILE J 171 -2.06 -60.40 17.03
CA ILE J 171 -2.03 -61.41 18.08
C ILE J 171 -0.99 -61.01 19.14
N LYS J 172 -1.36 -61.14 20.43
CA LYS J 172 -0.51 -60.81 21.58
C LYS J 172 0.73 -61.71 21.69
N SER J 173 1.85 -61.14 22.18
CA SER J 173 3.15 -61.79 22.35
C SER J 173 3.11 -63.03 23.26
N GLU J 174 2.20 -63.04 24.25
CA GLU J 174 2.01 -64.12 25.22
C GLU J 174 1.63 -65.45 24.56
N VAL J 175 0.57 -65.44 23.70
CA VAL J 175 0.07 -66.60 22.98
C VAL J 175 1.08 -67.18 21.97
N ARG J 176 1.90 -66.30 21.36
CA ARG J 176 2.94 -66.67 20.39
C ARG J 176 4.01 -67.53 21.04
N GLU J 177 4.56 -67.08 22.19
CA GLU J 177 5.58 -67.79 22.97
C GLU J 177 5.06 -69.15 23.46
N GLN J 178 3.75 -69.20 23.80
CA GLN J 178 3.04 -70.41 24.26
C GLN J 178 2.95 -71.44 23.14
N ILE J 179 2.52 -71.01 21.92
CA ILE J 179 2.39 -71.86 20.73
C ILE J 179 3.75 -72.34 20.20
N ASN J 180 4.83 -71.57 20.48
CA ASN J 180 6.21 -71.90 20.11
C ASN J 180 6.69 -73.12 20.89
N ALA J 181 6.50 -73.09 22.23
CA ALA J 181 6.86 -74.15 23.18
C ALA J 181 6.08 -75.44 22.92
N LYS J 182 4.78 -75.31 22.56
CA LYS J 182 3.89 -76.42 22.26
C LYS J 182 4.32 -77.12 20.96
N VAL J 183 4.66 -76.33 19.92
CA VAL J 183 5.14 -76.81 18.62
C VAL J 183 6.52 -77.46 18.73
N ALA J 184 7.37 -76.93 19.64
CA ALA J 184 8.72 -77.43 19.91
C ALA J 184 8.65 -78.84 20.53
N GLU J 185 7.64 -79.09 21.37
CA GLU J 185 7.39 -80.38 22.04
C GLU J 185 7.00 -81.46 21.03
N TRP J 186 6.19 -81.11 20.00
CA TRP J 186 5.75 -82.05 18.96
C TRP J 186 6.88 -82.45 18.02
N ARG J 187 7.84 -81.54 17.77
CA ARG J 187 8.99 -81.74 16.90
C ARG J 187 9.96 -82.80 17.47
N GLU J 188 10.21 -82.75 18.79
CA GLU J 188 11.09 -83.70 19.49
C GLU J 188 10.41 -85.07 19.61
N GLU J 189 9.11 -85.09 19.95
CA GLU J 189 8.27 -86.29 20.10
C GLU J 189 8.01 -86.97 18.75
N GLY J 190 8.00 -86.18 17.68
CA GLY J 190 7.72 -86.65 16.33
C GLY J 190 6.23 -86.75 16.08
N LYS J 191 5.45 -85.93 16.83
CA LYS J 191 3.99 -85.85 16.76
C LYS J 191 3.50 -84.99 15.58
N ALA J 192 4.28 -83.98 15.20
CA ALA J 192 3.95 -83.06 14.10
C ALA J 192 5.12 -82.83 13.15
N GLU J 193 4.82 -82.49 11.87
CA GLU J 193 5.82 -82.22 10.85
C GLU J 193 5.74 -80.79 10.33
N ILE J 194 6.81 -80.00 10.57
CA ILE J 194 6.92 -78.60 10.15
C ILE J 194 7.32 -78.54 8.67
N ILE J 195 6.45 -77.93 7.83
CA ILE J 195 6.69 -77.78 6.40
C ILE J 195 6.63 -76.28 6.00
N PRO J 196 7.79 -75.61 5.82
CA PRO J 196 7.74 -74.17 5.47
C PRO J 196 7.55 -73.91 3.98
N GLY J 197 6.49 -73.16 3.67
CA GLY J 197 6.11 -72.78 2.31
C GLY J 197 6.75 -71.50 1.82
N VAL J 198 6.11 -70.87 0.83
CA VAL J 198 6.57 -69.64 0.18
C VAL J 198 5.90 -68.38 0.74
N LEU J 199 6.71 -67.37 1.11
CA LEU J 199 6.22 -66.05 1.52
C LEU J 199 6.61 -65.09 0.41
N PHE J 200 5.61 -64.69 -0.39
CA PHE J 200 5.81 -63.80 -1.54
C PHE J 200 5.51 -62.35 -1.20
N ILE J 201 6.49 -61.47 -1.49
CA ILE J 201 6.37 -60.03 -1.25
C ILE J 201 6.63 -59.25 -2.54
N ASP J 202 5.53 -58.94 -3.26
CA ASP J 202 5.56 -58.14 -4.50
C ASP J 202 5.63 -56.67 -4.06
N GLU J 203 6.11 -55.76 -4.95
CA GLU J 203 6.24 -54.32 -4.67
C GLU J 203 7.10 -54.23 -3.38
N VAL J 204 8.27 -54.91 -3.42
CA VAL J 204 9.22 -55.03 -2.30
C VAL J 204 10.01 -53.74 -2.05
N HIS J 205 10.13 -52.88 -3.07
CA HIS J 205 10.81 -51.58 -3.01
C HIS J 205 10.16 -50.68 -1.94
N MET J 206 8.90 -50.98 -1.59
CA MET J 206 8.09 -50.30 -0.57
C MET J 206 8.59 -50.48 0.86
N LEU J 207 9.28 -51.59 1.15
CA LEU J 207 9.82 -51.93 2.48
C LEU J 207 10.98 -51.02 2.90
N ASP J 208 11.03 -50.65 4.20
CA ASP J 208 12.08 -49.80 4.76
C ASP J 208 13.15 -50.61 5.51
N ILE J 209 14.20 -49.95 6.03
CA ILE J 209 15.29 -50.64 6.75
C ILE J 209 14.84 -51.30 8.05
N GLU J 210 13.77 -50.78 8.69
CA GLU J 210 13.22 -51.36 9.93
C GLU J 210 12.57 -52.71 9.65
N SER J 211 12.03 -52.88 8.42
CA SER J 211 11.40 -54.12 7.96
C SER J 211 12.45 -55.05 7.32
N PHE J 212 13.44 -54.48 6.60
CA PHE J 212 14.55 -55.21 5.95
C PHE J 212 15.48 -55.88 6.97
N SER J 213 15.57 -55.33 8.20
CA SER J 213 16.35 -55.89 9.30
C SER J 213 15.59 -57.10 9.84
N PHE J 214 14.25 -56.97 9.97
CA PHE J 214 13.36 -58.04 10.42
C PHE J 214 13.49 -59.25 9.49
N LEU J 215 13.59 -59.00 8.17
CA LEU J 215 13.75 -60.04 7.16
C LEU J 215 15.01 -60.86 7.40
N ASN J 216 16.10 -60.20 7.86
CA ASN J 216 17.36 -60.86 8.20
C ASN J 216 17.16 -61.72 9.45
N ARG J 217 16.63 -61.10 10.55
CA ARG J 217 16.33 -61.74 11.84
C ARG J 217 15.37 -62.94 11.71
N ALA J 218 14.43 -62.89 10.76
CA ALA J 218 13.46 -63.95 10.51
C ALA J 218 14.06 -65.13 9.72
N LEU J 219 14.95 -64.84 8.75
CA LEU J 219 15.61 -65.86 7.92
C LEU J 219 16.71 -66.63 8.68
N GLU J 220 17.14 -66.09 9.85
CA GLU J 220 18.17 -66.67 10.72
C GLU J 220 17.61 -67.82 11.58
N SER J 221 16.26 -67.95 11.65
CA SER J 221 15.54 -68.98 12.39
C SER J 221 15.73 -70.37 11.77
N ASP J 222 15.74 -71.41 12.64
CA ASP J 222 15.89 -72.82 12.25
C ASP J 222 14.71 -73.30 11.42
N MET J 223 13.49 -72.82 11.76
CA MET J 223 12.24 -73.13 11.05
C MET J 223 11.73 -71.83 10.41
N ALA J 224 12.09 -71.58 9.13
CA ALA J 224 11.75 -70.36 8.40
C ALA J 224 11.26 -70.62 6.96
N PRO J 225 10.35 -69.78 6.40
CA PRO J 225 9.87 -70.04 5.03
C PRO J 225 10.81 -69.51 3.94
N VAL J 226 10.55 -69.86 2.67
CA VAL J 226 11.36 -69.41 1.53
C VAL J 226 10.87 -68.03 1.09
N LEU J 227 11.69 -67.00 1.37
CA LEU J 227 11.40 -65.62 1.02
C LEU J 227 11.62 -65.38 -0.46
N ILE J 228 10.56 -64.95 -1.14
CA ILE J 228 10.56 -64.63 -2.56
C ILE J 228 10.02 -63.20 -2.69
N MET J 229 10.79 -62.32 -3.34
CA MET J 229 10.42 -60.93 -3.50
C MET J 229 10.31 -60.54 -4.97
N ALA J 230 9.47 -59.54 -5.27
CA ALA J 230 9.28 -59.06 -6.63
C ALA J 230 9.20 -57.54 -6.65
N THR J 231 9.74 -56.93 -7.72
CA THR J 231 9.75 -55.49 -7.98
C THR J 231 9.96 -55.19 -9.45
N ASN J 232 9.28 -54.14 -9.95
CA ASN J 232 9.38 -53.69 -11.33
C ASN J 232 10.34 -52.48 -11.43
N ARG J 233 10.84 -52.02 -10.27
CA ARG J 233 11.76 -50.88 -10.14
C ARG J 233 13.23 -51.32 -10.08
N GLY J 234 14.09 -50.55 -10.75
CA GLY J 234 15.53 -50.77 -10.79
C GLY J 234 16.20 -50.11 -9.60
N ILE J 235 17.20 -49.24 -9.85
CA ILE J 235 17.91 -48.53 -8.78
C ILE J 235 16.98 -47.46 -8.16
N THR J 236 16.81 -47.52 -6.82
CA THR J 236 15.97 -46.63 -6.02
C THR J 236 16.58 -46.52 -4.60
N ARG J 237 16.25 -45.45 -3.85
CA ARG J 237 16.75 -45.31 -2.50
C ARG J 237 15.98 -46.23 -1.54
N ILE J 238 16.71 -46.89 -0.62
CA ILE J 238 16.11 -47.77 0.39
C ILE J 238 15.35 -46.85 1.33
N ARG J 239 14.04 -47.10 1.47
CA ARG J 239 13.13 -46.33 2.31
C ARG J 239 13.69 -46.20 3.73
N GLY J 240 13.64 -44.99 4.26
CA GLY J 240 14.17 -44.66 5.58
C GLY J 240 15.62 -44.20 5.56
N THR J 241 16.28 -44.33 4.39
CA THR J 241 17.69 -43.94 4.18
C THR J 241 17.83 -42.92 3.05
N SER J 242 19.08 -42.51 2.78
CA SER J 242 19.46 -41.56 1.74
C SER J 242 20.21 -42.26 0.60
N TYR J 243 20.77 -43.46 0.89
CA TYR J 243 21.55 -44.23 -0.08
C TYR J 243 20.71 -45.01 -1.08
N GLN J 244 21.02 -44.85 -2.37
CA GLN J 244 20.37 -45.54 -3.48
C GLN J 244 20.96 -46.93 -3.62
N SER J 245 20.16 -47.90 -4.12
CA SER J 245 20.61 -49.29 -4.30
C SER J 245 19.75 -50.03 -5.34
N PRO J 246 20.23 -51.16 -5.91
CA PRO J 246 19.39 -51.91 -6.87
C PRO J 246 18.15 -52.48 -6.18
N HIS J 247 16.97 -52.32 -6.84
CA HIS J 247 15.65 -52.78 -6.40
C HIS J 247 15.15 -52.15 -5.09
N GLY J 248 15.81 -51.09 -4.64
CA GLY J 248 15.50 -50.41 -3.38
C GLY J 248 15.73 -51.33 -2.18
N ILE J 249 16.74 -52.22 -2.32
CA ILE J 249 17.11 -53.25 -1.35
C ILE J 249 18.54 -53.02 -0.82
N PRO J 250 18.78 -53.06 0.52
CA PRO J 250 20.15 -52.88 1.01
C PRO J 250 21.09 -53.97 0.51
N ILE J 251 22.32 -53.59 0.10
CA ILE J 251 23.33 -54.48 -0.49
C ILE J 251 23.63 -55.73 0.37
N ASP J 252 23.47 -55.65 1.71
CA ASP J 252 23.70 -56.78 2.63
C ASP J 252 22.77 -57.96 2.34
N LEU J 253 21.57 -57.68 1.77
CA LEU J 253 20.56 -58.65 1.39
C LEU J 253 20.72 -59.10 -0.07
N LEU J 254 21.12 -58.18 -0.96
CA LEU J 254 21.30 -58.42 -2.41
C LEU J 254 22.37 -59.47 -2.71
N ASP J 255 23.40 -59.58 -1.86
CA ASP J 255 24.46 -60.57 -2.00
C ASP J 255 23.89 -61.98 -1.78
N ARG J 256 22.97 -62.11 -0.82
CA ARG J 256 22.30 -63.36 -0.45
C ARG J 256 21.21 -63.80 -1.46
N LEU J 257 20.67 -62.84 -2.25
CA LEU J 257 19.57 -63.08 -3.20
C LEU J 257 19.91 -63.94 -4.42
N LEU J 258 18.87 -64.63 -4.94
CA LEU J 258 18.87 -65.50 -6.13
C LEU J 258 18.00 -64.80 -7.20
N ILE J 259 18.49 -63.64 -7.71
CA ILE J 259 17.75 -62.79 -8.66
C ILE J 259 17.61 -63.42 -10.06
N VAL J 260 16.35 -63.45 -10.55
CA VAL J 260 15.90 -63.96 -11.85
C VAL J 260 15.24 -62.78 -12.61
N SER J 261 15.22 -62.83 -13.97
CA SER J 261 14.59 -61.78 -14.79
C SER J 261 13.45 -62.31 -15.67
N THR J 262 12.38 -61.51 -15.82
CA THR J 262 11.20 -61.85 -16.61
C THR J 262 11.05 -60.96 -17.85
N THR J 263 11.16 -61.60 -19.04
CA THR J 263 11.02 -60.94 -20.35
C THR J 263 9.52 -60.83 -20.73
N PRO J 264 9.05 -59.70 -21.31
CA PRO J 264 7.63 -59.58 -21.65
C PRO J 264 7.11 -60.54 -22.74
N TYR J 265 5.78 -60.71 -22.79
CA TYR J 265 5.07 -61.61 -23.71
C TYR J 265 4.75 -60.96 -25.05
N SER J 266 4.83 -61.75 -26.13
CA SER J 266 4.51 -61.32 -27.48
C SER J 266 3.02 -61.60 -27.75
N GLU J 267 2.51 -61.17 -28.94
CA GLU J 267 1.12 -61.31 -29.39
C GLU J 267 0.49 -62.68 -29.15
N LYS J 268 1.13 -63.75 -29.67
CA LYS J 268 0.66 -65.15 -29.53
C LYS J 268 0.72 -65.63 -28.08
N ASP J 269 1.72 -65.15 -27.31
CA ASP J 269 1.92 -65.52 -25.91
C ASP J 269 0.95 -64.83 -24.96
N THR J 270 0.52 -63.59 -25.30
CA THR J 270 -0.47 -62.83 -24.52
C THR J 270 -1.85 -63.47 -24.72
N LYS J 271 -2.14 -63.92 -25.96
CA LYS J 271 -3.37 -64.59 -26.37
C LYS J 271 -3.63 -65.84 -25.55
N GLN J 272 -2.58 -66.64 -25.32
CA GLN J 272 -2.67 -67.88 -24.54
C GLN J 272 -3.12 -67.62 -23.10
N ILE J 273 -2.52 -66.63 -22.41
CA ILE J 273 -2.88 -66.26 -21.03
C ILE J 273 -4.28 -65.65 -20.92
N LEU J 274 -4.71 -64.92 -21.97
CA LEU J 274 -6.04 -64.31 -22.02
C LEU J 274 -7.10 -65.38 -22.28
N ARG J 275 -6.78 -66.39 -23.12
CA ARG J 275 -7.64 -67.52 -23.46
C ARG J 275 -7.77 -68.46 -22.25
N ILE J 276 -6.66 -68.65 -21.50
CA ILE J 276 -6.62 -69.48 -20.29
C ILE J 276 -7.45 -68.84 -19.17
N ARG J 277 -7.49 -67.50 -19.10
CA ARG J 277 -8.30 -66.77 -18.10
C ARG J 277 -9.77 -66.71 -18.51
N CYS J 278 -10.06 -66.94 -19.80
CA CYS J 278 -11.42 -67.05 -20.32
C CYS J 278 -12.00 -68.40 -19.94
N GLU J 279 -11.14 -69.43 -19.81
CA GLU J 279 -11.48 -70.80 -19.43
C GLU J 279 -12.11 -70.75 -18.02
N GLU J 280 -11.43 -70.09 -17.04
CA GLU J 280 -11.88 -69.87 -15.66
C GLU J 280 -13.10 -68.89 -15.54
N GLU J 281 -13.53 -68.25 -16.66
CA GLU J 281 -14.70 -67.37 -16.72
C GLU J 281 -16.02 -68.15 -16.95
N GLU J 284 -16.26 -67.15 -22.78
CA GLU J 284 -16.30 -67.82 -24.09
C GLU J 284 -16.51 -66.80 -25.19
N MET J 285 -15.45 -66.47 -25.96
CA MET J 285 -15.48 -65.41 -26.98
C MET J 285 -14.81 -65.71 -28.33
N SER J 286 -15.04 -64.82 -29.32
CA SER J 286 -14.53 -64.89 -30.69
C SER J 286 -13.02 -64.66 -30.78
N GLU J 287 -12.38 -65.33 -31.77
CA GLU J 287 -10.94 -65.26 -32.06
C GLU J 287 -10.56 -63.85 -32.56
N ASP J 288 -11.53 -63.16 -33.18
CA ASP J 288 -11.42 -61.79 -33.67
C ASP J 288 -11.35 -60.84 -32.48
N ALA J 289 -12.09 -61.17 -31.39
CA ALA J 289 -12.09 -60.40 -30.14
C ALA J 289 -10.80 -60.68 -29.36
N TYR J 290 -10.19 -61.87 -29.56
CA TYR J 290 -8.92 -62.23 -28.94
C TYR J 290 -7.78 -61.39 -29.49
N THR J 291 -7.73 -61.18 -30.83
CA THR J 291 -6.72 -60.36 -31.53
C THR J 291 -6.88 -58.85 -31.18
N VAL J 292 -8.06 -58.43 -30.69
CA VAL J 292 -8.27 -57.03 -30.29
C VAL J 292 -7.96 -56.88 -28.78
N LEU J 293 -8.34 -57.86 -27.96
CA LEU J 293 -8.07 -57.90 -26.52
C LEU J 293 -6.56 -57.99 -26.30
N THR J 294 -5.84 -58.81 -27.11
CA THR J 294 -4.38 -58.96 -27.04
C THR J 294 -3.69 -57.70 -27.53
N ARG J 295 -4.26 -57.05 -28.58
CA ARG J 295 -3.75 -55.80 -29.14
C ARG J 295 -3.78 -54.73 -28.03
N ILE J 296 -4.87 -54.73 -27.22
CA ILE J 296 -5.02 -53.85 -26.06
C ILE J 296 -4.00 -54.29 -24.98
N GLY J 297 -3.89 -55.61 -24.76
CA GLY J 297 -2.96 -56.21 -23.80
C GLY J 297 -1.52 -55.77 -23.97
N LEU J 298 -1.07 -55.68 -25.23
CA LEU J 298 0.29 -55.25 -25.58
C LEU J 298 0.40 -53.71 -25.54
N GLU J 299 -0.56 -53.01 -26.19
CA GLU J 299 -0.61 -51.54 -26.26
C GLU J 299 -0.81 -50.84 -24.90
N THR J 300 -1.36 -51.55 -23.90
CA THR J 300 -1.59 -51.02 -22.54
C THR J 300 -0.91 -51.93 -21.50
N SER J 301 -1.63 -52.95 -20.97
CA SER J 301 -1.14 -53.91 -19.97
C SER J 301 -2.00 -55.18 -19.91
N LEU J 302 -1.40 -56.30 -19.45
CA LEU J 302 -2.05 -57.60 -19.30
C LEU J 302 -3.13 -57.55 -18.21
N ARG J 303 -2.86 -56.81 -17.11
CA ARG J 303 -3.77 -56.59 -15.97
C ARG J 303 -5.08 -55.94 -16.46
N TYR J 304 -4.96 -54.91 -17.32
CA TYR J 304 -6.07 -54.18 -17.90
C TYR J 304 -6.88 -55.02 -18.87
N ALA J 305 -6.19 -55.80 -19.76
CA ALA J 305 -6.86 -56.69 -20.71
C ALA J 305 -7.69 -57.75 -19.98
N ILE J 306 -7.20 -58.21 -18.80
CA ILE J 306 -7.87 -59.19 -17.96
C ILE J 306 -9.06 -58.56 -17.23
N GLN J 307 -8.93 -57.29 -16.76
CA GLN J 307 -10.00 -56.51 -16.10
C GLN J 307 -11.23 -56.45 -17.00
N LEU J 308 -11.02 -56.25 -18.31
CA LEU J 308 -12.04 -56.14 -19.35
C LEU J 308 -12.77 -57.44 -19.66
N ILE J 309 -12.15 -58.63 -19.45
CA ILE J 309 -12.76 -59.94 -19.75
C ILE J 309 -14.12 -60.09 -19.02
N THR J 310 -14.14 -59.92 -17.69
CA THR J 310 -15.33 -60.01 -16.84
C THR J 310 -16.37 -58.93 -17.21
N ALA J 311 -15.88 -57.78 -17.70
CA ALA J 311 -16.69 -56.61 -18.07
C ALA J 311 -17.31 -56.67 -19.47
N ALA J 312 -16.60 -57.28 -20.44
CA ALA J 312 -17.03 -57.43 -21.84
C ALA J 312 -18.08 -58.54 -21.99
N SER J 313 -18.00 -59.55 -21.10
CA SER J 313 -18.93 -60.70 -21.05
C SER J 313 -20.30 -60.18 -20.65
N LEU J 314 -20.35 -59.32 -19.61
CA LEU J 314 -21.53 -58.66 -19.07
C LEU J 314 -22.24 -57.84 -20.15
N VAL J 315 -21.44 -57.19 -21.06
CA VAL J 315 -21.92 -56.42 -22.23
C VAL J 315 -22.66 -57.41 -23.14
N CYS J 316 -21.91 -58.38 -23.73
CA CYS J 316 -22.37 -59.43 -24.65
C CYS J 316 -23.68 -60.11 -24.18
N ARG J 317 -23.71 -60.61 -22.91
CA ARG J 317 -24.84 -61.26 -22.22
C ARG J 317 -26.14 -60.39 -22.22
N LYS J 318 -25.96 -59.04 -22.27
CA LYS J 318 -26.96 -57.96 -22.41
C LYS J 318 -27.12 -57.60 -23.91
N ARG J 319 -27.49 -58.61 -24.75
CA ARG J 319 -27.74 -58.53 -26.20
C ARG J 319 -28.08 -59.93 -26.74
N LYS J 320 -28.44 -60.87 -25.83
CA LYS J 320 -28.70 -62.29 -26.12
C LYS J 320 -27.52 -62.93 -26.86
N GLY J 321 -26.36 -62.27 -26.69
CA GLY J 321 -25.09 -62.62 -27.29
C GLY J 321 -24.58 -64.01 -26.94
N THR J 322 -23.74 -64.59 -27.83
CA THR J 322 -23.18 -65.93 -27.66
C THR J 322 -21.84 -65.81 -26.95
N GLU J 323 -20.90 -65.32 -27.74
CA GLU J 323 -19.49 -65.07 -27.53
C GLU J 323 -19.22 -63.60 -27.63
N VAL J 324 -18.29 -63.09 -26.81
CA VAL J 324 -17.91 -61.69 -26.79
C VAL J 324 -17.29 -61.37 -28.15
N GLN J 325 -17.79 -60.35 -28.81
CA GLN J 325 -17.30 -59.96 -30.13
C GLN J 325 -16.35 -58.75 -30.04
N VAL J 326 -15.88 -58.25 -31.20
CA VAL J 326 -15.01 -57.08 -31.35
C VAL J 326 -15.76 -55.85 -30.85
N ASP J 327 -17.07 -55.77 -31.17
CA ASP J 327 -18.02 -54.71 -30.81
C ASP J 327 -18.10 -54.54 -29.29
N ASP J 328 -18.05 -55.65 -28.53
CA ASP J 328 -18.11 -55.63 -27.07
C ASP J 328 -16.77 -55.23 -26.45
N ILE J 329 -15.64 -55.64 -27.08
CA ILE J 329 -14.28 -55.30 -26.65
C ILE J 329 -14.03 -53.80 -26.81
N LYS J 330 -14.49 -53.21 -27.94
CA LYS J 330 -14.36 -51.77 -28.24
C LYS J 330 -15.19 -50.91 -27.27
N ARG J 331 -16.43 -51.35 -26.97
CA ARG J 331 -17.40 -50.69 -26.07
C ARG J 331 -16.85 -50.52 -24.67
N VAL J 332 -16.33 -51.62 -24.09
CA VAL J 332 -15.77 -51.66 -22.75
C VAL J 332 -14.41 -50.90 -22.70
N TYR J 333 -13.70 -50.80 -23.85
CA TYR J 333 -12.42 -50.07 -23.96
C TYR J 333 -12.63 -48.58 -23.81
N SER J 334 -13.74 -48.05 -24.35
CA SER J 334 -14.09 -46.63 -24.24
C SER J 334 -14.77 -46.34 -22.89
N LEU J 335 -15.32 -47.40 -22.26
CA LEU J 335 -16.00 -47.33 -20.96
C LEU J 335 -14.99 -47.30 -19.80
N PHE J 336 -14.10 -48.30 -19.75
CA PHE J 336 -13.07 -48.40 -18.74
C PHE J 336 -11.73 -48.07 -19.36
N LEU J 337 -10.91 -47.28 -18.65
CA LEU J 337 -9.60 -46.86 -19.15
C LEU J 337 -8.44 -47.38 -18.31
N ASP J 338 -7.22 -47.27 -18.84
CA ASP J 338 -5.98 -47.72 -18.20
C ASP J 338 -5.27 -46.56 -17.49
N GLU J 339 -4.28 -46.89 -16.64
CA GLU J 339 -3.48 -45.95 -15.86
C GLU J 339 -2.72 -44.93 -16.73
N SER J 340 -2.19 -45.36 -17.89
CA SER J 340 -1.45 -44.47 -18.80
C SER J 340 -2.35 -43.45 -19.51
N ARG J 341 -3.64 -43.80 -19.73
CA ARG J 341 -4.64 -42.95 -20.37
C ARG J 341 -5.28 -42.00 -19.35
N SER J 342 -5.63 -42.52 -18.15
CA SER J 342 -6.26 -41.79 -17.05
C SER J 342 -5.47 -40.55 -16.63
N THR J 343 -4.12 -40.67 -16.59
CA THR J 343 -3.20 -39.58 -16.24
C THR J 343 -3.03 -38.61 -17.40
N GLN J 344 -2.94 -39.14 -18.65
CA GLN J 344 -2.78 -38.36 -19.88
C GLN J 344 -4.00 -37.44 -20.09
N TYR J 345 -5.21 -37.94 -19.77
CA TYR J 345 -6.48 -37.20 -19.83
C TYR J 345 -6.47 -36.04 -18.85
N MET J 346 -5.77 -36.20 -17.69
CA MET J 346 -5.65 -35.18 -16.65
C MET J 346 -4.72 -34.05 -17.07
N LYS J 347 -3.66 -34.39 -17.86
CA LYS J 347 -2.68 -33.42 -18.39
C LYS J 347 -3.39 -32.40 -19.28
N GLU J 348 -4.34 -32.88 -20.11
CA GLU J 348 -5.17 -32.05 -21.00
C GLU J 348 -6.01 -31.04 -20.23
N TYR J 349 -6.40 -31.38 -18.98
CA TYR J 349 -7.17 -30.48 -18.12
C TYR J 349 -6.27 -29.54 -17.31
N GLN J 350 -5.33 -30.10 -16.51
CA GLN J 350 -4.40 -29.36 -15.64
C GLN J 350 -3.58 -28.29 -16.36
N ASP J 351 -3.16 -28.56 -17.62
CA ASP J 351 -2.40 -27.61 -18.43
C ASP J 351 -3.29 -26.45 -18.89
N ALA J 352 -4.57 -26.74 -19.19
CA ALA J 352 -5.57 -25.75 -19.61
C ALA J 352 -6.14 -25.00 -18.39
N PHE J 353 -6.07 -25.62 -17.19
CA PHE J 353 -6.54 -25.08 -15.91
C PHE J 353 -5.75 -23.83 -15.50
N LEU J 354 -4.41 -23.89 -15.65
CA LEU J 354 -3.51 -22.77 -15.34
C LEU J 354 -3.48 -21.78 -16.49
N PHE J 355 -3.45 -22.29 -17.75
CA PHE J 355 -3.43 -21.49 -18.97
C PHE J 355 -4.86 -21.28 -19.52
N ILE K 25 -9.66 2.66 23.46
CA ILE K 25 -10.79 2.53 22.53
C ILE K 25 -10.48 1.52 21.42
N GLY K 26 -11.46 0.65 21.14
CA GLY K 26 -11.38 -0.40 20.13
C GLY K 26 -11.21 0.11 18.71
N ALA K 27 -10.53 -0.69 17.87
CA ALA K 27 -10.25 -0.40 16.46
C ALA K 27 -11.50 -0.37 15.56
N HIS K 28 -12.61 -0.95 16.04
CA HIS K 28 -13.87 -1.01 15.30
C HIS K 28 -15.05 -0.40 16.09
N SER K 29 -14.77 0.66 16.86
CA SER K 29 -15.74 1.38 17.68
C SER K 29 -16.76 2.18 16.87
N HIS K 30 -16.37 2.61 15.65
CA HIS K 30 -17.21 3.37 14.73
C HIS K 30 -18.25 2.52 14.01
N ILE K 31 -17.97 1.22 13.81
CA ILE K 31 -18.86 0.26 13.14
C ILE K 31 -20.07 -0.01 14.03
N ARG K 32 -21.26 0.40 13.58
CA ARG K 32 -22.54 0.22 14.30
C ARG K 32 -23.57 -0.52 13.39
N GLY K 33 -23.06 -1.15 12.34
CA GLY K 33 -23.83 -1.90 11.33
C GLY K 33 -23.12 -1.98 10.00
N LEU K 34 -23.87 -2.23 8.90
CA LEU K 34 -23.31 -2.33 7.55
C LEU K 34 -23.56 -1.10 6.66
N GLY K 35 -24.58 -0.31 6.98
CA GLY K 35 -24.95 0.90 6.27
C GLY K 35 -25.63 0.68 4.95
N LEU K 36 -26.59 -0.28 4.91
CA LEU K 36 -27.36 -0.66 3.72
C LEU K 36 -28.86 -0.33 3.91
N ASP K 37 -29.57 -0.02 2.82
CA ASP K 37 -31.00 0.28 2.86
C ASP K 37 -31.87 -1.00 2.82
N ASP K 38 -33.21 -0.85 2.80
CA ASP K 38 -34.18 -1.96 2.76
C ASP K 38 -34.05 -2.86 1.52
N ALA K 39 -33.66 -2.27 0.37
CA ALA K 39 -33.45 -2.98 -0.90
C ALA K 39 -32.00 -3.49 -1.02
N LEU K 40 -31.23 -3.38 0.10
CA LEU K 40 -29.83 -3.80 0.27
C LEU K 40 -28.89 -3.18 -0.78
N GLU K 41 -28.63 -1.88 -0.59
CA GLU K 41 -27.75 -1.06 -1.42
C GLU K 41 -26.97 -0.17 -0.45
N PRO K 42 -25.61 -0.23 -0.47
CA PRO K 42 -24.84 0.58 0.48
C PRO K 42 -24.90 2.09 0.26
N ARG K 43 -25.32 2.82 1.30
CA ARG K 43 -25.30 4.28 1.33
C ARG K 43 -23.80 4.55 1.59
N GLN K 44 -23.12 5.37 0.75
CA GLN K 44 -21.67 5.66 0.85
C GLN K 44 -21.18 5.69 2.32
N ALA K 45 -21.72 6.64 3.12
CA ALA K 45 -21.43 6.79 4.55
C ALA K 45 -22.71 6.51 5.34
N SER K 46 -22.64 5.57 6.31
CA SER K 46 -23.73 5.13 7.21
C SER K 46 -23.24 4.05 8.17
N GLN K 47 -23.66 4.16 9.45
CA GLN K 47 -23.35 3.24 10.55
C GLN K 47 -21.82 3.10 10.78
N GLY K 48 -21.09 4.18 10.51
CA GLY K 48 -19.65 4.26 10.65
C GLY K 48 -18.87 3.69 9.48
N MET K 49 -19.60 3.19 8.45
CA MET K 49 -19.04 2.58 7.24
C MET K 49 -18.79 3.64 6.17
N VAL K 50 -17.63 3.55 5.49
CA VAL K 50 -17.20 4.47 4.41
C VAL K 50 -16.60 3.64 3.26
N GLY K 51 -17.13 3.85 2.06
CA GLY K 51 -16.68 3.16 0.86
C GLY K 51 -16.95 1.68 0.89
N GLN K 52 -16.09 0.88 0.20
CA GLN K 52 -16.16 -0.58 0.08
C GLN K 52 -17.61 -1.07 -0.17
N LEU K 53 -18.27 -0.42 -1.14
CA LEU K 53 -19.67 -0.61 -1.54
C LEU K 53 -20.00 -2.02 -2.05
N ALA K 54 -19.10 -2.60 -2.88
CA ALA K 54 -19.28 -3.93 -3.47
C ALA K 54 -19.26 -5.03 -2.42
N ALA K 55 -18.29 -4.97 -1.47
CA ALA K 55 -18.14 -5.93 -0.39
C ALA K 55 -19.28 -5.84 0.62
N ARG K 56 -19.75 -4.61 0.89
CA ARG K 56 -20.85 -4.31 1.81
C ARG K 56 -22.18 -4.83 1.30
N ARG K 57 -22.47 -4.66 -0.01
CA ARG K 57 -23.70 -5.18 -0.62
C ARG K 57 -23.68 -6.69 -0.58
N ALA K 58 -22.55 -7.31 -1.01
CA ALA K 58 -22.31 -8.76 -1.03
C ALA K 58 -22.49 -9.35 0.37
N ALA K 59 -22.02 -8.63 1.42
CA ALA K 59 -22.17 -9.02 2.82
C ALA K 59 -23.65 -9.01 3.19
N GLY K 60 -24.40 -8.04 2.65
CA GLY K 60 -25.85 -7.91 2.85
C GLY K 60 -26.62 -9.06 2.24
N VAL K 61 -26.11 -9.60 1.10
CA VAL K 61 -26.68 -10.77 0.41
C VAL K 61 -26.44 -12.01 1.28
N VAL K 62 -25.27 -12.07 1.95
CA VAL K 62 -24.93 -13.14 2.89
C VAL K 62 -25.89 -13.03 4.09
N LEU K 63 -26.03 -11.79 4.61
CA LEU K 63 -26.86 -11.41 5.76
C LEU K 63 -28.35 -11.76 5.61
N GLU K 64 -28.88 -11.78 4.36
CA GLU K 64 -30.29 -12.14 4.10
C GLU K 64 -30.46 -13.65 3.94
N MET K 65 -29.41 -14.35 3.44
CA MET K 65 -29.38 -15.81 3.27
C MET K 65 -29.44 -16.48 4.65
N ILE K 66 -28.80 -15.85 5.66
CA ILE K 66 -28.76 -16.29 7.06
C ILE K 66 -30.16 -16.15 7.65
N ARG K 67 -30.85 -15.02 7.36
CA ARG K 67 -32.22 -14.71 7.82
C ARG K 67 -33.26 -15.75 7.40
N GLU K 68 -33.06 -16.41 6.23
CA GLU K 68 -33.96 -17.44 5.70
C GLU K 68 -33.54 -18.86 6.14
N GLY K 69 -32.24 -19.05 6.33
CA GLY K 69 -31.66 -20.32 6.75
C GLY K 69 -30.99 -21.10 5.65
N LYS K 70 -30.61 -20.42 4.55
CA LYS K 70 -29.94 -21.01 3.39
C LYS K 70 -28.41 -21.01 3.53
N ILE K 71 -27.89 -20.47 4.65
CA ILE K 71 -26.46 -20.37 4.93
C ILE K 71 -25.84 -21.72 5.37
N ALA K 72 -26.67 -22.73 5.72
CA ALA K 72 -26.21 -24.07 6.11
C ALA K 72 -25.51 -24.75 4.94
N GLY K 73 -24.40 -25.44 5.24
CA GLY K 73 -23.56 -26.09 4.23
C GLY K 73 -22.57 -25.11 3.64
N ARG K 74 -22.97 -23.82 3.58
CA ARG K 74 -22.18 -22.70 3.07
C ARG K 74 -21.29 -22.11 4.16
N ALA K 75 -20.34 -21.22 3.76
CA ALA K 75 -19.41 -20.49 4.62
C ALA K 75 -18.94 -19.23 3.86
N VAL K 76 -18.40 -18.22 4.57
CA VAL K 76 -17.97 -16.93 4.00
C VAL K 76 -16.45 -16.74 4.05
N LEU K 77 -15.91 -16.12 2.99
CA LEU K 77 -14.49 -15.78 2.89
C LEU K 77 -14.33 -14.39 2.25
N ILE K 78 -13.67 -13.47 2.97
CA ILE K 78 -13.43 -12.11 2.46
C ILE K 78 -11.97 -12.03 2.05
N ALA K 79 -11.73 -11.81 0.75
CA ALA K 79 -10.38 -11.73 0.21
C ALA K 79 -10.06 -10.29 -0.21
N GLY K 80 -8.91 -9.82 0.22
CA GLY K 80 -8.45 -8.47 -0.09
C GLY K 80 -7.14 -8.14 0.59
N GLN K 81 -6.48 -7.06 0.12
CA GLN K 81 -5.20 -6.56 0.63
C GLN K 81 -5.28 -6.22 2.13
N PRO K 82 -4.19 -6.35 2.92
CA PRO K 82 -4.30 -5.99 4.34
C PRO K 82 -4.53 -4.48 4.53
N GLY K 83 -5.49 -4.15 5.39
CA GLY K 83 -5.88 -2.77 5.67
C GLY K 83 -6.97 -2.26 4.74
N THR K 84 -8.01 -3.11 4.49
CA THR K 84 -9.14 -2.81 3.59
C THR K 84 -10.53 -2.96 4.24
N GLY K 85 -10.58 -3.40 5.50
CA GLY K 85 -11.82 -3.56 6.23
C GLY K 85 -12.46 -4.92 6.18
N LYS K 86 -11.66 -6.00 5.99
CA LYS K 86 -12.14 -7.38 5.97
C LYS K 86 -12.85 -7.71 7.29
N THR K 87 -12.27 -7.21 8.41
CA THR K 87 -12.77 -7.39 9.77
C THR K 87 -14.03 -6.53 10.00
N ALA K 88 -13.99 -5.23 9.63
CA ALA K 88 -15.08 -4.27 9.79
C ALA K 88 -16.39 -4.71 9.13
N ILE K 89 -16.30 -5.39 7.97
CA ILE K 89 -17.45 -5.94 7.23
C ILE K 89 -18.07 -7.12 8.01
N ALA K 90 -17.23 -7.98 8.63
CA ALA K 90 -17.67 -9.10 9.46
C ALA K 90 -18.29 -8.60 10.76
N MET K 91 -17.72 -7.50 11.31
CA MET K 91 -18.16 -6.80 12.53
C MET K 91 -19.54 -6.18 12.29
N GLY K 92 -19.73 -5.62 11.09
CA GLY K 92 -20.97 -4.99 10.65
C GLY K 92 -22.13 -5.97 10.62
N MET K 93 -21.87 -7.20 10.11
CA MET K 93 -22.83 -8.30 10.03
C MET K 93 -23.32 -8.73 11.42
N ALA K 94 -22.41 -8.71 12.41
CA ALA K 94 -22.71 -9.04 13.80
C ALA K 94 -23.55 -7.93 14.43
N GLN K 95 -23.32 -6.66 14.01
CA GLN K 95 -24.06 -5.48 14.48
C GLN K 95 -25.39 -5.32 13.73
N ALA K 96 -25.54 -6.03 12.58
CA ALA K 96 -26.73 -5.99 11.73
C ALA K 96 -27.69 -7.18 11.92
N LEU K 97 -27.22 -8.27 12.58
CA LEU K 97 -28.02 -9.47 12.84
C LEU K 97 -28.89 -9.35 14.10
N GLY K 98 -28.37 -8.63 15.09
CA GLY K 98 -28.91 -8.38 16.42
C GLY K 98 -27.81 -7.93 17.36
N PRO K 99 -28.16 -7.29 18.53
CA PRO K 99 -27.07 -6.93 19.48
C PRO K 99 -26.61 -8.08 20.38
N ASP K 100 -27.57 -8.99 20.64
CA ASP K 100 -27.49 -10.23 21.43
C ASP K 100 -26.57 -11.28 20.77
N THR K 101 -26.33 -11.10 19.45
CA THR K 101 -25.49 -11.95 18.60
C THR K 101 -24.01 -11.98 19.01
N PRO K 102 -23.48 -13.18 19.30
CA PRO K 102 -22.06 -13.31 19.66
C PRO K 102 -21.16 -13.18 18.45
N PHE K 103 -20.02 -12.50 18.63
CA PHE K 103 -19.01 -12.28 17.61
C PHE K 103 -17.64 -12.58 18.20
N THR K 104 -16.91 -13.50 17.56
CA THR K 104 -15.56 -13.89 17.95
C THR K 104 -14.62 -13.55 16.81
N ALA K 105 -13.58 -12.78 17.08
CA ALA K 105 -12.58 -12.42 16.07
C ALA K 105 -11.26 -13.03 16.51
N ILE K 106 -10.89 -14.17 15.90
CA ILE K 106 -9.66 -14.88 16.23
C ILE K 106 -8.71 -14.94 15.03
N ALA K 107 -7.40 -14.90 15.30
CA ALA K 107 -6.37 -15.00 14.27
C ALA K 107 -6.01 -16.47 14.04
N GLY K 108 -5.54 -16.77 12.84
CA GLY K 108 -5.11 -18.11 12.45
C GLY K 108 -3.98 -18.60 13.33
N SER K 109 -3.02 -17.70 13.60
CA SER K 109 -1.84 -17.88 14.45
C SER K 109 -2.23 -18.24 15.90
N GLU K 110 -3.27 -17.56 16.44
CA GLU K 110 -3.80 -17.72 17.80
C GLU K 110 -4.20 -19.15 18.18
N ILE K 111 -4.54 -20.00 17.19
CA ILE K 111 -4.94 -21.38 17.45
C ILE K 111 -3.72 -22.26 17.78
N PHE K 112 -2.53 -21.89 17.26
CA PHE K 112 -1.27 -22.58 17.54
C PHE K 112 -0.74 -21.99 18.85
N SER K 113 -1.03 -22.68 19.97
CA SER K 113 -0.69 -22.23 21.32
C SER K 113 0.16 -23.26 22.10
N LEU K 114 0.65 -22.86 23.29
CA LEU K 114 1.41 -23.72 24.20
C LEU K 114 0.42 -24.22 25.25
N GLU K 115 -0.37 -23.27 25.79
CA GLU K 115 -1.42 -23.39 26.81
C GLU K 115 -2.65 -24.19 26.31
N MET K 116 -2.97 -24.08 25.01
CA MET K 116 -4.14 -24.68 24.39
C MET K 116 -3.83 -25.66 23.26
N SER K 117 -4.73 -26.65 23.05
CA SER K 117 -4.64 -27.60 21.95
C SER K 117 -5.18 -26.91 20.68
N LYS K 118 -4.80 -27.41 19.49
CA LYS K 118 -5.24 -26.86 18.20
C LYS K 118 -6.77 -26.83 18.19
N THR K 119 -7.40 -28.01 18.39
CA THR K 119 -8.85 -28.20 18.45
C THR K 119 -9.48 -27.42 19.59
N GLU K 120 -8.90 -27.46 20.81
CA GLU K 120 -9.38 -26.76 22.02
C GLU K 120 -9.48 -25.24 21.80
N ALA K 121 -8.56 -24.66 21.02
CA ALA K 121 -8.57 -23.23 20.68
C ALA K 121 -9.72 -22.94 19.71
N LEU K 122 -9.94 -23.87 18.75
CA LEU K 122 -11.02 -23.78 17.76
C LEU K 122 -12.38 -24.00 18.43
N THR K 123 -12.43 -24.88 19.47
CA THR K 123 -13.64 -25.19 20.25
C THR K 123 -14.04 -23.96 21.06
N GLN K 124 -13.06 -23.31 21.73
CA GLN K 124 -13.25 -22.10 22.51
C GLN K 124 -13.70 -20.93 21.63
N ALA K 125 -13.29 -20.95 20.34
CA ALA K 125 -13.66 -19.95 19.34
C ALA K 125 -15.11 -20.18 18.88
N PHE K 126 -15.50 -21.46 18.68
CA PHE K 126 -16.84 -21.85 18.26
C PHE K 126 -17.87 -21.62 19.38
N ARG K 127 -17.54 -22.02 20.61
CA ARG K 127 -18.41 -21.89 21.80
C ARG K 127 -18.65 -20.44 22.23
N ARG K 128 -17.74 -19.52 21.87
CA ARG K 128 -17.88 -18.09 22.16
C ARG K 128 -18.85 -17.44 21.16
N SER K 129 -19.06 -18.07 19.99
CA SER K 129 -19.92 -17.59 18.91
C SER K 129 -21.35 -18.21 18.87
N ILE K 130 -21.69 -19.08 19.85
CA ILE K 130 -23.02 -19.68 19.96
C ILE K 130 -23.66 -19.12 21.24
N GLY K 131 -24.77 -18.39 21.09
CA GLY K 131 -25.45 -17.73 22.20
C GLY K 131 -26.61 -18.47 22.83
N VAL K 132 -26.81 -18.25 24.15
CA VAL K 132 -27.90 -18.79 24.97
C VAL K 132 -28.57 -17.57 25.66
N ARG K 133 -29.82 -17.27 25.26
CA ARG K 133 -30.62 -16.12 25.72
C ARG K 133 -31.10 -16.18 27.17
N ILE K 134 -31.11 -15.00 27.82
CA ILE K 134 -31.58 -14.78 29.20
C ILE K 134 -33.08 -15.01 29.31
N HIS K 143 -29.01 -11.11 31.29
CA HIS K 143 -28.05 -10.96 30.21
C HIS K 143 -27.80 -12.29 29.49
N THR K 144 -27.64 -12.23 28.14
CA THR K 144 -27.38 -13.39 27.29
C THR K 144 -25.98 -13.94 27.56
N VAL K 145 -25.78 -15.26 27.37
CA VAL K 145 -24.47 -15.88 27.62
C VAL K 145 -24.11 -16.97 26.61
N SER K 146 -22.85 -16.94 26.13
CA SER K 146 -22.35 -17.92 25.16
C SER K 146 -21.94 -19.23 25.85
N LEU K 147 -21.89 -20.33 25.07
CA LEU K 147 -21.52 -21.68 25.52
C LEU K 147 -20.21 -21.75 26.27
N HIS K 148 -19.18 -21.04 25.79
CA HIS K 148 -17.85 -20.98 26.39
C HIS K 148 -17.91 -20.39 27.80
N GLU K 149 -18.66 -19.28 27.97
CA GLU K 149 -18.86 -18.58 29.25
C GLU K 149 -19.61 -19.46 30.27
N ILE K 150 -20.34 -20.49 29.78
CA ILE K 150 -21.05 -21.46 30.60
C ILE K 150 -20.04 -22.52 31.10
N ASP K 151 -19.03 -22.85 30.27
CA ASP K 151 -17.94 -23.79 30.62
C ASP K 151 -16.99 -23.10 31.61
N VAL K 152 -16.88 -21.77 31.51
CA VAL K 152 -16.06 -20.90 32.38
C VAL K 152 -16.63 -20.98 33.82
N ILE K 153 -17.98 -21.01 33.95
CA ILE K 153 -18.73 -21.12 35.20
C ILE K 153 -18.35 -22.40 35.97
N ASN K 154 -18.12 -23.50 35.24
CA ASN K 154 -17.76 -24.79 35.85
C ASN K 154 -16.31 -25.18 35.52
N GLU K 170 -7.58 -25.68 31.25
CA GLU K 170 -8.91 -25.11 31.16
C GLU K 170 -9.99 -26.04 31.78
N ILE K 171 -10.96 -26.52 30.97
CA ILE K 171 -12.07 -27.38 31.44
C ILE K 171 -12.13 -28.73 30.73
N LYS K 172 -12.72 -29.74 31.43
CA LYS K 172 -12.88 -31.13 30.99
C LYS K 172 -13.97 -31.33 29.93
N SER K 173 -13.80 -32.38 29.09
CA SER K 173 -14.74 -32.78 28.03
C SER K 173 -16.12 -33.11 28.61
N GLU K 174 -16.14 -33.61 29.87
CA GLU K 174 -17.33 -33.94 30.66
C GLU K 174 -18.16 -32.70 30.96
N VAL K 175 -17.50 -31.54 31.18
CA VAL K 175 -18.14 -30.24 31.45
C VAL K 175 -18.90 -29.78 30.19
N ARG K 176 -18.36 -30.10 29.00
CA ARG K 176 -18.97 -29.78 27.71
C ARG K 176 -20.18 -30.67 27.41
N GLU K 177 -20.08 -31.99 27.72
CA GLU K 177 -21.16 -32.96 27.49
C GLU K 177 -22.38 -32.73 28.37
N GLN K 178 -22.16 -32.33 29.65
CA GLN K 178 -23.24 -32.04 30.61
C GLN K 178 -23.97 -30.75 30.19
N ILE K 179 -23.20 -29.75 29.69
CA ILE K 179 -23.72 -28.47 29.21
C ILE K 179 -24.52 -28.66 27.92
N ASN K 180 -24.08 -29.60 27.04
CA ASN K 180 -24.74 -29.95 25.77
C ASN K 180 -26.14 -30.54 26.02
N ALA K 181 -26.26 -31.41 27.04
CA ALA K 181 -27.52 -32.04 27.45
C ALA K 181 -28.41 -30.99 28.12
N LYS K 182 -27.80 -30.07 28.92
CA LYS K 182 -28.47 -28.97 29.62
C LYS K 182 -29.04 -27.97 28.60
N VAL K 183 -28.34 -27.80 27.46
CA VAL K 183 -28.78 -26.95 26.35
C VAL K 183 -30.00 -27.61 25.70
N ALA K 184 -29.93 -28.96 25.50
CA ALA K 184 -31.03 -29.77 24.95
C ALA K 184 -32.22 -29.84 25.94
N GLU K 185 -31.96 -29.56 27.24
CA GLU K 185 -32.95 -29.54 28.32
C GLU K 185 -33.63 -28.17 28.42
N TRP K 186 -32.85 -27.07 28.37
CA TRP K 186 -33.34 -25.70 28.44
C TRP K 186 -34.09 -25.31 27.15
N ARG K 187 -33.68 -25.89 26.00
CA ARG K 187 -34.31 -25.67 24.69
C ARG K 187 -35.64 -26.43 24.60
N GLU K 188 -35.75 -27.56 25.35
CA GLU K 188 -36.95 -28.38 25.43
C GLU K 188 -38.07 -27.56 26.09
N GLU K 189 -37.71 -26.69 27.06
CA GLU K 189 -38.61 -25.77 27.73
C GLU K 189 -38.67 -24.48 26.88
N GLY K 190 -37.69 -23.60 27.03
CA GLY K 190 -37.60 -22.36 26.25
C GLY K 190 -37.33 -21.08 27.02
N LYS K 191 -36.76 -21.19 28.24
CA LYS K 191 -36.44 -20.02 29.06
C LYS K 191 -35.08 -19.45 28.69
N GLU K 193 -32.81 -19.70 24.91
CA GLU K 193 -32.92 -19.80 23.46
C GLU K 193 -31.56 -19.80 22.79
N ILE K 194 -31.34 -20.70 21.81
CA ILE K 194 -30.07 -20.83 21.08
C ILE K 194 -30.00 -19.90 19.86
N ILE K 195 -29.04 -18.95 19.86
CA ILE K 195 -28.84 -18.01 18.76
C ILE K 195 -27.39 -18.06 18.22
N PRO K 196 -27.16 -18.77 17.08
CA PRO K 196 -25.78 -18.86 16.55
C PRO K 196 -25.32 -17.57 15.88
N GLY K 197 -24.29 -16.97 16.46
CA GLY K 197 -23.71 -15.71 15.98
C GLY K 197 -22.74 -15.85 14.83
N VAL K 198 -21.55 -15.26 14.99
CA VAL K 198 -20.50 -15.23 13.97
C VAL K 198 -19.12 -15.52 14.57
N LEU K 199 -18.31 -16.33 13.86
CA LEU K 199 -16.93 -16.62 14.19
C LEU K 199 -16.08 -16.12 13.01
N PHE K 200 -15.25 -15.11 13.27
CA PHE K 200 -14.36 -14.51 12.29
C PHE K 200 -12.96 -15.07 12.45
N ILE K 201 -12.42 -15.66 11.36
CA ILE K 201 -11.07 -16.21 11.34
C ILE K 201 -10.21 -15.38 10.38
N ASP K 202 -9.42 -14.46 10.95
CA ASP K 202 -8.50 -13.60 10.22
C ASP K 202 -7.28 -14.43 9.80
N GLU K 203 -6.66 -14.09 8.65
CA GLU K 203 -5.49 -14.80 8.09
C GLU K 203 -5.69 -16.34 8.13
N VAL K 204 -6.79 -16.80 7.51
CA VAL K 204 -7.25 -18.19 7.43
C VAL K 204 -6.20 -19.15 6.83
N HIS K 205 -5.36 -18.66 5.89
CA HIS K 205 -4.31 -19.42 5.19
C HIS K 205 -3.31 -20.13 6.13
N MET K 206 -3.36 -19.79 7.43
CA MET K 206 -2.50 -20.31 8.49
C MET K 206 -3.03 -21.59 9.15
N LEU K 207 -4.28 -21.98 8.83
CA LEU K 207 -4.91 -23.20 9.34
C LEU K 207 -4.42 -24.41 8.53
N ASP K 208 -4.27 -25.55 9.20
CA ASP K 208 -3.81 -26.80 8.57
C ASP K 208 -4.97 -27.78 8.36
N ILE K 209 -4.77 -28.86 7.56
CA ILE K 209 -5.80 -29.89 7.27
C ILE K 209 -6.50 -30.40 8.53
N GLU K 210 -5.76 -30.57 9.64
CA GLU K 210 -6.27 -31.02 10.94
C GLU K 210 -7.29 -30.03 11.49
N SER K 211 -6.99 -28.71 11.38
CA SER K 211 -7.85 -27.62 11.83
C SER K 211 -8.96 -27.30 10.82
N PHE K 212 -8.73 -27.65 9.54
CA PHE K 212 -9.73 -27.46 8.48
C PHE K 212 -10.77 -28.56 8.59
N SER K 213 -10.35 -29.76 9.02
CA SER K 213 -11.24 -30.92 9.22
C SER K 213 -12.23 -30.64 10.34
N PHE K 214 -11.76 -29.97 11.42
CA PHE K 214 -12.57 -29.58 12.57
C PHE K 214 -13.75 -28.68 12.17
N LEU K 215 -13.50 -27.70 11.27
CA LEU K 215 -14.48 -26.75 10.77
C LEU K 215 -15.70 -27.40 10.13
N ASN K 216 -15.48 -28.41 9.24
CA ASN K 216 -16.55 -29.16 8.57
C ASN K 216 -17.47 -29.83 9.59
N ARG K 217 -16.87 -30.43 10.64
CA ARG K 217 -17.53 -31.14 11.74
C ARG K 217 -18.33 -30.19 12.61
N ALA K 218 -17.77 -29.02 12.91
CA ALA K 218 -18.40 -28.00 13.74
C ALA K 218 -19.55 -27.33 13.01
N LEU K 219 -19.41 -27.13 11.68
CA LEU K 219 -20.46 -26.53 10.85
C LEU K 219 -21.58 -27.52 10.52
N GLU K 220 -21.36 -28.83 10.79
CA GLU K 220 -22.34 -29.89 10.60
C GLU K 220 -23.43 -29.78 11.67
N SER K 221 -23.11 -29.15 12.82
CA SER K 221 -24.04 -28.91 13.93
C SER K 221 -25.06 -27.83 13.56
N ASP K 222 -26.29 -27.95 14.09
CA ASP K 222 -27.39 -27.01 13.90
C ASP K 222 -27.09 -25.70 14.63
N MET K 223 -26.35 -25.80 15.76
CA MET K 223 -25.92 -24.71 16.64
C MET K 223 -24.79 -23.86 16.06
N ALA K 224 -24.12 -24.34 14.99
CA ALA K 224 -22.98 -23.68 14.35
C ALA K 224 -23.21 -22.21 13.94
N PRO K 225 -22.23 -21.31 14.21
CA PRO K 225 -22.39 -19.91 13.79
C PRO K 225 -22.07 -19.76 12.30
N VAL K 226 -22.29 -18.56 11.73
CA VAL K 226 -21.95 -18.31 10.33
C VAL K 226 -20.45 -18.05 10.26
N LEU K 227 -19.70 -19.02 9.69
CA LEU K 227 -18.25 -18.96 9.57
C LEU K 227 -17.82 -17.94 8.53
N ILE K 228 -17.09 -16.93 8.98
CA ILE K 228 -16.55 -15.85 8.17
C ILE K 228 -15.03 -15.90 8.28
N MET K 229 -14.34 -15.98 7.15
CA MET K 229 -12.87 -16.05 7.10
C MET K 229 -12.31 -14.84 6.32
N ALA K 230 -11.00 -14.58 6.45
CA ALA K 230 -10.32 -13.51 5.74
C ALA K 230 -8.89 -13.88 5.40
N THR K 231 -8.39 -13.44 4.24
CA THR K 231 -7.03 -13.70 3.75
C THR K 231 -6.56 -12.69 2.71
N ASN K 232 -5.26 -12.37 2.74
CA ASN K 232 -4.63 -11.45 1.80
C ASN K 232 -3.67 -12.20 0.85
N ARG K 233 -3.74 -13.55 0.84
CA ARG K 233 -2.84 -14.39 0.02
C ARG K 233 -3.53 -15.07 -1.15
N GLY K 234 -2.81 -15.12 -2.28
CA GLY K 234 -3.24 -15.75 -3.53
C GLY K 234 -3.13 -17.26 -3.46
N ILE K 235 -2.41 -17.89 -4.41
CA ILE K 235 -2.26 -19.35 -4.41
C ILE K 235 -1.09 -19.74 -3.48
N THR K 236 -1.44 -20.32 -2.31
CA THR K 236 -0.47 -20.79 -1.31
C THR K 236 -0.75 -22.23 -0.92
N ARG K 237 0.24 -22.94 -0.38
CA ARG K 237 0.08 -24.33 0.00
C ARG K 237 -0.74 -24.51 1.29
N ILE K 238 -1.64 -25.51 1.29
CA ILE K 238 -2.47 -25.87 2.45
C ILE K 238 -1.49 -26.39 3.50
N ARG K 239 -1.47 -25.74 4.69
CA ARG K 239 -0.58 -26.10 5.79
C ARG K 239 -0.73 -27.58 6.18
N GLY K 240 0.41 -28.25 6.36
CA GLY K 240 0.45 -29.67 6.68
C GLY K 240 0.25 -30.58 5.47
N THR K 241 0.37 -30.01 4.25
CA THR K 241 0.25 -30.74 2.97
C THR K 241 1.33 -30.26 1.99
N SER K 242 1.58 -31.07 0.94
CA SER K 242 2.52 -30.77 -0.13
C SER K 242 1.75 -30.31 -1.41
N TYR K 243 0.50 -29.83 -1.21
CA TYR K 243 -0.38 -29.33 -2.28
C TYR K 243 -0.65 -27.85 -2.15
N GLN K 244 -0.77 -27.16 -3.30
CA GLN K 244 -1.11 -25.73 -3.39
C GLN K 244 -2.60 -25.59 -3.68
N SER K 245 -3.21 -24.46 -3.28
CA SER K 245 -4.64 -24.18 -3.47
C SER K 245 -4.96 -22.69 -3.26
N PRO K 246 -5.96 -22.11 -3.98
CA PRO K 246 -6.31 -20.70 -3.73
C PRO K 246 -6.54 -20.40 -2.24
N HIS K 247 -5.74 -19.46 -1.72
CA HIS K 247 -5.71 -18.96 -0.32
C HIS K 247 -5.26 -20.01 0.70
N GLY K 248 -4.84 -21.19 0.24
CA GLY K 248 -4.41 -22.28 1.11
C GLY K 248 -5.55 -22.94 1.86
N ILE K 249 -6.75 -22.95 1.24
CA ILE K 249 -7.97 -23.55 1.79
C ILE K 249 -8.30 -24.80 0.95
N PRO K 250 -8.61 -25.96 1.57
CA PRO K 250 -8.95 -27.15 0.77
C PRO K 250 -10.14 -26.91 -0.16
N ILE K 251 -10.03 -27.39 -1.42
CA ILE K 251 -11.02 -27.23 -2.49
C ILE K 251 -12.42 -27.68 -2.05
N ASP K 252 -12.54 -28.69 -1.15
CA ASP K 252 -13.82 -29.17 -0.63
C ASP K 252 -14.51 -28.09 0.24
N LEU K 253 -13.73 -27.16 0.83
CA LEU K 253 -14.26 -26.04 1.61
C LEU K 253 -14.50 -24.84 0.70
N LEU K 254 -13.60 -24.59 -0.28
CA LEU K 254 -13.71 -23.51 -1.26
C LEU K 254 -14.97 -23.66 -2.12
N ASP K 255 -15.32 -24.93 -2.46
CA ASP K 255 -16.51 -25.28 -3.24
C ASP K 255 -17.82 -25.02 -2.50
N ARG K 256 -17.72 -24.62 -1.21
CA ARG K 256 -18.85 -24.30 -0.32
C ARG K 256 -18.76 -22.83 0.17
N LEU K 257 -17.77 -22.07 -0.30
CA LEU K 257 -17.57 -20.68 0.12
C LEU K 257 -18.29 -19.64 -0.73
N LEU K 258 -18.75 -18.58 -0.06
CA LEU K 258 -19.38 -17.42 -0.67
C LEU K 258 -18.27 -16.38 -0.59
N ILE K 259 -17.48 -16.27 -1.66
CA ILE K 259 -16.32 -15.38 -1.65
C ILE K 259 -16.71 -13.96 -2.01
N VAL K 260 -16.30 -13.02 -1.15
CA VAL K 260 -16.51 -11.57 -1.27
C VAL K 260 -15.10 -10.98 -1.48
N SER K 261 -15.01 -9.75 -2.05
CA SER K 261 -13.71 -9.12 -2.29
C SER K 261 -13.66 -7.64 -1.97
N THR K 262 -12.60 -7.22 -1.26
CA THR K 262 -12.37 -5.82 -0.89
C THR K 262 -11.23 -5.25 -1.72
N THR K 263 -11.55 -4.28 -2.59
CA THR K 263 -10.56 -3.59 -3.42
C THR K 263 -9.89 -2.50 -2.56
N PRO K 264 -8.65 -2.01 -2.86
CA PRO K 264 -8.05 -0.99 -1.99
C PRO K 264 -8.80 0.35 -1.95
N TYR K 265 -8.45 1.22 -0.98
CA TYR K 265 -9.09 2.52 -0.81
C TYR K 265 -8.47 3.65 -1.64
N SER K 266 -9.20 4.79 -1.73
CA SER K 266 -8.82 6.01 -2.45
C SER K 266 -8.86 7.20 -1.50
N GLU K 267 -8.09 8.28 -1.82
CA GLU K 267 -7.97 9.54 -1.06
C GLU K 267 -9.26 9.99 -0.33
N LYS K 268 -10.42 9.93 -1.00
CA LYS K 268 -11.72 10.34 -0.48
C LYS K 268 -12.24 9.43 0.64
N ASP K 269 -12.07 8.11 0.50
CA ASP K 269 -12.52 7.13 1.50
C ASP K 269 -11.54 7.08 2.66
N THR K 270 -10.23 6.99 2.33
CA THR K 270 -9.09 6.96 3.25
C THR K 270 -9.18 8.15 4.23
N LYS K 271 -9.49 9.36 3.71
CA LYS K 271 -9.66 10.59 4.50
C LYS K 271 -10.85 10.48 5.44
N GLN K 272 -11.99 9.95 4.93
CA GLN K 272 -13.21 9.79 5.72
C GLN K 272 -13.06 8.74 6.81
N ILE K 273 -12.32 7.64 6.55
CA ILE K 273 -12.04 6.56 7.52
C ILE K 273 -11.23 7.13 8.70
N LEU K 274 -10.13 7.85 8.39
CA LEU K 274 -9.23 8.48 9.37
C LEU K 274 -9.89 9.60 10.16
N ARG K 275 -10.88 10.29 9.56
CA ARG K 275 -11.63 11.37 10.21
C ARG K 275 -12.49 10.81 11.34
N ILE K 276 -13.12 9.62 11.13
CA ILE K 276 -13.95 8.93 12.14
C ILE K 276 -13.07 8.39 13.27
N ARG K 277 -11.83 7.96 12.95
CA ARG K 277 -10.89 7.43 13.95
C ARG K 277 -10.42 8.53 14.89
N CYS K 278 -10.08 9.71 14.35
CA CYS K 278 -9.66 10.89 15.11
C CYS K 278 -10.77 11.34 16.07
N GLU K 279 -12.05 11.15 15.67
CA GLU K 279 -13.24 11.45 16.48
C GLU K 279 -13.24 10.50 17.70
N GLU K 280 -13.19 9.17 17.45
CA GLU K 280 -13.18 8.11 18.45
C GLU K 280 -11.95 8.14 19.38
N GLU K 281 -10.80 8.60 18.86
CA GLU K 281 -9.54 8.72 19.60
C GLU K 281 -9.44 10.07 20.32
N ASP K 282 -10.42 10.98 20.09
CA ASP K 282 -10.55 12.34 20.63
C ASP K 282 -9.48 13.33 20.07
N VAL K 283 -8.65 12.84 19.12
CA VAL K 283 -7.57 13.57 18.47
C VAL K 283 -8.12 14.65 17.53
N GLU K 284 -7.65 15.90 17.71
CA GLU K 284 -8.04 17.05 16.87
C GLU K 284 -6.91 17.27 15.86
N MET K 285 -7.27 17.47 14.58
CA MET K 285 -6.30 17.62 13.49
C MET K 285 -6.67 18.73 12.50
N SER K 286 -5.65 19.34 11.86
CA SER K 286 -5.84 20.36 10.84
C SER K 286 -6.12 19.69 9.48
N GLU K 287 -6.80 20.41 8.56
CA GLU K 287 -7.15 19.92 7.23
C GLU K 287 -5.93 19.65 6.34
N ASP K 288 -4.84 20.41 6.54
CA ASP K 288 -3.59 20.27 5.79
C ASP K 288 -2.83 19.01 6.21
N ALA K 289 -2.88 18.66 7.51
CA ALA K 289 -2.25 17.45 8.05
C ALA K 289 -3.01 16.22 7.58
N TYR K 290 -4.37 16.29 7.60
CA TYR K 290 -5.31 15.24 7.16
C TYR K 290 -4.98 14.74 5.74
N THR K 291 -4.58 15.67 4.86
CA THR K 291 -4.22 15.39 3.47
C THR K 291 -2.89 14.63 3.38
N VAL K 292 -1.90 15.01 4.21
CA VAL K 292 -0.57 14.36 4.24
C VAL K 292 -0.68 12.93 4.79
N LEU K 293 -1.50 12.73 5.85
CA LEU K 293 -1.72 11.43 6.48
C LEU K 293 -2.43 10.40 5.57
N THR K 294 -3.36 10.85 4.71
CA THR K 294 -4.04 9.96 3.78
C THR K 294 -3.15 9.63 2.59
N ARG K 295 -2.32 10.61 2.17
CA ARG K 295 -1.34 10.46 1.08
C ARG K 295 -0.31 9.41 1.51
N ILE K 296 -0.08 9.32 2.84
CA ILE K 296 0.78 8.33 3.50
C ILE K 296 0.05 6.98 3.51
N GLY K 297 -1.25 6.99 3.84
CA GLY K 297 -2.12 5.82 3.90
C GLY K 297 -2.34 5.09 2.58
N LEU K 298 -1.85 5.68 1.48
CA LEU K 298 -1.92 5.12 0.14
C LEU K 298 -0.55 4.64 -0.31
N GLU K 299 0.51 5.33 0.18
CA GLU K 299 1.92 5.04 -0.05
C GLU K 299 2.28 3.76 0.70
N THR K 300 1.86 3.70 1.97
CA THR K 300 2.13 2.62 2.93
C THR K 300 0.88 1.74 3.11
N SER K 301 0.13 1.91 4.22
CA SER K 301 -1.10 1.17 4.53
C SER K 301 -2.04 2.01 5.38
N LEU K 302 -3.33 1.61 5.43
CA LEU K 302 -4.35 2.29 6.24
C LEU K 302 -4.05 2.06 7.72
N ARG K 303 -3.58 0.84 8.08
CA ARG K 303 -3.20 0.41 9.43
C ARG K 303 -2.08 1.27 10.02
N TYR K 304 -1.05 1.62 9.20
CA TYR K 304 0.07 2.45 9.60
C TYR K 304 -0.36 3.91 9.80
N ALA K 305 -1.39 4.37 9.06
CA ALA K 305 -1.93 5.73 9.15
C ALA K 305 -2.56 5.98 10.54
N ILE K 306 -3.43 5.04 11.01
CA ILE K 306 -4.12 5.10 12.32
C ILE K 306 -3.13 4.99 13.48
N GLN K 307 -2.03 4.23 13.28
CA GLN K 307 -0.96 4.03 14.25
C GLN K 307 -0.32 5.39 14.57
N LEU K 308 -0.05 6.19 13.52
CA LEU K 308 0.51 7.54 13.63
C LEU K 308 -0.41 8.54 14.32
N ILE K 309 -1.75 8.37 14.24
CA ILE K 309 -2.76 9.26 14.86
C ILE K 309 -2.50 9.42 16.37
N THR K 310 -2.40 8.30 17.10
CA THR K 310 -2.17 8.27 18.55
C THR K 310 -0.85 8.95 18.94
N ALA K 311 0.23 8.68 18.17
CA ALA K 311 1.56 9.23 18.43
C ALA K 311 1.74 10.70 17.99
N ALA K 312 1.05 11.14 16.91
CA ALA K 312 1.15 12.52 16.40
C ALA K 312 0.47 13.53 17.32
N SER K 313 -0.61 13.12 18.02
CA SER K 313 -1.36 13.96 18.96
C SER K 313 -0.48 14.37 20.15
N LEU K 314 0.40 13.45 20.61
CA LEU K 314 1.34 13.67 21.70
C LEU K 314 2.47 14.60 21.26
N VAL K 315 2.81 14.59 19.95
CA VAL K 315 3.84 15.47 19.37
C VAL K 315 3.28 16.94 19.31
N CYS K 316 1.97 17.10 19.62
CA CYS K 316 1.32 18.40 19.70
C CYS K 316 1.18 18.85 21.18
N ARG K 317 1.04 17.87 22.11
CA ARG K 317 0.95 18.08 23.57
C ARG K 317 2.23 18.79 24.11
N LYS K 318 3.31 18.81 23.32
CA LYS K 318 4.58 19.45 23.66
C LYS K 318 4.92 20.60 22.68
N ARG K 319 4.00 21.59 22.58
CA ARG K 319 4.12 22.81 21.75
C ARG K 319 3.02 23.82 22.08
N GLY K 321 0.84 22.19 19.76
CA GLY K 321 -0.11 23.28 19.86
C GLY K 321 -1.50 22.83 20.28
N THR K 322 -2.48 23.00 19.39
CA THR K 322 -3.89 22.67 19.61
C THR K 322 -4.45 21.69 18.57
N GLU K 323 -3.88 21.71 17.35
CA GLU K 323 -4.27 20.85 16.23
C GLU K 323 -3.03 20.23 15.60
N VAL K 324 -3.07 18.91 15.31
CA VAL K 324 -1.96 18.18 14.69
C VAL K 324 -1.64 18.82 13.33
N GLN K 325 -0.37 19.22 13.16
CA GLN K 325 0.10 19.90 11.95
C GLN K 325 0.82 18.95 11.00
N VAL K 326 1.25 19.49 9.83
CA VAL K 326 1.99 18.78 8.78
C VAL K 326 3.38 18.35 9.33
N ASP K 327 4.00 19.21 10.16
CA ASP K 327 5.30 18.97 10.78
C ASP K 327 5.25 17.95 11.94
N ASP K 328 4.04 17.69 12.48
CA ASP K 328 3.81 16.69 13.55
C ASP K 328 3.63 15.32 12.89
N ILE K 329 3.07 15.32 11.67
CA ILE K 329 2.86 14.15 10.82
C ILE K 329 4.20 13.79 10.18
N LYS K 330 4.99 14.82 9.79
CA LYS K 330 6.32 14.68 9.20
C LYS K 330 7.31 14.12 10.23
N ARG K 331 7.12 14.46 11.52
CA ARG K 331 7.96 13.99 12.62
C ARG K 331 7.73 12.49 12.86
N VAL K 332 6.48 12.12 13.20
CA VAL K 332 6.04 10.76 13.50
C VAL K 332 6.34 9.75 12.34
N TYR K 333 6.34 10.23 11.08
CA TYR K 333 6.66 9.43 9.89
C TYR K 333 8.16 9.09 9.88
N SER K 334 9.01 10.07 10.22
CA SER K 334 10.48 9.92 10.28
C SER K 334 10.89 9.15 11.53
N LEU K 335 10.05 9.20 12.58
CA LEU K 335 10.23 8.58 13.88
C LEU K 335 9.79 7.12 13.90
N PHE K 336 8.68 6.80 13.21
CA PHE K 336 8.12 5.45 13.16
C PHE K 336 7.99 4.91 11.75
N LEU K 337 8.44 3.65 11.54
CA LEU K 337 8.41 2.98 10.25
C LEU K 337 7.20 2.07 10.10
N ASP K 338 6.93 1.71 8.83
CA ASP K 338 5.93 0.75 8.39
C ASP K 338 6.72 -0.50 7.97
N GLU K 339 6.07 -1.67 7.87
CA GLU K 339 6.72 -2.96 7.55
C GLU K 339 7.61 -2.95 6.28
N SER K 340 7.22 -2.20 5.23
CA SER K 340 7.97 -2.12 3.98
C SER K 340 9.29 -1.33 4.12
N ARG K 341 9.23 -0.11 4.67
CA ARG K 341 10.38 0.79 4.89
C ARG K 341 11.38 0.20 5.89
N SER K 342 10.88 -0.55 6.89
CA SER K 342 11.67 -1.20 7.93
C SER K 342 12.53 -2.33 7.37
N THR K 343 11.96 -3.15 6.48
CA THR K 343 12.64 -4.29 5.85
C THR K 343 13.55 -3.91 4.69
N GLN K 344 13.22 -2.81 3.97
CA GLN K 344 14.05 -2.35 2.84
C GLN K 344 15.40 -1.79 3.33
N TYR K 345 15.41 -1.09 4.50
CA TYR K 345 16.59 -0.53 5.15
C TYR K 345 17.56 -1.65 5.55
N MET K 346 17.01 -2.82 5.95
CA MET K 346 17.74 -4.03 6.36
C MET K 346 18.55 -4.61 5.21
N LYS K 347 17.89 -4.83 4.06
CA LYS K 347 18.45 -5.38 2.82
C LYS K 347 19.71 -4.63 2.36
N GLU K 348 19.76 -3.30 2.62
CA GLU K 348 20.87 -2.41 2.28
C GLU K 348 22.14 -2.76 3.09
N TYR K 349 21.97 -3.27 4.32
CA TYR K 349 23.07 -3.68 5.20
C TYR K 349 23.44 -5.14 4.96
N GLY L 26 48.33 -42.04 27.29
CA GLY L 26 48.38 -40.58 27.31
C GLY L 26 48.28 -39.93 25.94
N ALA L 27 47.80 -38.68 25.90
CA ALA L 27 47.63 -37.91 24.67
C ALA L 27 48.42 -36.59 24.71
N HIS L 28 48.17 -35.75 25.72
CA HIS L 28 48.86 -34.47 25.91
C HIS L 28 49.85 -34.59 27.08
N SER L 29 50.62 -35.70 27.08
CA SER L 29 51.63 -36.05 28.09
C SER L 29 52.78 -35.03 28.17
N HIS L 30 53.07 -34.35 27.06
CA HIS L 30 54.11 -33.35 26.97
C HIS L 30 53.61 -31.96 27.37
N ILE L 31 52.28 -31.75 27.33
CA ILE L 31 51.65 -30.46 27.68
C ILE L 31 51.51 -30.30 29.21
N ARG L 32 52.37 -29.45 29.80
CA ARG L 32 52.40 -29.14 31.24
C ARG L 32 52.14 -27.64 31.48
N GLY L 33 52.07 -26.87 30.39
CA GLY L 33 51.84 -25.43 30.40
C GLY L 33 52.04 -24.81 29.03
N LEU L 34 51.62 -23.54 28.87
CA LEU L 34 51.70 -22.80 27.60
C LEU L 34 53.12 -22.49 27.12
N GLY L 35 53.99 -22.02 28.00
CA GLY L 35 55.36 -21.65 27.65
C GLY L 35 55.63 -20.18 27.63
N LEU L 36 54.90 -19.43 28.47
CA LEU L 36 54.99 -17.97 28.56
C LEU L 36 55.96 -17.53 29.64
N ASP L 37 56.69 -16.43 29.37
CA ASP L 37 57.67 -15.86 30.29
C ASP L 37 57.00 -15.01 31.40
N ASP L 38 57.73 -14.02 31.93
CA ASP L 38 57.27 -13.12 32.99
C ASP L 38 56.26 -12.10 32.46
N ALA L 39 56.32 -11.76 31.14
CA ALA L 39 55.43 -10.78 30.51
C ALA L 39 54.57 -11.34 29.35
N LEU L 40 53.88 -12.47 29.61
CA LEU L 40 52.95 -13.18 28.72
C LEU L 40 53.51 -13.62 27.35
N GLU L 41 54.77 -13.26 27.00
CA GLU L 41 55.38 -13.62 25.72
C GLU L 41 55.89 -15.08 25.72
N PRO L 42 55.52 -15.91 24.71
CA PRO L 42 55.99 -17.30 24.69
C PRO L 42 57.33 -17.53 23.98
N ARG L 43 57.95 -18.70 24.24
CA ARG L 43 59.23 -19.09 23.65
C ARG L 43 59.10 -20.46 22.96
N SER L 46 58.38 -24.36 24.50
CA SER L 46 59.44 -24.24 25.50
C SER L 46 59.03 -24.74 26.90
N GLN L 47 57.73 -25.01 27.10
CA GLN L 47 57.17 -25.55 28.34
C GLN L 47 56.31 -26.78 27.99
N GLY L 48 56.69 -27.42 26.88
CA GLY L 48 56.02 -28.60 26.34
C GLY L 48 55.63 -28.42 24.88
N MET L 49 54.98 -27.29 24.56
CA MET L 49 54.54 -26.99 23.19
C MET L 49 55.63 -26.33 22.34
N VAL L 50 55.43 -26.38 21.01
CA VAL L 50 56.33 -25.87 19.99
C VAL L 50 55.56 -24.91 19.06
N GLY L 51 56.12 -23.72 18.85
CA GLY L 51 55.55 -22.69 17.99
C GLY L 51 54.18 -22.24 18.45
N GLN L 52 53.26 -21.98 17.48
CA GLN L 52 51.88 -21.51 17.71
C GLN L 52 51.89 -20.39 18.77
N LEU L 53 52.86 -19.47 18.61
CA LEU L 53 53.21 -18.36 19.49
C LEU L 53 52.11 -17.32 19.67
N ALA L 54 51.50 -16.86 18.55
CA ALA L 54 50.42 -15.86 18.57
C ALA L 54 49.20 -16.36 19.34
N ALA L 55 48.83 -17.64 19.15
CA ALA L 55 47.71 -18.27 19.84
C ALA L 55 48.05 -18.49 21.32
N ARG L 56 49.33 -18.85 21.61
CA ARG L 56 49.84 -19.06 22.97
C ARG L 56 49.82 -17.77 23.77
N ARG L 57 50.17 -16.64 23.11
CA ARG L 57 50.17 -15.31 23.74
C ARG L 57 48.75 -14.88 24.07
N ALA L 58 47.81 -14.97 23.10
CA ALA L 58 46.39 -14.63 23.27
C ALA L 58 45.75 -15.48 24.38
N ALA L 59 46.20 -16.73 24.53
CA ALA L 59 45.74 -17.64 25.58
C ALA L 59 46.16 -17.10 26.97
N GLY L 60 47.38 -16.54 27.03
CA GLY L 60 47.94 -15.94 28.23
C GLY L 60 47.16 -14.73 28.68
N VAL L 61 46.63 -13.95 27.70
CA VAL L 61 45.79 -12.77 27.91
C VAL L 61 44.48 -13.19 28.61
N VAL L 62 43.89 -14.34 28.16
CA VAL L 62 42.68 -14.94 28.73
C VAL L 62 42.97 -15.42 30.16
N LEU L 63 44.16 -16.03 30.39
CA LEU L 63 44.56 -16.52 31.70
C LEU L 63 44.50 -15.39 32.74
N GLU L 64 45.11 -14.23 32.43
CA GLU L 64 45.11 -13.06 33.31
C GLU L 64 43.73 -12.41 33.49
N MET L 65 42.76 -12.75 32.60
CA MET L 65 41.37 -12.28 32.65
C MET L 65 40.67 -13.04 33.77
N ILE L 66 40.90 -14.38 33.83
CA ILE L 66 40.35 -15.29 34.85
C ILE L 66 40.89 -14.86 36.22
N ARG L 67 42.22 -14.63 36.30
CA ARG L 67 42.94 -14.20 37.52
C ARG L 67 42.40 -12.87 38.06
N GLU L 68 42.14 -11.89 37.17
CA GLU L 68 41.60 -10.59 37.56
C GLU L 68 40.12 -10.65 37.92
N GLY L 69 39.41 -11.63 37.36
CA GLY L 69 37.98 -11.82 37.58
C GLY L 69 37.13 -10.96 36.66
N LYS L 70 37.60 -10.78 35.41
CA LYS L 70 36.94 -10.01 34.37
C LYS L 70 36.53 -10.92 33.18
N ILE L 71 36.46 -12.23 33.46
CA ILE L 71 36.08 -13.30 32.53
C ILE L 71 34.54 -13.55 32.59
N ALA L 72 33.84 -12.78 33.46
CA ALA L 72 32.39 -12.85 33.66
C ALA L 72 31.65 -12.44 32.39
N GLY L 73 30.69 -13.28 31.98
CA GLY L 73 29.88 -13.08 30.78
C GLY L 73 30.66 -13.25 29.49
N ARG L 74 31.77 -14.01 29.54
CA ARG L 74 32.66 -14.27 28.41
C ARG L 74 32.94 -15.77 28.29
N ALA L 75 33.36 -16.20 27.09
CA ALA L 75 33.72 -17.58 26.78
C ALA L 75 34.78 -17.56 25.68
N VAL L 76 35.56 -18.64 25.56
CA VAL L 76 36.66 -18.74 24.60
C VAL L 76 36.27 -19.61 23.40
N LEU L 77 36.76 -19.22 22.21
CA LEU L 77 36.63 -19.95 20.96
C LEU L 77 38.01 -20.04 20.31
N ILE L 78 38.43 -21.25 19.93
CA ILE L 78 39.72 -21.47 19.29
C ILE L 78 39.47 -21.95 17.87
N ALA L 79 39.66 -21.05 16.88
CA ALA L 79 39.45 -21.36 15.46
C ALA L 79 40.73 -21.70 14.73
N GLY L 80 40.72 -22.80 13.99
CA GLY L 80 41.86 -23.27 13.22
C GLY L 80 41.69 -24.69 12.72
N GLN L 81 42.39 -25.01 11.61
CA GLN L 81 42.40 -26.32 10.93
C GLN L 81 42.70 -27.51 11.88
N PRO L 82 42.30 -28.77 11.56
CA PRO L 82 42.64 -29.87 12.49
C PRO L 82 44.14 -30.16 12.53
N GLY L 83 44.66 -30.34 13.74
CA GLY L 83 46.08 -30.60 13.98
C GLY L 83 46.87 -29.33 14.21
N THR L 84 46.23 -28.30 14.80
CA THR L 84 46.88 -27.00 15.06
C THR L 84 47.02 -26.65 16.55
N GLY L 85 46.96 -27.65 17.42
CA GLY L 85 47.15 -27.46 18.84
C GLY L 85 46.05 -26.75 19.62
N LYS L 86 44.79 -26.87 19.16
CA LYS L 86 43.62 -26.26 19.82
C LYS L 86 43.41 -26.83 21.23
N THR L 87 43.33 -28.17 21.34
CA THR L 87 43.16 -28.90 22.61
C THR L 87 44.47 -28.82 23.43
N ALA L 88 45.63 -28.66 22.75
CA ALA L 88 46.94 -28.55 23.40
C ALA L 88 47.00 -27.24 24.21
N ILE L 89 46.58 -26.11 23.62
CA ILE L 89 46.50 -24.79 24.26
C ILE L 89 45.50 -24.87 25.43
N ALA L 90 44.35 -25.53 25.19
CA ALA L 90 43.27 -25.75 26.15
C ALA L 90 43.75 -26.52 27.38
N MET L 91 44.69 -27.47 27.18
CA MET L 91 45.30 -28.24 28.26
C MET L 91 46.32 -27.38 29.00
N GLY L 92 47.12 -26.64 28.22
CA GLY L 92 48.15 -25.73 28.72
C GLY L 92 47.59 -24.65 29.62
N MET L 93 46.42 -24.07 29.24
CA MET L 93 45.70 -23.03 29.98
C MET L 93 45.26 -23.55 31.35
N ALA L 94 44.71 -24.77 31.39
CA ALA L 94 44.24 -25.44 32.61
C ALA L 94 45.41 -25.78 33.54
N GLN L 95 46.54 -26.26 32.97
CA GLN L 95 47.76 -26.61 33.70
C GLN L 95 48.46 -25.37 34.27
N ALA L 96 48.39 -24.23 33.53
CA ALA L 96 48.98 -22.96 33.95
C ALA L 96 48.15 -22.27 35.04
N LEU L 97 46.81 -22.48 35.03
CA LEU L 97 45.90 -21.92 36.03
C LEU L 97 46.12 -22.56 37.41
N GLY L 98 46.48 -23.84 37.41
CA GLY L 98 46.75 -24.63 38.61
C GLY L 98 46.89 -26.10 38.27
N PRO L 99 47.84 -26.84 38.89
CA PRO L 99 47.99 -28.27 38.55
C PRO L 99 46.87 -29.16 39.08
N ASP L 100 46.12 -28.70 40.09
CA ASP L 100 45.00 -29.40 40.72
C ASP L 100 43.64 -29.12 40.04
N THR L 101 43.58 -28.10 39.16
CA THR L 101 42.36 -27.66 38.47
C THR L 101 41.77 -28.74 37.54
N PRO L 102 40.42 -28.95 37.57
CA PRO L 102 39.82 -29.97 36.70
C PRO L 102 39.73 -29.53 35.23
N PHE L 103 39.84 -30.50 34.31
CA PHE L 103 39.77 -30.25 32.86
C PHE L 103 39.02 -31.38 32.13
N THR L 104 37.97 -31.00 31.38
CA THR L 104 37.14 -31.93 30.61
C THR L 104 37.14 -31.53 29.13
N ALA L 105 37.65 -32.41 28.26
CA ALA L 105 37.73 -32.18 26.83
C ALA L 105 36.76 -33.07 26.03
N ILE L 106 35.49 -32.63 25.92
CA ILE L 106 34.44 -33.36 25.20
C ILE L 106 34.31 -32.90 23.74
N ALA L 107 33.69 -33.74 22.91
CA ALA L 107 33.42 -33.46 21.49
C ALA L 107 31.94 -33.14 21.31
N GLY L 108 31.61 -32.42 20.24
CA GLY L 108 30.24 -32.04 19.91
C GLY L 108 29.34 -33.22 19.57
N SER L 109 29.96 -34.32 19.09
CA SER L 109 29.30 -35.57 18.71
C SER L 109 28.92 -36.42 19.93
N GLU L 110 29.64 -36.25 21.06
CA GLU L 110 29.43 -36.97 22.32
C GLU L 110 28.08 -36.69 22.98
N ILE L 111 27.52 -35.47 22.80
CA ILE L 111 26.24 -35.06 23.39
C ILE L 111 25.05 -35.81 22.78
N PHE L 112 25.18 -36.25 21.51
CA PHE L 112 24.18 -37.04 20.80
C PHE L 112 24.42 -38.51 21.18
N SER L 113 23.72 -39.02 22.20
CA SER L 113 23.89 -40.41 22.66
C SER L 113 22.58 -41.15 22.89
N LEU L 114 22.65 -42.50 22.95
CA LEU L 114 21.50 -43.37 23.18
C LEU L 114 21.23 -43.45 24.69
N GLU L 115 22.29 -43.69 25.48
CA GLU L 115 22.24 -43.83 26.94
C GLU L 115 22.07 -42.48 27.67
N MET L 116 22.52 -41.37 27.04
CA MET L 116 22.44 -40.03 27.63
C MET L 116 21.81 -38.99 26.71
N SER L 117 21.00 -38.08 27.29
CA SER L 117 20.34 -36.99 26.55
C SER L 117 21.36 -35.86 26.24
N LYS L 118 21.00 -34.93 25.33
CA LYS L 118 21.85 -33.80 24.92
C LYS L 118 22.31 -32.95 26.10
N THR L 119 21.37 -32.52 26.97
CA THR L 119 21.66 -31.69 28.14
C THR L 119 22.38 -32.46 29.23
N GLU L 120 21.95 -33.72 29.52
CA GLU L 120 22.58 -34.59 30.54
C GLU L 120 24.06 -34.82 30.25
N ALA L 121 24.43 -34.98 28.95
CA ALA L 121 25.80 -35.16 28.51
C ALA L 121 26.64 -33.90 28.77
N LEU L 122 25.99 -32.71 28.73
CA LEU L 122 26.62 -31.41 29.00
C LEU L 122 26.68 -31.09 30.49
N THR L 123 25.66 -31.53 31.27
CA THR L 123 25.60 -31.33 32.72
C THR L 123 26.75 -32.13 33.33
N GLN L 124 26.94 -33.38 32.86
CA GLN L 124 28.00 -34.29 33.27
C GLN L 124 29.38 -33.73 32.87
N ALA L 125 29.46 -33.06 31.70
CA ALA L 125 30.69 -32.44 31.19
C ALA L 125 31.05 -31.19 31.99
N PHE L 126 30.06 -30.34 32.33
CA PHE L 126 30.24 -29.12 33.12
C PHE L 126 30.62 -29.45 34.55
N ARG L 127 29.83 -30.33 35.22
CA ARG L 127 30.05 -30.78 36.59
C ARG L 127 31.43 -31.44 36.79
N ARG L 128 31.97 -32.07 35.73
CA ARG L 128 33.30 -32.70 35.74
C ARG L 128 34.41 -31.65 35.79
N SER L 129 34.12 -30.42 35.31
CA SER L 129 35.05 -29.28 35.29
C SER L 129 34.98 -28.42 36.56
N ILE L 130 33.88 -28.51 37.35
CA ILE L 130 33.75 -27.78 38.62
C ILE L 130 34.41 -28.61 39.71
N GLY L 131 35.39 -28.02 40.40
CA GLY L 131 36.13 -28.68 41.47
C GLY L 131 35.77 -28.27 42.88
N VAL L 132 35.90 -29.22 43.82
CA VAL L 132 35.65 -29.06 45.27
C VAL L 132 36.95 -29.46 45.99
N ARG L 133 37.43 -28.62 46.93
CA ARG L 133 38.68 -28.86 47.68
C ARG L 133 38.45 -29.46 49.07
N ILE L 134 39.45 -30.22 49.57
CA ILE L 134 39.44 -30.86 50.89
C ILE L 134 40.83 -30.79 51.54
N THR L 144 41.14 -33.12 46.00
CA THR L 144 40.24 -32.44 45.06
C THR L 144 39.31 -33.43 44.35
N VAL L 145 38.00 -33.15 44.37
CA VAL L 145 36.98 -33.99 43.74
C VAL L 145 35.98 -33.14 42.92
N SER L 146 35.56 -33.67 41.75
CA SER L 146 34.62 -33.01 40.84
C SER L 146 33.17 -33.21 41.29
N LEU L 147 32.28 -32.26 40.95
CA LEU L 147 30.84 -32.33 41.28
C LEU L 147 30.09 -33.47 40.55
N HIS L 148 30.75 -34.12 39.58
CA HIS L 148 30.24 -35.26 38.82
C HIS L 148 30.53 -36.57 39.58
N GLU L 149 31.75 -36.67 40.18
CA GLU L 149 32.19 -37.82 40.97
C GLU L 149 31.40 -37.93 42.28
N ILE L 150 30.95 -36.79 42.82
CA ILE L 150 30.14 -36.70 44.05
C ILE L 150 28.74 -37.33 43.77
N ASP L 151 28.24 -37.16 42.53
CA ASP L 151 26.96 -37.73 42.08
C ASP L 151 27.04 -39.26 41.96
N VAL L 152 28.20 -39.79 41.51
CA VAL L 152 28.45 -41.23 41.35
C VAL L 152 28.56 -41.94 42.70
N ILE L 153 29.23 -41.31 43.69
CA ILE L 153 29.43 -41.84 45.04
C ILE L 153 28.11 -41.95 45.84
N ASN L 154 27.11 -41.13 45.50
CA ASN L 154 25.79 -41.12 46.15
C ASN L 154 24.70 -41.49 45.16
N GLU L 170 22.99 -41.27 32.96
CA GLU L 170 22.04 -40.27 33.46
C GLU L 170 21.72 -40.48 34.93
N ILE L 171 21.71 -39.39 35.70
CA ILE L 171 21.41 -39.41 37.14
C ILE L 171 20.22 -38.47 37.42
N LYS L 172 19.31 -38.91 38.32
CA LYS L 172 18.09 -38.20 38.72
C LYS L 172 18.34 -36.79 39.27
N SER L 173 17.48 -35.82 38.87
CA SER L 173 17.53 -34.41 39.27
C SER L 173 17.29 -34.19 40.77
N GLU L 174 16.84 -35.25 41.49
CA GLU L 174 16.58 -35.25 42.93
C GLU L 174 17.90 -35.36 43.70
N VAL L 175 18.88 -36.11 43.14
CA VAL L 175 20.22 -36.32 43.69
C VAL L 175 20.99 -35.00 43.59
N ARG L 176 20.88 -34.33 42.42
CA ARG L 176 21.54 -33.05 42.09
C ARG L 176 21.09 -31.90 42.98
N GLU L 177 19.77 -31.80 43.27
CA GLU L 177 19.20 -30.75 44.13
C GLU L 177 19.67 -30.87 45.59
N GLN L 178 20.02 -32.10 46.03
CA GLN L 178 20.51 -32.39 47.38
C GLN L 178 21.99 -32.04 47.52
N ILE L 179 22.83 -32.45 46.53
CA ILE L 179 24.27 -32.18 46.51
C ILE L 179 24.54 -30.67 46.39
N ASN L 180 23.79 -29.97 45.52
CA ASN L 180 23.90 -28.52 45.29
C ASN L 180 23.71 -27.72 46.58
N ALA L 181 22.67 -28.06 47.38
CA ALA L 181 22.37 -27.40 48.66
C ALA L 181 23.37 -27.81 49.75
N LYS L 182 23.97 -29.02 49.62
CA LYS L 182 24.97 -29.54 50.55
C LYS L 182 26.28 -28.75 50.41
N VAL L 183 26.81 -28.62 49.18
CA VAL L 183 28.05 -27.87 48.88
C VAL L 183 27.81 -26.35 49.11
N ALA L 184 26.53 -25.91 49.09
CA ALA L 184 26.13 -24.52 49.35
C ALA L 184 26.30 -24.16 50.83
N GLU L 185 26.54 -25.17 51.69
CA GLU L 185 26.76 -25.03 53.14
C GLU L 185 28.26 -25.09 53.49
N TRP L 186 29.02 -26.00 52.84
CA TRP L 186 30.46 -26.20 53.01
C TRP L 186 31.25 -24.93 52.70
N ARG L 187 30.86 -24.23 51.61
CA ARG L 187 31.47 -22.97 51.18
C ARG L 187 30.99 -21.80 52.05
N GLU L 188 29.71 -21.86 52.51
CA GLU L 188 29.09 -20.86 53.38
C GLU L 188 29.74 -20.85 54.77
N GLU L 189 30.26 -22.01 55.21
CA GLU L 189 30.95 -22.19 56.49
C GLU L 189 32.47 -22.01 56.31
N GLY L 190 33.04 -22.70 55.32
CA GLY L 190 34.46 -22.61 55.01
C GLY L 190 35.19 -23.95 55.00
N LYS L 191 34.45 -25.07 54.97
CA LYS L 191 35.00 -26.43 54.95
C LYS L 191 35.66 -26.76 53.61
N ALA L 192 34.93 -26.60 52.49
CA ALA L 192 35.41 -26.89 51.14
C ALA L 192 35.69 -25.62 50.31
N GLU L 193 36.46 -25.77 49.21
CA GLU L 193 36.81 -24.66 48.31
C GLU L 193 36.50 -24.98 46.84
N ILE L 194 35.54 -24.23 46.24
CA ILE L 194 35.11 -24.39 44.85
C ILE L 194 36.16 -23.85 43.88
N ILE L 195 36.93 -24.76 43.25
CA ILE L 195 37.96 -24.37 42.28
C ILE L 195 37.41 -24.51 40.85
N PRO L 196 37.06 -23.38 40.19
CA PRO L 196 36.50 -23.48 38.83
C PRO L 196 37.57 -23.83 37.81
N GLY L 197 37.41 -25.00 37.20
CA GLY L 197 38.33 -25.51 36.19
C GLY L 197 38.09 -24.97 34.81
N VAL L 198 38.45 -25.76 33.79
CA VAL L 198 38.33 -25.40 32.38
C VAL L 198 37.54 -26.49 31.62
N LEU L 199 36.48 -26.09 30.91
CA LEU L 199 35.69 -27.02 30.07
C LEU L 199 35.99 -26.77 28.60
N PHE L 200 36.47 -27.80 27.91
CA PHE L 200 36.81 -27.75 26.49
C PHE L 200 35.81 -28.57 25.67
N ILE L 201 35.20 -27.95 24.64
CA ILE L 201 34.20 -28.57 23.75
C ILE L 201 34.63 -28.46 22.28
N ASP L 202 35.31 -29.51 21.78
CA ASP L 202 35.75 -29.57 20.37
C ASP L 202 34.54 -29.86 19.47
N GLU L 203 34.66 -29.59 18.15
CA GLU L 203 33.61 -29.81 17.13
C GLU L 203 32.30 -29.07 17.50
N VAL L 204 32.40 -27.88 18.14
CA VAL L 204 31.28 -27.06 18.64
C VAL L 204 30.19 -26.77 17.57
N HIS L 205 30.50 -26.92 16.27
CA HIS L 205 29.53 -26.74 15.18
C HIS L 205 28.44 -27.82 15.21
N MET L 206 28.77 -29.02 15.75
CA MET L 206 27.88 -30.18 15.92
C MET L 206 26.70 -29.86 16.83
N LEU L 207 26.92 -29.01 17.85
CA LEU L 207 25.92 -28.57 18.82
C LEU L 207 24.71 -27.88 18.15
N ASP L 208 23.52 -28.07 18.75
CA ASP L 208 22.24 -27.51 18.31
C ASP L 208 21.90 -26.27 19.14
N ILE L 209 20.80 -25.54 18.81
CA ILE L 209 20.40 -24.34 19.57
C ILE L 209 19.93 -24.67 20.99
N GLU L 210 19.35 -25.88 21.20
CA GLU L 210 18.90 -26.32 22.53
C GLU L 210 20.11 -26.46 23.45
N SER L 211 21.21 -27.06 22.95
CA SER L 211 22.46 -27.25 23.67
C SER L 211 23.22 -25.93 23.87
N PHE L 212 23.15 -25.01 22.89
CA PHE L 212 23.77 -23.70 22.98
C PHE L 212 23.07 -22.84 24.03
N SER L 213 21.76 -23.07 24.24
CA SER L 213 20.97 -22.38 25.25
C SER L 213 21.31 -22.88 26.65
N PHE L 214 21.73 -24.16 26.74
CA PHE L 214 22.14 -24.79 28.01
C PHE L 214 23.45 -24.19 28.52
N LEU L 215 24.38 -23.84 27.60
CA LEU L 215 25.68 -23.26 27.93
C LEU L 215 25.52 -21.87 28.53
N ASN L 216 24.53 -21.09 28.04
CA ASN L 216 24.22 -19.75 28.52
C ASN L 216 23.79 -19.81 29.99
N ARG L 217 22.85 -20.72 30.34
CA ARG L 217 22.35 -20.94 31.70
C ARG L 217 23.40 -21.56 32.63
N ALA L 218 24.37 -22.29 32.06
CA ALA L 218 25.44 -22.92 32.82
C ALA L 218 26.44 -21.88 33.33
N LEU L 219 26.95 -21.04 32.42
CA LEU L 219 27.91 -19.96 32.73
C LEU L 219 27.25 -18.80 33.51
N GLU L 220 25.91 -18.81 33.62
CA GLU L 220 25.08 -17.83 34.35
C GLU L 220 25.31 -17.91 35.87
N SER L 221 25.74 -19.09 36.37
CA SER L 221 26.03 -19.35 37.78
C SER L 221 27.49 -19.01 38.13
N ASP L 222 27.76 -18.62 39.39
CA ASP L 222 29.10 -18.26 39.87
C ASP L 222 30.05 -19.47 40.00
N MET L 223 29.48 -20.68 40.22
CA MET L 223 30.23 -21.93 40.36
C MET L 223 30.74 -22.47 39.01
N ALA L 224 30.21 -21.94 37.90
CA ALA L 224 30.55 -22.33 36.53
C ALA L 224 32.02 -22.19 36.17
N PRO L 225 32.58 -23.16 35.39
CA PRO L 225 33.99 -23.05 34.99
C PRO L 225 34.13 -22.17 33.73
N VAL L 226 35.36 -22.04 33.20
CA VAL L 226 35.55 -21.29 31.96
C VAL L 226 35.24 -22.22 30.78
N LEU L 227 34.66 -21.67 29.71
CA LEU L 227 34.27 -22.43 28.53
C LEU L 227 35.19 -22.15 27.35
N ILE L 228 35.77 -23.21 26.77
CA ILE L 228 36.63 -23.16 25.60
C ILE L 228 36.02 -24.08 24.55
N MET L 229 35.76 -23.57 23.35
CA MET L 229 35.18 -24.33 22.26
C MET L 229 36.12 -24.29 21.06
N ALA L 230 36.38 -25.43 20.42
CA ALA L 230 37.26 -25.46 19.25
C ALA L 230 36.55 -25.89 18.00
N THR L 231 36.86 -25.22 16.87
CA THR L 231 36.26 -25.49 15.57
C THR L 231 37.22 -25.21 14.41
N ASN L 232 37.10 -26.01 13.33
CA ASN L 232 37.85 -25.88 12.09
C ASN L 232 36.89 -25.50 10.95
N ARG L 233 35.60 -25.27 11.30
CA ARG L 233 34.54 -24.88 10.38
C ARG L 233 34.37 -23.37 10.37
N GLY L 234 34.23 -22.80 9.17
CA GLY L 234 34.06 -21.37 8.96
C GLY L 234 32.59 -20.98 9.02
N ILE L 235 32.10 -20.31 7.96
CA ILE L 235 30.69 -19.91 7.87
C ILE L 235 29.84 -21.17 7.60
N THR L 236 29.02 -21.56 8.59
CA THR L 236 28.16 -22.75 8.52
C THR L 236 26.81 -22.51 9.21
N ARG L 237 25.86 -23.46 9.09
CA ARG L 237 24.54 -23.33 9.71
C ARG L 237 24.52 -23.80 11.16
N ILE L 238 23.77 -23.07 12.02
CA ILE L 238 23.60 -23.42 13.43
C ILE L 238 22.60 -24.58 13.45
N ARG L 239 23.02 -25.76 13.94
CA ARG L 239 22.18 -26.96 13.99
C ARG L 239 20.88 -26.69 14.74
N GLY L 240 19.78 -27.21 14.22
CA GLY L 240 18.45 -27.00 14.78
C GLY L 240 17.77 -25.75 14.26
N THR L 241 18.42 -25.07 13.28
CA THR L 241 17.93 -23.84 12.61
C THR L 241 18.19 -23.92 11.10
N SER L 242 17.54 -23.03 10.33
CA SER L 242 17.72 -22.93 8.89
C SER L 242 18.72 -21.81 8.56
N TYR L 243 19.24 -21.12 9.59
CA TYR L 243 20.15 -19.99 9.43
C TYR L 243 21.64 -20.34 9.57
N GLN L 244 22.48 -19.55 8.87
CA GLN L 244 23.95 -19.65 8.84
C GLN L 244 24.57 -18.55 9.71
N SER L 245 25.64 -18.89 10.43
CA SER L 245 26.35 -17.98 11.33
C SER L 245 27.80 -18.46 11.53
N PRO L 246 28.78 -17.57 11.81
CA PRO L 246 30.17 -18.04 12.01
C PRO L 246 30.32 -19.25 12.93
N HIS L 247 30.95 -20.32 12.39
CA HIS L 247 31.30 -21.61 13.00
C HIS L 247 30.10 -22.43 13.56
N GLY L 248 28.89 -22.09 13.12
CA GLY L 248 27.65 -22.74 13.57
C GLY L 248 27.28 -22.39 15.00
N ILE L 249 27.63 -21.16 15.42
CA ILE L 249 27.42 -20.62 16.75
C ILE L 249 26.41 -19.45 16.70
N PRO L 250 25.42 -19.38 17.64
CA PRO L 250 24.46 -18.24 17.62
C PRO L 250 25.17 -16.92 17.87
N ILE L 251 24.74 -15.86 17.17
CA ILE L 251 25.34 -14.51 17.23
C ILE L 251 25.34 -13.94 18.66
N ASP L 252 24.37 -14.33 19.52
CA ASP L 252 24.32 -13.88 20.91
C ASP L 252 25.48 -14.48 21.72
N LEU L 253 25.90 -15.74 21.41
CA LEU L 253 27.05 -16.37 22.05
C LEU L 253 28.34 -15.81 21.45
N LEU L 254 28.39 -15.65 20.11
CA LEU L 254 29.55 -15.09 19.38
C LEU L 254 29.98 -13.73 19.96
N ASP L 255 28.99 -12.88 20.30
CA ASP L 255 29.13 -11.55 20.91
C ASP L 255 29.98 -11.57 22.20
N ARG L 256 29.97 -12.71 22.92
CA ARG L 256 30.71 -12.92 24.17
C ARG L 256 32.07 -13.64 23.98
N LEU L 257 32.34 -14.14 22.75
CA LEU L 257 33.56 -14.90 22.46
C LEU L 257 34.82 -14.09 22.21
N LEU L 258 35.95 -14.63 22.71
CA LEU L 258 37.31 -14.12 22.53
C LEU L 258 37.97 -15.15 21.59
N ILE L 259 37.67 -15.02 20.29
CA ILE L 259 38.13 -15.91 19.23
C ILE L 259 39.65 -15.79 19.02
N VAL L 260 40.34 -16.95 18.99
CA VAL L 260 41.79 -17.07 18.84
C VAL L 260 42.09 -17.98 17.63
N SER L 261 42.98 -17.55 16.72
CA SER L 261 43.34 -18.34 15.55
C SER L 261 44.57 -19.22 15.74
N THR L 262 44.42 -20.53 15.44
CA THR L 262 45.53 -21.50 15.48
C THR L 262 45.86 -21.76 14.02
N THR L 263 46.89 -21.08 13.54
CA THR L 263 47.36 -21.14 12.15
C THR L 263 48.19 -22.44 11.92
N PRO L 264 48.30 -22.96 10.67
CA PRO L 264 49.08 -24.20 10.44
C PRO L 264 50.58 -24.08 10.75
N TYR L 265 51.23 -25.23 10.99
CA TYR L 265 52.65 -25.33 11.31
C TYR L 265 53.55 -25.41 10.08
N SER L 266 54.85 -25.13 10.29
CA SER L 266 55.92 -25.23 9.29
C SER L 266 56.60 -26.61 9.46
N GLU L 267 57.50 -26.98 8.52
CA GLU L 267 58.22 -28.27 8.56
C GLU L 267 59.02 -28.45 9.86
N LYS L 268 59.70 -27.37 10.33
CA LYS L 268 60.51 -27.34 11.55
C LYS L 268 59.65 -27.43 12.82
N ASP L 269 58.48 -26.74 12.82
CA ASP L 269 57.54 -26.71 13.94
C ASP L 269 56.85 -28.06 14.17
N THR L 270 56.52 -28.75 13.07
CA THR L 270 55.89 -30.08 13.04
C THR L 270 56.89 -31.12 13.57
N LYS L 271 58.17 -31.04 13.13
CA LYS L 271 59.28 -31.92 13.50
C LYS L 271 59.56 -31.95 14.99
N GLN L 272 59.64 -30.76 15.62
CA GLN L 272 59.86 -30.61 17.06
C GLN L 272 58.69 -31.16 17.87
N ILE L 273 57.47 -31.14 17.28
CA ILE L 273 56.24 -31.69 17.85
C ILE L 273 56.21 -33.22 17.62
N LEU L 274 56.82 -33.71 16.54
CA LEU L 274 56.90 -35.16 16.32
C LEU L 274 57.95 -35.81 17.22
N ARG L 275 59.05 -35.08 17.51
CA ARG L 275 60.13 -35.52 18.39
C ARG L 275 59.64 -35.60 19.83
N ILE L 276 58.74 -34.66 20.21
CA ILE L 276 58.12 -34.55 21.54
C ILE L 276 57.14 -35.72 21.78
N ARG L 277 56.65 -36.39 20.72
CA ARG L 277 55.74 -37.53 20.86
C ARG L 277 56.47 -38.86 20.98
N CYS L 278 57.61 -39.00 20.28
CA CYS L 278 58.48 -40.19 20.31
C CYS L 278 59.06 -40.39 21.71
N GLU L 279 59.47 -39.28 22.36
CA GLU L 279 60.02 -39.25 23.72
C GLU L 279 58.96 -39.69 24.75
N GLU L 280 57.69 -39.32 24.52
CA GLU L 280 56.56 -39.68 25.39
C GLU L 280 56.18 -41.15 25.22
N GLU L 281 56.50 -41.75 24.06
CA GLU L 281 56.18 -43.15 23.72
C GLU L 281 57.41 -44.09 23.67
N ASP L 282 58.61 -43.59 24.10
CA ASP L 282 59.89 -44.32 24.14
C ASP L 282 60.30 -44.88 22.76
N VAL L 283 60.08 -44.08 21.71
CA VAL L 283 60.38 -44.47 20.33
C VAL L 283 61.67 -43.81 19.82
N GLU L 284 62.75 -44.61 19.73
CA GLU L 284 64.03 -44.16 19.19
C GLU L 284 63.86 -44.07 17.68
N MET L 285 64.08 -42.88 17.10
CA MET L 285 63.88 -42.66 15.67
C MET L 285 65.03 -41.90 15.03
N SER L 286 65.50 -42.39 13.86
CA SER L 286 66.60 -41.76 13.11
C SER L 286 66.22 -40.37 12.63
N GLU L 287 67.23 -39.48 12.48
CA GLU L 287 67.01 -38.10 12.04
C GLU L 287 66.48 -38.01 10.61
N ASP L 288 66.87 -38.97 9.76
CA ASP L 288 66.41 -39.05 8.37
C ASP L 288 64.95 -39.52 8.30
N ALA L 289 64.50 -40.30 9.31
CA ALA L 289 63.13 -40.81 9.43
C ALA L 289 62.16 -39.71 9.84
N TYR L 290 62.64 -38.78 10.71
CA TYR L 290 61.88 -37.63 11.20
C TYR L 290 61.45 -36.73 10.04
N THR L 291 62.39 -36.36 9.16
CA THR L 291 62.15 -35.53 7.99
C THR L 291 61.13 -36.21 7.05
N VAL L 292 61.27 -37.54 6.85
CA VAL L 292 60.37 -38.35 6.04
C VAL L 292 58.94 -38.32 6.64
N LEU L 293 58.84 -38.45 7.99
CA LEU L 293 57.57 -38.42 8.71
C LEU L 293 56.93 -37.02 8.73
N THR L 294 57.75 -35.95 8.72
CA THR L 294 57.24 -34.57 8.70
C THR L 294 56.68 -34.24 7.32
N ARG L 295 57.33 -34.79 6.26
CA ARG L 295 56.92 -34.66 4.87
C ARG L 295 55.52 -35.27 4.70
N ILE L 296 55.19 -36.27 5.54
CA ILE L 296 53.89 -36.95 5.60
C ILE L 296 52.88 -36.10 6.40
N GLY L 297 53.28 -35.69 7.61
CA GLY L 297 52.47 -34.88 8.53
C GLY L 297 51.94 -33.56 7.99
N LEU L 298 52.59 -33.05 6.92
CA LEU L 298 52.20 -31.81 6.24
C LEU L 298 51.24 -32.16 5.11
N GLU L 299 51.59 -33.16 4.27
CA GLU L 299 50.83 -33.64 3.11
C GLU L 299 49.49 -34.28 3.49
N THR L 300 49.46 -35.00 4.63
CA THR L 300 48.26 -35.68 5.14
C THR L 300 47.67 -34.85 6.29
N SER L 301 47.95 -35.24 7.53
CA SER L 301 47.54 -34.60 8.78
C SER L 301 48.57 -34.95 9.86
N LEU L 302 48.63 -34.14 10.93
CA LEU L 302 49.53 -34.36 12.07
C LEU L 302 49.09 -35.62 12.86
N ARG L 303 47.76 -35.82 12.99
CA ARG L 303 47.10 -36.95 13.66
C ARG L 303 47.60 -38.27 13.09
N TYR L 304 47.61 -38.38 11.75
CA TYR L 304 48.05 -39.56 11.02
C TYR L 304 49.56 -39.80 11.17
N ALA L 305 50.37 -38.72 11.25
CA ALA L 305 51.83 -38.81 11.43
C ALA L 305 52.16 -39.44 12.79
N ILE L 306 51.44 -39.02 13.87
CA ILE L 306 51.58 -39.52 15.25
C ILE L 306 51.19 -41.01 15.31
N GLN L 307 50.10 -41.38 14.61
CA GLN L 307 49.57 -42.75 14.52
C GLN L 307 50.62 -43.72 13.98
N LEU L 308 51.38 -43.27 12.94
CA LEU L 308 52.44 -44.05 12.29
C LEU L 308 53.59 -44.41 13.21
N ILE L 309 53.86 -43.62 14.28
CA ILE L 309 54.95 -43.82 15.25
C ILE L 309 54.79 -45.12 16.05
N THR L 310 53.58 -45.35 16.63
CA THR L 310 53.26 -46.55 17.42
C THR L 310 53.37 -47.83 16.56
N ALA L 311 53.01 -47.72 15.28
CA ALA L 311 53.10 -48.83 14.33
C ALA L 311 54.55 -49.02 13.83
N ALA L 312 55.29 -47.90 13.62
CA ALA L 312 56.69 -47.91 13.16
C ALA L 312 57.62 -48.58 14.16
N SER L 313 57.37 -48.38 15.47
CA SER L 313 58.14 -48.97 16.57
C SER L 313 58.03 -50.49 16.54
N LEU L 314 56.79 -51.01 16.35
CA LEU L 314 56.47 -52.44 16.28
C LEU L 314 57.10 -53.16 15.08
N VAL L 315 57.01 -52.55 13.87
CA VAL L 315 57.58 -53.07 12.62
C VAL L 315 59.12 -53.17 12.76
N CYS L 316 59.72 -52.15 13.40
CA CYS L 316 61.15 -52.05 13.68
C CYS L 316 61.59 -53.04 14.75
N ARG L 317 60.71 -53.32 15.76
CA ARG L 317 60.98 -54.27 16.85
C ARG L 317 61.05 -55.70 16.31
N LYS L 318 60.18 -56.02 15.33
CA LYS L 318 60.09 -57.30 14.61
C LYS L 318 61.43 -57.54 13.88
N ARG L 319 61.85 -56.52 13.08
CA ARG L 319 63.10 -56.42 12.34
C ARG L 319 64.21 -56.14 13.39
N LYS L 320 65.51 -56.08 13.00
CA LYS L 320 66.63 -55.84 13.92
C LYS L 320 66.37 -54.70 14.91
N GLY L 321 66.37 -53.46 14.43
CA GLY L 321 66.05 -52.31 15.27
C GLY L 321 67.10 -51.25 15.50
N THR L 322 67.36 -51.00 16.81
CA THR L 322 68.20 -49.96 17.43
C THR L 322 67.38 -48.68 17.53
N GLU L 323 66.75 -48.29 16.41
CA GLU L 323 65.88 -47.13 16.22
C GLU L 323 65.10 -47.28 14.90
N VAL L 324 64.03 -46.49 14.70
CA VAL L 324 63.24 -46.55 13.47
C VAL L 324 63.94 -45.84 12.31
N GLN L 325 64.23 -46.61 11.24
CA GLN L 325 64.89 -46.15 10.01
C GLN L 325 63.85 -45.54 9.04
N VAL L 326 64.26 -45.18 7.80
CA VAL L 326 63.37 -44.60 6.78
C VAL L 326 62.46 -45.69 6.17
N ASP L 327 63.02 -46.87 5.85
CA ASP L 327 62.31 -48.02 5.26
C ASP L 327 61.08 -48.46 6.06
N ASP L 328 61.10 -48.26 7.39
CA ASP L 328 59.99 -48.59 8.31
C ASP L 328 58.82 -47.62 8.11
N ILE L 329 59.11 -46.30 8.05
CA ILE L 329 58.13 -45.22 7.85
C ILE L 329 57.47 -45.37 6.47
N LYS L 330 58.27 -45.73 5.44
CA LYS L 330 57.81 -45.93 4.06
C LYS L 330 56.89 -47.15 3.96
N ARG L 331 57.19 -48.23 4.71
CA ARG L 331 56.38 -49.44 4.73
C ARG L 331 55.05 -49.19 5.42
N VAL L 332 55.07 -48.52 6.59
CA VAL L 332 53.89 -48.22 7.39
C VAL L 332 52.98 -47.15 6.70
N TYR L 333 53.55 -46.33 5.79
CA TYR L 333 52.78 -45.35 5.00
C TYR L 333 51.97 -46.12 3.96
N SER L 334 52.58 -47.18 3.40
CA SER L 334 52.01 -48.06 2.39
C SER L 334 51.04 -49.08 3.00
N LEU L 335 51.26 -49.45 4.27
CA LEU L 335 50.43 -50.41 5.00
C LEU L 335 49.10 -49.78 5.45
N PHE L 336 49.18 -48.62 6.13
CA PHE L 336 48.00 -47.91 6.66
C PHE L 336 47.75 -46.60 5.93
N LEU L 337 46.48 -46.35 5.53
CA LEU L 337 46.09 -45.12 4.83
C LEU L 337 45.59 -44.06 5.78
N ASP L 338 45.51 -42.82 5.27
CA ASP L 338 44.98 -41.63 5.95
C ASP L 338 43.53 -41.43 5.46
N GLU L 339 42.77 -40.47 6.04
CA GLU L 339 41.38 -40.25 5.65
C GLU L 339 41.22 -39.78 4.19
N SER L 340 42.15 -38.92 3.69
CA SER L 340 42.12 -38.39 2.33
C SER L 340 42.44 -39.43 1.25
N ARG L 341 43.48 -40.26 1.47
CA ARG L 341 43.91 -41.31 0.54
C ARG L 341 42.85 -42.42 0.43
N SER L 342 42.21 -42.76 1.56
CA SER L 342 41.15 -43.79 1.67
C SER L 342 39.96 -43.44 0.77
N THR L 343 39.39 -42.22 0.93
CA THR L 343 38.27 -41.71 0.15
C THR L 343 38.61 -41.59 -1.34
N GLN L 344 39.87 -41.25 -1.66
CA GLN L 344 40.38 -41.12 -3.03
C GLN L 344 40.30 -42.46 -3.78
N TYR L 345 40.51 -43.59 -3.07
CA TYR L 345 40.42 -44.93 -3.65
C TYR L 345 38.96 -45.35 -3.82
N MET L 346 38.06 -44.84 -2.93
CA MET L 346 36.62 -45.15 -2.96
C MET L 346 35.85 -44.34 -4.00
N LYS L 347 36.22 -43.06 -4.18
CA LYS L 347 35.60 -42.16 -5.16
C LYS L 347 35.94 -42.60 -6.59
N GLU L 348 37.14 -43.22 -6.77
CA GLU L 348 37.62 -43.78 -8.03
C GLU L 348 36.72 -44.96 -8.44
N TYR L 349 36.11 -45.61 -7.43
CA TYR L 349 35.18 -46.72 -7.55
C TYR L 349 33.78 -46.10 -7.72
N GLN L 350 33.50 -45.59 -8.94
CA GLN L 350 32.26 -44.92 -9.31
C GLN L 350 31.61 -45.50 -10.60
N ASP L 351 31.56 -46.84 -10.69
CA ASP L 351 30.98 -47.58 -11.81
C ASP L 351 30.35 -48.88 -11.33
#